data_8HZX
#
_entry.id   8HZX
#
_cell.length_a   1.00
_cell.length_b   1.00
_cell.length_c   1.00
_cell.angle_alpha   90.00
_cell.angle_beta   90.00
_cell.angle_gamma   90.00
#
_symmetry.space_group_name_H-M   'P 1'
#
_entity_poly.entity_id   1
_entity_poly.type   'polypeptide(L)'
_entity_poly.pdbx_seq_one_letter_code
;MNQYVNDPSNYQLLIKNLLFSPVAFNPEQEIVYANHRRHSYKTFHDRVRQFANALTKMGVKKGDTVAVMDYDSHRYLECY
FAIPMIGAKLHMINVRLSPEQILYTIDHAEDDIILIHEEFLPILDQIKGRIDTVTRYVVLRDDEECEYERLLEQESTEYN
FPDFDENTVATTFYTTGTTGFPKGVFFTHRQLVLHTMGILSTIGTNASQGRLHQGDIYMPITPMFHVHAWGLPYMATMLG
VKQVYPGKYVPDVLLNLIEQEKVTFSHCVPTILHLLLSSPKSKAMDFSGWKVVIGGAALPKALCKSALERDIDVFAGYGM
SETGPILSIVQLTPEQLELDVDQQAEYRSKTGKKVALVEAYIVDEDMNKLPHDGETAGEIVVRAPWLTPNYYKDNKNSKA
LWRGGYLHTGDVAHIDDEGFIKITDRVKDMIKISGEWVSSLELEDILHQHQSVSEVAVIGMPHNKWGEVPLALVTLKEDA
QVTEKELLGFAKDFINKGILAREALLLKVKIVDEIAKTSVGKVDKKELRKLHL
;
_entity_poly.pdbx_strand_id   F,A,B,C,D,E
#
# COMPACT_ATOMS: atom_id res chain seq x y z
N TYR A 4 11.15 15.91 7.21
CA TYR A 4 11.03 14.95 8.30
C TYR A 4 10.17 15.51 9.43
N VAL A 5 9.09 14.81 9.75
CA VAL A 5 8.18 15.20 10.82
C VAL A 5 8.33 14.19 11.94
N ASN A 6 8.50 14.70 13.16
CA ASN A 6 8.73 13.86 14.32
C ASN A 6 7.82 14.30 15.46
N ASP A 7 7.21 13.33 16.13
CA ASP A 7 6.59 13.68 17.39
C ASP A 7 7.65 13.80 18.48
N PRO A 8 7.48 14.74 19.41
CA PRO A 8 8.51 14.92 20.45
C PRO A 8 8.59 13.75 21.41
N SER A 9 7.56 12.90 21.47
CA SER A 9 7.61 11.71 22.30
C SER A 9 8.70 10.76 21.82
N ASN A 10 8.81 10.58 20.51
CA ASN A 10 9.82 9.69 19.96
C ASN A 10 11.18 10.39 19.96
N TYR A 11 12.14 9.77 20.64
CA TYR A 11 13.46 10.34 20.83
C TYR A 11 14.44 9.70 19.86
N GLN A 12 15.19 10.54 19.14
CA GLN A 12 16.22 10.09 18.22
C GLN A 12 17.58 10.30 18.85
N LEU A 13 18.45 9.30 18.76
CA LEU A 13 19.81 9.41 19.28
C LEU A 13 20.69 10.07 18.23
N LEU A 14 21.02 11.34 18.44
CA LEU A 14 21.78 12.12 17.49
C LEU A 14 23.04 12.66 18.15
N ILE A 15 24.00 13.05 17.30
CA ILE A 15 25.26 13.61 17.80
C ILE A 15 25.06 14.98 18.42
N LYS A 16 24.04 15.72 17.95
CA LYS A 16 23.75 17.02 18.54
C LYS A 16 23.34 16.88 19.99
N ASN A 17 22.66 15.79 20.34
CA ASN A 17 22.36 15.53 21.74
C ASN A 17 23.63 15.19 22.52
N LEU A 18 24.60 14.57 21.85
CA LEU A 18 25.87 14.27 22.49
C LEU A 18 26.63 15.54 22.83
N LEU A 19 26.51 16.56 21.97
CA LEU A 19 27.22 17.81 22.22
C LEU A 19 26.47 18.76 23.14
N PHE A 20 25.16 18.88 22.99
CA PHE A 20 24.37 19.86 23.73
C PHE A 20 23.71 19.29 24.98
N SER A 21 23.78 17.99 25.19
CA SER A 21 23.29 17.35 26.42
C SER A 21 24.35 16.42 26.97
N PRO A 22 25.47 16.97 27.42
CA PRO A 22 26.59 16.13 27.84
C PRO A 22 26.38 15.56 29.23
N VAL A 23 27.36 14.76 29.66
CA VAL A 23 27.42 14.36 31.06
C VAL A 23 27.74 15.57 31.93
N ALA A 24 28.67 16.40 31.48
CA ALA A 24 29.04 17.62 32.19
C ALA A 24 29.42 18.67 31.16
N PHE A 25 29.09 19.93 31.45
CA PHE A 25 29.46 21.06 30.60
C PHE A 25 30.08 22.15 31.47
N ASN A 26 31.33 22.48 31.19
CA ASN A 26 32.06 23.54 31.89
C ASN A 26 32.39 24.63 30.89
N PRO A 27 31.74 25.79 30.96
CA PRO A 27 31.99 26.83 29.95
C PRO A 27 33.43 27.32 29.91
N GLU A 28 34.13 27.34 31.04
CA GLU A 28 35.50 27.83 31.06
C GLU A 28 36.53 26.74 30.78
N GLN A 29 36.11 25.48 30.63
CA GLN A 29 37.03 24.44 30.21
C GLN A 29 37.52 24.74 28.80
N GLU A 30 38.77 24.37 28.52
CA GLU A 30 39.46 24.83 27.33
C GLU A 30 39.78 23.69 26.38
N ILE A 31 39.88 24.03 25.10
CA ILE A 31 40.43 23.20 24.05
C ILE A 31 41.74 23.84 23.63
N VAL A 32 42.81 23.04 23.57
CA VAL A 32 44.15 23.53 23.29
C VAL A 32 44.65 22.87 22.01
N TYR A 33 45.00 23.68 21.03
CA TYR A 33 45.80 23.25 19.88
C TYR A 33 47.23 23.66 20.15
N ALA A 34 48.15 22.69 20.06
CA ALA A 34 49.46 22.78 20.68
C ALA A 34 50.23 24.05 20.32
N ASN A 35 50.43 24.91 21.32
CA ASN A 35 51.20 26.16 21.18
C ASN A 35 50.68 27.03 20.05
N HIS A 36 49.49 26.74 19.52
CA HIS A 36 48.92 27.48 18.42
C HIS A 36 47.65 28.22 18.81
N ARG A 37 46.72 27.54 19.49
CA ARG A 37 45.44 28.14 19.78
C ARG A 37 44.91 27.57 21.09
N ARG A 38 44.01 28.31 21.73
CA ARG A 38 43.45 27.91 23.00
C ARG A 38 42.14 28.66 23.21
N HIS A 39 41.04 27.93 23.34
CA HIS A 39 39.75 28.59 23.49
C HIS A 39 38.80 27.71 24.28
N SER A 40 37.92 28.34 25.05
CA SER A 40 37.05 27.64 25.98
C SER A 40 35.96 26.87 25.22
N TYR A 41 35.13 26.14 25.98
CA TYR A 41 34.03 25.38 25.39
C TYR A 41 32.93 26.28 24.82
N LYS A 42 32.74 27.47 25.38
CA LYS A 42 31.82 28.44 24.78
C LYS A 42 32.24 28.78 23.36
N THR A 43 33.52 29.08 23.18
CA THR A 43 34.05 29.35 21.85
C THR A 43 33.92 28.15 20.93
N PHE A 44 34.11 26.94 21.46
CA PHE A 44 33.96 25.74 20.66
C PHE A 44 32.53 25.60 20.14
N HIS A 45 31.54 25.84 21.01
CA HIS A 45 30.14 25.78 20.57
C HIS A 45 29.84 26.86 19.53
N ASP A 46 30.33 28.08 19.77
CA ASP A 46 30.12 29.15 18.79
C ASP A 46 30.74 28.80 17.45
N ARG A 47 31.94 28.23 17.47
CA ARG A 47 32.63 27.87 16.23
C ARG A 47 31.91 26.73 15.51
N VAL A 48 31.32 25.80 16.26
CA VAL A 48 30.54 24.74 15.63
C VAL A 48 29.34 25.34 14.90
N ARG A 49 28.64 26.29 15.54
CA ARG A 49 27.50 26.90 14.87
C ARG A 49 27.92 27.74 13.68
N GLN A 50 29.05 28.45 13.79
CA GLN A 50 29.60 29.19 12.66
C GLN A 50 29.95 28.28 11.49
N PHE A 51 30.56 27.13 11.79
CA PHE A 51 30.91 26.18 10.74
C PHE A 51 29.66 25.63 10.08
N ALA A 52 28.61 25.40 10.86
CA ALA A 52 27.33 24.98 10.28
C ALA A 52 26.79 26.05 9.32
N ASN A 53 26.84 27.32 9.73
CA ASN A 53 26.40 28.39 8.86
C ASN A 53 27.22 28.44 7.57
N ALA A 54 28.55 28.31 7.70
CA ALA A 54 29.41 28.37 6.54
C ALA A 54 29.15 27.22 5.58
N LEU A 55 28.94 26.01 6.11
CA LEU A 55 28.63 24.87 5.26
C LEU A 55 27.30 25.05 4.56
N THR A 56 26.30 25.59 5.27
CA THR A 56 25.01 25.86 4.62
C THR A 56 25.16 26.89 3.51
N LYS A 57 26.03 27.88 3.71
CA LYS A 57 26.24 28.90 2.69
C LYS A 57 26.91 28.32 1.44
N MET A 58 27.71 27.26 1.59
CA MET A 58 28.42 26.67 0.46
C MET A 58 27.56 25.73 -0.37
N GLY A 59 26.33 25.48 0.03
CA GLY A 59 25.46 24.56 -0.68
C GLY A 59 25.47 23.14 -0.18
N VAL A 60 26.03 22.88 1.00
CA VAL A 60 26.02 21.53 1.55
C VAL A 60 24.63 21.20 2.06
N LYS A 61 24.11 20.04 1.67
CA LYS A 61 22.76 19.61 1.98
C LYS A 61 22.82 18.39 2.89
N LYS A 62 21.65 17.79 3.13
CA LYS A 62 21.59 16.63 4.01
C LYS A 62 22.33 15.44 3.42
N GLY A 63 22.21 15.20 2.13
CA GLY A 63 22.87 14.05 1.57
C GLY A 63 24.32 14.24 1.18
N ASP A 64 24.83 15.46 1.27
CA ASP A 64 26.16 15.75 0.74
C ASP A 64 27.26 15.15 1.61
N THR A 65 28.47 15.11 1.06
CA THR A 65 29.62 14.51 1.72
C THR A 65 30.77 15.50 1.72
N VAL A 66 31.42 15.65 2.87
CA VAL A 66 32.56 16.54 3.03
C VAL A 66 33.76 15.72 3.44
N ALA A 67 34.88 15.90 2.75
CA ALA A 67 36.11 15.16 3.00
C ALA A 67 37.08 16.03 3.77
N VAL A 68 37.84 15.42 4.68
CA VAL A 68 38.79 16.13 5.53
C VAL A 68 40.14 15.42 5.43
N MET A 69 41.21 16.22 5.33
CA MET A 69 42.57 15.69 5.20
C MET A 69 43.53 16.60 5.97
N ASP A 70 43.73 16.33 7.25
CA ASP A 70 44.66 17.11 8.07
C ASP A 70 45.03 16.29 9.30
N TYR A 71 45.77 16.92 10.22
CA TYR A 71 46.22 16.28 11.44
C TYR A 71 45.21 16.48 12.56
N ASP A 72 45.57 16.11 13.78
CA ASP A 72 44.69 16.29 14.92
C ASP A 72 44.77 17.73 15.41
N SER A 73 43.63 18.40 15.42
CA SER A 73 43.56 19.81 15.79
C SER A 73 42.14 20.11 16.21
N HIS A 74 41.92 21.35 16.64
CA HIS A 74 40.58 21.81 16.96
C HIS A 74 39.66 21.78 15.74
N ARG A 75 40.21 21.87 14.57
CA ARG A 75 39.41 21.93 13.40
C ARG A 75 38.78 20.63 13.14
N TYR A 76 39.45 19.56 13.44
CA TYR A 76 38.94 18.23 13.21
C TYR A 76 37.92 17.85 14.23
N LEU A 77 38.01 18.40 15.40
CA LEU A 77 37.04 18.19 16.39
C LEU A 77 35.84 18.93 16.03
N GLU A 78 36.01 20.06 15.43
CA GLU A 78 34.82 20.76 14.96
C GLU A 78 34.18 20.05 13.78
N CYS A 79 34.98 19.42 12.92
CA CYS A 79 34.42 18.64 11.82
C CYS A 79 33.74 17.38 12.33
N TYR A 80 34.21 16.83 13.44
CA TYR A 80 33.58 15.63 14.01
C TYR A 80 32.15 15.90 14.45
N PHE A 81 31.79 17.16 14.65
CA PHE A 81 30.45 17.52 15.11
C PHE A 81 29.64 18.24 14.03
N ALA A 82 30.17 19.32 13.45
CA ALA A 82 29.36 20.20 12.63
C ALA A 82 28.80 19.47 11.41
N ILE A 83 29.62 18.70 10.72
CA ILE A 83 29.21 18.05 9.47
C ILE A 83 28.08 17.04 9.72
N PRO A 84 28.18 16.12 10.70
CA PRO A 84 27.04 15.23 10.95
C PRO A 84 25.77 15.92 11.40
N MET A 85 25.85 17.00 12.18
CA MET A 85 24.65 17.64 12.69
C MET A 85 23.81 18.23 11.56
N ILE A 86 24.42 18.93 10.65
CA ILE A 86 23.73 19.49 9.54
C ILE A 86 23.18 18.44 8.64
N GLY A 87 23.51 17.19 8.85
CA GLY A 87 23.00 16.08 8.08
C GLY A 87 23.87 15.46 7.04
N ALA A 88 25.04 15.97 6.75
CA ALA A 88 26.00 15.53 5.75
C ALA A 88 26.83 14.37 6.27
N LYS A 89 27.64 13.80 5.39
CA LYS A 89 28.51 12.68 5.70
C LYS A 89 29.94 13.18 5.84
N LEU A 90 30.59 12.81 6.94
CA LEU A 90 31.99 13.14 7.17
C LEU A 90 32.84 11.98 6.66
N HIS A 91 33.57 12.22 5.57
CA HIS A 91 34.47 11.23 5.00
C HIS A 91 35.88 11.53 5.50
N MET A 92 36.49 10.54 6.17
CA MET A 92 37.83 10.69 6.71
C MET A 92 38.83 10.06 5.75
N ILE A 93 39.82 10.84 5.33
CA ILE A 93 40.79 10.40 4.34
C ILE A 93 42.07 9.99 5.05
N ASN A 94 42.53 8.78 4.76
CA ASN A 94 43.77 8.24 5.29
C ASN A 94 44.92 8.88 4.52
N VAL A 95 45.63 9.80 5.17
CA VAL A 95 46.71 10.53 4.50
C VAL A 95 47.93 9.66 4.29
N ARG A 96 47.95 8.45 4.86
CA ARG A 96 49.09 7.56 4.72
C ARG A 96 48.98 6.62 3.53
N LEU A 97 47.84 6.61 2.84
CA LEU A 97 47.71 5.79 1.65
C LEU A 97 48.45 6.42 0.47
N SER A 98 48.61 5.65 -0.59
CA SER A 98 49.20 6.17 -1.81
C SER A 98 48.23 7.13 -2.49
N PRO A 99 48.74 8.04 -3.33
CA PRO A 99 47.84 8.96 -4.02
C PRO A 99 46.80 8.25 -4.88
N GLU A 100 47.15 7.09 -5.46
CA GLU A 100 46.18 6.33 -6.24
C GLU A 100 45.02 5.86 -5.38
N GLN A 101 45.31 5.33 -4.18
CA GLN A 101 44.25 4.87 -3.30
C GLN A 101 43.41 6.04 -2.78
N ILE A 102 44.05 7.16 -2.49
CA ILE A 102 43.32 8.35 -2.03
C ILE A 102 42.37 8.83 -3.12
N LEU A 103 42.86 8.88 -4.36
CA LEU A 103 42.01 9.28 -5.47
C LEU A 103 40.86 8.30 -5.67
N TYR A 104 41.13 7.00 -5.52
CA TYR A 104 40.06 6.01 -5.62
C TYR A 104 38.99 6.25 -4.57
N THR A 105 39.40 6.50 -3.32
CA THR A 105 38.41 6.69 -2.25
C THR A 105 37.61 7.97 -2.46
N ILE A 106 38.27 9.04 -2.93
CA ILE A 106 37.56 10.29 -3.21
C ILE A 106 36.54 10.09 -4.30
N ASP A 107 36.91 9.37 -5.37
CA ASP A 107 35.97 9.08 -6.44
C ASP A 107 34.83 8.20 -5.96
N HIS A 108 35.13 7.19 -5.14
CA HIS A 108 34.13 6.24 -4.69
C HIS A 108 33.10 6.91 -3.76
N ALA A 109 33.58 7.71 -2.81
CA ALA A 109 32.66 8.38 -1.90
C ALA A 109 31.94 9.56 -2.53
N GLU A 110 32.45 10.08 -3.64
CA GLU A 110 31.87 11.22 -4.33
C GLU A 110 31.77 12.44 -3.41
N ASP A 111 32.93 12.91 -2.97
CA ASP A 111 33.00 14.04 -2.06
C ASP A 111 32.61 15.33 -2.78
N ASP A 112 31.87 16.19 -2.09
CA ASP A 112 31.45 17.47 -2.65
C ASP A 112 32.44 18.59 -2.35
N ILE A 113 32.90 18.67 -1.10
CA ILE A 113 33.80 19.72 -0.66
C ILE A 113 34.95 19.05 0.08
N ILE A 114 36.17 19.52 -0.16
CA ILE A 114 37.36 18.93 0.45
C ILE A 114 38.09 19.99 1.27
N LEU A 115 38.23 19.73 2.57
CA LEU A 115 39.08 20.52 3.46
C LEU A 115 40.41 19.80 3.57
N ILE A 116 41.50 20.48 3.20
CA ILE A 116 42.81 19.85 3.11
C ILE A 116 43.83 20.78 3.74
N HIS A 117 44.74 20.20 4.52
CA HIS A 117 45.81 20.97 5.12
C HIS A 117 46.82 21.40 4.05
N GLU A 118 47.58 22.44 4.37
CA GLU A 118 48.48 23.04 3.40
C GLU A 118 49.61 22.08 3.02
N GLU A 119 50.23 21.42 4.00
CA GLU A 119 51.36 20.56 3.68
C GLU A 119 50.93 19.20 3.13
N PHE A 120 49.63 18.94 3.03
CA PHE A 120 49.12 17.82 2.25
C PHE A 120 48.82 18.22 0.81
N LEU A 121 49.07 19.47 0.44
CA LEU A 121 48.79 19.92 -0.92
C LEU A 121 49.55 19.17 -2.00
N PRO A 122 50.86 18.86 -1.87
CA PRO A 122 51.53 18.14 -2.96
C PRO A 122 50.88 16.82 -3.31
N ILE A 123 50.37 16.08 -2.32
CA ILE A 123 49.68 14.83 -2.59
C ILE A 123 48.49 15.06 -3.51
N LEU A 124 47.75 16.15 -3.27
CA LEU A 124 46.64 16.49 -4.15
C LEU A 124 47.13 16.95 -5.51
N ASP A 125 48.31 17.58 -5.57
CA ASP A 125 48.78 18.20 -6.82
C ASP A 125 48.93 17.16 -7.93
N GLN A 126 49.25 15.92 -7.58
CA GLN A 126 49.43 14.90 -8.59
C GLN A 126 48.17 14.07 -8.84
N ILE A 127 47.04 14.40 -8.21
CA ILE A 127 45.78 13.72 -8.50
C ILE A 127 44.70 14.77 -8.71
N LYS A 128 45.10 16.04 -8.86
CA LYS A 128 44.14 17.13 -8.93
C LYS A 128 43.26 17.02 -10.17
N GLY A 129 43.87 16.79 -11.34
CA GLY A 129 43.11 16.72 -12.57
C GLY A 129 42.26 15.48 -12.71
N ARG A 130 42.63 14.40 -12.02
CA ARG A 130 41.86 13.16 -12.09
C ARG A 130 40.57 13.26 -11.30
N ILE A 131 40.46 14.21 -10.39
CA ILE A 131 39.34 14.32 -9.46
C ILE A 131 38.20 15.08 -10.13
N ASP A 132 37.00 14.55 -9.99
CA ASP A 132 35.80 15.23 -10.46
C ASP A 132 34.86 15.43 -9.27
N THR A 133 33.64 15.87 -9.54
CA THR A 133 32.54 15.89 -8.56
C THR A 133 32.90 16.67 -7.28
N VAL A 134 34.02 17.38 -7.29
CA VAL A 134 34.44 18.20 -6.16
C VAL A 134 34.38 19.65 -6.57
N THR A 135 33.63 20.45 -5.81
CA THR A 135 33.36 21.83 -6.18
C THR A 135 34.23 22.84 -5.45
N ARG A 136 34.68 22.54 -4.23
CA ARG A 136 35.46 23.52 -3.48
C ARG A 136 36.55 22.82 -2.68
N TYR A 137 37.72 23.48 -2.63
CA TYR A 137 38.82 23.10 -1.77
C TYR A 137 39.05 24.20 -0.75
N VAL A 138 39.10 23.82 0.52
CA VAL A 138 39.37 24.74 1.62
C VAL A 138 40.74 24.37 2.19
N VAL A 139 41.68 25.30 2.07
CA VAL A 139 43.06 25.06 2.51
C VAL A 139 43.18 25.49 3.96
N LEU A 140 43.72 24.59 4.80
CA LEU A 140 43.88 24.83 6.22
C LEU A 140 45.33 25.18 6.51
N ARG A 141 45.54 26.09 7.45
CA ARG A 141 46.87 26.53 7.84
C ARG A 141 46.92 26.72 9.35
N ASP A 142 48.13 26.78 9.88
CA ASP A 142 48.34 26.97 11.30
C ASP A 142 48.57 28.43 11.69
N ASP A 143 48.43 29.35 10.75
CA ASP A 143 48.57 30.77 11.00
C ASP A 143 47.26 31.47 10.66
N GLU A 144 47.29 32.81 10.63
CA GLU A 144 46.10 33.59 10.36
C GLU A 144 45.60 33.48 8.92
N GLU A 145 46.40 32.89 8.02
CA GLU A 145 46.03 32.81 6.61
C GLU A 145 45.11 31.63 6.31
N CYS A 146 44.64 30.91 7.32
CA CYS A 146 43.80 29.75 7.09
C CYS A 146 42.48 30.17 6.44
N GLU A 147 42.07 29.41 5.40
CA GLU A 147 40.79 29.69 4.77
C GLU A 147 39.62 29.23 5.65
N TYR A 148 39.84 28.22 6.48
CA TYR A 148 38.80 27.76 7.40
C TYR A 148 38.43 28.86 8.39
N GLU A 149 39.42 29.52 8.97
CA GLU A 149 39.14 30.61 9.90
C GLU A 149 38.46 31.78 9.19
N ARG A 150 38.92 32.11 7.98
CA ARG A 150 38.30 33.20 7.24
C ARG A 150 36.84 32.90 6.93
N LEU A 151 36.53 31.66 6.57
CA LEU A 151 35.15 31.26 6.33
C LEU A 151 34.32 31.31 7.60
N LEU A 152 34.81 30.93 8.73
CA LEU A 152 34.06 31.03 9.97
C LEU A 152 33.84 32.46 10.35
N GLU A 153 34.81 33.37 10.25
CA GLU A 153 34.57 34.73 10.72
C GLU A 153 33.39 35.39 10.02
N GLN A 154 33.15 35.10 8.77
CA GLN A 154 32.08 35.72 8.05
C GLN A 154 30.74 35.26 8.46
N GLU A 155 30.61 34.49 9.52
CA GLU A 155 29.33 33.88 9.86
C GLU A 155 28.84 34.22 11.26
N SER A 156 27.59 33.88 11.54
CA SER A 156 27.07 34.20 12.86
C SER A 156 27.13 32.98 13.76
N THR A 157 27.13 33.24 15.07
CA THR A 157 27.22 32.17 16.05
C THR A 157 25.88 31.51 16.32
N GLU A 158 24.80 32.00 15.71
CA GLU A 158 23.49 31.39 15.87
C GLU A 158 23.27 30.31 14.82
N TYR A 159 22.58 29.24 15.20
CA TYR A 159 22.16 28.20 14.26
C TYR A 159 21.16 27.29 14.96
N ASN A 160 20.18 26.81 14.20
CA ASN A 160 19.16 25.89 14.69
C ASN A 160 19.38 24.54 14.01
N PHE A 161 19.90 23.59 14.75
CA PHE A 161 20.30 22.31 14.19
C PHE A 161 19.09 21.42 13.95
N PRO A 162 18.96 20.80 12.78
CA PRO A 162 17.77 20.01 12.47
C PRO A 162 17.69 18.73 13.29
N ASP A 163 16.49 18.18 13.36
CA ASP A 163 16.23 16.88 13.93
C ASP A 163 15.79 15.93 12.82
N PHE A 164 16.50 14.82 12.67
CA PHE A 164 16.19 13.85 11.64
C PHE A 164 16.25 12.46 12.23
N ASP A 165 16.08 11.46 11.38
CA ASP A 165 16.12 10.08 11.83
C ASP A 165 17.51 9.71 12.31
N GLU A 166 17.56 8.87 13.35
CA GLU A 166 18.83 8.48 13.94
C GLU A 166 19.61 7.51 13.08
N ASN A 167 19.01 6.97 12.02
CA ASN A 167 19.69 6.01 11.16
C ASN A 167 20.34 6.66 9.96
N THR A 168 20.35 7.99 9.87
CA THR A 168 21.07 8.66 8.80
C THR A 168 22.58 8.53 9.02
N VAL A 169 23.29 8.27 7.93
CA VAL A 169 24.73 8.05 8.00
C VAL A 169 25.45 9.32 8.42
N ALA A 170 26.39 9.19 9.35
CA ALA A 170 27.14 10.31 9.88
C ALA A 170 28.58 10.34 9.41
N THR A 171 29.30 9.24 9.49
CA THR A 171 30.72 9.20 9.16
C THR A 171 31.02 8.01 8.26
N THR A 172 32.12 8.13 7.53
CA THR A 172 32.60 7.05 6.68
C THR A 172 34.11 7.19 6.50
N PHE A 173 34.76 6.04 6.30
CA PHE A 173 36.18 6.01 5.99
C PHE A 173 36.48 4.67 5.33
N TYR A 174 37.64 4.53 4.77
CA TYR A 174 37.97 3.39 3.99
C TYR A 174 39.07 2.64 4.60
N THR A 175 38.98 1.35 4.51
CA THR A 175 40.00 0.48 5.06
C THR A 175 40.60 -0.33 3.96
N THR A 176 41.86 -0.62 4.06
CA THR A 176 42.50 -1.48 3.08
C THR A 176 42.08 -2.92 3.24
N GLY A 177 42.66 -3.59 4.20
CA GLY A 177 42.37 -4.99 4.44
C GLY A 177 43.07 -5.90 3.44
N THR A 178 42.44 -7.02 3.14
CA THR A 178 42.99 -8.02 2.24
C THR A 178 42.45 -7.90 0.82
N THR A 179 41.54 -6.97 0.56
CA THR A 179 40.92 -6.83 -0.74
C THR A 179 41.82 -6.09 -1.71
N GLY A 180 41.45 -6.12 -2.99
CA GLY A 180 42.21 -5.43 -4.01
C GLY A 180 42.03 -3.92 -4.02
N PHE A 181 40.89 -3.44 -3.51
CA PHE A 181 40.62 -2.02 -3.39
C PHE A 181 40.18 -1.70 -1.98
N PRO A 182 40.35 -0.45 -1.54
CA PRO A 182 39.87 -0.08 -0.20
C PRO A 182 38.36 -0.26 -0.08
N LYS A 183 37.92 -0.66 1.11
CA LYS A 183 36.52 -0.92 1.40
C LYS A 183 35.97 0.19 2.29
N GLY A 184 34.78 0.68 1.97
CA GLY A 184 34.18 1.77 2.71
C GLY A 184 33.23 1.28 3.78
N VAL A 185 33.42 1.78 5.00
CA VAL A 185 32.59 1.45 6.14
C VAL A 185 31.94 2.73 6.65
N PHE A 186 30.69 2.63 7.07
CA PHE A 186 29.92 3.80 7.49
C PHE A 186 29.18 3.50 8.77
N PHE A 187 28.86 4.56 9.51
CA PHE A 187 28.15 4.44 10.78
C PHE A 187 27.09 5.53 10.83
N THR A 188 26.07 5.31 11.65
CA THR A 188 24.97 6.25 11.79
C THR A 188 25.10 7.04 13.09
N HIS A 189 24.21 8.01 13.27
CA HIS A 189 24.19 8.79 14.49
C HIS A 189 23.93 7.90 15.71
N ARG A 190 22.96 6.99 15.57
CA ARG A 190 22.59 6.11 16.67
C ARG A 190 23.76 5.23 17.08
N GLN A 191 24.49 4.70 16.10
CA GLN A 191 25.63 3.83 16.41
C GLN A 191 26.72 4.59 17.16
N LEU A 192 27.01 5.82 16.74
CA LEU A 192 28.06 6.59 17.41
C LEU A 192 27.66 6.97 18.84
N VAL A 193 26.39 7.37 19.02
CA VAL A 193 25.91 7.70 20.36
C VAL A 193 25.95 6.46 21.26
N LEU A 194 25.53 5.32 20.73
CA LEU A 194 25.54 4.09 21.52
C LEU A 194 26.96 3.65 21.84
N HIS A 195 27.89 3.84 20.90
CA HIS A 195 29.28 3.50 21.17
C HIS A 195 29.84 4.35 22.31
N THR A 196 29.54 5.66 22.28
CA THR A 196 29.99 6.52 23.37
C THR A 196 29.40 6.08 24.70
N MET A 197 28.08 5.86 24.74
CA MET A 197 27.43 5.42 25.98
C MET A 197 28.02 4.12 26.50
N GLY A 198 28.16 3.12 25.63
CA GLY A 198 28.62 1.82 26.07
C GLY A 198 30.05 1.84 26.56
N ILE A 199 30.95 2.50 25.83
CA ILE A 199 32.34 2.50 26.26
C ILE A 199 32.51 3.32 27.53
N LEU A 200 31.73 4.41 27.68
CA LEU A 200 31.80 5.18 28.92
C LEU A 200 31.28 4.37 30.10
N SER A 201 30.22 3.60 29.89
CA SER A 201 29.72 2.72 30.95
C SER A 201 30.72 1.63 31.31
N THR A 202 31.46 1.11 30.33
CA THR A 202 32.41 0.04 30.59
C THR A 202 33.67 0.52 31.30
N ILE A 203 34.33 1.54 30.74
CA ILE A 203 35.61 1.94 31.33
C ILE A 203 35.44 3.00 32.42
N GLY A 204 34.30 3.70 32.44
CA GLY A 204 34.09 4.69 33.47
C GLY A 204 33.80 4.11 34.84
N THR A 205 33.27 2.88 34.89
CA THR A 205 32.85 2.26 36.13
C THR A 205 33.92 1.38 36.77
N ASN A 206 35.13 1.36 36.22
CA ASN A 206 36.19 0.58 36.85
C ASN A 206 36.52 1.16 38.22
N ALA A 207 36.94 0.27 39.13
CA ALA A 207 37.14 0.68 40.52
C ALA A 207 38.30 1.67 40.65
N SER A 208 39.51 1.24 40.30
CA SER A 208 40.68 2.08 40.53
C SER A 208 41.72 2.05 39.42
N GLN A 209 41.49 1.34 38.32
CA GLN A 209 42.51 1.19 37.28
C GLN A 209 41.89 1.45 35.92
N GLY A 210 42.62 2.21 35.10
CA GLY A 210 42.27 2.37 33.69
C GLY A 210 40.89 2.93 33.43
N ARG A 211 40.50 3.96 34.16
CA ARG A 211 39.17 4.55 34.04
C ARG A 211 39.29 5.97 33.51
N LEU A 212 38.35 6.34 32.64
CA LEU A 212 38.23 7.69 32.13
C LEU A 212 37.10 8.40 32.89
N HIS A 213 37.45 9.45 33.63
CA HIS A 213 36.46 10.17 34.41
C HIS A 213 36.50 11.66 34.05
N GLN A 214 35.66 12.43 34.74
CA GLN A 214 35.47 13.83 34.41
C GLN A 214 36.64 14.71 34.83
N GLY A 215 37.60 14.18 35.57
CA GLY A 215 38.76 14.94 35.96
C GLY A 215 40.00 14.76 35.11
N ASP A 216 39.88 14.08 33.97
CA ASP A 216 41.04 13.76 33.14
C ASP A 216 41.30 14.86 32.11
N ILE A 217 42.50 14.81 31.53
CA ILE A 217 42.89 15.67 30.42
C ILE A 217 43.28 14.77 29.26
N TYR A 218 42.63 14.98 28.12
CA TYR A 218 42.68 14.04 27.01
C TYR A 218 43.65 14.53 25.93
N MET A 219 44.33 13.58 25.29
CA MET A 219 45.25 13.84 24.19
C MET A 219 45.28 12.66 23.21
N PRO A 220 44.87 12.87 21.96
CA PRO A 220 45.03 11.80 20.96
C PRO A 220 46.48 11.67 20.50
N ILE A 221 46.89 10.42 20.29
CA ILE A 221 48.17 10.13 19.64
C ILE A 221 47.89 9.12 18.53
N THR A 222 46.62 8.86 18.28
CA THR A 222 46.19 8.09 17.11
C THR A 222 45.76 9.04 16.01
N PRO A 223 46.08 8.72 14.74
CA PRO A 223 45.91 9.68 13.65
C PRO A 223 44.54 10.34 13.53
N MET A 224 43.48 9.80 14.13
CA MET A 224 42.17 10.42 14.26
C MET A 224 41.38 10.40 12.95
N PHE A 225 42.00 9.99 11.84
CA PHE A 225 41.26 9.76 10.60
C PHE A 225 41.08 8.28 10.33
N HIS A 226 41.26 7.43 11.35
CA HIS A 226 41.28 5.99 11.16
C HIS A 226 40.06 5.28 11.74
N VAL A 227 39.83 5.40 13.04
CA VAL A 227 38.73 4.68 13.68
C VAL A 227 37.90 5.63 14.54
N HIS A 228 37.76 6.88 14.10
CA HIS A 228 37.20 7.96 14.91
C HIS A 228 38.07 8.29 16.11
N ALA A 229 39.38 8.04 15.99
CA ALA A 229 40.28 8.08 17.14
C ALA A 229 39.72 7.27 18.30
N TRP A 230 39.30 6.03 18.01
CA TRP A 230 38.71 5.11 18.97
C TRP A 230 37.47 5.67 19.63
N GLY A 231 36.83 6.67 19.02
CA GLY A 231 35.68 7.32 19.60
C GLY A 231 36.00 8.22 20.77
N LEU A 232 37.28 8.40 21.10
CA LEU A 232 37.64 9.18 22.28
C LEU A 232 37.23 10.65 22.20
N PRO A 233 37.42 11.35 21.06
CA PRO A 233 36.94 12.75 21.02
C PRO A 233 35.46 12.90 21.29
N TYR A 234 34.63 11.94 20.88
CA TYR A 234 33.21 11.98 21.22
C TYR A 234 33.00 11.79 22.71
N MET A 235 33.77 10.89 23.32
CA MET A 235 33.64 10.65 24.76
C MET A 235 34.12 11.86 25.57
N ALA A 236 35.30 12.37 25.23
CA ALA A 236 35.88 13.45 26.01
C ALA A 236 34.99 14.69 26.00
N THR A 237 34.48 15.05 24.82
CA THR A 237 33.56 16.17 24.73
C THR A 237 32.34 15.96 25.61
N MET A 238 31.89 14.71 25.75
CA MET A 238 30.71 14.46 26.57
C MET A 238 31.05 14.61 28.05
N LEU A 239 32.30 14.35 28.43
CA LEU A 239 32.68 14.55 29.82
C LEU A 239 33.05 16.00 30.12
N GLY A 240 33.18 16.84 29.10
CA GLY A 240 33.57 18.22 29.30
C GLY A 240 34.97 18.37 29.86
N VAL A 241 35.89 17.53 29.42
CA VAL A 241 37.25 17.54 29.95
C VAL A 241 38.13 18.39 29.04
N LYS A 242 39.28 18.80 29.56
CA LYS A 242 40.25 19.52 28.76
C LYS A 242 40.82 18.62 27.68
N GLN A 243 40.94 19.16 26.48
CA GLN A 243 41.43 18.42 25.32
C GLN A 243 42.63 19.12 24.73
N VAL A 244 43.69 18.36 24.46
CA VAL A 244 44.92 18.89 23.91
C VAL A 244 45.22 18.16 22.61
N TYR A 245 45.52 18.92 21.57
CA TYR A 245 45.80 18.35 20.25
C TYR A 245 47.21 18.71 19.81
N PRO A 246 48.07 17.72 19.58
CA PRO A 246 49.48 18.05 19.30
C PRO A 246 49.74 18.42 17.85
N GLY A 247 49.08 17.77 16.90
CA GLY A 247 49.38 17.98 15.50
C GLY A 247 50.27 16.92 14.89
N LYS A 248 51.57 17.19 14.80
CA LYS A 248 52.48 16.39 13.99
C LYS A 248 53.01 15.14 14.69
N TYR A 249 52.72 14.96 15.98
CA TYR A 249 53.17 13.79 16.73
C TYR A 249 54.69 13.70 16.84
N VAL A 250 55.34 14.84 17.02
CA VAL A 250 56.79 14.82 17.28
C VAL A 250 57.03 14.37 18.72
N PRO A 251 57.93 13.42 18.97
CA PRO A 251 58.13 12.96 20.36
C PRO A 251 58.51 14.06 21.33
N ASP A 252 59.31 15.03 20.99
CA ASP A 252 59.71 16.03 21.94
C ASP A 252 58.74 17.14 22.07
N VAL A 253 57.66 17.09 21.35
CA VAL A 253 56.67 18.10 21.39
C VAL A 253 55.62 17.42 22.15
N LEU A 254 55.41 16.14 21.92
CA LEU A 254 54.45 15.36 22.70
C LEU A 254 54.85 15.29 24.17
N LEU A 255 56.13 15.04 24.44
CA LEU A 255 56.58 14.99 25.83
C LEU A 255 56.44 16.34 26.51
N ASN A 256 56.78 17.42 25.79
CA ASN A 256 56.63 18.76 26.36
C ASN A 256 55.16 19.05 26.67
N LEU A 257 54.26 18.63 25.80
CA LEU A 257 52.84 18.89 26.01
C LEU A 257 52.30 18.08 27.18
N ILE A 258 52.74 16.83 27.32
CA ILE A 258 52.31 16.05 28.47
C ILE A 258 52.83 16.67 29.76
N GLU A 259 54.08 17.16 29.74
CA GLU A 259 54.65 17.79 30.92
C GLU A 259 53.91 19.08 31.29
N GLN A 260 53.58 19.90 30.30
CA GLN A 260 53.06 21.24 30.54
C GLN A 260 51.55 21.31 30.70
N GLU A 261 50.79 20.60 29.86
CA GLU A 261 49.34 20.58 29.95
C GLU A 261 48.82 19.55 30.95
N LYS A 262 49.71 18.74 31.54
CA LYS A 262 49.35 17.74 32.54
C LYS A 262 48.34 16.73 31.99
N VAL A 263 48.73 16.07 30.90
CA VAL A 263 47.86 15.09 30.26
C VAL A 263 47.79 13.83 31.09
N THR A 264 46.58 13.27 31.23
CA THR A 264 46.38 12.07 32.04
C THR A 264 45.77 10.90 31.27
N PHE A 265 45.22 11.12 30.08
CA PHE A 265 44.63 10.05 29.29
C PHE A 265 45.03 10.20 27.84
N SER A 266 45.39 9.08 27.22
CA SER A 266 45.86 9.09 25.83
C SER A 266 45.61 7.73 25.22
N HIS A 267 45.73 7.67 23.89
CA HIS A 267 45.76 6.42 23.15
C HIS A 267 46.80 6.55 22.04
N CYS A 268 47.63 5.52 21.89
CA CYS A 268 48.67 5.55 20.88
C CYS A 268 48.91 4.13 20.37
N VAL A 269 50.02 3.95 19.67
CA VAL A 269 50.40 2.67 19.09
C VAL A 269 51.76 2.31 19.66
N PRO A 270 52.14 1.02 19.60
CA PRO A 270 53.41 0.61 20.23
C PRO A 270 54.63 1.37 19.75
N THR A 271 54.68 1.73 18.47
CA THR A 271 55.87 2.41 17.94
C THR A 271 56.04 3.79 18.57
N ILE A 272 54.94 4.56 18.64
CA ILE A 272 55.03 5.90 19.21
C ILE A 272 55.34 5.82 20.71
N LEU A 273 54.75 4.85 21.40
CA LEU A 273 55.04 4.69 22.82
C LEU A 273 56.50 4.33 23.05
N HIS A 274 57.06 3.45 22.22
CA HIS A 274 58.48 3.12 22.33
C HIS A 274 59.34 4.34 22.07
N LEU A 275 58.98 5.15 21.08
CA LEU A 275 59.72 6.38 20.82
C LEU A 275 59.68 7.33 22.01
N LEU A 276 58.50 7.48 22.62
CA LEU A 276 58.36 8.37 23.77
C LEU A 276 59.17 7.87 24.96
N LEU A 277 59.15 6.56 25.21
CA LEU A 277 59.86 6.02 26.36
C LEU A 277 61.37 6.07 26.15
N SER A 278 61.84 5.89 24.92
CA SER A 278 63.27 5.88 24.65
C SER A 278 63.86 7.26 24.46
N SER A 279 63.05 8.30 24.31
CA SER A 279 63.57 9.64 24.09
C SER A 279 64.30 10.13 25.33
N PRO A 280 65.48 10.76 25.18
CA PRO A 280 66.25 11.18 26.36
C PRO A 280 65.53 12.18 27.24
N LYS A 281 64.75 13.10 26.66
CA LYS A 281 64.04 14.10 27.43
C LYS A 281 63.06 13.48 28.42
N SER A 282 62.53 12.30 28.13
CA SER A 282 61.62 11.61 29.03
C SER A 282 62.32 10.90 30.17
N LYS A 283 63.67 10.89 30.20
CA LYS A 283 64.38 10.20 31.26
C LYS A 283 64.16 10.82 32.63
N ALA A 284 63.82 12.11 32.69
CA ALA A 284 63.61 12.81 33.95
C ALA A 284 62.28 13.56 33.95
N MET A 285 61.21 12.88 33.55
CA MET A 285 59.88 13.47 33.50
C MET A 285 58.89 12.53 34.17
N ASP A 286 58.03 13.09 35.02
CA ASP A 286 57.07 12.30 35.77
C ASP A 286 56.01 11.71 34.85
N PHE A 287 55.73 10.42 35.05
CA PHE A 287 54.80 9.71 34.20
C PHE A 287 53.66 9.05 34.97
N SER A 288 53.64 9.17 36.29
CA SER A 288 52.72 8.38 37.12
C SER A 288 51.37 9.07 37.28
N GLY A 289 50.82 9.57 36.18
CA GLY A 289 49.46 10.05 36.16
C GLY A 289 48.81 9.78 34.83
N TRP A 290 49.51 9.01 33.99
CA TRP A 290 49.17 8.87 32.59
C TRP A 290 48.61 7.48 32.32
N LYS A 291 47.57 7.41 31.48
CA LYS A 291 46.82 6.18 31.25
C LYS A 291 46.72 5.84 29.78
N VAL A 292 47.85 5.74 29.09
CA VAL A 292 47.85 5.45 27.66
C VAL A 292 47.16 4.12 27.37
N VAL A 293 46.36 4.10 26.30
CA VAL A 293 45.69 2.91 25.82
C VAL A 293 46.33 2.51 24.51
N ILE A 294 46.81 1.28 24.42
CA ILE A 294 47.49 0.78 23.23
C ILE A 294 46.48 0.00 22.40
N GLY A 295 46.25 0.45 21.17
CA GLY A 295 45.21 -0.17 20.36
C GLY A 295 45.60 -0.47 18.94
N GLY A 296 46.80 -0.06 18.53
CA GLY A 296 47.23 -0.29 17.17
C GLY A 296 47.29 -1.75 16.80
N ALA A 297 48.25 -2.48 17.36
CA ALA A 297 48.34 -3.91 17.14
C ALA A 297 49.34 -4.52 18.11
N ALA A 298 48.90 -5.56 18.83
CA ALA A 298 49.79 -6.47 19.53
C ALA A 298 50.79 -5.75 20.43
N LEU A 299 50.27 -5.13 21.48
CA LEU A 299 51.14 -4.55 22.50
C LEU A 299 52.10 -5.63 23.02
N PRO A 300 53.40 -5.50 22.77
CA PRO A 300 54.34 -6.55 23.20
C PRO A 300 54.58 -6.50 24.71
N LYS A 301 54.97 -7.66 25.25
CA LYS A 301 55.18 -7.77 26.68
C LYS A 301 56.36 -6.94 27.16
N ALA A 302 57.43 -6.87 26.36
CA ALA A 302 58.60 -6.12 26.77
C ALA A 302 58.32 -4.63 26.85
N LEU A 303 57.61 -4.09 25.85
CA LEU A 303 57.22 -2.69 25.89
C LEU A 303 56.31 -2.40 27.07
N CYS A 304 55.35 -3.28 27.32
CA CYS A 304 54.44 -3.09 28.45
C CYS A 304 55.19 -3.11 29.77
N LYS A 305 56.14 -4.02 29.92
CA LYS A 305 56.94 -4.09 31.15
C LYS A 305 57.77 -2.82 31.34
N SER A 306 58.41 -2.36 30.26
CA SER A 306 59.23 -1.15 30.35
C SER A 306 58.39 0.07 30.70
N ALA A 307 57.19 0.16 30.13
CA ALA A 307 56.27 1.22 30.50
C ALA A 307 55.81 1.10 31.94
N LEU A 308 55.60 -0.13 32.42
CA LEU A 308 55.13 -0.33 33.79
C LEU A 308 56.21 0.06 34.80
N GLU A 309 57.49 -0.12 34.45
CA GLU A 309 58.53 0.33 35.36
C GLU A 309 58.58 1.84 35.50
N ARG A 310 57.92 2.57 34.59
CA ARG A 310 57.81 4.02 34.68
C ARG A 310 56.52 4.48 35.36
N ASP A 311 55.75 3.54 35.92
CA ASP A 311 54.51 3.84 36.61
C ASP A 311 53.47 4.44 35.67
N ILE A 312 53.32 3.82 34.50
CA ILE A 312 52.33 4.20 33.51
C ILE A 312 51.25 3.14 33.49
N ASP A 313 49.99 3.59 33.61
CA ASP A 313 48.84 2.69 33.57
C ASP A 313 48.57 2.37 32.10
N VAL A 314 49.36 1.45 31.57
CA VAL A 314 49.28 1.06 30.16
C VAL A 314 48.41 -0.18 30.05
N PHE A 315 47.46 -0.16 29.12
CA PHE A 315 46.61 -1.30 28.88
C PHE A 315 46.17 -1.30 27.42
N ALA A 316 45.76 -2.46 26.94
CA ALA A 316 45.48 -2.68 25.53
C ALA A 316 43.98 -2.73 25.25
N GLY A 317 43.64 -2.48 23.98
CA GLY A 317 42.26 -2.59 23.54
C GLY A 317 42.23 -3.12 22.13
N TYR A 318 41.06 -3.64 21.74
CA TYR A 318 40.88 -4.28 20.45
C TYR A 318 39.79 -3.59 19.65
N GLY A 319 40.06 -3.36 18.38
CA GLY A 319 39.14 -2.74 17.44
C GLY A 319 39.73 -2.79 16.06
N MET A 320 38.91 -2.98 15.02
CA MET A 320 39.44 -3.30 13.71
C MET A 320 38.66 -2.66 12.57
N SER A 321 38.23 -1.40 12.73
CA SER A 321 37.80 -0.49 11.69
C SER A 321 36.43 -0.79 11.10
N GLU A 322 35.83 -1.94 11.43
CA GLU A 322 34.45 -2.21 11.03
C GLU A 322 33.56 -2.43 12.24
N THR A 323 34.06 -2.16 13.45
CA THR A 323 33.41 -2.60 14.67
C THR A 323 33.27 -1.47 15.69
N GLY A 324 33.34 -0.22 15.25
CA GLY A 324 33.02 0.87 16.13
C GLY A 324 34.10 1.89 16.45
N PRO A 325 35.34 1.47 16.75
CA PRO A 325 35.96 0.15 16.66
C PRO A 325 35.96 -0.71 17.93
N ILE A 326 35.72 -0.15 19.11
CA ILE A 326 36.08 -0.85 20.34
C ILE A 326 35.20 -2.06 20.55
N LEU A 327 35.83 -3.20 20.82
CA LEU A 327 35.17 -4.47 21.12
C LEU A 327 35.58 -5.05 22.45
N SER A 328 36.83 -4.85 22.88
CA SER A 328 37.31 -5.41 24.13
C SER A 328 38.43 -4.55 24.68
N ILE A 329 38.51 -4.46 26.01
CA ILE A 329 39.56 -3.73 26.71
C ILE A 329 39.96 -4.54 27.94
N VAL A 330 41.25 -4.56 28.25
CA VAL A 330 41.71 -5.27 29.44
C VAL A 330 41.36 -4.46 30.68
N GLN A 331 40.71 -5.10 31.64
CA GLN A 331 40.40 -4.51 32.94
C GLN A 331 40.93 -5.43 34.03
N LEU A 332 41.63 -4.87 35.01
CA LEU A 332 42.27 -5.65 36.05
C LEU A 332 41.44 -5.57 37.34
N THR A 333 41.13 -6.75 37.89
CA THR A 333 40.40 -6.85 39.14
C THR A 333 41.29 -6.45 40.31
N PRO A 334 40.70 -6.13 41.46
CA PRO A 334 41.53 -5.65 42.59
C PRO A 334 42.60 -6.63 43.04
N GLU A 335 42.39 -7.94 42.88
CA GLU A 335 43.43 -8.88 43.26
C GLU A 335 44.47 -9.08 42.18
N GLN A 336 44.22 -8.60 40.96
CA GLN A 336 45.22 -8.62 39.90
C GLN A 336 46.15 -7.41 39.94
N LEU A 337 45.82 -6.39 40.72
CA LEU A 337 46.70 -5.25 40.89
C LEU A 337 47.85 -5.52 41.86
N GLU A 338 47.76 -6.59 42.65
CA GLU A 338 48.81 -6.90 43.61
C GLU A 338 49.92 -7.75 43.00
N LEU A 339 49.75 -8.22 41.77
CA LEU A 339 50.80 -9.01 41.13
C LEU A 339 51.96 -8.11 40.73
N ASP A 340 53.15 -8.71 40.66
CA ASP A 340 54.34 -7.96 40.27
C ASP A 340 54.32 -7.74 38.75
N VAL A 341 55.35 -7.04 38.27
CA VAL A 341 55.37 -6.55 36.90
C VAL A 341 55.34 -7.68 35.88
N ASP A 342 55.92 -8.84 36.20
CA ASP A 342 55.93 -9.95 35.26
C ASP A 342 54.52 -10.44 34.95
N GLN A 343 53.71 -10.66 35.98
CA GLN A 343 52.31 -11.00 35.77
C GLN A 343 51.48 -9.81 35.32
N GLN A 344 51.89 -8.60 35.64
CA GLN A 344 51.17 -7.41 35.19
C GLN A 344 51.23 -7.30 33.67
N ALA A 345 52.42 -7.43 33.10
CA ALA A 345 52.60 -7.37 31.66
C ALA A 345 51.95 -8.53 30.93
N GLU A 346 51.75 -9.67 31.60
CA GLU A 346 51.04 -10.78 30.98
C GLU A 346 49.59 -10.41 30.71
N TYR A 347 48.89 -9.87 31.72
CA TYR A 347 47.49 -9.49 31.59
C TYR A 347 47.28 -8.24 30.76
N ARG A 348 48.13 -7.22 30.93
CA ARG A 348 47.89 -5.95 30.27
C ARG A 348 48.10 -6.05 28.76
N SER A 349 48.82 -7.08 28.30
CA SER A 349 49.10 -7.25 26.89
C SER A 349 48.05 -8.06 26.15
N LYS A 350 47.06 -8.61 26.84
CA LYS A 350 46.05 -9.44 26.20
C LYS A 350 45.06 -8.59 25.42
N THR A 351 44.23 -9.26 24.62
CA THR A 351 43.18 -8.58 23.89
C THR A 351 42.13 -8.00 24.84
N GLY A 352 41.73 -8.77 25.84
CA GLY A 352 40.88 -8.30 26.91
C GLY A 352 39.47 -8.84 26.85
N LYS A 353 38.75 -8.59 27.94
CA LYS A 353 37.34 -8.96 28.01
C LYS A 353 36.50 -8.04 27.13
N LYS A 354 35.44 -8.60 26.57
CA LYS A 354 34.56 -7.82 25.70
C LYS A 354 33.80 -6.76 26.52
N VAL A 355 33.54 -5.63 25.87
CA VAL A 355 32.88 -4.50 26.50
C VAL A 355 31.37 -4.74 26.54
N ALA A 356 30.64 -3.86 27.23
CA ALA A 356 29.20 -4.01 27.37
C ALA A 356 28.52 -4.10 26.01
N LEU A 357 27.54 -5.00 25.92
CA LEU A 357 26.70 -5.18 24.73
C LEU A 357 27.45 -5.81 23.56
N VAL A 358 28.39 -6.72 23.84
CA VAL A 358 29.16 -7.41 22.82
C VAL A 358 29.11 -8.90 23.11
N GLU A 359 28.99 -9.72 22.06
CA GLU A 359 28.83 -11.17 22.24
C GLU A 359 30.15 -11.93 22.08
N ALA A 360 30.84 -11.75 20.96
CA ALA A 360 32.23 -12.20 20.81
C ALA A 360 32.38 -13.71 21.01
N TYR A 361 31.85 -14.48 20.06
CA TYR A 361 32.01 -15.93 20.05
C TYR A 361 33.26 -16.33 19.24
N ILE A 362 33.72 -17.55 19.48
CA ILE A 362 34.83 -18.16 18.75
C ILE A 362 34.26 -19.30 17.93
N VAL A 363 34.56 -19.42 16.66
CA VAL A 363 33.95 -20.42 15.79
C VAL A 363 34.90 -21.05 14.80
N ASP A 364 34.48 -22.08 14.09
CA ASP A 364 35.27 -22.68 13.00
C ASP A 364 34.54 -22.39 11.67
N GLU A 365 35.02 -22.79 10.50
CA GLU A 365 34.31 -22.59 9.24
C GLU A 365 32.88 -23.12 9.30
N ASP A 366 32.63 -24.12 10.13
CA ASP A 366 31.30 -24.69 10.26
C ASP A 366 30.42 -23.93 11.24
N MET A 367 30.92 -22.81 11.79
CA MET A 367 30.20 -22.03 12.80
C MET A 367 29.88 -22.88 14.03
N ASN A 368 30.86 -23.65 14.49
CA ASN A 368 30.60 -24.66 15.51
C ASN A 368 30.73 -24.15 16.94
N LYS A 369 31.18 -22.91 17.13
CA LYS A 369 31.24 -22.29 18.47
C LYS A 369 32.08 -23.12 19.43
N LEU A 370 33.38 -23.10 19.17
CA LEU A 370 34.34 -23.87 19.94
C LEU A 370 34.30 -23.46 21.42
N PRO A 371 34.61 -24.36 22.35
CA PRO A 371 34.55 -24.01 23.77
C PRO A 371 35.65 -23.06 24.18
N HIS A 372 35.43 -22.41 25.32
CA HIS A 372 36.40 -21.45 25.87
C HIS A 372 37.30 -22.13 26.90
N ASP A 373 38.05 -23.12 26.42
CA ASP A 373 38.95 -23.86 27.30
C ASP A 373 40.22 -23.08 27.62
N GLY A 374 40.74 -22.33 26.66
CA GLY A 374 41.95 -21.56 26.90
C GLY A 374 43.04 -21.78 25.87
N GLU A 375 42.94 -22.88 25.11
CA GLU A 375 43.92 -23.17 24.06
C GLU A 375 43.29 -23.44 22.70
N THR A 376 41.99 -23.73 22.63
CA THR A 376 41.34 -23.97 21.36
C THR A 376 41.09 -22.65 20.64
N ALA A 377 41.75 -22.45 19.50
CA ALA A 377 41.68 -21.20 18.78
C ALA A 377 40.66 -21.28 17.66
N GLY A 378 40.19 -20.10 17.24
CA GLY A 378 39.23 -20.00 16.16
C GLY A 378 39.01 -18.55 15.83
N GLU A 379 38.21 -18.33 14.78
CA GLU A 379 37.91 -16.96 14.36
C GLU A 379 36.91 -16.32 15.32
N ILE A 380 37.08 -15.02 15.54
CA ILE A 380 36.20 -14.24 16.39
C ILE A 380 35.06 -13.71 15.55
N VAL A 381 33.83 -13.94 16.00
CA VAL A 381 32.63 -13.41 15.36
C VAL A 381 31.83 -12.67 16.42
N VAL A 382 31.40 -11.45 16.11
CA VAL A 382 30.86 -10.55 17.12
C VAL A 382 29.50 -10.02 16.70
N ARG A 383 28.74 -9.57 17.70
CA ARG A 383 27.49 -8.85 17.51
C ARG A 383 27.48 -7.69 18.48
N ALA A 384 27.45 -6.48 17.97
CA ALA A 384 27.52 -5.26 18.76
C ALA A 384 26.53 -4.24 18.20
N PRO A 385 26.14 -3.24 18.99
CA PRO A 385 25.23 -2.22 18.49
C PRO A 385 25.85 -1.26 17.48
N TRP A 386 27.16 -1.34 17.24
CA TRP A 386 27.84 -0.35 16.43
C TRP A 386 28.71 -0.98 15.35
N LEU A 387 28.18 -1.97 14.63
CA LEU A 387 28.89 -2.64 13.56
C LEU A 387 28.37 -2.13 12.22
N THR A 388 29.27 -1.96 11.26
CA THR A 388 28.85 -1.55 9.93
C THR A 388 28.02 -2.65 9.28
N PRO A 389 26.83 -2.35 8.75
CA PRO A 389 25.99 -3.41 8.18
C PRO A 389 26.63 -4.10 6.99
N ASN A 390 27.42 -3.38 6.19
CA ASN A 390 28.01 -3.91 4.98
C ASN A 390 29.12 -2.97 4.55
N TYR A 391 29.72 -3.27 3.40
CA TYR A 391 30.64 -2.35 2.75
C TYR A 391 29.87 -1.48 1.77
N TYR A 392 30.30 -0.23 1.65
CA TYR A 392 29.60 0.71 0.78
C TYR A 392 29.79 0.32 -0.68
N LYS A 393 28.67 0.21 -1.40
CA LYS A 393 28.66 -0.15 -2.83
C LYS A 393 29.33 -1.49 -3.09
N ASP A 394 29.14 -2.45 -2.18
CA ASP A 394 29.73 -3.78 -2.34
C ASP A 394 28.69 -4.82 -1.94
N ASN A 395 28.66 -5.93 -2.68
CA ASN A 395 27.68 -6.98 -2.46
C ASN A 395 28.31 -8.28 -1.99
N LYS A 396 29.27 -8.83 -2.73
CA LYS A 396 29.80 -10.15 -2.38
C LYS A 396 30.76 -10.08 -1.20
N ASN A 397 31.51 -8.98 -1.08
CA ASN A 397 32.34 -8.79 0.10
C ASN A 397 31.48 -8.59 1.34
N SER A 398 30.35 -7.89 1.19
CA SER A 398 29.41 -7.72 2.28
C SER A 398 28.84 -9.06 2.74
N LYS A 399 28.58 -9.99 1.88
CA LYS A 399 28.06 -11.26 2.30
C LYS A 399 29.11 -12.08 2.98
N ALA A 400 30.37 -11.98 2.63
CA ALA A 400 31.39 -12.68 3.40
C ALA A 400 31.65 -12.01 4.74
N LEU A 401 31.40 -10.70 4.84
CA LEU A 401 31.57 -10.01 6.11
C LEU A 401 30.58 -10.51 7.15
N TRP A 402 29.33 -10.71 6.78
CA TRP A 402 28.28 -11.10 7.71
C TRP A 402 27.82 -12.53 7.48
N ARG A 403 28.74 -13.42 7.14
CA ARG A 403 28.40 -14.82 6.92
C ARG A 403 28.00 -15.49 8.23
N GLY A 404 26.93 -16.28 8.16
CA GLY A 404 26.48 -17.02 9.32
C GLY A 404 25.74 -16.22 10.37
N GLY A 405 25.37 -14.98 10.06
CA GLY A 405 24.68 -14.15 11.03
C GLY A 405 25.55 -13.40 12.00
N TYR A 406 26.86 -13.39 11.79
CA TYR A 406 27.80 -12.70 12.66
C TYR A 406 28.81 -11.95 11.81
N LEU A 407 29.42 -10.92 12.39
CA LEU A 407 30.48 -10.19 11.72
C LEU A 407 31.81 -10.91 11.91
N HIS A 408 32.50 -11.16 10.80
CA HIS A 408 33.75 -11.90 10.81
C HIS A 408 34.91 -10.92 10.90
N THR A 409 35.63 -10.95 12.02
CA THR A 409 36.75 -10.02 12.19
C THR A 409 37.98 -10.43 11.42
N GLY A 410 38.17 -11.72 11.15
CA GLY A 410 39.37 -12.18 10.49
C GLY A 410 40.54 -12.43 11.42
N ASP A 411 40.33 -12.44 12.73
CA ASP A 411 41.38 -12.71 13.69
C ASP A 411 41.13 -14.05 14.37
N VAL A 412 42.21 -14.81 14.58
CA VAL A 412 42.17 -16.12 15.21
C VAL A 412 42.71 -15.98 16.63
N ALA A 413 41.89 -16.38 17.60
CA ALA A 413 42.18 -16.19 19.02
C ALA A 413 41.58 -17.35 19.80
N HIS A 414 42.05 -17.50 21.04
CA HIS A 414 41.43 -18.41 22.01
C HIS A 414 41.00 -17.61 23.22
N ILE A 415 39.88 -18.01 23.82
CA ILE A 415 39.26 -17.28 24.92
C ILE A 415 39.36 -18.11 26.18
N ASP A 416 39.84 -17.50 27.25
CA ASP A 416 39.97 -18.16 28.54
C ASP A 416 38.60 -18.42 29.16
N ASP A 417 38.55 -19.18 30.23
CA ASP A 417 37.29 -19.39 30.98
C ASP A 417 36.77 -18.13 31.64
N GLU A 418 37.61 -17.36 32.29
CA GLU A 418 37.25 -16.09 32.88
C GLU A 418 36.78 -15.03 31.87
N GLY A 419 37.20 -15.14 30.63
CA GLY A 419 36.76 -14.21 29.63
C GLY A 419 37.86 -13.58 28.85
N PHE A 420 39.10 -13.73 29.27
CA PHE A 420 40.19 -13.06 28.57
C PHE A 420 40.36 -13.63 27.17
N ILE A 421 40.58 -12.75 26.21
CA ILE A 421 40.81 -13.11 24.82
C ILE A 421 42.28 -12.87 24.52
N LYS A 422 42.89 -13.81 23.80
CA LYS A 422 44.27 -13.67 23.35
C LYS A 422 44.32 -13.96 21.86
N ILE A 423 44.54 -12.91 21.06
CA ILE A 423 44.57 -13.08 19.62
C ILE A 423 45.89 -13.69 19.20
N THR A 424 45.81 -14.78 18.43
CA THR A 424 47.00 -15.52 18.00
C THR A 424 47.48 -15.06 16.64
N ASP A 425 46.57 -14.92 15.67
CA ASP A 425 47.00 -14.60 14.31
C ASP A 425 45.83 -14.09 13.50
N ARG A 426 46.01 -14.03 12.19
CA ARG A 426 44.94 -13.72 11.26
C ARG A 426 44.44 -15.00 10.60
N VAL A 427 43.21 -14.94 10.09
CA VAL A 427 42.63 -16.11 9.42
C VAL A 427 43.41 -16.44 8.15
N LYS A 428 43.75 -15.40 7.37
CA LYS A 428 44.48 -15.64 6.12
C LYS A 428 45.92 -16.05 6.38
N ASP A 429 46.49 -15.60 7.51
CA ASP A 429 47.86 -15.98 7.84
C ASP A 429 47.97 -17.34 8.51
N MET A 430 46.84 -18.03 8.71
CA MET A 430 46.85 -19.42 9.15
C MET A 430 47.34 -20.31 8.02
N ILE A 431 48.32 -21.16 8.33
CA ILE A 431 48.86 -22.09 7.34
C ILE A 431 48.40 -23.50 7.72
N LYS A 432 47.95 -24.25 6.72
CA LYS A 432 47.23 -25.51 6.94
C LYS A 432 48.14 -26.70 6.70
N ILE A 433 48.91 -27.04 7.74
CA ILE A 433 49.66 -28.29 7.73
C ILE A 433 48.72 -29.43 8.10
N SER A 434 48.69 -30.47 7.24
CA SER A 434 47.85 -31.63 7.46
C SER A 434 46.40 -31.23 7.77
N GLY A 435 45.98 -31.39 9.02
CA GLY A 435 44.63 -31.05 9.41
C GLY A 435 44.55 -29.99 10.50
N GLU A 436 45.69 -29.41 10.88
CA GLU A 436 45.74 -28.42 11.94
C GLU A 436 46.12 -27.05 11.39
N TRP A 437 45.96 -26.04 12.25
CA TRP A 437 46.25 -24.63 11.93
C TRP A 437 47.19 -24.10 13.00
N VAL A 438 48.47 -23.99 12.67
CA VAL A 438 49.42 -23.35 13.58
C VAL A 438 49.59 -21.90 13.14
N SER A 439 49.93 -21.04 14.09
CA SER A 439 50.08 -19.62 13.82
C SER A 439 51.50 -19.29 13.41
N SER A 440 51.64 -18.31 12.52
CA SER A 440 52.96 -17.85 12.09
C SER A 440 53.55 -16.78 13.00
N LEU A 441 52.73 -16.14 13.83
CA LEU A 441 53.25 -15.10 14.72
C LEU A 441 54.19 -15.69 15.77
N GLU A 442 53.86 -16.86 16.31
CA GLU A 442 54.75 -17.49 17.29
C GLU A 442 56.05 -17.92 16.63
N LEU A 443 55.99 -18.43 15.40
CA LEU A 443 57.21 -18.78 14.68
C LEU A 443 58.08 -17.56 14.42
N GLU A 444 57.46 -16.45 14.02
CA GLU A 444 58.21 -15.21 13.81
C GLU A 444 58.84 -14.73 15.11
N ASP A 445 58.11 -14.84 16.22
CA ASP A 445 58.65 -14.42 17.51
C ASP A 445 59.82 -15.30 17.92
N ILE A 446 59.72 -16.60 17.67
CA ILE A 446 60.82 -17.51 18.00
C ILE A 446 62.05 -17.20 17.16
N LEU A 447 61.86 -16.99 15.86
CA LEU A 447 63.00 -16.70 14.99
C LEU A 447 63.60 -15.33 15.30
N HIS A 448 62.78 -14.38 15.72
CA HIS A 448 63.28 -13.05 16.08
C HIS A 448 64.12 -13.08 17.34
N GLN A 449 64.00 -14.13 18.16
CA GLN A 449 64.81 -14.25 19.36
C GLN A 449 66.28 -14.50 19.06
N HIS A 450 66.62 -14.80 17.80
CA HIS A 450 68.01 -14.97 17.41
C HIS A 450 68.77 -13.65 17.57
N GLN A 451 70.05 -13.75 17.96
CA GLN A 451 70.85 -12.57 18.22
C GLN A 451 71.23 -11.83 16.93
N SER A 452 71.27 -12.51 15.79
CA SER A 452 71.73 -11.92 14.54
C SER A 452 70.59 -11.70 13.55
N VAL A 453 69.34 -11.76 13.99
CA VAL A 453 68.18 -11.66 13.12
C VAL A 453 67.48 -10.33 13.36
N SER A 454 67.19 -9.61 12.29
CA SER A 454 66.54 -8.30 12.36
C SER A 454 65.02 -8.40 12.28
N GLU A 455 64.49 -8.98 11.19
CA GLU A 455 63.06 -9.14 11.05
C GLU A 455 62.77 -10.47 10.36
N VAL A 456 61.57 -11.02 10.64
CA VAL A 456 61.18 -12.35 10.18
C VAL A 456 59.75 -12.27 9.64
N ALA A 457 59.51 -12.97 8.54
CA ALA A 457 58.15 -13.15 8.01
C ALA A 457 57.97 -14.62 7.64
N VAL A 458 56.88 -15.22 8.12
CA VAL A 458 56.59 -16.63 7.90
C VAL A 458 55.37 -16.73 6.99
N ILE A 459 55.49 -17.51 5.92
CA ILE A 459 54.43 -17.69 4.94
C ILE A 459 54.23 -19.17 4.69
N GLY A 460 53.20 -19.48 3.89
CA GLY A 460 52.87 -20.84 3.56
C GLY A 460 53.13 -21.17 2.09
N MET A 461 53.53 -22.41 1.85
CA MET A 461 53.77 -22.92 0.51
C MET A 461 53.08 -24.26 0.33
N PRO A 462 52.56 -24.55 -0.86
CA PRO A 462 51.83 -25.80 -1.07
C PRO A 462 52.73 -27.02 -1.00
N HIS A 463 52.12 -28.14 -0.57
CA HIS A 463 52.78 -29.44 -0.56
C HIS A 463 51.66 -30.47 -0.53
N ASN A 464 51.77 -31.48 -1.39
CA ASN A 464 50.64 -32.38 -1.66
C ASN A 464 50.17 -33.10 -0.41
N LYS A 465 51.10 -33.67 0.35
CA LYS A 465 50.70 -34.55 1.45
C LYS A 465 50.49 -33.81 2.75
N TRP A 466 51.07 -32.62 2.90
CA TRP A 466 51.02 -31.88 4.17
C TRP A 466 50.44 -30.48 4.02
N GLY A 467 49.64 -30.25 2.98
CA GLY A 467 48.96 -28.96 2.85
C GLY A 467 49.94 -27.81 2.71
N GLU A 468 49.62 -26.68 3.34
CA GLU A 468 50.48 -25.51 3.31
C GLU A 468 51.49 -25.60 4.44
N VAL A 469 52.78 -25.60 4.09
CA VAL A 469 53.85 -25.79 5.06
C VAL A 469 54.61 -24.48 5.16
N PRO A 470 55.46 -24.34 6.18
CA PRO A 470 56.05 -23.03 6.48
C PRO A 470 57.24 -22.67 5.60
N LEU A 471 57.49 -21.36 5.53
CA LEU A 471 58.69 -20.79 4.93
C LEU A 471 59.02 -19.50 5.67
N ALA A 472 60.29 -19.30 5.96
CA ALA A 472 60.74 -18.16 6.75
C ALA A 472 61.68 -17.27 5.94
N LEU A 473 61.37 -15.98 5.89
CA LEU A 473 62.24 -14.98 5.29
C LEU A 473 62.78 -14.10 6.41
N VAL A 474 64.11 -14.02 6.52
CA VAL A 474 64.74 -13.29 7.61
C VAL A 474 65.66 -12.22 7.01
N THR A 475 65.86 -11.14 7.76
CA THR A 475 66.82 -10.11 7.43
C THR A 475 67.90 -10.09 8.49
N LEU A 476 69.17 -10.08 8.06
CA LEU A 476 70.28 -10.15 8.97
C LEU A 476 70.71 -8.76 9.43
N LYS A 477 71.32 -8.70 10.61
CA LYS A 477 71.76 -7.45 11.20
C LYS A 477 73.09 -7.02 10.55
N GLU A 478 73.72 -6.01 11.13
CA GLU A 478 74.96 -5.48 10.57
C GLU A 478 76.10 -6.48 10.75
N ASP A 479 76.79 -6.79 9.65
CA ASP A 479 77.98 -7.64 9.66
C ASP A 479 77.70 -8.99 10.31
N ALA A 480 76.52 -9.53 10.05
CA ALA A 480 76.11 -10.82 10.57
C ALA A 480 75.82 -11.75 9.40
N GLN A 481 76.37 -12.97 9.45
CA GLN A 481 76.16 -13.97 8.40
C GLN A 481 75.98 -15.32 9.08
N VAL A 482 74.71 -15.71 9.24
CA VAL A 482 74.35 -17.01 9.80
C VAL A 482 73.64 -17.80 8.71
N THR A 483 74.07 -19.04 8.50
CA THR A 483 73.47 -19.86 7.47
C THR A 483 72.04 -20.27 7.84
N GLU A 484 71.30 -20.71 6.83
CA GLU A 484 69.94 -21.18 7.08
C GLU A 484 69.93 -22.41 7.99
N LYS A 485 71.01 -23.21 7.95
CA LYS A 485 71.09 -24.38 8.82
C LYS A 485 71.10 -23.98 10.30
N GLU A 486 71.83 -22.92 10.63
CA GLU A 486 71.87 -22.46 12.01
C GLU A 486 70.50 -22.02 12.51
N LEU A 487 69.76 -21.28 11.68
CA LEU A 487 68.41 -20.86 12.07
C LEU A 487 67.47 -22.06 12.19
N LEU A 488 67.58 -23.02 11.26
CA LEU A 488 66.78 -24.23 11.36
C LEU A 488 67.05 -24.94 12.68
N GLY A 489 68.32 -25.10 13.04
CA GLY A 489 68.65 -25.76 14.29
C GLY A 489 68.17 -24.99 15.51
N PHE A 490 68.30 -23.65 15.47
CA PHE A 490 67.86 -22.82 16.59
C PHE A 490 66.36 -22.96 16.80
N ALA A 491 65.58 -23.00 15.72
CA ALA A 491 64.15 -23.22 15.85
C ALA A 491 63.84 -24.64 16.31
N LYS A 492 64.63 -25.62 15.85
CA LYS A 492 64.40 -27.00 16.26
C LYS A 492 64.72 -27.22 17.72
N ASP A 493 65.56 -26.36 18.31
CA ASP A 493 65.98 -26.56 19.68
C ASP A 493 64.82 -26.41 20.67
N PHE A 494 63.81 -25.62 20.30
CA PHE A 494 62.69 -25.39 21.19
C PHE A 494 61.77 -26.61 21.24
N ILE A 495 60.86 -26.61 22.20
CA ILE A 495 60.00 -27.78 22.47
C ILE A 495 58.56 -27.36 22.70
N ASN A 496 57.72 -28.32 23.08
CA ASN A 496 56.33 -28.09 23.48
C ASN A 496 55.46 -27.53 22.36
N LYS A 497 55.32 -28.30 21.28
CA LYS A 497 54.34 -27.99 20.25
C LYS A 497 53.93 -29.28 19.56
N GLY A 498 52.76 -29.25 18.93
CA GLY A 498 52.21 -30.41 18.28
C GLY A 498 52.90 -30.72 16.96
N ILE A 499 52.15 -31.39 16.08
CA ILE A 499 52.57 -31.72 14.72
C ILE A 499 53.77 -32.65 14.79
N LEU A 500 54.37 -32.96 13.65
CA LEU A 500 55.50 -33.89 13.58
C LEU A 500 56.62 -33.44 14.48
N ALA A 501 56.92 -34.25 15.50
CA ALA A 501 57.90 -33.90 16.52
C ALA A 501 57.52 -32.56 17.13
N ARG A 502 58.10 -31.48 16.63
CA ARG A 502 57.68 -30.13 16.95
C ARG A 502 57.47 -29.32 15.68
N GLU A 503 56.96 -29.99 14.64
CA GLU A 503 56.81 -29.38 13.31
C GLU A 503 58.15 -28.82 12.81
N ALA A 504 59.21 -29.61 12.95
CA ALA A 504 60.52 -29.18 12.48
C ALA A 504 61.03 -30.16 11.42
N LEU A 505 60.51 -30.01 10.22
CA LEU A 505 61.19 -30.51 9.03
C LEU A 505 60.98 -29.61 7.83
N LEU A 506 60.25 -28.50 7.97
CA LEU A 506 59.80 -27.72 6.83
C LEU A 506 59.89 -26.22 7.10
N LEU A 507 60.75 -25.81 8.04
CA LEU A 507 60.86 -24.40 8.36
C LEU A 507 61.32 -23.61 7.13
N LYS A 508 62.31 -24.12 6.43
CA LYS A 508 62.75 -23.58 5.14
C LYS A 508 63.06 -22.09 5.24
N VAL A 509 63.91 -21.75 6.21
CA VAL A 509 64.29 -20.35 6.43
C VAL A 509 65.17 -19.89 5.28
N LYS A 510 64.93 -18.67 4.82
CA LYS A 510 65.69 -18.07 3.74
C LYS A 510 66.11 -16.66 4.13
N ILE A 511 67.29 -16.26 3.66
CA ILE A 511 67.87 -14.96 4.00
C ILE A 511 67.62 -14.02 2.82
N VAL A 512 66.92 -12.92 3.10
CA VAL A 512 66.63 -11.90 2.10
C VAL A 512 67.08 -10.55 2.66
N ASP A 513 67.61 -9.70 1.77
CA ASP A 513 68.13 -8.41 2.21
C ASP A 513 67.03 -7.54 2.80
N GLU A 514 65.86 -7.53 2.18
CA GLU A 514 64.76 -6.67 2.62
C GLU A 514 63.43 -7.41 2.48
N ILE A 515 62.42 -6.92 3.19
CA ILE A 515 61.08 -7.50 3.18
C ILE A 515 60.11 -6.39 2.81
N ALA A 516 59.20 -6.68 1.87
CA ALA A 516 58.25 -5.69 1.41
C ALA A 516 57.29 -5.28 2.53
N LYS A 517 56.90 -4.01 2.51
CA LYS A 517 56.02 -3.45 3.52
C LYS A 517 54.97 -2.56 2.87
N THR A 518 53.80 -2.47 3.50
CA THR A 518 52.75 -1.62 3.01
C THR A 518 53.14 -0.14 3.17
N SER A 519 52.31 0.74 2.60
CA SER A 519 52.51 2.17 2.79
C SER A 519 52.27 2.61 4.23
N VAL A 520 51.65 1.77 5.05
CA VAL A 520 51.37 2.09 6.45
C VAL A 520 52.50 1.55 7.32
N GLY A 521 53.13 0.45 6.88
CA GLY A 521 54.25 -0.11 7.60
C GLY A 521 54.02 -1.52 8.10
N LYS A 522 53.19 -2.28 7.41
CA LYS A 522 52.93 -3.67 7.75
C LYS A 522 53.50 -4.58 6.68
N VAL A 523 53.87 -5.79 7.09
CA VAL A 523 54.52 -6.72 6.18
C VAL A 523 53.59 -7.11 5.04
N ASP A 524 54.16 -7.25 3.84
CA ASP A 524 53.39 -7.58 2.64
C ASP A 524 53.39 -9.10 2.46
N LYS A 525 52.64 -9.78 3.32
CA LYS A 525 52.63 -11.23 3.29
C LYS A 525 52.06 -11.76 1.98
N LYS A 526 51.10 -11.01 1.44
CA LYS A 526 50.44 -11.37 0.18
C LYS A 526 51.29 -11.13 -1.05
N GLU A 527 52.01 -10.02 -1.11
CA GLU A 527 52.91 -9.84 -2.23
C GLU A 527 54.06 -10.84 -2.14
N LEU A 528 54.42 -11.30 -0.95
CA LEU A 528 55.42 -12.33 -0.84
C LEU A 528 54.85 -13.66 -1.27
N ARG A 529 53.54 -13.82 -1.07
CA ARG A 529 52.88 -15.07 -1.42
C ARG A 529 52.96 -15.08 -2.90
N LYS A 530 53.21 -13.93 -3.47
CA LYS A 530 53.26 -13.78 -4.91
C LYS A 530 54.69 -13.86 -5.43
N LEU A 531 55.64 -13.23 -4.73
CA LEU A 531 57.00 -13.15 -5.22
C LEU A 531 57.71 -14.50 -5.12
N HIS A 532 57.61 -15.16 -3.97
CA HIS A 532 58.38 -16.37 -3.71
C HIS A 532 57.68 -17.66 -4.14
N LEU A 533 56.41 -17.57 -4.53
CA LEU A 533 55.66 -18.75 -4.96
C LEU A 533 54.36 -18.36 -5.67
N TYR B 4 8.61 -14.80 -11.59
CA TYR B 4 7.96 -13.87 -12.52
C TYR B 4 6.77 -14.54 -13.20
N VAL B 5 5.58 -13.97 -13.00
CA VAL B 5 4.36 -14.46 -13.61
C VAL B 5 3.92 -13.47 -14.67
N ASN B 6 3.61 -13.98 -15.86
CA ASN B 6 3.25 -13.14 -17.00
C ASN B 6 2.00 -13.69 -17.65
N ASP B 7 1.07 -12.82 -17.99
CA ASP B 7 0.01 -13.25 -18.88
C ASP B 7 0.53 -13.29 -20.31
N PRO B 8 0.08 -14.25 -21.11
CA PRO B 8 0.59 -14.34 -22.49
C PRO B 8 0.14 -13.20 -23.37
N SER B 9 -0.90 -12.46 -22.97
CA SER B 9 -1.31 -11.29 -23.73
C SER B 9 -0.21 -10.22 -23.72
N ASN B 10 0.41 -10.01 -22.57
CA ASN B 10 1.47 -9.01 -22.46
C ASN B 10 2.76 -9.57 -23.07
N TYR B 11 3.28 -8.87 -24.07
CA TYR B 11 4.45 -9.30 -24.81
C TYR B 11 5.68 -8.56 -24.31
N GLN B 12 6.74 -9.30 -24.00
CA GLN B 12 8.01 -8.73 -23.58
C GLN B 12 9.00 -8.83 -24.73
N LEU B 13 9.72 -7.74 -24.98
CA LEU B 13 10.74 -7.72 -26.03
C LEU B 13 12.04 -8.28 -25.46
N LEU B 14 12.37 -9.50 -25.83
CA LEU B 14 13.54 -10.19 -25.29
C LEU B 14 14.45 -10.61 -26.42
N ILE B 15 15.71 -10.89 -26.07
CA ILE B 15 16.70 -11.32 -27.06
C ILE B 15 16.39 -12.72 -27.57
N LYS B 16 15.75 -13.54 -26.73
CA LYS B 16 15.36 -14.88 -27.18
C LYS B 16 14.37 -14.82 -28.33
N ASN B 17 13.50 -13.81 -28.34
CA ASN B 17 12.62 -13.60 -29.48
C ASN B 17 13.40 -13.16 -30.69
N LEU B 18 14.50 -12.43 -30.48
CA LEU B 18 15.34 -12.02 -31.59
C LEU B 18 16.02 -13.21 -32.25
N LEU B 19 16.37 -14.22 -31.45
CA LEU B 19 17.03 -15.40 -31.99
C LEU B 19 16.06 -16.44 -32.54
N PHE B 20 14.95 -16.69 -31.85
CA PHE B 20 14.03 -17.75 -32.22
C PHE B 20 12.86 -17.28 -33.07
N SER B 21 12.70 -15.98 -33.26
CA SER B 21 11.68 -15.43 -34.15
C SER B 21 12.32 -14.41 -35.07
N PRO B 22 13.20 -14.84 -35.97
CA PRO B 22 13.95 -13.91 -36.79
C PRO B 22 13.12 -13.39 -37.96
N VAL B 23 13.74 -12.50 -38.73
CA VAL B 23 13.17 -12.13 -40.03
C VAL B 23 13.22 -13.32 -40.98
N ALA B 24 14.33 -14.04 -40.98
CA ALA B 24 14.49 -15.23 -41.80
C ALA B 24 15.36 -16.23 -41.04
N PHE B 25 15.07 -17.51 -41.20
CA PHE B 25 15.87 -18.58 -40.62
C PHE B 25 16.17 -19.62 -41.69
N ASN B 26 17.45 -19.81 -41.97
CA ASN B 26 17.92 -20.81 -42.93
C ASN B 26 18.75 -21.85 -42.19
N PRO B 27 18.24 -23.07 -42.00
CA PRO B 27 19.00 -24.06 -41.22
C PRO B 27 20.36 -24.40 -41.79
N GLU B 28 20.53 -24.37 -43.11
CA GLU B 28 21.80 -24.72 -43.71
C GLU B 28 22.74 -23.53 -43.86
N GLN B 29 22.30 -22.33 -43.53
CA GLN B 29 23.20 -21.19 -43.50
C GLN B 29 24.27 -21.40 -42.44
N GLU B 30 25.48 -20.90 -42.70
CA GLU B 30 26.64 -21.27 -41.91
C GLU B 30 27.22 -20.08 -41.15
N ILE B 31 27.88 -20.39 -40.04
CA ILE B 31 28.73 -19.47 -39.30
C ILE B 31 30.16 -19.98 -39.48
N VAL B 32 31.06 -19.08 -39.86
CA VAL B 32 32.44 -19.43 -40.17
C VAL B 32 33.36 -18.69 -39.21
N TYR B 33 34.17 -19.45 -38.48
CA TYR B 33 35.32 -18.92 -37.76
C TYR B 33 36.55 -19.18 -38.62
N ALA B 34 37.32 -18.13 -38.90
CA ALA B 34 38.26 -18.09 -40.01
C ALA B 34 39.22 -19.28 -40.04
N ASN B 35 39.07 -20.14 -41.05
CA ASN B 35 39.94 -21.29 -41.27
C ASN B 35 40.04 -22.20 -40.04
N HIS B 36 39.15 -22.01 -39.06
CA HIS B 36 39.17 -22.79 -37.83
C HIS B 36 37.93 -23.65 -37.68
N ARG B 37 36.75 -23.08 -37.89
CA ARG B 37 35.52 -23.81 -37.63
C ARG B 37 34.45 -23.33 -38.58
N ARG B 38 33.44 -24.17 -38.81
CA ARG B 38 32.36 -23.85 -39.73
C ARG B 38 31.17 -24.73 -39.38
N HIS B 39 30.05 -24.11 -39.02
CA HIS B 39 28.89 -24.91 -38.63
C HIS B 39 27.60 -24.14 -38.94
N SER B 40 26.55 -24.88 -39.27
CA SER B 40 25.31 -24.28 -39.74
C SER B 40 24.56 -23.61 -38.58
N TYR B 41 23.43 -22.98 -38.91
CA TYR B 41 22.61 -22.32 -37.89
C TYR B 41 21.95 -23.31 -36.93
N LYS B 42 21.65 -24.53 -37.39
CA LYS B 42 21.16 -25.56 -36.48
C LYS B 42 22.17 -25.83 -35.37
N THR B 43 23.43 -26.01 -35.75
CA THR B 43 24.50 -26.20 -34.78
C THR B 43 24.65 -24.99 -33.87
N PHE B 44 24.47 -23.78 -34.39
CA PHE B 44 24.56 -22.58 -33.57
C PHE B 44 23.47 -22.58 -32.50
N HIS B 45 22.24 -22.93 -32.89
CA HIS B 45 21.15 -23.01 -31.90
C HIS B 45 21.41 -24.08 -30.86
N ASP B 46 21.88 -25.25 -31.29
CA ASP B 46 22.21 -26.31 -30.35
C ASP B 46 23.30 -25.89 -29.38
N ARG B 47 24.32 -25.19 -29.89
CA ARG B 47 25.41 -24.74 -29.04
C ARG B 47 24.96 -23.67 -28.06
N VAL B 48 24.02 -22.82 -28.47
CA VAL B 48 23.47 -21.84 -27.55
C VAL B 48 22.75 -22.52 -26.40
N ARG B 49 21.95 -23.55 -26.70
CA ARG B 49 21.25 -24.27 -25.63
C ARG B 49 22.22 -25.04 -24.75
N GLN B 50 23.27 -25.62 -25.35
CA GLN B 50 24.31 -26.30 -24.57
C GLN B 50 25.02 -25.32 -23.63
N PHE B 51 25.34 -24.12 -24.13
CA PHE B 51 26.00 -23.12 -23.30
C PHE B 51 25.09 -22.68 -22.16
N ALA B 52 23.79 -22.57 -22.43
CA ALA B 52 22.84 -22.29 -21.36
C ALA B 52 22.86 -23.37 -20.29
N ASN B 53 22.86 -24.63 -20.71
CA ASN B 53 22.94 -25.73 -19.75
C ASN B 53 24.22 -25.68 -18.94
N ALA B 54 25.34 -25.41 -19.60
CA ALA B 54 26.63 -25.36 -18.91
C ALA B 54 26.66 -24.22 -17.90
N LEU B 55 26.14 -23.06 -18.27
CA LEU B 55 26.10 -21.94 -17.34
C LEU B 55 25.20 -22.23 -16.15
N THR B 56 24.07 -22.89 -16.39
CA THR B 56 23.20 -23.26 -15.28
C THR B 56 23.90 -24.25 -14.35
N LYS B 57 24.70 -25.16 -14.91
CA LYS B 57 25.42 -26.12 -14.09
C LYS B 57 26.49 -25.46 -13.23
N MET B 58 27.04 -24.32 -13.68
CA MET B 58 28.09 -23.65 -12.94
C MET B 58 27.57 -22.78 -11.80
N GLY B 59 26.27 -22.65 -11.64
CA GLY B 59 25.70 -21.82 -10.62
C GLY B 59 25.35 -20.41 -11.04
N VAL B 60 25.34 -20.12 -12.34
CA VAL B 60 24.96 -18.79 -12.81
C VAL B 60 23.46 -18.62 -12.68
N LYS B 61 23.04 -17.51 -12.09
CA LYS B 61 21.65 -17.22 -11.79
C LYS B 61 21.20 -16.01 -12.61
N LYS B 62 19.98 -15.54 -12.33
CA LYS B 62 19.45 -14.40 -13.07
C LYS B 62 20.25 -13.14 -12.83
N GLY B 63 20.64 -12.88 -11.59
CA GLY B 63 21.37 -11.66 -11.33
C GLY B 63 22.86 -11.70 -11.59
N ASP B 64 23.42 -12.87 -11.91
CA ASP B 64 24.86 -13.02 -11.99
C ASP B 64 25.42 -12.31 -13.22
N THR B 65 26.74 -12.15 -13.24
CA THR B 65 27.44 -11.45 -14.30
C THR B 65 28.59 -12.32 -14.80
N VAL B 66 28.71 -12.43 -16.12
CA VAL B 66 29.76 -13.21 -16.77
C VAL B 66 30.59 -12.27 -17.63
N ALA B 67 31.91 -12.33 -17.47
CA ALA B 67 32.83 -11.48 -18.19
C ALA B 67 33.49 -12.26 -19.32
N VAL B 68 33.71 -11.61 -20.45
CA VAL B 68 34.29 -12.24 -21.63
C VAL B 68 35.48 -11.40 -22.10
N MET B 69 36.57 -12.07 -22.46
CA MET B 69 37.80 -11.41 -22.91
C MET B 69 38.43 -12.24 -24.02
N ASP B 70 38.05 -11.97 -25.27
CA ASP B 70 38.63 -12.67 -26.41
C ASP B 70 38.37 -11.85 -27.67
N TYR B 71 38.71 -12.42 -28.83
CA TYR B 71 38.54 -11.76 -30.11
C TYR B 71 37.19 -12.09 -30.71
N ASP B 72 36.96 -11.70 -31.96
CA ASP B 72 35.71 -11.99 -32.63
C ASP B 72 35.72 -13.43 -33.15
N SER B 73 34.75 -14.21 -32.69
CA SER B 73 34.68 -15.63 -33.04
C SER B 73 33.24 -16.09 -32.82
N HIS B 74 32.99 -17.35 -33.14
CA HIS B 74 31.68 -17.94 -32.90
C HIS B 74 31.37 -17.98 -31.40
N ARG B 75 32.36 -17.98 -30.57
CA ARG B 75 32.13 -18.10 -29.17
C ARG B 75 31.55 -16.88 -28.64
N TYR B 76 31.93 -15.74 -29.17
CA TYR B 76 31.43 -14.47 -28.73
C TYR B 76 30.05 -14.21 -29.21
N LEU B 77 29.69 -14.77 -30.32
CA LEU B 77 28.37 -14.67 -30.82
C LEU B 77 27.51 -15.53 -30.01
N GLU B 78 28.04 -16.62 -29.55
CA GLU B 78 27.22 -17.42 -28.64
C GLU B 78 27.07 -16.76 -27.28
N CYS B 79 28.09 -16.03 -26.83
CA CYS B 79 27.96 -15.30 -25.58
C CYS B 79 27.02 -14.12 -25.72
N TYR B 80 26.91 -13.54 -26.92
CA TYR B 80 25.99 -12.43 -27.15
C TYR B 80 24.55 -12.84 -26.95
N PHE B 81 24.25 -14.14 -27.01
CA PHE B 81 22.90 -14.64 -26.88
C PHE B 81 22.69 -15.41 -25.58
N ALA B 82 23.52 -16.42 -25.30
CA ALA B 82 23.22 -17.37 -24.23
C ALA B 82 23.15 -16.68 -22.87
N ILE B 83 24.10 -15.80 -22.57
CA ILE B 83 24.19 -15.17 -21.25
C ILE B 83 22.97 -14.29 -20.98
N PRO B 84 22.56 -13.39 -21.89
CA PRO B 84 21.33 -12.62 -21.62
C PRO B 84 20.06 -13.44 -21.51
N MET B 85 19.92 -14.53 -22.29
CA MET B 85 18.68 -15.30 -22.26
C MET B 85 18.46 -15.93 -20.90
N ILE B 86 19.46 -16.54 -20.34
CA ILE B 86 19.36 -17.16 -19.06
C ILE B 86 19.13 -16.15 -17.99
N GLY B 87 19.22 -14.87 -18.28
CA GLY B 87 18.96 -13.80 -17.35
C GLY B 87 20.12 -13.08 -16.76
N ALA B 88 21.36 -13.47 -16.99
CA ALA B 88 22.60 -12.91 -16.47
C ALA B 88 23.01 -11.68 -17.27
N LYS B 89 24.05 -11.01 -16.78
CA LYS B 89 24.60 -9.82 -17.41
C LYS B 89 25.88 -10.19 -18.15
N LEU B 90 25.97 -9.77 -19.41
CA LEU B 90 27.17 -9.96 -20.21
C LEU B 90 28.04 -8.72 -20.08
N HIS B 91 29.18 -8.86 -19.40
CA HIS B 91 30.13 -7.78 -19.24
C HIS B 91 31.23 -7.94 -20.29
N MET B 92 31.40 -6.92 -21.12
CA MET B 92 32.39 -6.94 -22.19
C MET B 92 33.63 -6.19 -21.72
N ILE B 93 34.78 -6.86 -21.76
CA ILE B 93 36.03 -6.32 -21.26
C ILE B 93 36.85 -5.78 -22.42
N ASN B 94 37.26 -4.52 -22.32
CA ASN B 94 38.11 -3.88 -23.33
C ASN B 94 39.54 -4.39 -23.12
N VAL B 95 40.00 -5.25 -24.02
CA VAL B 95 41.32 -5.85 -23.88
C VAL B 95 42.42 -4.85 -24.18
N ARG B 96 42.09 -3.67 -24.68
CA ARG B 96 43.09 -2.66 -25.01
C ARG B 96 43.38 -1.71 -23.86
N LEU B 97 42.65 -1.80 -22.75
CA LEU B 97 42.94 -0.97 -21.60
C LEU B 97 44.17 -1.51 -20.86
N SER B 98 44.69 -0.70 -19.95
CA SER B 98 45.78 -1.12 -19.09
C SER B 98 45.29 -2.17 -18.10
N PRO B 99 46.19 -3.01 -17.58
CA PRO B 99 45.75 -4.00 -16.58
C PRO B 99 45.10 -3.38 -15.34
N GLU B 100 45.55 -2.18 -14.95
CA GLU B 100 44.92 -1.50 -13.82
C GLU B 100 43.47 -1.17 -14.10
N GLN B 101 43.18 -0.64 -15.29
CA GLN B 101 41.80 -0.30 -15.64
C GLN B 101 40.94 -1.55 -15.78
N ILE B 102 41.51 -2.62 -16.35
CA ILE B 102 40.78 -3.87 -16.49
C ILE B 102 40.42 -4.43 -15.11
N LEU B 103 41.39 -4.41 -14.19
CA LEU B 103 41.13 -4.86 -12.83
C LEU B 103 40.07 -4.01 -12.16
N TYR B 104 40.12 -2.68 -12.37
CA TYR B 104 39.10 -1.81 -11.81
C TYR B 104 37.72 -2.18 -12.32
N THR B 105 37.59 -2.40 -13.63
CA THR B 105 36.28 -2.72 -14.19
C THR B 105 35.77 -4.06 -13.70
N ILE B 106 36.66 -5.05 -13.57
CA ILE B 106 36.25 -6.36 -13.06
C ILE B 106 35.78 -6.24 -11.62
N ASP B 107 36.49 -5.46 -10.80
CA ASP B 107 36.06 -5.25 -9.43
C ASP B 107 34.74 -4.49 -9.35
N HIS B 108 34.57 -3.48 -10.22
CA HIS B 108 33.38 -2.65 -10.18
C HIS B 108 32.14 -3.43 -10.61
N ALA B 109 32.24 -4.20 -11.68
CA ALA B 109 31.10 -4.98 -12.15
C ALA B 109 30.82 -6.20 -11.30
N GLU B 110 31.81 -6.66 -10.52
CA GLU B 110 31.68 -7.84 -9.67
C GLU B 110 31.33 -9.07 -10.49
N ASP B 111 32.24 -9.43 -11.40
CA ASP B 111 32.03 -10.58 -12.27
C ASP B 111 32.11 -11.88 -11.48
N ASP B 112 31.25 -12.82 -11.83
CA ASP B 112 31.22 -14.12 -11.16
C ASP B 112 32.10 -15.15 -11.88
N ILE B 113 32.00 -15.21 -13.20
CA ILE B 113 32.74 -16.17 -14.01
C ILE B 113 33.40 -15.41 -15.14
N ILE B 114 34.64 -15.75 -15.46
CA ILE B 114 35.40 -15.06 -16.49
C ILE B 114 35.82 -16.05 -17.56
N LEU B 115 35.38 -15.81 -18.79
CA LEU B 115 35.86 -16.52 -19.97
C LEU B 115 36.95 -15.69 -20.61
N ILE B 116 38.14 -16.25 -20.74
CA ILE B 116 39.31 -15.49 -21.20
C ILE B 116 40.06 -16.32 -22.23
N HIS B 117 40.49 -15.67 -23.30
CA HIS B 117 41.29 -16.34 -24.31
C HIS B 117 42.69 -16.63 -23.77
N GLU B 118 43.33 -17.62 -24.40
CA GLU B 118 44.63 -18.10 -23.92
C GLU B 118 45.70 -17.02 -24.02
N GLU B 119 45.79 -16.32 -25.15
CA GLU B 119 46.85 -15.34 -25.31
C GLU B 119 46.56 -14.02 -24.61
N PHE B 120 45.41 -13.90 -23.96
CA PHE B 120 45.16 -12.81 -23.01
C PHE B 120 45.53 -13.21 -21.59
N LEU B 121 46.03 -14.42 -21.39
CA LEU B 121 46.39 -14.87 -20.05
C LEU B 121 47.46 -14.03 -19.37
N PRO B 122 48.55 -13.60 -20.02
CA PRO B 122 49.55 -12.78 -19.30
C PRO B 122 48.97 -11.53 -18.68
N ILE B 123 48.02 -10.86 -19.36
CA ILE B 123 47.39 -9.68 -18.79
C ILE B 123 46.73 -10.03 -17.45
N LEU B 124 46.07 -11.17 -17.38
CA LEU B 124 45.47 -11.61 -16.14
C LEU B 124 46.53 -11.99 -15.11
N ASP B 125 47.68 -12.50 -15.56
CA ASP B 125 48.68 -13.03 -14.65
C ASP B 125 49.18 -11.97 -13.68
N GLN B 126 49.19 -10.71 -14.11
CA GLN B 126 49.68 -9.65 -13.23
C GLN B 126 48.57 -8.95 -12.46
N ILE B 127 47.32 -9.40 -12.58
CA ILE B 127 46.24 -8.86 -11.76
C ILE B 127 45.45 -10.00 -11.14
N LYS B 128 46.00 -11.21 -11.21
CA LYS B 128 45.28 -12.40 -10.77
C LYS B 128 44.98 -12.34 -9.27
N GLY B 129 46.00 -12.02 -8.46
CA GLY B 129 45.83 -12.01 -7.02
C GLY B 129 45.00 -10.86 -6.50
N ARG B 130 44.94 -9.76 -7.26
CA ARG B 130 44.15 -8.61 -6.85
C ARG B 130 42.65 -8.84 -7.02
N ILE B 131 42.27 -9.83 -7.84
CA ILE B 131 40.89 -10.06 -8.21
C ILE B 131 40.22 -10.91 -7.15
N ASP B 132 39.01 -10.52 -6.75
CA ASP B 132 38.19 -11.30 -5.84
C ASP B 132 36.88 -11.62 -6.54
N THR B 133 35.92 -12.16 -5.79
CA THR B 133 34.52 -12.32 -6.22
C THR B 133 34.39 -13.09 -7.55
N VAL B 134 35.47 -13.69 -8.03
CA VAL B 134 35.47 -14.47 -9.25
C VAL B 134 35.73 -15.92 -8.89
N THR B 135 34.81 -16.81 -9.28
CA THR B 135 34.85 -18.20 -8.86
C THR B 135 35.44 -19.13 -9.92
N ARG B 136 35.31 -18.81 -11.20
CA ARG B 136 35.80 -19.72 -12.23
C ARG B 136 36.37 -18.95 -13.40
N TYR B 137 37.47 -19.48 -13.95
CA TYR B 137 38.07 -19.01 -15.17
C TYR B 137 37.95 -20.10 -16.22
N VAL B 138 37.43 -19.75 -17.38
CA VAL B 138 37.30 -20.65 -18.53
C VAL B 138 38.26 -20.17 -19.61
N VAL B 139 39.26 -20.99 -19.91
CA VAL B 139 40.29 -20.63 -20.89
C VAL B 139 39.84 -21.07 -22.27
N LEU B 140 39.88 -20.14 -23.22
CA LEU B 140 39.46 -20.39 -24.59
C LEU B 140 40.69 -20.60 -25.47
N ARG B 141 40.57 -21.50 -26.44
CA ARG B 141 41.66 -21.83 -27.35
C ARG B 141 41.09 -22.03 -28.74
N ASP B 142 41.96 -21.98 -29.74
CA ASP B 142 41.58 -22.17 -31.12
C ASP B 142 41.76 -23.61 -31.60
N ASP B 143 42.13 -24.53 -30.71
CA ASP B 143 42.29 -25.94 -31.02
C ASP B 143 41.31 -26.76 -30.19
N GLU B 144 41.49 -28.08 -30.20
CA GLU B 144 40.59 -28.97 -29.48
C GLU B 144 40.75 -28.88 -27.96
N GLU B 145 41.79 -28.20 -27.47
CA GLU B 145 42.03 -28.12 -26.03
C GLU B 145 41.22 -27.03 -25.34
N CYS B 146 40.30 -26.38 -26.04
CA CYS B 146 39.51 -25.31 -25.45
C CYS B 146 38.64 -25.84 -24.32
N GLU B 147 38.62 -25.11 -23.20
CA GLU B 147 37.75 -25.49 -22.09
C GLU B 147 36.30 -25.18 -22.39
N TYR B 148 36.04 -24.16 -23.21
CA TYR B 148 34.67 -23.84 -23.61
C TYR B 148 34.03 -24.99 -24.38
N GLU B 149 34.76 -25.57 -25.33
CA GLU B 149 34.22 -26.69 -26.09
C GLU B 149 34.01 -27.91 -25.18
N ARG B 150 34.96 -28.17 -24.28
CA ARG B 150 34.83 -29.30 -23.37
C ARG B 150 33.60 -29.14 -22.48
N LEU B 151 33.37 -27.93 -21.99
CA LEU B 151 32.18 -27.67 -21.19
C LEU B 151 30.91 -27.81 -22.00
N LEU B 152 30.83 -27.41 -23.22
CA LEU B 152 29.65 -27.62 -24.03
C LEU B 152 29.44 -29.07 -24.32
N GLU B 153 30.43 -29.87 -24.65
CA GLU B 153 30.16 -31.26 -25.01
C GLU B 153 29.44 -32.02 -23.90
N GLN B 154 29.73 -31.72 -22.66
CA GLN B 154 29.13 -32.44 -21.57
C GLN B 154 27.69 -32.13 -21.36
N GLU B 155 27.07 -31.39 -22.25
CA GLU B 155 25.71 -30.92 -22.03
C GLU B 155 24.71 -31.34 -23.09
N SER B 156 23.43 -31.13 -22.81
CA SER B 156 22.44 -31.53 -23.80
C SER B 156 21.99 -30.32 -24.62
N THR B 157 21.47 -30.61 -25.82
CA THR B 157 21.04 -29.55 -26.72
C THR B 157 19.65 -29.04 -26.39
N GLU B 158 18.98 -29.62 -25.40
CA GLU B 158 17.66 -29.14 -24.98
C GLU B 158 17.80 -28.07 -23.90
N TYR B 159 16.91 -27.08 -23.93
CA TYR B 159 16.82 -26.07 -22.89
C TYR B 159 15.54 -25.28 -23.08
N ASN B 160 14.92 -24.89 -21.97
CA ASN B 160 13.70 -24.08 -21.96
C ASN B 160 14.06 -22.71 -21.41
N PHE B 161 14.11 -21.72 -22.29
CA PHE B 161 14.60 -20.40 -21.90
C PHE B 161 13.51 -19.64 -21.17
N PRO B 162 13.82 -19.00 -20.03
CA PRO B 162 12.79 -18.33 -19.24
C PRO B 162 12.27 -17.08 -19.92
N ASP B 163 11.09 -16.66 -19.46
CA ASP B 163 10.49 -15.39 -19.85
C ASP B 163 10.46 -14.48 -18.63
N PHE B 164 11.05 -13.29 -18.77
CA PHE B 164 11.11 -12.35 -17.67
C PHE B 164 10.78 -10.96 -18.22
N ASP B 165 10.88 -9.97 -17.34
CA ASP B 165 10.59 -8.60 -17.73
C ASP B 165 11.60 -8.10 -18.75
N GLU B 166 11.13 -7.29 -19.69
CA GLU B 166 12.00 -6.79 -20.75
C GLU B 166 12.96 -5.72 -20.27
N ASN B 167 12.81 -5.22 -19.06
CA ASN B 167 13.69 -4.18 -18.53
C ASN B 167 14.85 -4.74 -17.73
N THR B 168 15.02 -6.06 -17.68
CA THR B 168 16.19 -6.64 -17.02
C THR B 168 17.43 -6.36 -17.85
N VAL B 169 18.52 -6.01 -17.16
CA VAL B 169 19.76 -5.63 -17.82
C VAL B 169 20.36 -6.85 -18.52
N ALA B 170 20.81 -6.64 -19.75
CA ALA B 170 21.37 -7.69 -20.59
C ALA B 170 22.88 -7.58 -20.76
N THR B 171 23.39 -6.39 -21.12
CA THR B 171 24.80 -6.21 -21.40
C THR B 171 25.33 -4.99 -20.69
N THR B 172 26.65 -4.98 -20.47
CA THR B 172 27.32 -3.84 -19.87
C THR B 172 28.77 -3.82 -20.35
N PHE B 173 29.33 -2.62 -20.42
CA PHE B 173 30.74 -2.42 -20.74
C PHE B 173 31.15 -1.06 -20.22
N TYR B 174 32.43 -0.78 -20.20
CA TYR B 174 32.94 0.40 -19.61
C TYR B 174 33.59 1.23 -20.59
N THR B 175 33.42 2.52 -20.46
CA THR B 175 34.04 3.47 -21.35
C THR B 175 34.95 4.36 -20.58
N THR B 176 36.03 4.78 -21.20
CA THR B 176 36.92 5.71 -20.55
C THR B 176 36.33 7.09 -20.49
N GLY B 177 36.40 7.81 -21.59
CA GLY B 177 35.89 9.17 -21.66
C GLY B 177 36.86 10.15 -21.03
N THR B 178 36.30 11.22 -20.46
CA THR B 178 37.08 12.28 -19.84
C THR B 178 37.19 12.14 -18.33
N THR B 179 36.57 11.12 -17.75
CA THR B 179 36.56 10.96 -16.30
C THR B 179 37.86 10.33 -15.82
N GLY B 180 38.05 10.35 -14.51
CA GLY B 180 39.24 9.75 -13.90
C GLY B 180 39.22 8.24 -13.87
N PHE B 181 38.04 7.63 -13.86
CA PHE B 181 37.88 6.19 -13.87
C PHE B 181 36.92 5.80 -14.99
N PRO B 182 37.01 4.57 -15.49
CA PRO B 182 36.06 4.13 -16.51
C PRO B 182 34.63 4.15 -15.99
N LYS B 183 33.69 4.49 -16.87
CA LYS B 183 32.28 4.58 -16.54
C LYS B 183 31.53 3.41 -17.15
N GLY B 184 30.63 2.82 -16.37
CA GLY B 184 29.89 1.66 -16.82
C GLY B 184 28.54 2.02 -17.39
N VAL B 185 28.25 1.52 -18.57
CA VAL B 185 26.98 1.74 -19.25
C VAL B 185 26.32 0.40 -19.47
N PHE B 186 24.99 0.35 -19.34
CA PHE B 186 24.25 -0.89 -19.42
C PHE B 186 23.01 -0.68 -20.27
N PHE B 187 22.52 -1.78 -20.83
CA PHE B 187 21.33 -1.77 -21.68
C PHE B 187 20.46 -2.96 -21.31
N THR B 188 19.18 -2.86 -21.62
CA THR B 188 18.22 -3.91 -21.31
C THR B 188 17.89 -4.71 -22.57
N HIS B 189 17.09 -5.76 -22.38
CA HIS B 189 16.63 -6.57 -23.51
C HIS B 189 15.80 -5.74 -24.47
N ARG B 190 14.89 -4.92 -23.92
CA ARG B 190 14.02 -4.11 -24.75
C ARG B 190 14.81 -3.12 -25.59
N GLN B 191 15.82 -2.49 -24.99
CA GLN B 191 16.65 -1.53 -25.72
C GLN B 191 17.39 -2.19 -26.88
N LEU B 192 17.95 -3.38 -26.66
CA LEU B 192 18.69 -4.05 -27.72
C LEU B 192 17.76 -4.50 -28.84
N VAL B 193 16.59 -5.03 -28.50
CA VAL B 193 15.62 -5.43 -29.52
C VAL B 193 15.17 -4.22 -30.32
N LEU B 194 14.89 -3.11 -29.64
CA LEU B 194 14.44 -1.91 -30.34
C LEU B 194 15.55 -1.34 -31.21
N HIS B 195 16.80 -1.41 -30.76
CA HIS B 195 17.91 -0.94 -31.58
C HIS B 195 18.03 -1.76 -32.85
N THR B 196 17.90 -3.08 -32.73
CA THR B 196 17.93 -3.92 -33.93
C THR B 196 16.80 -3.58 -34.88
N MET B 197 15.57 -3.48 -34.37
CA MET B 197 14.42 -3.13 -35.21
C MET B 197 14.61 -1.79 -35.89
N GLY B 198 15.00 -0.76 -35.14
CA GLY B 198 15.10 0.57 -35.71
C GLY B 198 16.19 0.68 -36.75
N ILE B 199 17.37 0.13 -36.48
CA ILE B 199 18.45 0.25 -37.45
C ILE B 199 18.14 -0.57 -38.69
N LEU B 200 17.50 -1.73 -38.53
CA LEU B 200 17.12 -2.52 -39.70
C LEU B 200 16.07 -1.79 -40.54
N SER B 201 15.12 -1.12 -39.89
CA SER B 201 14.14 -0.32 -40.62
C SER B 201 14.79 0.86 -41.33
N THR B 202 15.82 1.46 -40.74
CA THR B 202 16.46 2.62 -41.35
C THR B 202 17.34 2.24 -42.54
N ILE B 203 18.27 1.32 -42.34
CA ILE B 203 19.22 1.03 -43.41
C ILE B 203 18.71 -0.05 -44.35
N GLY B 204 17.76 -0.87 -43.91
CA GLY B 204 17.22 -1.90 -44.78
C GLY B 204 16.34 -1.37 -45.89
N THR B 205 15.72 -0.21 -45.69
CA THR B 205 14.75 0.34 -46.63
C THR B 205 15.37 1.32 -47.62
N ASN B 206 16.69 1.46 -47.64
CA ASN B 206 17.31 2.33 -48.64
C ASN B 206 17.09 1.76 -50.03
N ALA B 207 17.00 2.66 -51.01
CA ALA B 207 16.64 2.24 -52.36
C ALA B 207 17.73 1.38 -52.99
N SER B 208 18.93 1.93 -53.16
CA SER B 208 19.97 1.21 -53.89
C SER B 208 21.37 1.37 -53.31
N GLN B 209 21.55 2.07 -52.20
CA GLN B 209 22.88 2.34 -51.68
C GLN B 209 22.94 2.05 -50.19
N GLY B 210 24.01 1.39 -49.76
CA GLY B 210 24.29 1.22 -48.35
C GLY B 210 23.21 0.54 -47.55
N ARG B 211 22.66 -0.56 -48.07
CA ARG B 211 21.57 -1.26 -47.42
C ARG B 211 22.03 -2.65 -47.01
N LEU B 212 21.58 -3.10 -45.85
CA LEU B 212 21.82 -4.44 -45.36
C LEU B 212 20.56 -5.27 -45.60
N HIS B 213 20.66 -6.29 -46.43
CA HIS B 213 19.52 -7.13 -46.75
C HIS B 213 19.85 -8.60 -46.48
N GLN B 214 18.88 -9.46 -46.77
CA GLN B 214 18.99 -10.87 -46.42
C GLN B 214 19.96 -11.64 -47.31
N GLY B 215 20.46 -11.03 -48.38
CA GLY B 215 21.41 -11.69 -49.23
C GLY B 215 22.87 -11.36 -48.97
N ASP B 216 23.18 -10.68 -47.87
CA ASP B 216 24.53 -10.22 -47.59
C ASP B 216 25.32 -11.27 -46.79
N ILE B 217 26.63 -11.08 -46.77
CA ILE B 217 27.54 -11.88 -45.95
C ILE B 217 28.29 -10.93 -45.02
N TYR B 218 28.20 -11.16 -43.72
CA TYR B 218 28.61 -10.21 -42.71
C TYR B 218 29.98 -10.57 -42.15
N MET B 219 30.78 -9.56 -41.84
CA MET B 219 32.09 -9.69 -41.22
C MET B 219 32.41 -8.50 -40.32
N PRO B 220 32.60 -8.72 -39.02
CA PRO B 220 33.04 -7.63 -38.15
C PRO B 220 34.53 -7.34 -38.35
N ILE B 221 34.87 -6.05 -38.29
CA ILE B 221 36.26 -5.62 -38.24
C ILE B 221 36.38 -4.62 -37.09
N THR B 222 35.32 -4.49 -36.32
CA THR B 222 35.33 -3.73 -35.07
C THR B 222 35.51 -4.70 -33.91
N PRO B 223 36.28 -4.32 -32.88
CA PRO B 223 36.69 -5.28 -31.84
C PRO B 223 35.57 -6.07 -31.17
N MET B 224 34.31 -5.65 -31.27
CA MET B 224 33.12 -6.39 -30.85
C MET B 224 32.97 -6.43 -29.33
N PHE B 225 33.94 -5.95 -28.56
CA PHE B 225 33.77 -5.75 -27.13
C PHE B 225 33.57 -4.29 -26.78
N HIS B 226 33.22 -3.45 -27.75
CA HIS B 226 33.18 -2.01 -27.56
C HIS B 226 31.78 -1.44 -27.56
N VAL B 227 31.02 -1.61 -28.64
CA VAL B 227 29.69 -1.02 -28.75
C VAL B 227 28.67 -2.05 -29.20
N HIS B 228 28.86 -3.31 -28.78
CA HIS B 228 28.12 -4.46 -29.29
C HIS B 228 28.44 -4.72 -30.76
N ALA B 229 29.64 -4.34 -31.20
CA ALA B 229 29.98 -4.32 -32.62
C ALA B 229 28.92 -3.59 -33.42
N TRP B 230 28.53 -2.40 -32.95
CA TRP B 230 27.51 -1.55 -33.54
C TRP B 230 26.16 -2.25 -33.65
N GLY B 231 25.93 -3.29 -32.84
CA GLY B 231 24.73 -4.07 -32.91
C GLY B 231 24.61 -4.95 -34.13
N LEU B 232 25.65 -5.01 -34.96
CA LEU B 232 25.56 -5.78 -36.20
C LEU B 232 25.38 -7.27 -35.99
N PRO B 233 26.08 -7.94 -35.06
CA PRO B 233 25.81 -9.37 -34.85
C PRO B 233 24.37 -9.67 -34.49
N TYR B 234 23.70 -8.79 -33.74
CA TYR B 234 22.29 -8.99 -33.45
C TYR B 234 21.45 -8.84 -34.72
N MET B 235 21.79 -7.88 -35.58
CA MET B 235 21.05 -7.69 -36.82
C MET B 235 21.27 -8.86 -37.77
N ALA B 236 22.53 -9.25 -37.98
CA ALA B 236 22.84 -10.28 -38.96
C ALA B 236 22.16 -11.59 -38.60
N THR B 237 22.23 -11.98 -37.33
CA THR B 237 21.55 -13.19 -36.87
C THR B 237 20.05 -13.12 -37.17
N MET B 238 19.47 -11.93 -37.07
CA MET B 238 18.04 -11.81 -37.33
C MET B 238 17.74 -11.96 -38.82
N LEU B 239 18.68 -11.58 -39.67
CA LEU B 239 18.45 -11.77 -41.10
C LEU B 239 18.81 -13.18 -41.56
N GLY B 240 19.44 -13.98 -40.70
CA GLY B 240 19.85 -15.32 -41.09
C GLY B 240 20.89 -15.34 -42.18
N VAL B 241 21.81 -14.41 -42.15
CA VAL B 241 22.82 -14.30 -43.19
C VAL B 241 24.08 -15.03 -42.75
N LYS B 242 24.94 -15.33 -43.73
CA LYS B 242 26.22 -15.94 -43.42
C LYS B 242 27.10 -14.96 -42.65
N GLN B 243 27.78 -15.46 -41.62
CA GLN B 243 28.61 -14.66 -40.76
C GLN B 243 30.02 -15.23 -40.74
N VAL B 244 31.02 -14.36 -40.93
CA VAL B 244 32.42 -14.75 -40.96
C VAL B 244 33.15 -13.97 -39.88
N TYR B 245 33.94 -14.66 -39.08
CA TYR B 245 34.68 -14.05 -37.98
C TYR B 245 36.17 -14.25 -38.18
N PRO B 246 36.96 -13.18 -38.32
CA PRO B 246 38.37 -13.37 -38.65
C PRO B 246 39.26 -13.67 -37.45
N GLY B 247 38.98 -13.08 -36.30
CA GLY B 247 39.87 -13.22 -35.16
C GLY B 247 40.82 -12.06 -34.96
N LYS B 248 42.06 -12.21 -35.42
CA LYS B 248 43.14 -11.30 -35.04
C LYS B 248 43.21 -10.02 -35.88
N TYR B 249 42.39 -9.90 -36.92
CA TYR B 249 42.35 -8.70 -37.76
C TYR B 249 43.68 -8.47 -38.49
N VAL B 250 44.30 -9.54 -38.97
CA VAL B 250 45.50 -9.38 -39.80
C VAL B 250 45.07 -8.95 -41.20
N PRO B 251 45.68 -7.91 -41.78
CA PRO B 251 45.24 -7.45 -43.12
C PRO B 251 45.29 -8.53 -44.19
N ASP B 252 46.25 -9.42 -44.22
CA ASP B 252 46.30 -10.38 -45.29
C ASP B 252 45.48 -11.60 -45.03
N VAL B 253 44.81 -11.63 -43.92
CA VAL B 253 44.00 -12.74 -43.55
C VAL B 253 42.66 -12.19 -43.80
N LEU B 254 42.44 -10.92 -43.47
CA LEU B 254 41.17 -10.26 -43.76
C LEU B 254 40.91 -10.18 -45.26
N LEU B 255 41.93 -9.81 -46.04
CA LEU B 255 41.75 -9.74 -47.48
C LEU B 255 41.48 -11.12 -48.07
N ASN B 256 42.19 -12.14 -47.59
CA ASN B 256 41.95 -13.50 -48.07
C ASN B 256 40.52 -13.94 -47.75
N LEU B 257 40.03 -13.60 -46.56
CA LEU B 257 38.69 -14.00 -46.17
C LEU B 257 37.63 -13.27 -46.99
N ILE B 258 37.84 -11.99 -47.26
CA ILE B 258 36.89 -11.28 -48.12
C ILE B 258 36.90 -11.88 -49.52
N GLU B 259 38.07 -12.24 -50.02
CA GLU B 259 38.17 -12.83 -51.36
C GLU B 259 37.47 -14.18 -51.41
N GLN B 260 37.66 -15.03 -50.39
CA GLN B 260 37.23 -16.42 -50.43
C GLN B 260 35.81 -16.63 -49.95
N GLU B 261 35.41 -15.98 -48.85
CA GLU B 261 34.05 -16.11 -48.34
C GLU B 261 33.06 -15.17 -48.99
N LYS B 262 33.53 -14.29 -49.87
CA LYS B 262 32.68 -13.35 -50.62
C LYS B 262 31.91 -12.42 -49.67
N VAL B 263 32.65 -11.70 -48.83
CA VAL B 263 32.04 -10.81 -47.85
C VAL B 263 31.50 -9.58 -48.56
N THR B 264 30.30 -9.15 -48.17
CA THR B 264 29.66 -7.99 -48.78
C THR B 264 29.31 -6.87 -47.81
N PHE B 265 29.33 -7.12 -46.50
CA PHE B 265 29.02 -6.10 -45.52
C PHE B 265 30.01 -6.18 -44.37
N SER B 266 30.49 -5.01 -43.93
CA SER B 266 31.48 -4.95 -42.86
C SER B 266 31.39 -3.60 -42.17
N HIS B 267 32.05 -3.51 -41.02
CA HIS B 267 32.26 -2.24 -40.32
C HIS B 267 33.66 -2.24 -39.76
N CYS B 268 34.38 -1.14 -39.95
CA CYS B 268 35.76 -1.05 -39.46
C CYS B 268 36.03 0.41 -39.07
N VAL B 269 37.32 0.71 -38.89
CA VAL B 269 37.77 2.03 -38.49
C VAL B 269 38.73 2.52 -39.57
N PRO B 270 38.97 3.84 -39.65
CA PRO B 270 39.80 4.36 -40.75
C PRO B 270 41.19 3.75 -40.83
N THR B 271 41.81 3.42 -39.70
CA THR B 271 43.16 2.86 -39.73
C THR B 271 43.18 1.49 -40.40
N ILE B 272 42.25 0.61 -40.03
CA ILE B 272 42.21 -0.72 -40.62
C ILE B 272 41.87 -0.64 -42.09
N LEU B 273 40.95 0.25 -42.47
CA LEU B 273 40.60 0.42 -43.88
C LEU B 273 41.78 0.91 -44.69
N HIS B 274 42.56 1.85 -44.13
CA HIS B 274 43.75 2.32 -44.82
C HIS B 274 44.77 1.21 -44.98
N LEU B 275 44.93 0.38 -43.94
CA LEU B 275 45.83 -0.77 -44.05
C LEU B 275 45.38 -1.73 -45.13
N LEU B 276 44.08 -2.01 -45.20
CA LEU B 276 43.57 -2.94 -46.20
C LEU B 276 43.75 -2.39 -47.61
N LEU B 277 43.50 -1.09 -47.79
CA LEU B 277 43.60 -0.51 -49.12
C LEU B 277 45.06 -0.40 -49.57
N SER B 278 45.97 -0.16 -48.63
CA SER B 278 47.38 0.01 -49.00
C SER B 278 48.14 -1.31 -49.11
N SER B 279 47.57 -2.42 -48.65
CA SER B 279 48.27 -3.69 -48.70
C SER B 279 48.45 -4.13 -50.14
N PRO B 280 49.64 -4.63 -50.51
CA PRO B 280 49.88 -5.00 -51.92
C PRO B 280 48.97 -6.09 -52.44
N LYS B 281 48.60 -7.06 -51.60
CA LYS B 281 47.73 -8.15 -52.03
C LYS B 281 46.36 -7.65 -52.51
N SER B 282 45.90 -6.52 -52.00
CA SER B 282 44.63 -5.94 -52.42
C SER B 282 44.71 -5.20 -53.74
N LYS B 283 45.92 -5.06 -54.32
CA LYS B 283 46.05 -4.31 -55.56
C LYS B 283 45.33 -4.99 -56.73
N ALA B 284 45.13 -6.30 -56.67
CA ALA B 284 44.48 -7.06 -57.74
C ALA B 284 43.37 -7.92 -57.21
N MET B 285 42.49 -7.34 -56.38
CA MET B 285 41.37 -8.07 -55.79
C MET B 285 40.10 -7.25 -55.97
N ASP B 286 39.03 -7.91 -56.39
CA ASP B 286 37.77 -7.24 -56.66
C ASP B 286 37.13 -6.73 -55.36
N PHE B 287 36.67 -5.48 -55.39
CA PHE B 287 36.11 -4.84 -54.21
C PHE B 287 34.70 -4.32 -54.43
N SER B 288 34.14 -4.46 -55.63
CA SER B 288 32.89 -3.79 -55.97
C SER B 288 31.67 -4.62 -55.56
N GLY B 289 31.68 -5.14 -54.36
CA GLY B 289 30.52 -5.76 -53.78
C GLY B 289 30.45 -5.52 -52.29
N TRP B 290 31.35 -4.67 -51.80
CA TRP B 290 31.63 -4.53 -50.37
C TRP B 290 31.09 -3.20 -49.87
N LYS B 291 30.51 -3.22 -48.67
CA LYS B 291 29.80 -2.06 -48.12
C LYS B 291 30.29 -1.70 -46.73
N VAL B 292 31.60 -1.48 -46.58
CA VAL B 292 32.16 -1.17 -45.28
C VAL B 292 31.52 0.10 -44.69
N VAL B 293 31.25 0.06 -43.39
CA VAL B 293 30.72 1.19 -42.64
C VAL B 293 31.82 1.68 -41.71
N ILE B 294 32.16 2.95 -41.81
CA ILE B 294 33.22 3.53 -41.00
C ILE B 294 32.58 4.23 -39.81
N GLY B 295 32.93 3.79 -38.60
CA GLY B 295 32.27 4.31 -37.42
C GLY B 295 33.19 4.68 -36.28
N GLY B 296 34.49 4.40 -36.42
CA GLY B 296 35.42 4.69 -35.36
C GLY B 296 35.49 6.17 -35.01
N ALA B 297 36.05 6.98 -35.91
CA ALA B 297 36.07 8.42 -35.71
C ALA B 297 36.50 9.10 -36.99
N ALA B 298 35.71 10.07 -37.44
CA ALA B 298 36.12 11.07 -38.43
C ALA B 298 36.73 10.42 -39.68
N LEU B 299 35.88 9.74 -40.43
CA LEU B 299 36.29 9.23 -41.73
C LEU B 299 36.84 10.37 -42.59
N PRO B 300 38.13 10.39 -42.90
CA PRO B 300 38.69 11.51 -43.66
C PRO B 300 38.28 11.46 -45.13
N LYS B 301 38.30 12.63 -45.76
CA LYS B 301 37.88 12.74 -47.15
C LYS B 301 38.82 12.01 -48.09
N ALA B 302 40.12 12.07 -47.82
CA ALA B 302 41.10 11.44 -48.69
C ALA B 302 40.95 9.92 -48.68
N LEU B 303 40.78 9.34 -47.49
CA LEU B 303 40.56 7.90 -47.40
C LEU B 303 39.27 7.50 -48.09
N CYS B 304 38.20 8.28 -47.91
CA CYS B 304 36.93 7.97 -48.54
C CYS B 304 37.06 8.04 -50.06
N LYS B 305 37.76 9.03 -50.58
CA LYS B 305 37.95 9.15 -52.02
C LYS B 305 38.76 7.98 -52.57
N SER B 306 39.83 7.60 -51.87
CA SER B 306 40.66 6.49 -52.34
C SER B 306 39.88 5.18 -52.31
N ALA B 307 39.04 4.98 -51.30
CA ALA B 307 38.16 3.81 -51.28
C ALA B 307 37.11 3.87 -52.39
N LEU B 308 36.61 5.06 -52.71
CA LEU B 308 35.60 5.18 -53.76
C LEU B 308 36.19 4.88 -55.13
N GLU B 309 37.46 5.20 -55.34
CA GLU B 309 38.08 4.85 -56.61
C GLU B 309 38.21 3.33 -56.79
N ARG B 310 38.06 2.56 -55.71
CA ARG B 310 38.07 1.11 -55.77
C ARG B 310 36.68 0.51 -55.87
N ASP B 311 35.65 1.35 -56.03
CA ASP B 311 34.26 0.92 -56.15
C ASP B 311 33.78 0.23 -54.87
N ILE B 312 34.07 0.86 -53.74
CA ILE B 312 33.63 0.40 -52.43
C ILE B 312 32.56 1.34 -51.93
N ASP B 313 31.42 0.78 -51.54
CA ASP B 313 30.30 1.56 -50.99
C ASP B 313 30.64 1.88 -49.54
N VAL B 314 31.49 2.88 -49.36
CA VAL B 314 31.97 3.29 -48.05
C VAL B 314 31.10 4.44 -47.55
N PHE B 315 30.65 4.35 -46.31
CA PHE B 315 29.86 5.41 -45.71
C PHE B 315 30.07 5.39 -44.20
N ALA B 316 29.78 6.52 -43.56
CA ALA B 316 30.10 6.73 -42.16
C ALA B 316 28.87 6.63 -41.28
N GLY B 317 29.11 6.38 -39.99
CA GLY B 317 28.04 6.36 -39.01
C GLY B 317 28.55 6.92 -37.69
N TYR B 318 27.60 7.33 -36.86
CA TYR B 318 27.91 7.98 -35.60
C TYR B 318 27.33 7.19 -34.43
N GLY B 319 28.14 7.02 -33.39
CA GLY B 319 27.75 6.34 -32.17
C GLY B 319 28.86 6.47 -31.15
N MET B 320 28.53 6.60 -29.87
CA MET B 320 29.53 7.00 -28.89
C MET B 320 29.37 6.29 -27.53
N SER B 321 29.04 5.01 -27.55
CA SER B 321 29.18 4.08 -26.43
C SER B 321 28.15 4.25 -25.32
N GLU B 322 27.36 5.32 -25.33
CA GLU B 322 26.26 5.47 -24.40
C GLU B 322 24.93 5.58 -25.12
N THR B 323 24.90 5.33 -26.43
CA THR B 323 23.76 5.69 -27.25
C THR B 323 23.31 4.53 -28.14
N GLY B 324 23.69 3.30 -27.80
CA GLY B 324 23.13 2.15 -28.49
C GLY B 324 24.08 1.23 -29.26
N PRO B 325 25.04 1.78 -30.04
CA PRO B 325 25.51 3.16 -30.20
C PRO B 325 24.88 3.99 -31.32
N ILE B 326 24.23 3.38 -32.31
CA ILE B 326 23.98 4.08 -33.56
C ILE B 326 22.96 5.20 -33.35
N LEU B 327 23.30 6.39 -33.83
CA LEU B 327 22.47 7.58 -33.80
C LEU B 327 22.22 8.17 -35.18
N SER B 328 23.19 8.09 -36.09
CA SER B 328 23.05 8.66 -37.41
C SER B 328 23.91 7.91 -38.40
N ILE B 329 23.43 7.80 -39.64
CA ILE B 329 24.16 7.17 -40.73
C ILE B 329 23.92 7.98 -42.00
N VAL B 330 24.96 8.13 -42.82
CA VAL B 330 24.81 8.85 -44.08
C VAL B 330 24.05 7.98 -45.08
N GLN B 331 23.00 8.54 -45.66
CA GLN B 331 22.24 7.90 -46.73
C GLN B 331 22.16 8.84 -47.91
N LEU B 332 22.44 8.33 -49.10
CA LEU B 332 22.50 9.15 -50.31
C LEU B 332 21.23 8.97 -51.14
N THR B 333 20.61 10.09 -51.48
CA THR B 333 19.40 10.10 -52.30
C THR B 333 19.77 9.77 -53.74
N PRO B 334 18.78 9.36 -54.55
CA PRO B 334 19.10 8.94 -55.94
C PRO B 334 19.79 10.01 -56.76
N GLU B 335 19.53 11.30 -56.51
CA GLU B 335 20.22 12.34 -57.26
C GLU B 335 21.60 12.65 -56.71
N GLN B 336 21.93 12.17 -55.51
CA GLN B 336 23.27 12.32 -54.97
C GLN B 336 24.21 11.21 -55.42
N LEU B 337 23.69 10.14 -56.02
CA LEU B 337 24.53 9.09 -56.56
C LEU B 337 25.13 9.46 -57.91
N GLU B 338 24.61 10.49 -58.57
CA GLU B 338 25.13 10.88 -59.87
C GLU B 338 26.31 11.86 -59.76
N LEU B 339 26.62 12.34 -58.56
CA LEU B 339 27.75 13.24 -58.40
C LEU B 339 29.07 12.47 -58.56
N ASP B 340 30.11 13.18 -58.98
CA ASP B 340 31.42 12.57 -59.12
C ASP B 340 32.06 12.38 -57.76
N VAL B 341 33.25 11.78 -57.75
CA VAL B 341 33.89 11.33 -56.53
C VAL B 341 34.18 12.48 -55.56
N ASP B 342 34.45 13.68 -56.08
CA ASP B 342 34.76 14.81 -55.20
C ASP B 342 33.56 15.16 -54.31
N GLN B 343 32.37 15.27 -54.91
CA GLN B 343 31.16 15.47 -54.12
C GLN B 343 30.72 14.23 -53.39
N GLN B 344 31.07 13.05 -53.90
CA GLN B 344 30.74 11.81 -53.21
C GLN B 344 31.42 11.74 -51.86
N ALA B 345 32.74 12.00 -51.83
CA ALA B 345 33.51 11.98 -50.60
C ALA B 345 33.10 13.09 -49.63
N GLU B 346 32.53 14.18 -50.14
CA GLU B 346 32.03 15.23 -49.25
C GLU B 346 30.88 14.72 -48.40
N TYR B 347 29.89 14.10 -49.04
CA TYR B 347 28.71 13.58 -48.36
C TYR B 347 28.99 12.33 -47.54
N ARG B 348 29.79 11.40 -48.07
CA ARG B 348 29.97 10.12 -47.39
C ARG B 348 30.79 10.28 -46.11
N SER B 349 31.52 11.39 -45.97
CA SER B 349 32.36 11.61 -44.80
C SER B 349 31.63 12.33 -43.67
N LYS B 350 30.39 12.76 -43.88
CA LYS B 350 29.66 13.50 -42.85
C LYS B 350 29.19 12.56 -41.75
N THR B 351 28.71 13.18 -40.67
CA THR B 351 28.13 12.40 -39.57
C THR B 351 26.84 11.71 -40.02
N GLY B 352 25.98 12.42 -40.73
CA GLY B 352 24.82 11.83 -41.37
C GLY B 352 23.52 12.23 -40.71
N LYS B 353 22.43 11.90 -41.40
CA LYS B 353 21.09 12.12 -40.87
C LYS B 353 20.79 11.14 -39.74
N LYS B 354 20.02 11.60 -38.77
CA LYS B 354 19.66 10.74 -37.64
C LYS B 354 18.74 9.62 -38.07
N VAL B 355 18.89 8.47 -37.41
CA VAL B 355 18.14 7.26 -37.74
C VAL B 355 16.74 7.35 -37.14
N ALA B 356 15.89 6.40 -37.47
CA ALA B 356 14.51 6.40 -36.99
C ALA B 356 14.45 6.45 -35.48
N LEU B 357 13.52 7.25 -34.95
CA LEU B 357 13.23 7.37 -33.53
C LEU B 357 14.34 8.10 -32.76
N VAL B 358 14.98 9.09 -33.39
CA VAL B 358 16.04 9.87 -32.77
C VAL B 358 15.72 11.34 -32.98
N GLU B 359 15.97 12.16 -31.95
CA GLU B 359 15.61 13.58 -32.01
C GLU B 359 16.78 14.48 -32.41
N ALA B 360 17.90 14.39 -31.68
CA ALA B 360 19.17 14.99 -32.11
C ALA B 360 19.07 16.50 -32.33
N TYR B 361 18.92 17.22 -31.22
CA TYR B 361 18.93 18.68 -31.25
C TYR B 361 20.34 19.23 -31.03
N ILE B 362 20.54 20.48 -31.42
CA ILE B 362 21.79 21.21 -31.20
C ILE B 362 21.50 22.31 -30.18
N VAL B 363 22.30 22.49 -29.16
CA VAL B 363 22.00 23.43 -28.09
C VAL B 363 23.22 24.18 -27.58
N ASP B 364 23.04 25.18 -26.72
CA ASP B 364 24.15 25.87 -26.05
C ASP B 364 24.07 25.54 -24.55
N GLU B 365 24.95 26.01 -23.68
CA GLU B 365 24.86 25.76 -22.24
C GLU B 365 23.50 26.15 -21.69
N ASP B 366 22.82 27.10 -22.31
CA ASP B 366 21.51 27.54 -21.86
C ASP B 366 20.38 26.66 -22.40
N MET B 367 20.71 25.60 -23.13
CA MET B 367 19.71 24.73 -23.77
C MET B 367 18.82 25.52 -24.73
N ASN B 368 19.45 26.37 -25.54
CA ASN B 368 18.69 27.33 -26.34
C ASN B 368 18.25 26.80 -27.70
N LYS B 369 18.70 25.60 -28.11
CA LYS B 369 18.26 24.97 -29.34
C LYS B 369 18.53 25.87 -30.56
N LEU B 370 19.82 25.98 -30.86
CA LEU B 370 20.28 26.82 -31.95
C LEU B 370 19.67 26.38 -33.28
N PRO B 371 19.48 27.29 -34.23
CA PRO B 371 18.85 26.91 -35.50
C PRO B 371 19.78 26.05 -36.36
N HIS B 372 19.16 25.37 -37.32
CA HIS B 372 19.89 24.50 -38.24
C HIS B 372 20.22 25.23 -39.54
N ASP B 373 21.00 26.31 -39.39
CA ASP B 373 21.37 27.12 -40.56
C ASP B 373 22.46 26.46 -41.39
N GLY B 374 23.41 25.79 -40.76
CA GLY B 374 24.47 25.15 -41.50
C GLY B 374 25.86 25.48 -41.00
N GLU B 375 25.99 26.58 -40.25
CA GLU B 375 27.27 26.99 -39.71
C GLU B 375 27.25 27.22 -38.20
N THR B 376 26.07 27.38 -37.59
CA THR B 376 26.01 27.59 -36.15
C THR B 376 26.21 26.26 -35.42
N ALA B 377 27.30 26.17 -34.67
CA ALA B 377 27.66 24.92 -34.02
C ALA B 377 27.21 24.91 -32.57
N GLY B 378 27.08 23.71 -32.03
CA GLY B 378 26.66 23.53 -30.65
C GLY B 378 26.74 22.07 -30.27
N GLU B 379 26.49 21.80 -29.00
CA GLU B 379 26.52 20.43 -28.53
C GLU B 379 25.28 19.66 -29.00
N ILE B 380 25.48 18.38 -29.29
CA ILE B 380 24.41 17.49 -29.72
C ILE B 380 23.78 16.87 -28.48
N VAL B 381 22.46 16.98 -28.38
CA VAL B 381 21.70 16.34 -27.31
C VAL B 381 20.60 15.50 -27.95
N VAL B 382 20.46 14.25 -27.51
CA VAL B 382 19.64 13.29 -28.23
C VAL B 382 18.63 12.64 -27.29
N ARG B 383 17.60 12.08 -27.90
CA ARG B 383 16.61 11.25 -27.21
C ARG B 383 16.30 10.07 -28.12
N ALA B 384 16.61 8.87 -27.67
CA ALA B 384 16.47 7.65 -28.45
C ALA B 384 15.91 6.56 -27.55
N PRO B 385 15.32 5.51 -28.13
CA PRO B 385 14.81 4.41 -27.31
C PRO B 385 15.89 3.54 -26.67
N TRP B 386 17.16 3.75 -27.01
CA TRP B 386 18.21 2.85 -26.57
C TRP B 386 19.39 3.58 -25.95
N LEU B 387 19.11 4.52 -25.06
CA LEU B 387 20.14 5.29 -24.35
C LEU B 387 20.28 4.76 -22.93
N THR B 388 21.51 4.71 -22.44
CA THR B 388 21.72 4.27 -21.07
C THR B 388 21.14 5.31 -20.10
N PRO B 389 20.32 4.89 -19.14
CA PRO B 389 19.69 5.88 -18.24
C PRO B 389 20.70 6.65 -17.40
N ASN B 390 21.81 6.03 -17.04
CA ASN B 390 22.81 6.64 -16.17
C ASN B 390 24.08 5.82 -16.26
N TYR B 391 25.07 6.21 -15.46
CA TYR B 391 26.27 5.40 -15.27
C TYR B 391 26.07 4.48 -14.08
N TYR B 392 26.63 3.28 -14.18
CA TYR B 392 26.46 2.30 -13.13
C TYR B 392 27.20 2.73 -11.87
N LYS B 393 26.48 2.75 -10.74
CA LYS B 393 27.03 3.13 -9.44
C LYS B 393 27.61 4.54 -9.45
N ASP B 394 26.97 5.45 -10.16
CA ASP B 394 27.42 6.84 -10.23
C ASP B 394 26.23 7.77 -10.14
N ASN B 395 26.40 8.88 -9.43
CA ASN B 395 25.31 9.82 -9.20
C ASN B 395 25.55 11.17 -9.87
N LYS B 396 26.68 11.82 -9.58
CA LYS B 396 26.88 13.18 -10.08
C LYS B 396 27.26 13.18 -11.56
N ASN B 397 28.00 12.16 -12.00
CA ASN B 397 28.27 12.03 -13.43
C ASN B 397 26.99 11.72 -14.21
N SER B 398 26.11 10.91 -13.62
CA SER B 398 24.82 10.63 -14.22
C SER B 398 23.98 11.89 -14.37
N LYS B 399 24.00 12.82 -13.44
CA LYS B 399 23.25 14.01 -13.59
C LYS B 399 23.83 14.93 -14.62
N ALA B 400 25.12 14.96 -14.84
CA ALA B 400 25.65 15.74 -15.95
C ALA B 400 25.39 15.07 -17.29
N LEU B 401 25.25 13.74 -17.30
CA LEU B 401 24.95 13.04 -18.54
C LEU B 401 23.57 13.42 -19.06
N TRP B 402 22.57 13.50 -18.19
CA TRP B 402 21.19 13.76 -18.59
C TRP B 402 20.73 15.14 -18.15
N ARG B 403 21.62 16.13 -18.23
CA ARG B 403 21.27 17.50 -17.85
C ARG B 403 20.29 18.10 -18.85
N GLY B 404 19.27 18.77 -18.32
CA GLY B 404 18.31 19.44 -19.16
C GLY B 404 17.28 18.55 -19.83
N GLY B 405 17.20 17.28 -19.43
CA GLY B 405 16.25 16.37 -20.03
C GLY B 405 16.71 15.69 -21.30
N TYR B 406 17.98 15.81 -21.65
CA TYR B 406 18.53 15.20 -22.85
C TYR B 406 19.88 14.59 -22.52
N LEU B 407 20.28 13.61 -23.33
CA LEU B 407 21.59 12.99 -23.17
C LEU B 407 22.64 13.84 -23.89
N HIS B 408 23.70 14.18 -23.16
CA HIS B 408 24.76 15.04 -23.68
C HIS B 408 25.87 14.17 -24.27
N THR B 409 26.05 14.25 -25.58
CA THR B 409 27.07 13.44 -26.24
C THR B 409 28.48 14.00 -26.03
N GLY B 410 28.62 15.30 -25.84
CA GLY B 410 29.93 15.89 -25.74
C GLY B 410 30.59 16.24 -27.05
N ASP B 411 29.84 16.20 -28.16
CA ASP B 411 30.36 16.55 -29.47
C ASP B 411 29.72 17.85 -29.96
N VAL B 412 30.52 18.70 -30.57
CA VAL B 412 30.10 19.99 -31.11
C VAL B 412 30.01 19.87 -32.61
N ALA B 413 28.83 20.17 -33.15
CA ALA B 413 28.50 19.98 -34.55
C ALA B 413 27.52 21.05 -34.99
N HIS B 414 27.42 21.23 -36.31
CA HIS B 414 26.37 22.05 -36.91
C HIS B 414 25.55 21.19 -37.85
N ILE B 415 24.24 21.46 -37.91
CA ILE B 415 23.30 20.65 -38.66
C ILE B 415 22.77 21.47 -39.83
N ASP B 416 22.82 20.88 -41.03
CA ASP B 416 22.34 21.52 -42.24
C ASP B 416 20.81 21.63 -42.21
N ASP B 417 20.24 22.36 -43.15
CA ASP B 417 18.77 22.43 -43.30
C ASP B 417 18.15 21.11 -43.71
N GLU B 418 18.72 20.41 -44.68
CA GLU B 418 18.27 19.11 -45.08
C GLU B 418 18.37 18.03 -44.00
N GLY B 419 19.25 18.20 -43.04
CA GLY B 419 19.37 17.25 -41.98
C GLY B 419 20.76 16.74 -41.74
N PHE B 420 21.69 17.02 -42.63
CA PHE B 420 23.02 16.47 -42.47
C PHE B 420 23.71 17.08 -41.26
N ILE B 421 24.39 16.24 -40.50
CA ILE B 421 25.15 16.66 -39.32
C ILE B 421 26.62 16.58 -39.67
N LYS B 422 27.39 17.59 -39.25
CA LYS B 422 28.83 17.58 -39.43
C LYS B 422 29.47 17.91 -38.08
N ILE B 423 30.11 16.91 -37.48
CA ILE B 423 30.72 17.10 -36.16
C ILE B 423 32.03 17.86 -36.33
N THR B 424 32.18 18.95 -35.58
CA THR B 424 33.35 19.81 -35.67
C THR B 424 34.40 19.43 -34.64
N ASP B 425 34.01 19.23 -33.39
CA ASP B 425 34.99 18.98 -32.34
C ASP B 425 34.32 18.36 -31.13
N ARG B 426 35.05 18.35 -30.01
CA ARG B 426 34.48 17.96 -28.73
C ARG B 426 34.20 19.19 -27.88
N VAL B 427 33.30 19.02 -26.91
CA VAL B 427 32.95 20.14 -26.03
C VAL B 427 34.15 20.57 -25.21
N LYS B 428 34.88 19.60 -24.65
CA LYS B 428 36.03 19.93 -23.83
C LYS B 428 37.19 20.47 -24.66
N ASP B 429 37.28 20.06 -25.92
CA ASP B 429 38.34 20.57 -26.79
C ASP B 429 38.02 21.92 -27.40
N MET B 430 36.85 22.48 -27.11
CA MET B 430 36.53 23.86 -27.48
C MET B 430 37.36 24.82 -26.64
N ILE B 431 38.03 25.75 -27.31
CA ILE B 431 38.84 26.76 -26.62
C ILE B 431 38.13 28.11 -26.72
N LYS B 432 38.07 28.84 -25.61
CA LYS B 432 37.20 30.00 -25.48
C LYS B 432 38.01 31.29 -25.62
N ILE B 433 38.23 31.68 -26.88
CA ILE B 433 38.78 33.00 -27.16
C ILE B 433 37.67 34.03 -27.07
N SER B 434 37.90 35.07 -26.26
CA SER B 434 36.93 36.15 -26.09
C SER B 434 35.54 35.60 -25.77
N GLY B 435 34.62 35.69 -26.72
CA GLY B 435 33.27 35.20 -26.53
C GLY B 435 32.85 34.13 -27.50
N GLU B 436 33.78 33.65 -28.33
CA GLU B 436 33.47 32.65 -29.34
C GLU B 436 34.18 31.33 -29.04
N TRP B 437 33.78 30.29 -29.76
CA TRP B 437 34.32 28.93 -29.63
C TRP B 437 34.77 28.47 -31.00
N VAL B 438 36.07 28.50 -31.24
CA VAL B 438 36.61 27.93 -32.48
C VAL B 438 37.10 26.52 -32.19
N SER B 439 37.08 25.68 -33.21
CA SER B 439 37.47 24.28 -33.06
C SER B 439 38.96 24.11 -33.29
N SER B 440 39.56 23.16 -32.58
CA SER B 440 40.98 22.84 -32.74
C SER B 440 41.23 21.83 -33.83
N LEU B 441 40.21 21.09 -34.27
CA LEU B 441 40.41 20.09 -35.31
C LEU B 441 40.77 20.74 -36.64
N GLU B 442 40.12 21.86 -36.97
CA GLU B 442 40.45 22.56 -38.21
C GLU B 442 41.87 23.12 -38.16
N LEU B 443 42.28 23.66 -36.99
CA LEU B 443 43.63 24.15 -36.84
C LEU B 443 44.65 23.03 -37.00
N GLU B 444 44.37 21.86 -36.40
CA GLU B 444 45.26 20.71 -36.56
C GLU B 444 45.33 20.26 -38.01
N ASP B 445 44.19 20.28 -38.71
CA ASP B 445 44.18 19.89 -40.12
C ASP B 445 44.99 20.87 -40.96
N ILE B 446 44.87 22.17 -40.66
CA ILE B 446 45.63 23.17 -41.40
C ILE B 446 47.13 23.00 -41.17
N LEU B 447 47.52 22.80 -39.90
CA LEU B 447 48.94 22.65 -39.60
C LEU B 447 49.50 21.34 -40.16
N HIS B 448 48.66 20.30 -40.22
CA HIS B 448 49.10 19.02 -40.78
C HIS B 448 49.33 19.11 -42.29
N GLN B 449 48.77 20.12 -42.94
CA GLN B 449 48.99 20.30 -44.38
C GLN B 449 50.42 20.69 -44.71
N HIS B 450 51.23 21.05 -43.71
CA HIS B 450 52.63 21.37 -43.94
C HIS B 450 53.37 20.13 -44.43
N GLN B 451 54.35 20.35 -45.31
CA GLN B 451 55.09 19.24 -45.90
C GLN B 451 56.04 18.57 -44.92
N SER B 452 56.49 19.29 -43.88
CA SER B 452 57.49 18.77 -42.95
C SER B 452 56.89 18.45 -41.57
N VAL B 453 55.57 18.38 -41.46
CA VAL B 453 54.90 18.19 -40.18
C VAL B 453 54.30 16.79 -40.14
N SER B 454 54.57 16.06 -39.05
CA SER B 454 54.07 14.70 -38.88
C SER B 454 52.72 14.64 -38.17
N GLU B 455 52.64 15.19 -36.95
CA GLU B 455 51.38 15.21 -36.21
C GLU B 455 51.28 16.52 -35.44
N VAL B 456 50.04 16.94 -35.18
CA VAL B 456 49.74 18.23 -34.57
C VAL B 456 48.69 18.02 -33.49
N ALA B 457 48.85 18.71 -32.36
CA ALA B 457 47.84 18.78 -31.31
C ALA B 457 47.68 20.22 -30.87
N VAL B 458 46.44 20.70 -30.84
CA VAL B 458 46.14 22.08 -30.48
C VAL B 458 45.39 22.08 -29.14
N ILE B 459 45.87 22.89 -28.20
CA ILE B 459 45.31 22.98 -26.86
C ILE B 459 45.09 24.45 -26.51
N GLY B 460 44.47 24.66 -25.36
CA GLY B 460 44.17 26.00 -24.88
C GLY B 460 44.98 26.37 -23.65
N MET B 461 45.32 27.66 -23.57
CA MET B 461 46.05 28.22 -22.44
C MET B 461 45.36 29.49 -21.96
N PRO B 462 45.37 29.73 -20.65
CA PRO B 462 44.67 30.92 -20.13
C PRO B 462 45.33 32.21 -20.55
N HIS B 463 44.50 33.25 -20.66
CA HIS B 463 44.96 34.62 -20.91
C HIS B 463 43.83 35.54 -20.45
N ASN B 464 44.19 36.58 -19.69
CA ASN B 464 43.20 37.35 -18.95
C ASN B 464 42.18 38.00 -19.87
N LYS B 465 42.64 38.65 -20.94
CA LYS B 465 41.73 39.47 -21.74
C LYS B 465 41.07 38.67 -22.86
N TRP B 466 41.65 37.54 -23.26
CA TRP B 466 41.15 36.78 -24.40
C TRP B 466 40.83 35.33 -24.07
N GLY B 467 40.57 35.04 -22.79
CA GLY B 467 40.13 33.69 -22.43
C GLY B 467 41.19 32.65 -22.72
N GLU B 468 40.75 31.49 -23.19
CA GLU B 468 41.66 30.40 -23.55
C GLU B 468 42.09 30.57 -25.01
N VAL B 469 43.38 30.71 -25.22
CA VAL B 469 43.94 30.98 -26.54
C VAL B 469 44.71 29.75 -26.99
N PRO B 470 45.06 29.67 -28.27
CA PRO B 470 45.60 28.43 -28.82
C PRO B 470 47.08 28.20 -28.53
N LEU B 471 47.46 26.93 -28.60
CA LEU B 471 48.85 26.49 -28.56
C LEU B 471 48.97 25.23 -29.40
N ALA B 472 50.02 25.14 -30.20
CA ALA B 472 50.20 24.04 -31.13
C ALA B 472 51.48 23.28 -30.81
N LEU B 473 51.35 21.96 -30.67
CA LEU B 473 52.49 21.06 -30.51
C LEU B 473 52.59 20.21 -31.77
N VAL B 474 53.75 20.26 -32.43
CA VAL B 474 53.94 19.58 -33.70
C VAL B 474 55.13 18.62 -33.57
N THR B 475 55.09 17.55 -34.36
CA THR B 475 56.21 16.62 -34.47
C THR B 475 56.74 16.69 -35.90
N LEU B 476 58.06 16.81 -36.03
CA LEU B 476 58.68 16.97 -37.33
C LEU B 476 59.01 15.63 -37.95
N LYS B 477 59.08 15.60 -39.28
CA LYS B 477 59.36 14.39 -40.03
C LYS B 477 60.86 14.11 -40.00
N GLU B 478 61.30 13.14 -40.82
CA GLU B 478 62.71 12.77 -40.83
C GLU B 478 63.55 13.88 -41.45
N ASP B 479 64.61 14.27 -40.74
CA ASP B 479 65.59 15.23 -41.23
C ASP B 479 64.94 16.53 -41.67
N ALA B 480 63.93 16.96 -40.92
CA ALA B 480 63.21 18.20 -41.20
C ALA B 480 63.34 19.11 -40.00
N GLN B 481 63.70 20.37 -40.25
CA GLN B 481 63.85 21.37 -39.18
C GLN B 481 63.27 22.69 -39.68
N VAL B 482 62.02 22.95 -39.30
CA VAL B 482 61.32 24.19 -39.62
C VAL B 482 61.07 24.92 -38.32
N THR B 483 61.41 26.21 -38.28
CA THR B 483 61.22 26.99 -37.06
C THR B 483 59.75 27.24 -36.81
N GLU B 484 59.44 27.62 -35.57
CA GLU B 484 58.07 27.97 -35.22
C GLU B 484 57.56 29.16 -36.01
N LYS B 485 58.47 30.06 -36.40
CA LYS B 485 58.07 31.21 -37.20
C LYS B 485 57.50 30.79 -38.55
N GLU B 486 58.11 29.79 -39.18
CA GLU B 486 57.62 29.32 -40.48
C GLU B 486 56.22 28.74 -40.36
N LEU B 487 55.97 27.95 -39.31
CA LEU B 487 54.64 27.38 -39.12
C LEU B 487 53.62 28.47 -38.80
N LEU B 488 54.02 29.46 -37.98
CA LEU B 488 53.13 30.59 -37.72
C LEU B 488 52.74 31.30 -39.00
N GLY B 489 53.73 31.58 -39.86
CA GLY B 489 53.43 32.24 -41.13
C GLY B 489 52.58 31.39 -42.04
N PHE B 490 52.84 30.08 -42.08
CA PHE B 490 52.06 29.18 -42.93
C PHE B 490 50.60 29.17 -42.50
N ALA B 491 50.34 29.15 -41.19
CA ALA B 491 48.97 29.23 -40.71
C ALA B 491 48.36 30.60 -40.96
N LYS B 492 49.17 31.66 -40.85
CA LYS B 492 48.66 33.00 -41.10
C LYS B 492 48.31 33.22 -42.55
N ASP B 493 48.90 32.44 -43.45
CA ASP B 493 48.69 32.65 -44.88
C ASP B 493 47.25 32.36 -45.29
N PHE B 494 46.57 31.48 -44.56
CA PHE B 494 45.21 31.13 -44.90
C PHE B 494 44.24 32.25 -44.53
N ILE B 495 43.00 32.15 -45.02
CA ILE B 495 42.01 33.21 -44.89
C ILE B 495 40.66 32.64 -44.50
N ASN B 496 39.64 33.51 -44.47
CA ASN B 496 38.24 33.13 -44.27
C ASN B 496 37.97 32.52 -42.89
N LYS B 497 38.22 33.29 -41.83
CA LYS B 497 37.81 32.90 -40.50
C LYS B 497 37.60 34.17 -39.67
N GLY B 498 36.81 34.03 -38.61
CA GLY B 498 36.46 35.15 -37.76
C GLY B 498 37.61 35.54 -36.84
N ILE B 499 37.23 36.15 -35.71
CA ILE B 499 38.15 36.55 -34.64
C ILE B 499 39.11 37.60 -35.19
N LEU B 500 40.10 37.99 -34.39
CA LEU B 500 41.06 39.03 -34.77
C LEU B 500 41.74 38.68 -36.08
N ALA B 501 41.50 39.50 -37.11
CA ALA B 501 41.99 39.22 -38.46
C ALA B 501 41.52 37.84 -38.89
N ARG B 502 42.37 36.83 -38.70
CA ARG B 502 41.98 35.43 -38.85
C ARG B 502 42.41 34.64 -37.62
N GLU B 503 42.32 35.27 -36.44
CA GLU B 503 42.81 34.68 -35.19
C GLU B 503 44.27 34.27 -35.31
N ALA B 504 45.10 35.15 -35.86
CA ALA B 504 46.52 34.87 -35.99
C ALA B 504 47.31 35.92 -35.23
N LEU B 505 47.38 35.74 -33.92
CA LEU B 505 48.43 36.33 -33.11
C LEU B 505 48.84 35.43 -31.95
N LEU B 506 48.23 34.25 -31.80
CA LEU B 506 48.38 33.45 -30.59
C LEU B 506 48.49 31.98 -30.91
N LEU B 507 48.91 31.63 -32.13
CA LEU B 507 49.02 30.22 -32.50
C LEU B 507 50.02 29.51 -31.61
N LYS B 508 51.17 30.13 -31.36
CA LYS B 508 52.16 29.66 -30.39
C LYS B 508 52.54 28.21 -30.65
N VAL B 509 52.94 27.94 -31.88
CA VAL B 509 53.32 26.58 -32.27
C VAL B 509 54.64 26.23 -31.61
N LYS B 510 54.74 24.99 -31.13
CA LYS B 510 55.94 24.51 -30.47
C LYS B 510 56.30 23.14 -31.03
N ILE B 511 57.59 22.87 -31.10
CA ILE B 511 58.11 21.63 -31.68
C ILE B 511 58.47 20.69 -30.54
N VAL B 512 57.83 19.51 -30.53
CA VAL B 512 58.08 18.49 -29.52
C VAL B 512 58.39 17.19 -30.24
N ASP B 513 59.32 16.42 -29.69
CA ASP B 513 59.73 15.17 -30.33
C ASP B 513 58.59 14.18 -30.42
N GLU B 514 57.78 14.07 -29.37
CA GLU B 514 56.70 13.10 -29.33
C GLU B 514 55.49 13.70 -28.63
N ILE B 515 54.33 13.11 -28.86
CA ILE B 515 53.07 13.54 -28.28
C ILE B 515 52.44 12.35 -27.56
N ALA B 516 52.00 12.57 -26.33
CA ALA B 516 51.42 11.51 -25.53
C ALA B 516 50.13 10.98 -26.15
N LYS B 517 49.91 9.67 -26.00
CA LYS B 517 48.75 9.00 -26.58
C LYS B 517 48.17 8.04 -25.56
N THR B 518 46.86 7.81 -25.65
CA THR B 518 46.19 6.86 -24.77
C THR B 518 46.62 5.44 -25.12
N SER B 519 46.20 4.49 -24.28
CA SER B 519 46.44 3.08 -24.56
C SER B 519 45.67 2.59 -25.78
N VAL B 520 44.68 3.35 -26.25
CA VAL B 520 43.89 2.97 -27.40
C VAL B 520 44.48 3.60 -28.65
N GLY B 521 45.12 4.76 -28.50
CA GLY B 521 45.77 5.42 -29.61
C GLY B 521 45.22 6.79 -29.94
N LYS B 522 44.69 7.47 -28.94
CA LYS B 522 44.16 8.83 -29.11
C LYS B 522 45.03 9.82 -28.35
N VAL B 523 45.09 11.05 -28.85
CA VAL B 523 45.96 12.06 -28.28
C VAL B 523 45.56 12.37 -26.85
N ASP B 524 46.56 12.59 -25.99
CA ASP B 524 46.33 12.87 -24.57
C ASP B 524 46.26 14.37 -24.37
N LYS B 525 45.15 14.97 -24.83
CA LYS B 525 45.01 16.42 -24.76
C LYS B 525 45.00 16.91 -23.32
N LYS B 526 44.42 16.08 -22.44
CA LYS B 526 44.33 16.40 -21.02
C LYS B 526 45.62 16.27 -20.27
N GLU B 527 46.41 15.23 -20.53
CA GLU B 527 47.71 15.17 -19.90
C GLU B 527 48.61 16.28 -20.44
N LEU B 528 48.39 16.75 -21.65
CA LEU B 528 49.17 17.87 -22.15
C LEU B 528 48.68 19.14 -21.50
N ARG B 529 47.40 19.17 -21.12
CA ARG B 529 46.83 20.36 -20.49
C ARG B 529 47.52 20.41 -19.18
N LYS B 530 48.09 19.29 -18.81
CA LYS B 530 48.77 19.18 -17.51
C LYS B 530 50.27 19.41 -17.64
N LEU B 531 50.89 18.86 -18.69
CA LEU B 531 52.33 18.94 -18.82
C LEU B 531 52.80 20.35 -19.17
N HIS B 532 52.16 20.97 -20.16
CA HIS B 532 52.63 22.25 -20.68
C HIS B 532 52.04 23.46 -19.97
N LEU B 533 51.08 23.26 -19.08
CA LEU B 533 50.45 24.37 -18.37
C LEU B 533 49.62 23.87 -17.18
N TYR C 4 0.27 13.07 -16.09
CA TYR C 4 1.31 12.09 -16.33
C TYR C 4 2.69 12.72 -16.26
N VAL C 5 3.52 12.21 -15.36
CA VAL C 5 4.89 12.68 -15.18
C VAL C 5 5.83 11.59 -15.67
N ASN C 6 6.79 11.97 -16.50
CA ASN C 6 7.71 11.03 -17.11
C ASN C 6 9.13 11.55 -16.97
N ASP C 7 10.05 10.67 -16.60
CA ASP C 7 11.44 11.04 -16.75
C ASP C 7 11.86 10.90 -18.21
N PRO C 8 12.73 11.78 -18.70
CA PRO C 8 13.13 11.69 -20.11
C PRO C 8 13.95 10.46 -20.43
N SER C 9 14.55 9.83 -19.42
CA SER C 9 15.27 8.59 -19.65
C SER C 9 14.35 7.49 -20.15
N ASN C 10 13.17 7.38 -19.56
CA ASN C 10 12.21 6.36 -19.98
C ASN C 10 11.53 6.79 -21.28
N TYR C 11 11.67 5.97 -22.31
CA TYR C 11 11.16 6.26 -23.64
C TYR C 11 9.86 5.53 -23.86
N GLN C 12 8.84 6.26 -24.31
CA GLN C 12 7.54 5.68 -24.65
C GLN C 12 7.41 5.61 -26.16
N LEU C 13 6.94 4.47 -26.66
CA LEU C 13 6.71 4.29 -28.09
C LEU C 13 5.35 4.85 -28.46
N LEU C 14 5.34 6.01 -29.09
CA LEU C 14 4.10 6.71 -29.42
C LEU C 14 4.04 6.96 -30.92
N ILE C 15 2.82 7.23 -31.40
CA ILE C 15 2.61 7.50 -32.82
C ILE C 15 3.21 8.85 -33.22
N LYS C 16 3.27 9.79 -32.27
CA LYS C 16 3.88 11.08 -32.55
C LYS C 16 5.36 10.93 -32.89
N ASN C 17 6.03 9.95 -32.27
CA ASN C 17 7.41 9.65 -32.65
C ASN C 17 7.47 9.03 -34.04
N LEU C 18 6.44 8.29 -34.42
CA LEU C 18 6.38 7.72 -35.76
C LEU C 18 6.25 8.81 -36.81
N LEU C 19 5.54 9.89 -36.50
CA LEU C 19 5.35 10.96 -37.46
C LEU C 19 6.50 11.97 -37.46
N PHE C 20 7.01 12.35 -36.28
CA PHE C 20 8.01 13.40 -36.17
C PHE C 20 9.44 12.88 -36.11
N SER C 21 9.64 11.57 -36.01
CA SER C 21 10.96 10.96 -36.07
C SER C 21 10.95 9.82 -37.08
N PRO C 22 10.77 10.11 -38.35
CA PRO C 22 10.61 9.05 -39.35
C PRO C 22 11.94 8.44 -39.74
N VAL C 23 11.86 7.45 -40.63
CA VAL C 23 13.06 6.95 -41.28
C VAL C 23 13.62 8.02 -42.21
N ALA C 24 12.74 8.68 -42.95
CA ALA C 24 13.13 9.76 -43.84
C ALA C 24 12.03 10.81 -43.87
N PHE C 25 12.40 12.07 -43.98
CA PHE C 25 11.45 13.17 -44.09
C PHE C 25 11.85 14.06 -45.25
N ASN C 26 10.99 14.17 -46.25
CA ASN C 26 11.21 15.03 -47.41
C ASN C 26 10.14 16.11 -47.42
N PRO C 27 10.49 17.37 -47.11
CA PRO C 27 9.44 18.41 -47.04
C PRO C 27 8.68 18.62 -48.34
N GLU C 28 9.32 18.44 -49.50
CA GLU C 28 8.64 18.66 -50.76
C GLU C 28 7.93 17.42 -51.29
N GLN C 29 8.06 16.28 -50.62
CA GLN C 29 7.26 15.12 -50.99
C GLN C 29 5.78 15.41 -50.78
N GLU C 30 4.93 14.85 -51.64
CA GLU C 30 3.54 15.24 -51.73
C GLU C 30 2.60 14.13 -51.32
N ILE C 31 1.43 14.54 -50.85
CA ILE C 31 0.28 13.68 -50.63
C ILE C 31 -0.77 14.10 -51.67
N VAL C 32 -1.30 13.13 -52.39
CA VAL C 32 -2.24 13.38 -53.49
C VAL C 32 -3.57 12.73 -53.17
N TYR C 33 -4.62 13.53 -53.15
CA TYR C 33 -6.00 13.04 -53.18
C TYR C 33 -6.48 13.16 -54.61
N ALA C 34 -6.99 12.05 -55.16
CA ALA C 34 -7.10 11.85 -56.59
C ALA C 34 -7.82 12.98 -57.32
N ASN C 35 -7.08 13.72 -58.14
CA ASN C 35 -7.62 14.81 -58.96
C ASN C 35 -8.39 15.83 -58.14
N HIS C 36 -8.24 15.80 -56.82
CA HIS C 36 -8.95 16.72 -55.92
C HIS C 36 -8.01 17.64 -55.19
N ARG C 37 -6.94 17.10 -54.61
CA ARG C 37 -6.06 17.91 -53.75
C ARG C 37 -4.65 17.36 -53.85
N ARG C 38 -3.68 18.21 -53.54
CA ARG C 38 -2.28 17.83 -53.61
C ARG C 38 -1.48 18.79 -52.74
N HIS C 39 -0.80 18.26 -51.72
CA HIS C 39 -0.05 19.14 -50.83
C HIS C 39 1.13 18.40 -50.24
N SER C 40 2.21 19.13 -49.98
CA SER C 40 3.46 18.54 -49.55
C SER C 40 3.38 18.04 -48.11
N TYR C 41 4.46 17.42 -47.64
CA TYR C 41 4.52 16.92 -46.27
C TYR C 41 4.53 18.04 -45.24
N LYS C 42 5.07 19.21 -45.57
CA LYS C 42 4.98 20.37 -44.68
C LYS C 42 3.53 20.72 -44.41
N THR C 43 2.72 20.79 -45.46
CA THR C 43 1.30 21.05 -45.33
C THR C 43 0.60 19.96 -44.53
N PHE C 44 1.01 18.70 -44.72
CA PHE C 44 0.43 17.60 -43.96
C PHE C 44 0.69 17.76 -42.47
N HIS C 45 1.91 18.13 -42.10
CA HIS C 45 2.22 18.35 -40.69
C HIS C 45 1.44 19.53 -40.12
N ASP C 46 1.36 20.63 -40.89
CA ASP C 46 0.58 21.78 -40.45
C ASP C 46 -0.88 21.42 -40.25
N ARG C 47 -1.45 20.63 -41.17
CA ARG C 47 -2.84 20.24 -41.07
C ARG C 47 -3.08 19.31 -39.90
N VAL C 48 -2.10 18.45 -39.58
CA VAL C 48 -2.23 17.61 -38.40
C VAL C 48 -2.30 18.46 -37.14
N ARG C 49 -1.43 19.47 -37.04
CA ARG C 49 -1.46 20.32 -35.85
C ARG C 49 -2.74 21.16 -35.81
N GLN C 50 -3.22 21.63 -36.96
CA GLN C 50 -4.50 22.34 -37.01
C GLN C 50 -5.65 21.45 -36.56
N PHE C 51 -5.66 20.20 -37.01
CA PHE C 51 -6.72 19.27 -36.61
C PHE C 51 -6.66 19.00 -35.11
N ALA C 52 -5.45 18.92 -34.56
CA ALA C 52 -5.31 18.79 -33.11
C ALA C 52 -5.91 19.99 -32.38
N ASN C 53 -5.63 21.20 -32.88
CA ASN C 53 -6.21 22.41 -32.28
C ASN C 53 -7.73 22.39 -32.37
N ALA C 54 -8.27 22.00 -33.53
CA ALA C 54 -9.72 21.97 -33.71
C ALA C 54 -10.37 20.96 -32.79
N LEU C 55 -9.77 19.78 -32.65
CA LEU C 55 -10.31 18.78 -31.74
C LEU C 55 -10.28 19.25 -30.29
N THR C 56 -9.20 19.91 -29.90
CA THR C 56 -9.12 20.46 -28.54
C THR C 56 -10.20 21.52 -28.32
N LYS C 57 -10.49 22.31 -29.35
CA LYS C 57 -11.51 23.34 -29.23
C LYS C 57 -12.90 22.73 -29.08
N MET C 58 -13.14 21.54 -29.63
CA MET C 58 -14.45 20.92 -29.56
C MET C 58 -14.72 20.20 -28.24
N GLY C 59 -13.75 20.15 -27.33
CA GLY C 59 -13.92 19.46 -26.08
C GLY C 59 -13.44 18.03 -26.05
N VAL C 60 -12.68 17.59 -27.05
CA VAL C 60 -12.15 16.23 -27.06
C VAL C 60 -11.01 16.13 -26.06
N LYS C 61 -11.06 15.12 -25.20
CA LYS C 61 -10.11 14.93 -24.13
C LYS C 61 -9.31 13.66 -24.38
N LYS C 62 -8.50 13.27 -23.38
CA LYS C 62 -7.67 12.08 -23.54
C LYS C 62 -8.51 10.81 -23.66
N GLY C 63 -9.57 10.69 -22.87
CA GLY C 63 -10.34 9.47 -22.94
C GLY C 63 -11.40 9.43 -24.02
N ASP C 64 -11.62 10.52 -24.74
CA ASP C 64 -12.74 10.61 -25.66
C ASP C 64 -12.49 9.74 -26.90
N THR C 65 -13.57 9.52 -27.65
CA THR C 65 -13.55 8.68 -28.84
C THR C 65 -14.15 9.44 -30.01
N VAL C 66 -13.48 9.38 -31.16
CA VAL C 66 -13.93 10.04 -32.38
C VAL C 66 -14.13 8.98 -33.45
N ALA C 67 -15.30 9.00 -34.09
CA ALA C 67 -15.64 8.03 -35.11
C ALA C 67 -15.49 8.66 -36.49
N VAL C 68 -15.04 7.86 -37.45
CA VAL C 68 -14.80 8.32 -38.82
C VAL C 68 -15.52 7.39 -39.79
N MET C 69 -16.17 7.97 -40.79
CA MET C 69 -16.94 7.21 -41.79
C MET C 69 -16.77 7.89 -43.15
N ASP C 70 -15.74 7.48 -43.90
CA ASP C 70 -15.52 8.02 -45.24
C ASP C 70 -14.60 7.08 -46.00
N TYR C 71 -14.19 7.49 -47.20
CA TYR C 71 -13.33 6.70 -48.06
C TYR C 71 -11.86 7.01 -47.78
N ASP C 72 -10.96 6.49 -48.62
CA ASP C 72 -9.54 6.75 -48.46
C ASP C 72 -9.20 8.11 -49.05
N SER C 73 -8.66 8.98 -48.21
CA SER C 73 -8.34 10.34 -48.61
C SER C 73 -7.29 10.89 -47.65
N HIS C 74 -6.85 12.11 -47.92
CA HIS C 74 -5.92 12.78 -47.03
C HIS C 74 -6.52 13.00 -45.65
N ARG C 75 -7.82 13.08 -45.56
CA ARG C 75 -8.45 13.35 -44.31
C ARG C 75 -8.32 12.22 -43.40
N TYR C 76 -8.36 11.03 -43.91
CA TYR C 76 -8.26 9.83 -43.12
C TYR C 76 -6.86 9.57 -42.67
N LEU C 77 -5.90 10.02 -43.42
CA LEU C 77 -4.56 9.92 -43.04
C LEU C 77 -4.30 10.90 -42.00
N GLU C 78 -4.95 12.01 -42.05
CA GLU C 78 -4.79 12.95 -40.95
C GLU C 78 -5.49 12.46 -39.69
N CYS C 79 -6.60 11.75 -39.83
CA CYS C 79 -7.26 11.16 -38.67
C CYS C 79 -6.44 10.01 -38.08
N TYR C 80 -5.69 9.31 -38.92
CA TYR C 80 -4.84 8.21 -38.44
C TYR C 80 -3.77 8.71 -37.48
N PHE C 81 -3.45 10.00 -37.52
CA PHE C 81 -2.41 10.57 -36.68
C PHE C 81 -2.97 11.50 -35.60
N ALA C 82 -3.78 12.49 -35.98
CA ALA C 82 -4.12 13.57 -35.06
C ALA C 82 -4.89 13.04 -33.85
N ILE C 83 -5.86 12.17 -34.06
CA ILE C 83 -6.72 11.70 -32.97
C ILE C 83 -5.92 10.90 -31.94
N PRO C 84 -5.09 9.92 -32.32
CA PRO C 84 -4.29 9.24 -31.30
C PRO C 84 -3.28 10.12 -30.57
N MET C 85 -2.68 11.11 -31.24
CA MET C 85 -1.65 11.93 -30.58
C MET C 85 -2.25 12.73 -29.44
N ILE C 86 -3.36 13.35 -29.64
CA ILE C 86 -4.01 14.12 -28.62
C ILE C 86 -4.49 13.24 -27.51
N GLY C 87 -4.43 11.94 -27.65
CA GLY C 87 -4.80 11.00 -26.62
C GLY C 87 -6.12 10.31 -26.74
N ALA C 88 -6.98 10.62 -27.69
CA ALA C 88 -8.30 10.08 -27.93
C ALA C 88 -8.21 8.74 -28.66
N LYS C 89 -9.36 8.09 -28.81
CA LYS C 89 -9.48 6.81 -29.49
C LYS C 89 -10.08 7.03 -30.87
N LEU C 90 -9.43 6.47 -31.89
CA LEU C 90 -9.92 6.53 -33.26
C LEU C 90 -10.76 5.28 -33.52
N HIS C 91 -12.07 5.44 -33.64
CA HIS C 91 -12.98 4.34 -33.94
C HIS C 91 -13.25 4.34 -35.45
N MET C 92 -12.93 3.22 -36.09
CA MET C 92 -13.13 3.08 -37.53
C MET C 92 -14.44 2.34 -37.79
N ILE C 93 -15.31 2.95 -38.57
CA ILE C 93 -16.64 2.42 -38.84
C ILE C 93 -16.64 1.72 -40.18
N ASN C 94 -17.08 0.46 -40.19
CA ASN C 94 -17.21 -0.32 -41.42
C ASN C 94 -18.46 0.14 -42.14
N VAL C 95 -18.29 0.88 -43.24
CA VAL C 95 -19.42 1.44 -43.97
C VAL C 95 -20.17 0.37 -44.74
N ARG C 96 -19.65 -0.85 -44.80
CA ARG C 96 -20.30 -1.93 -45.53
C ARG C 96 -21.25 -2.75 -44.67
N LEU C 97 -21.30 -2.51 -43.36
CA LEU C 97 -22.24 -3.20 -42.50
C LEU C 97 -23.65 -2.63 -42.69
N SER C 98 -24.63 -3.36 -42.16
CA SER C 98 -25.99 -2.87 -42.16
C SER C 98 -26.13 -1.70 -41.20
N PRO C 99 -27.14 -0.85 -41.40
CA PRO C 99 -27.33 0.27 -40.46
C PRO C 99 -27.55 -0.18 -39.03
N GLU C 100 -28.19 -1.33 -38.82
CA GLU C 100 -28.36 -1.85 -37.46
C GLU C 100 -27.02 -2.16 -36.80
N GLN C 101 -26.12 -2.82 -37.53
CA GLN C 101 -24.81 -3.13 -36.97
C GLN C 101 -23.99 -1.87 -36.73
N ILE C 102 -24.08 -0.90 -37.65
CA ILE C 102 -23.36 0.36 -37.47
C ILE C 102 -23.85 1.09 -36.23
N LEU C 103 -25.17 1.13 -36.05
CA LEU C 103 -25.73 1.75 -34.86
C LEU C 103 -25.30 1.02 -33.60
N TYR C 104 -25.27 -0.32 -33.65
CA TYR C 104 -24.79 -1.08 -32.50
C TYR C 104 -23.36 -0.72 -32.14
N THR C 105 -22.48 -0.64 -33.15
CA THR C 105 -21.08 -0.34 -32.87
C THR C 105 -20.91 1.08 -32.34
N ILE C 106 -21.68 2.03 -32.87
CA ILE C 106 -21.61 3.41 -32.38
C ILE C 106 -22.05 3.48 -30.93
N ASP C 107 -23.14 2.77 -30.59
CA ASP C 107 -23.61 2.74 -29.21
C ASP C 107 -22.59 2.05 -28.29
N HIS C 108 -21.99 0.95 -28.78
CA HIS C 108 -21.07 0.18 -27.94
C HIS C 108 -19.80 0.95 -27.66
N ALA C 109 -19.22 1.58 -28.68
CA ALA C 109 -17.99 2.35 -28.48
C ALA C 109 -18.23 3.68 -27.78
N GLU C 110 -19.46 4.17 -27.78
CA GLU C 110 -19.82 5.45 -27.16
C GLU C 110 -19.00 6.59 -27.76
N ASP C 111 -19.21 6.82 -29.07
CA ASP C 111 -18.48 7.85 -29.77
C ASP C 111 -18.97 9.23 -29.35
N ASP C 112 -18.03 10.17 -29.23
CA ASP C 112 -18.34 11.54 -28.83
C ASP C 112 -18.61 12.43 -30.05
N ILE C 113 -17.75 12.34 -31.06
CA ILE C 113 -17.85 13.18 -32.25
C ILE C 113 -17.74 12.26 -33.46
N ILE C 114 -18.56 12.52 -34.48
CA ILE C 114 -18.61 11.67 -35.67
C ILE C 114 -18.29 12.52 -36.89
N LEU C 115 -17.22 12.16 -37.59
CA LEU C 115 -16.89 12.71 -38.90
C LEU C 115 -17.43 11.75 -39.96
N ILE C 116 -18.31 12.25 -40.82
CA ILE C 116 -19.01 11.40 -41.77
C ILE C 116 -18.99 12.07 -43.14
N HIS C 117 -18.74 11.29 -44.18
CA HIS C 117 -18.78 11.81 -45.54
C HIS C 117 -20.21 12.10 -45.95
N GLU C 118 -20.34 12.98 -46.95
CA GLU C 118 -21.66 13.45 -47.37
C GLU C 118 -22.51 12.33 -47.95
N GLU C 119 -21.94 11.50 -48.82
CA GLU C 119 -22.74 10.47 -49.46
C GLU C 119 -22.96 9.25 -48.58
N PHE C 120 -22.41 9.25 -47.36
CA PHE C 120 -22.80 8.29 -46.33
C PHE C 120 -23.91 8.83 -45.45
N LEU C 121 -24.39 10.04 -45.73
CA LEU C 121 -25.45 10.63 -44.91
C LEU C 121 -26.75 9.82 -44.89
N PRO C 122 -27.27 9.29 -46.00
CA PRO C 122 -28.52 8.52 -45.90
C PRO C 122 -28.46 7.36 -44.91
N ILE C 123 -27.33 6.67 -44.84
CA ILE C 123 -27.18 5.59 -43.87
C ILE C 123 -27.41 6.11 -42.45
N LEU C 124 -26.87 7.28 -42.14
CA LEU C 124 -27.10 7.89 -40.84
C LEU C 124 -28.55 8.34 -40.68
N ASP C 125 -29.20 8.74 -41.78
CA ASP C 125 -30.52 9.34 -41.68
C ASP C 125 -31.54 8.37 -41.07
N GLN C 126 -31.34 7.07 -41.27
CA GLN C 126 -32.28 6.10 -40.74
C GLN C 126 -31.85 5.55 -39.38
N ILE C 127 -30.76 6.03 -38.80
CA ILE C 127 -30.37 5.63 -37.45
C ILE C 127 -30.05 6.86 -36.62
N LYS C 128 -30.42 8.04 -37.14
CA LYS C 128 -30.05 9.30 -36.51
C LYS C 128 -30.69 9.43 -35.12
N GLY C 129 -31.99 9.17 -35.03
CA GLY C 129 -32.69 9.33 -33.76
C GLY C 129 -32.36 8.27 -32.73
N ARG C 130 -31.92 7.10 -33.18
CA ARG C 130 -31.54 6.03 -32.25
C ARG C 130 -30.22 6.31 -31.55
N ILE C 131 -29.41 7.20 -32.10
CA ILE C 131 -28.05 7.46 -31.61
C ILE C 131 -28.10 8.45 -30.46
N ASP C 132 -27.37 8.15 -29.41
CA ASP C 132 -27.21 9.06 -28.29
C ASP C 132 -25.73 9.35 -28.11
N THR C 133 -25.36 10.03 -27.02
CA THR C 133 -23.97 10.19 -26.58
C THR C 133 -23.07 10.80 -27.65
N VAL C 134 -23.64 11.29 -28.75
CA VAL C 134 -22.90 11.94 -29.82
C VAL C 134 -23.27 13.41 -29.84
N THR C 135 -22.27 14.27 -29.72
CA THR C 135 -22.50 15.70 -29.59
C THR C 135 -22.33 16.48 -30.88
N ARG C 136 -21.48 16.02 -31.79
CA ARG C 136 -21.25 16.79 -33.01
C ARG C 136 -21.06 15.85 -34.21
N TYR C 137 -21.61 16.27 -35.34
CA TYR C 137 -21.40 15.64 -36.63
C TYR C 137 -20.65 16.61 -37.53
N VAL C 138 -19.56 16.14 -38.12
CA VAL C 138 -18.76 16.91 -39.07
C VAL C 138 -18.93 16.27 -40.44
N VAL C 139 -19.53 17.00 -41.37
CA VAL C 139 -19.82 16.50 -42.71
C VAL C 139 -18.62 16.79 -43.61
N LEU C 140 -18.14 15.76 -44.29
CA LEU C 140 -16.99 15.86 -45.17
C LEU C 140 -17.46 15.92 -46.62
N ARG C 141 -16.77 16.71 -47.44
CA ARG C 141 -17.11 16.87 -48.83
C ARG C 141 -15.83 16.94 -49.65
N ASP C 142 -15.97 16.74 -50.96
CA ASP C 142 -14.83 16.79 -51.87
C ASP C 142 -14.66 18.16 -52.52
N ASP C 143 -15.44 19.15 -52.13
CA ASP C 143 -15.34 20.51 -52.65
C ASP C 143 -15.01 21.46 -51.50
N GLU C 144 -15.09 22.76 -51.77
CA GLU C 144 -14.76 23.77 -50.77
C GLU C 144 -15.77 23.84 -49.64
N GLU C 145 -16.92 23.19 -49.76
CA GLU C 145 -17.97 23.26 -48.74
C GLU C 145 -17.74 22.30 -47.58
N CYS C 146 -16.61 21.60 -47.53
CA CYS C 146 -16.36 20.65 -46.47
C CYS C 146 -16.29 21.34 -45.12
N GLU C 147 -16.95 20.75 -44.12
CA GLU C 147 -16.89 21.29 -42.77
C GLU C 147 -15.54 21.01 -42.12
N TYR C 148 -14.88 19.92 -42.52
CA TYR C 148 -13.56 19.60 -42.00
C TYR C 148 -12.55 20.67 -42.37
N GLU C 149 -12.56 21.10 -43.63
CA GLU C 149 -11.65 22.16 -44.06
C GLU C 149 -11.96 23.48 -43.36
N ARG C 150 -13.25 23.80 -43.22
CA ARG C 150 -13.63 25.04 -42.54
C ARG C 150 -13.17 25.03 -41.09
N LEU C 151 -13.30 23.89 -40.42
CA LEU C 151 -12.81 23.77 -39.05
C LEU C 151 -11.29 23.88 -38.97
N LEU C 152 -10.53 23.34 -39.87
CA LEU C 152 -9.10 23.50 -39.85
C LEU C 152 -8.71 24.91 -40.13
N GLU C 153 -9.29 25.63 -41.08
CA GLU C 153 -8.82 26.98 -41.36
C GLU C 153 -8.86 27.89 -40.14
N GLN C 154 -9.81 27.74 -39.27
CA GLN C 154 -9.94 28.59 -38.14
C GLN C 154 -8.91 28.37 -37.10
N GLU C 155 -7.91 27.55 -37.37
CA GLU C 155 -6.95 27.17 -36.33
C GLU C 155 -5.52 27.50 -36.66
N SER C 156 -4.64 27.39 -35.66
CA SER C 156 -3.25 27.69 -35.93
C SER C 156 -2.45 26.42 -36.19
N THR C 157 -1.32 26.59 -36.88
CA THR C 157 -0.47 25.46 -37.22
C THR C 157 0.44 25.04 -36.08
N GLU C 158 0.42 25.76 -34.96
CA GLU C 158 1.24 25.39 -33.81
C GLU C 158 0.46 24.45 -32.90
N TYR C 159 1.17 23.50 -32.29
CA TYR C 159 0.59 22.62 -31.28
C TYR C 159 1.72 21.87 -30.59
N ASN C 160 1.55 21.63 -29.29
CA ASN C 160 2.51 20.88 -28.49
C ASN C 160 1.85 19.57 -28.08
N PHE C 161 2.29 18.49 -28.70
CA PHE C 161 1.63 17.20 -28.52
C PHE C 161 2.05 16.57 -27.20
N PRO C 162 1.12 16.06 -26.40
CA PRO C 162 1.47 15.53 -25.08
C PRO C 162 2.25 14.23 -25.17
N ASP C 163 2.92 13.91 -24.06
CA ASP C 163 3.58 12.64 -23.88
C ASP C 163 2.87 11.87 -22.78
N PHE C 164 2.43 10.66 -23.10
CA PHE C 164 1.71 9.83 -22.14
C PHE C 164 2.24 8.42 -22.22
N ASP C 165 1.62 7.52 -21.45
CA ASP C 165 2.03 6.13 -21.43
C ASP C 165 1.79 5.49 -22.79
N GLU C 166 2.69 4.58 -23.18
CA GLU C 166 2.59 3.93 -24.47
C GLU C 166 1.48 2.88 -24.53
N ASN C 167 0.89 2.54 -23.40
CA ASN C 167 -0.17 1.54 -23.36
C ASN C 167 -1.56 2.13 -23.46
N THR C 168 -1.68 3.43 -23.69
CA THR C 168 -2.99 4.03 -23.90
C THR C 168 -3.53 3.61 -25.26
N VAL C 169 -4.83 3.30 -25.29
CA VAL C 169 -5.47 2.81 -26.51
C VAL C 169 -5.50 3.90 -27.56
N ALA C 170 -5.16 3.53 -28.79
CA ALA C 170 -5.09 4.46 -29.91
C ALA C 170 -6.21 4.27 -30.92
N THR C 171 -6.46 3.03 -31.36
CA THR C 171 -7.44 2.77 -32.39
C THR C 171 -8.34 1.60 -31.98
N THR C 172 -9.53 1.57 -32.57
CA THR C 172 -10.47 0.48 -32.35
C THR C 172 -11.36 0.35 -33.58
N PHE C 173 -11.82 -0.89 -33.82
CA PHE C 173 -12.78 -1.17 -34.87
C PHE C 173 -13.46 -2.48 -34.54
N TYR C 174 -14.52 -2.80 -35.23
CA TYR C 174 -15.33 -3.92 -34.91
C TYR C 174 -15.32 -4.89 -35.98
N THR C 175 -15.30 -6.15 -35.63
CA THR C 175 -15.31 -7.22 -36.59
C THR C 175 -16.52 -8.05 -36.41
N THR C 176 -17.06 -8.57 -37.48
CA THR C 176 -18.19 -9.46 -37.37
C THR C 176 -17.79 -10.80 -36.81
N GLY C 177 -17.23 -11.64 -37.65
CA GLY C 177 -16.83 -12.99 -37.25
C GLY C 177 -18.01 -13.92 -37.19
N THR C 178 -17.93 -14.90 -36.28
CA THR C 178 -18.96 -15.91 -36.11
C THR C 178 -19.92 -15.61 -34.98
N THR C 179 -19.73 -14.50 -34.27
CA THR C 179 -20.56 -14.17 -33.13
C THR C 179 -21.87 -13.53 -33.57
N GLY C 180 -22.80 -13.42 -32.61
CA GLY C 180 -24.09 -12.80 -32.90
C GLY C 180 -24.05 -11.30 -33.03
N PHE C 181 -23.07 -10.65 -32.41
CA PHE C 181 -22.88 -9.21 -32.50
C PHE C 181 -21.44 -8.91 -32.89
N PRO C 182 -21.18 -7.75 -33.48
CA PRO C 182 -19.79 -7.39 -33.80
C PRO C 182 -18.94 -7.29 -32.54
N LYS C 183 -17.68 -7.69 -32.67
CA LYS C 183 -16.72 -7.70 -31.57
C LYS C 183 -15.72 -6.57 -31.76
N GLY C 184 -15.43 -5.85 -30.68
CA GLY C 184 -14.52 -4.72 -30.75
C GLY C 184 -13.10 -5.10 -30.37
N VAL C 185 -12.16 -4.73 -31.21
CA VAL C 185 -10.75 -4.98 -31.00
C VAL C 185 -10.02 -3.64 -30.94
N PHE C 186 -9.04 -3.53 -30.07
CA PHE C 186 -8.34 -2.28 -29.84
C PHE C 186 -6.84 -2.52 -29.79
N PHE C 187 -6.08 -1.48 -30.08
CA PHE C 187 -4.62 -1.53 -30.07
C PHE C 187 -4.08 -0.28 -29.41
N THR C 188 -2.87 -0.36 -28.90
CA THR C 188 -2.24 0.75 -28.22
C THR C 188 -1.20 1.41 -29.11
N HIS C 189 -0.63 2.51 -28.62
CA HIS C 189 0.42 3.20 -29.37
C HIS C 189 1.63 2.30 -29.55
N ARG C 190 2.02 1.60 -28.50
CA ARG C 190 3.18 0.72 -28.55
C ARG C 190 3.00 -0.39 -29.57
N GLN C 191 1.80 -0.98 -29.61
CA GLN C 191 1.53 -2.05 -30.56
C GLN C 191 1.63 -1.57 -32.00
N LEU C 192 1.09 -0.39 -32.29
CA LEU C 192 1.13 0.13 -33.65
C LEU C 192 2.55 0.48 -34.08
N VAL C 193 3.32 1.10 -33.17
CA VAL C 193 4.71 1.41 -33.48
C VAL C 193 5.51 0.14 -33.71
N LEU C 194 5.29 -0.87 -32.87
CA LEU C 194 6.02 -2.13 -33.03
C LEU C 194 5.61 -2.84 -34.31
N HIS C 195 4.34 -2.76 -34.68
CA HIS C 195 3.90 -3.38 -35.93
C HIS C 195 4.58 -2.72 -37.12
N THR C 196 4.66 -1.38 -37.11
CA THR C 196 5.35 -0.69 -38.19
C THR C 196 6.82 -1.10 -38.25
N MET C 197 7.52 -1.09 -37.11
CA MET C 197 8.93 -1.47 -37.08
C MET C 197 9.12 -2.90 -37.58
N GLY C 198 8.33 -3.84 -37.08
CA GLY C 198 8.53 -5.24 -37.43
C GLY C 198 8.26 -5.52 -38.90
N ILE C 199 7.16 -4.98 -39.44
CA ILE C 199 6.85 -5.27 -40.83
C ILE C 199 7.85 -4.58 -41.75
N LEU C 200 8.32 -3.38 -41.38
CA LEU C 200 9.34 -2.72 -42.19
C LEU C 200 10.64 -3.49 -42.17
N SER C 201 11.02 -4.04 -41.01
CA SER C 201 12.21 -4.89 -40.94
C SER C 201 12.06 -6.17 -41.75
N THR C 202 10.86 -6.74 -41.79
CA THR C 202 10.65 -7.99 -42.53
C THR C 202 10.64 -7.78 -44.04
N ILE C 203 9.79 -6.88 -44.53
CA ILE C 203 9.66 -6.76 -45.98
C ILE C 203 10.66 -5.77 -46.56
N GLY C 204 11.22 -4.87 -45.75
CA GLY C 204 12.19 -3.93 -46.26
C GLY C 204 13.53 -4.54 -46.58
N THR C 205 13.88 -5.65 -45.92
CA THR C 205 15.19 -6.27 -46.04
C THR C 205 15.24 -7.37 -47.09
N ASN C 206 14.18 -7.58 -47.86
CA ASN C 206 14.21 -8.57 -48.91
C ASN C 206 15.23 -8.16 -49.98
N ALA C 207 15.84 -9.17 -50.60
CA ALA C 207 16.94 -8.90 -51.53
C ALA C 207 16.45 -8.14 -52.76
N SER C 208 15.56 -8.77 -53.55
CA SER C 208 15.17 -8.18 -54.81
C SER C 208 13.69 -8.32 -55.15
N GLN C 209 12.87 -8.90 -54.28
CA GLN C 209 11.47 -9.16 -54.61
C GLN C 209 10.57 -8.71 -53.48
N GLY C 210 9.48 -8.03 -53.83
CA GLY C 210 8.42 -7.72 -52.89
C GLY C 210 8.86 -6.91 -51.69
N ARG C 211 9.66 -5.87 -51.91
CA ARG C 211 10.18 -5.04 -50.84
C ARG C 211 9.62 -3.63 -50.95
N LEU C 212 9.32 -3.04 -49.81
CA LEU C 212 8.88 -1.65 -49.72
C LEU C 212 10.08 -0.81 -49.26
N HIS C 213 10.51 0.11 -50.12
CA HIS C 213 11.65 0.95 -49.80
C HIS C 213 11.28 2.42 -49.95
N GLN C 214 12.26 3.28 -49.72
CA GLN C 214 12.02 4.72 -49.67
C GLN C 214 11.78 5.34 -51.04
N GLY C 215 11.97 4.59 -52.11
CA GLY C 215 11.72 5.10 -53.44
C GLY C 215 10.37 4.75 -54.03
N ASP C 216 9.46 4.19 -53.25
CA ASP C 216 8.18 3.72 -53.77
C ASP C 216 7.12 4.81 -53.70
N ILE C 217 6.03 4.58 -54.43
CA ILE C 217 4.85 5.42 -54.39
C ILE C 217 3.66 4.56 -53.97
N TYR C 218 2.99 4.94 -52.90
CA TYR C 218 2.03 4.09 -52.22
C TYR C 218 0.61 4.47 -52.61
N MET C 219 -0.27 3.47 -52.70
CA MET C 219 -1.68 3.61 -52.98
C MET C 219 -2.50 2.53 -52.31
N PRO C 220 -3.40 2.89 -51.40
CA PRO C 220 -4.31 1.89 -50.84
C PRO C 220 -5.42 1.52 -51.81
N ILE C 221 -5.77 0.23 -51.82
CA ILE C 221 -6.95 -0.24 -52.53
C ILE C 221 -7.75 -1.12 -51.56
N THR C 222 -7.34 -1.12 -50.30
CA THR C 222 -8.11 -1.72 -49.22
C THR C 222 -8.89 -0.63 -48.50
N PRO C 223 -10.13 -0.92 -48.09
CA PRO C 223 -11.04 0.14 -47.60
C PRO C 223 -10.49 1.04 -46.50
N MET C 224 -9.43 0.66 -45.80
CA MET C 224 -8.68 1.50 -44.85
C MET C 224 -9.44 1.71 -43.55
N PHE C 225 -10.70 1.29 -43.45
CA PHE C 225 -11.40 1.27 -42.17
C PHE C 225 -11.49 -0.14 -41.59
N HIS C 226 -10.67 -1.07 -42.09
CA HIS C 226 -10.80 -2.46 -41.72
C HIS C 226 -9.68 -2.98 -40.84
N VAL C 227 -8.42 -2.91 -41.30
CA VAL C 227 -7.31 -3.45 -40.53
C VAL C 227 -6.19 -2.43 -40.43
N HIS C 228 -6.54 -1.15 -40.35
CA HIS C 228 -5.60 -0.03 -40.46
C HIS C 228 -4.99 0.04 -41.86
N ALA C 229 -5.72 -0.43 -42.87
CA ALA C 229 -5.17 -0.63 -44.21
C ALA C 229 -3.86 -1.41 -44.14
N TRP C 230 -3.88 -2.52 -43.40
CA TRP C 230 -2.72 -3.38 -43.18
C TRP C 230 -1.54 -2.65 -42.56
N GLY C 231 -1.80 -1.51 -41.91
CA GLY C 231 -0.74 -0.70 -41.35
C GLY C 231 0.09 0.04 -42.37
N LEU C 232 -0.27 -0.04 -43.65
CA LEU C 232 0.56 0.58 -44.69
C LEU C 232 0.63 2.09 -44.58
N PRO C 233 -0.46 2.83 -44.32
CA PRO C 233 -0.31 4.29 -44.16
C PRO C 233 0.65 4.69 -43.07
N TYR C 234 0.73 3.93 -41.97
CA TYR C 234 1.73 4.21 -40.94
C TYR C 234 3.13 3.96 -41.45
N MET C 235 3.32 2.90 -42.23
CA MET C 235 4.64 2.59 -42.77
C MET C 235 5.06 3.63 -43.81
N ALA C 236 4.17 3.94 -44.76
CA ALA C 236 4.53 4.84 -45.84
C ALA C 236 4.92 6.22 -45.32
N THR C 237 4.14 6.74 -44.37
CA THR C 237 4.47 8.02 -43.76
C THR C 237 5.85 7.98 -43.11
N MET C 238 6.22 6.82 -42.56
CA MET C 238 7.53 6.74 -41.92
C MET C 238 8.64 6.73 -42.95
N LEU C 239 8.37 6.22 -44.15
CA LEU C 239 9.38 6.25 -45.18
C LEU C 239 9.41 7.58 -45.93
N GLY C 240 8.43 8.45 -45.71
CA GLY C 240 8.38 9.71 -46.40
C GLY C 240 8.17 9.57 -47.89
N VAL C 241 7.37 8.61 -48.30
CA VAL C 241 7.15 8.34 -49.71
C VAL C 241 5.90 9.06 -50.17
N LYS C 242 5.77 9.21 -51.50
CA LYS C 242 4.58 9.80 -52.08
C LYS C 242 3.39 8.88 -51.86
N GLN C 243 2.26 9.48 -51.47
CA GLN C 243 1.04 8.73 -51.17
C GLN C 243 -0.09 9.24 -52.05
N VAL C 244 -0.82 8.32 -52.67
CA VAL C 244 -1.93 8.64 -53.56
C VAL C 244 -3.17 7.97 -53.03
N TYR C 245 -4.25 8.73 -52.92
CA TYR C 245 -5.51 8.20 -52.40
C TYR C 245 -6.60 8.32 -53.46
N PRO C 246 -7.20 7.21 -53.90
CA PRO C 246 -8.15 7.30 -55.02
C PRO C 246 -9.55 7.72 -54.60
N GLY C 247 -10.02 7.26 -53.44
CA GLY C 247 -11.40 7.50 -53.07
C GLY C 247 -12.34 6.34 -53.32
N LYS C 248 -13.07 6.38 -54.43
CA LYS C 248 -14.20 5.48 -54.64
C LYS C 248 -13.80 4.11 -55.20
N TYR C 249 -12.54 3.90 -55.55
CA TYR C 249 -12.05 2.61 -56.07
C TYR C 249 -12.72 2.25 -57.41
N VAL C 250 -12.91 3.23 -58.27
CA VAL C 250 -13.41 2.93 -59.62
C VAL C 250 -12.25 2.34 -60.44
N PRO C 251 -12.45 1.23 -61.15
CA PRO C 251 -11.32 0.64 -61.91
C PRO C 251 -10.70 1.58 -62.92
N ASP C 252 -11.44 2.42 -63.62
CA ASP C 252 -10.81 3.26 -64.63
C ASP C 252 -10.26 4.51 -64.08
N VAL C 253 -10.36 4.71 -62.79
CA VAL C 253 -9.88 5.89 -62.16
C VAL C 253 -8.67 5.36 -61.51
N LEU C 254 -8.73 4.15 -60.97
CA LEU C 254 -7.55 3.52 -60.39
C LEU C 254 -6.47 3.27 -61.44
N LEU C 255 -6.85 2.78 -62.61
CA LEU C 255 -5.86 2.55 -63.66
C LEU C 255 -5.25 3.86 -64.13
N ASN C 256 -6.07 4.90 -64.28
CA ASN C 256 -5.55 6.20 -64.69
C ASN C 256 -4.57 6.74 -63.65
N LEU C 257 -4.87 6.55 -62.36
CA LEU C 257 -4.00 7.05 -61.31
C LEU C 257 -2.69 6.28 -61.26
N ILE C 258 -2.74 4.96 -61.47
CA ILE C 258 -1.50 4.19 -61.52
C ILE C 258 -0.66 4.63 -62.71
N GLU C 259 -1.31 4.87 -63.86
CA GLU C 259 -0.58 5.31 -65.04
C GLU C 259 0.06 6.68 -64.84
N GLN C 260 -0.67 7.61 -64.23
CA GLN C 260 -0.25 9.01 -64.18
C GLN C 260 0.63 9.34 -62.98
N GLU C 261 0.30 8.84 -61.79
CA GLU C 261 1.10 9.08 -60.60
C GLU C 261 2.26 8.11 -60.45
N LYS C 262 2.36 7.10 -61.33
CA LYS C 262 3.45 6.13 -61.32
C LYS C 262 3.49 5.35 -60.00
N VAL C 263 2.37 4.71 -59.66
CA VAL C 263 2.27 3.96 -58.42
C VAL C 263 3.08 2.67 -58.53
N THR C 264 3.81 2.34 -57.46
CA THR C 264 4.64 1.15 -57.45
C THR C 264 4.32 0.16 -56.33
N PHE C 265 3.55 0.55 -55.32
CA PHE C 265 3.19 -0.33 -54.23
C PHE C 265 1.72 -0.16 -53.89
N SER C 266 1.04 -1.28 -53.68
CA SER C 266 -0.39 -1.25 -53.39
C SER C 266 -0.77 -2.51 -52.62
N HIS C 267 -1.98 -2.49 -52.07
CA HIS C 267 -2.60 -3.67 -51.48
C HIS C 267 -4.07 -3.67 -51.84
N CYS C 268 -4.58 -4.81 -52.29
CA CYS C 268 -5.98 -4.91 -52.69
C CYS C 268 -6.49 -6.31 -52.36
N VAL C 269 -7.64 -6.64 -52.93
CA VAL C 269 -8.30 -7.93 -52.72
C VAL C 269 -8.46 -8.59 -54.08
N PRO C 270 -8.65 -9.91 -54.13
CA PRO C 270 -8.71 -10.59 -55.44
C PRO C 270 -9.76 -10.04 -56.40
N THR C 271 -10.91 -9.61 -55.88
CA THR C 271 -11.97 -9.12 -56.76
C THR C 271 -11.56 -7.84 -57.48
N ILE C 272 -10.98 -6.89 -56.73
CA ILE C 272 -10.56 -5.62 -57.34
C ILE C 272 -9.42 -5.87 -58.32
N LEU C 273 -8.49 -6.76 -57.98
CA LEU C 273 -7.39 -7.07 -58.89
C LEU C 273 -7.90 -7.70 -60.17
N HIS C 274 -8.87 -8.61 -60.05
CA HIS C 274 -9.46 -9.21 -61.26
C HIS C 274 -10.15 -8.15 -62.11
N LEU C 275 -10.86 -7.22 -61.47
CA LEU C 275 -11.49 -6.13 -62.22
C LEU C 275 -10.46 -5.28 -62.94
N LEU C 276 -9.36 -4.95 -62.27
CA LEU C 276 -8.32 -4.13 -62.88
C LEU C 276 -7.67 -4.85 -64.06
N LEU C 277 -7.40 -6.14 -63.90
CA LEU C 277 -6.73 -6.88 -64.97
C LEU C 277 -7.66 -7.10 -66.16
N SER C 278 -8.95 -7.28 -65.92
CA SER C 278 -9.89 -7.53 -67.00
C SER C 278 -10.39 -6.27 -67.70
N SER C 279 -10.16 -5.10 -67.12
CA SER C 279 -10.66 -3.87 -67.72
C SER C 279 -9.95 -3.60 -69.04
N PRO C 280 -10.68 -3.20 -70.08
CA PRO C 280 -10.05 -3.01 -71.41
C PRO C 280 -8.96 -1.95 -71.42
N LYS C 281 -9.11 -0.87 -70.64
CA LYS C 281 -8.11 0.19 -70.61
C LYS C 281 -6.76 -0.30 -70.14
N SER C 282 -6.70 -1.35 -69.32
CA SER C 282 -5.46 -1.91 -68.85
C SER C 282 -4.79 -2.82 -69.88
N LYS C 283 -5.43 -3.06 -71.02
CA LYS C 283 -4.83 -3.95 -72.02
C LYS C 283 -3.55 -3.39 -72.62
N ALA C 284 -3.37 -2.08 -72.61
CA ALA C 284 -2.20 -1.43 -73.19
C ALA C 284 -1.57 -0.45 -72.19
N MET C 285 -1.36 -0.90 -70.96
CA MET C 285 -0.77 -0.07 -69.92
C MET C 285 0.33 -0.85 -69.22
N ASP C 286 1.47 -0.20 -69.01
CA ASP C 286 2.63 -0.85 -68.41
C ASP C 286 2.37 -1.17 -66.95
N PHE C 287 2.72 -2.39 -66.55
CA PHE C 287 2.46 -2.88 -65.20
C PHE C 287 3.72 -3.36 -64.49
N SER C 288 4.87 -3.32 -65.14
CA SER C 288 6.06 -3.99 -64.61
C SER C 288 6.86 -3.07 -63.67
N GLY C 289 6.14 -2.41 -62.77
CA GLY C 289 6.78 -1.67 -61.69
C GLY C 289 5.95 -1.74 -60.43
N TRP C 290 4.91 -2.56 -60.47
CA TRP C 290 3.85 -2.55 -59.47
C TRP C 290 3.95 -3.79 -58.59
N LYS C 291 3.72 -3.61 -57.29
CA LYS C 291 3.95 -4.66 -56.30
C LYS C 291 2.71 -4.88 -55.43
N VAL C 292 1.56 -5.13 -56.04
CA VAL C 292 0.33 -5.31 -55.28
C VAL C 292 0.46 -6.48 -54.30
N VAL C 293 -0.08 -6.28 -53.09
CA VAL C 293 -0.12 -7.29 -52.04
C VAL C 293 -1.57 -7.71 -51.87
N ILE C 294 -1.84 -9.00 -52.00
CA ILE C 294 -3.19 -9.53 -51.90
C ILE C 294 -3.39 -10.05 -50.48
N GLY C 295 -4.36 -9.50 -49.77
CA GLY C 295 -4.54 -9.85 -48.38
C GLY C 295 -5.96 -10.12 -47.96
N GLY C 296 -6.92 -9.92 -48.86
CA GLY C 296 -8.30 -10.12 -48.51
C GLY C 296 -8.61 -11.54 -48.10
N ALA C 297 -8.57 -12.48 -49.05
CA ALA C 297 -8.76 -13.88 -48.74
C ALA C 297 -8.39 -14.73 -49.94
N ALA C 298 -7.52 -15.70 -49.73
CA ALA C 298 -7.30 -16.82 -50.65
C ALA C 298 -7.04 -16.35 -52.08
N LEU C 299 -5.90 -15.73 -52.28
CA LEU C 299 -5.45 -15.39 -53.62
C LEU C 299 -5.44 -16.64 -54.48
N PRO C 300 -6.30 -16.76 -55.49
CA PRO C 300 -6.35 -17.97 -56.30
C PRO C 300 -5.16 -18.08 -57.25
N LYS C 301 -4.85 -19.32 -57.62
CA LYS C 301 -3.69 -19.57 -58.48
C LYS C 301 -3.89 -19.00 -59.87
N ALA C 302 -5.12 -19.07 -60.40
CA ALA C 302 -5.37 -18.59 -61.75
C ALA C 302 -5.20 -17.07 -61.83
N LEU C 303 -5.73 -16.36 -60.85
CA LEU C 303 -5.56 -14.91 -60.81
C LEU C 303 -4.10 -14.53 -60.67
N CYS C 304 -3.37 -15.24 -59.80
CA CYS C 304 -1.96 -14.96 -59.61
C CYS C 304 -1.17 -15.21 -60.89
N LYS C 305 -1.48 -16.29 -61.60
CA LYS C 305 -0.80 -16.57 -62.86
C LYS C 305 -1.09 -15.51 -63.91
N SER C 306 -2.36 -15.10 -64.02
CA SER C 306 -2.71 -14.07 -65.00
C SER C 306 -2.05 -12.75 -64.69
N ALA C 307 -1.95 -12.39 -63.40
CA ALA C 307 -1.21 -11.20 -63.02
C ALA C 307 0.28 -11.34 -63.29
N LEU C 308 0.84 -12.54 -63.12
CA LEU C 308 2.26 -12.74 -63.35
C LEU C 308 2.60 -12.63 -64.83
N GLU C 309 1.68 -13.02 -65.71
CA GLU C 309 1.93 -12.84 -67.14
C GLU C 309 1.98 -11.37 -67.53
N ARG C 310 1.50 -10.47 -66.67
CA ARG C 310 1.58 -9.03 -66.90
C ARG C 310 2.79 -8.39 -66.23
N ASP C 311 3.68 -9.21 -65.67
CA ASP C 311 4.90 -8.73 -65.00
C ASP C 311 4.57 -7.89 -63.77
N ILE C 312 3.64 -8.40 -62.97
CA ILE C 312 3.25 -7.76 -61.71
C ILE C 312 3.81 -8.60 -60.56
N ASP C 313 4.52 -7.95 -59.65
CA ASP C 313 5.07 -8.61 -58.47
C ASP C 313 3.94 -8.78 -57.47
N VAL C 314 3.11 -9.79 -57.69
CA VAL C 314 1.94 -10.07 -56.87
C VAL C 314 2.32 -11.11 -55.84
N PHE C 315 1.97 -10.85 -54.58
CA PHE C 315 2.22 -11.80 -53.51
C PHE C 315 1.16 -11.61 -52.42
N ALA C 316 0.99 -12.65 -51.61
CA ALA C 316 -0.09 -12.71 -50.65
C ALA C 316 0.41 -12.46 -49.22
N GLY C 317 -0.54 -12.07 -48.36
CA GLY C 317 -0.24 -11.90 -46.96
C GLY C 317 -1.44 -12.32 -46.13
N TYR C 318 -1.17 -12.59 -44.85
CA TYR C 318 -2.19 -13.09 -43.94
C TYR C 318 -2.37 -12.16 -42.77
N GLY C 319 -3.62 -11.90 -42.42
CA GLY C 319 -4.00 -11.06 -41.29
C GLY C 319 -5.50 -11.12 -41.11
N MET C 320 -5.98 -11.09 -39.86
CA MET C 320 -7.38 -11.41 -39.61
C MET C 320 -8.01 -10.55 -38.51
N SER C 321 -7.69 -9.26 -38.47
CA SER C 321 -8.43 -8.21 -37.77
C SER C 321 -8.24 -8.22 -36.26
N GLU C 322 -7.62 -9.25 -35.68
CA GLU C 322 -7.29 -9.24 -34.27
C GLU C 322 -5.80 -9.38 -34.06
N THR C 323 -5.00 -9.28 -35.13
CA THR C 323 -3.60 -9.68 -35.08
C THR C 323 -2.68 -8.62 -35.67
N GLY C 324 -3.14 -7.37 -35.77
CA GLY C 324 -2.26 -6.29 -36.14
C GLY C 324 -2.53 -5.52 -37.41
N PRO C 325 -2.88 -6.19 -38.54
CA PRO C 325 -3.21 -7.59 -38.76
C PRO C 325 -2.08 -8.51 -39.20
N ILE C 326 -0.95 -8.00 -39.69
CA ILE C 326 -0.04 -8.84 -40.47
C ILE C 326 0.62 -9.88 -39.58
N LEU C 327 0.58 -11.13 -40.03
CA LEU C 327 1.20 -12.27 -39.37
C LEU C 327 2.18 -13.01 -40.27
N SER C 328 1.93 -13.07 -41.57
CA SER C 328 2.80 -13.79 -42.49
C SER C 328 2.70 -13.19 -43.87
N ILE C 329 3.82 -13.21 -44.61
CA ILE C 329 3.89 -12.73 -45.98
C ILE C 329 4.78 -13.68 -46.76
N VAL C 330 4.42 -13.96 -48.02
CA VAL C 330 5.25 -14.83 -48.85
C VAL C 330 6.47 -14.04 -49.31
N GLN C 331 7.65 -14.62 -49.11
CA GLN C 331 8.92 -14.08 -49.59
C GLN C 331 9.64 -15.16 -50.39
N LEU C 332 10.12 -14.79 -51.58
CA LEU C 332 10.75 -15.74 -52.48
C LEU C 332 12.26 -15.62 -52.42
N THR C 333 12.93 -16.74 -52.21
CA THR C 333 14.39 -16.79 -52.17
C THR C 333 14.94 -16.65 -53.57
N PRO C 334 16.24 -16.30 -53.71
CA PRO C 334 16.79 -16.05 -55.05
C PRO C 334 16.67 -17.24 -55.99
N GLU C 335 16.70 -18.47 -55.48
CA GLU C 335 16.55 -19.62 -56.37
C GLU C 335 15.09 -19.93 -56.68
N GLN C 336 14.14 -19.32 -55.97
CA GLN C 336 12.73 -19.46 -56.30
C GLN C 336 12.27 -18.45 -57.33
N LEU C 337 13.08 -17.45 -57.64
CA LEU C 337 12.75 -16.50 -58.70
C LEU C 337 13.03 -17.04 -60.09
N GLU C 338 13.80 -18.12 -60.20
CA GLU C 338 14.13 -18.69 -61.50
C GLU C 338 13.08 -19.69 -61.98
N LEU C 339 12.11 -20.04 -61.15
CA LEU C 339 11.06 -20.96 -61.57
C LEU C 339 10.12 -20.27 -62.54
N ASP C 340 9.49 -21.06 -63.41
CA ASP C 340 8.54 -20.52 -64.36
C ASP C 340 7.22 -20.20 -63.65
N VAL C 341 6.27 -19.66 -64.42
CA VAL C 341 5.05 -19.10 -63.86
C VAL C 341 4.22 -20.13 -63.12
N ASP C 342 4.25 -21.40 -63.55
CA ASP C 342 3.46 -22.42 -62.89
C ASP C 342 3.89 -22.63 -61.44
N GLN C 343 5.20 -22.76 -61.21
CA GLN C 343 5.72 -22.83 -59.85
C GLN C 343 5.70 -21.48 -59.14
N GLN C 344 5.74 -20.38 -59.90
CA GLN C 344 5.66 -19.06 -59.30
C GLN C 344 4.32 -18.85 -58.62
N ALA C 345 3.23 -19.17 -59.33
CA ALA C 345 1.88 -19.04 -58.79
C ALA C 345 1.60 -20.01 -57.66
N GLU C 346 2.33 -21.13 -57.60
CA GLU C 346 2.18 -22.04 -56.47
C GLU C 346 2.64 -21.40 -55.18
N TYR C 347 3.84 -20.81 -55.18
CA TYR C 347 4.41 -20.17 -54.00
C TYR C 347 3.75 -18.85 -53.67
N ARG C 348 3.45 -18.02 -54.66
CA ARG C 348 2.95 -16.68 -54.37
C ARG C 348 1.53 -16.72 -53.81
N SER C 349 0.82 -17.84 -53.98
CA SER C 349 -0.55 -17.95 -53.50
C SER C 349 -0.65 -18.50 -52.09
N LYS C 350 0.46 -18.90 -51.48
CA LYS C 350 0.43 -19.49 -50.15
C LYS C 350 0.21 -18.42 -49.09
N THR C 351 -0.06 -18.88 -47.87
CA THR C 351 -0.19 -17.96 -46.74
C THR C 351 1.14 -17.27 -46.43
N GLY C 352 2.22 -18.02 -46.42
CA GLY C 352 3.56 -17.47 -46.33
C GLY C 352 4.21 -17.74 -44.99
N LYS C 353 5.51 -17.43 -44.95
CA LYS C 353 6.28 -17.54 -43.72
C LYS C 353 5.91 -16.43 -42.76
N LYS C 354 5.95 -16.73 -41.47
CA LYS C 354 5.60 -15.75 -40.46
C LYS C 354 6.64 -14.63 -40.40
N VAL C 355 6.18 -13.43 -40.09
CA VAL C 355 7.02 -12.24 -40.05
C VAL C 355 7.80 -12.21 -38.74
N ALA C 356 8.72 -11.26 -38.62
CA ALA C 356 9.56 -11.15 -37.44
C ALA C 356 8.72 -11.01 -36.18
N LEU C 357 9.15 -11.71 -35.12
CA LEU C 357 8.54 -11.66 -33.79
C LEU C 357 7.17 -12.33 -33.74
N VAL C 358 6.98 -13.41 -34.50
CA VAL C 358 5.73 -14.16 -34.53
C VAL C 358 6.06 -15.63 -34.34
N GLU C 359 5.24 -16.35 -33.56
CA GLU C 359 5.52 -17.74 -33.23
C GLU C 359 4.76 -18.73 -34.12
N ALA C 360 3.43 -18.60 -34.20
CA ALA C 360 2.63 -19.29 -35.23
C ALA C 360 2.79 -20.82 -35.16
N TYR C 361 2.25 -21.41 -34.10
CA TYR C 361 2.20 -22.85 -33.95
C TYR C 361 0.90 -23.41 -34.53
N ILE C 362 0.92 -24.72 -34.81
CA ILE C 362 -0.24 -25.46 -35.27
C ILE C 362 -0.64 -26.43 -34.16
N VAL C 363 -1.89 -26.52 -33.79
CA VAL C 363 -2.31 -27.32 -32.64
C VAL C 363 -3.61 -28.05 -32.86
N ASP C 364 -4.00 -28.94 -31.94
CA ASP C 364 -5.33 -29.60 -31.97
C ASP C 364 -6.12 -29.09 -30.75
N GLU C 365 -7.36 -29.49 -30.51
CA GLU C 365 -8.12 -29.08 -29.33
C GLU C 365 -7.35 -29.33 -28.04
N ASP C 366 -6.47 -30.33 -28.04
CA ASP C 366 -5.69 -30.66 -26.86
C ASP C 366 -4.42 -29.81 -26.74
N MET C 367 -4.22 -28.85 -27.65
CA MET C 367 -3.02 -28.02 -27.68
C MET C 367 -1.76 -28.88 -27.84
N ASN C 368 -1.82 -29.84 -28.75
CA ASN C 368 -0.77 -30.84 -28.84
C ASN C 368 0.39 -30.46 -29.75
N LYS C 369 0.30 -29.35 -30.47
CA LYS C 369 1.41 -28.84 -31.29
C LYS C 369 1.86 -29.88 -32.31
N LEU C 370 0.99 -30.08 -33.29
CA LEU C 370 1.22 -31.06 -34.34
C LEU C 370 2.51 -30.74 -35.10
N PRO C 371 3.19 -31.76 -35.65
CA PRO C 371 4.45 -31.50 -36.36
C PRO C 371 4.23 -30.80 -37.69
N HIS C 372 5.31 -30.20 -38.19
CA HIS C 372 5.29 -29.47 -39.45
C HIS C 372 5.75 -30.37 -40.60
N ASP C 373 5.00 -31.45 -40.81
CA ASP C 373 5.34 -32.40 -41.85
C ASP C 373 4.98 -31.89 -43.25
N GLY C 374 3.86 -31.18 -43.37
CA GLY C 374 3.44 -30.67 -44.66
C GLY C 374 2.01 -31.01 -45.03
N GLU C 375 1.44 -32.02 -44.37
CA GLU C 375 0.07 -32.42 -44.63
C GLU C 375 -0.80 -32.47 -43.38
N THR C 376 -0.21 -32.51 -42.19
CA THR C 376 -1.00 -32.54 -40.97
C THR C 376 -1.54 -31.16 -40.66
N ALA C 377 -2.85 -31.01 -40.70
CA ALA C 377 -3.49 -29.72 -40.53
C ALA C 377 -3.97 -29.53 -39.11
N GLY C 378 -4.14 -28.26 -38.73
CA GLY C 378 -4.60 -27.91 -37.40
C GLY C 378 -4.83 -26.42 -37.32
N GLU C 379 -5.36 -25.99 -36.18
CA GLU C 379 -5.62 -24.58 -35.98
C GLU C 379 -4.31 -23.82 -35.72
N ILE C 380 -4.25 -22.59 -36.23
CA ILE C 380 -3.10 -21.73 -36.06
C ILE C 380 -3.28 -20.92 -34.77
N VAL C 381 -2.28 -20.96 -33.89
CA VAL C 381 -2.27 -20.18 -32.68
C VAL C 381 -0.98 -19.38 -32.65
N VAL C 382 -1.07 -18.08 -32.36
CA VAL C 382 0.04 -17.17 -32.57
C VAL C 382 0.33 -16.38 -31.31
N ARG C 383 1.55 -15.85 -31.25
CA ARG C 383 1.99 -14.91 -30.22
C ARG C 383 2.81 -13.84 -30.92
N ALA C 384 2.33 -12.60 -30.88
CA ALA C 384 2.95 -11.47 -31.56
C ALA C 384 2.91 -10.26 -30.65
N PRO C 385 3.76 -9.27 -30.90
CA PRO C 385 3.75 -8.06 -30.07
C PRO C 385 2.52 -7.17 -30.29
N TRP C 386 1.68 -7.47 -31.28
CA TRP C 386 0.60 -6.56 -31.64
C TRP C 386 -0.75 -7.26 -31.74
N LEU C 387 -1.07 -8.09 -30.75
CA LEU C 387 -2.34 -8.81 -30.70
C LEU C 387 -3.27 -8.12 -29.69
N THR C 388 -4.55 -8.06 -30.02
CA THR C 388 -5.51 -7.49 -29.09
C THR C 388 -5.64 -8.37 -27.85
N PRO C 389 -5.51 -7.82 -26.65
CA PRO C 389 -5.57 -8.67 -25.45
C PRO C 389 -6.90 -9.38 -25.27
N ASN C 390 -8.00 -8.76 -25.69
CA ASN C 390 -9.33 -9.31 -25.50
C ASN C 390 -10.28 -8.56 -26.42
N TYR C 391 -11.56 -8.89 -26.31
CA TYR C 391 -12.62 -8.12 -26.95
C TYR C 391 -13.11 -7.05 -25.98
N TYR C 392 -13.47 -5.90 -26.53
CA TYR C 392 -13.91 -4.79 -25.70
C TYR C 392 -15.26 -5.11 -25.08
N LYS C 393 -15.33 -4.96 -23.75
CA LYS C 393 -16.55 -5.22 -22.97
C LYS C 393 -17.07 -6.64 -23.15
N ASP C 394 -16.17 -7.61 -23.25
CA ASP C 394 -16.55 -9.00 -23.41
C ASP C 394 -15.65 -9.86 -22.53
N ASN C 395 -16.25 -10.89 -21.92
CA ASN C 395 -15.53 -11.76 -21.00
C ASN C 395 -15.40 -13.19 -21.51
N LYS C 396 -16.50 -13.85 -21.86
CA LYS C 396 -16.41 -15.26 -22.22
C LYS C 396 -15.86 -15.44 -23.62
N ASN C 397 -16.15 -14.51 -24.53
CA ASN C 397 -15.54 -14.57 -25.86
C ASN C 397 -14.04 -14.29 -25.77
N SER C 398 -13.65 -13.39 -24.87
CA SER C 398 -12.23 -13.12 -24.64
C SER C 398 -11.51 -14.35 -24.12
N LYS C 399 -12.11 -15.17 -23.29
CA LYS C 399 -11.44 -16.35 -22.82
C LYS C 399 -11.35 -17.39 -23.88
N ALA C 400 -12.27 -17.50 -24.80
CA ALA C 400 -12.09 -18.43 -25.92
C ALA C 400 -11.06 -17.91 -26.91
N LEU C 401 -10.90 -16.58 -27.00
CA LEU C 401 -9.91 -16.02 -27.91
C LEU C 401 -8.49 -16.41 -27.47
N TRP C 402 -8.20 -16.34 -26.19
CA TRP C 402 -6.86 -16.60 -25.67
C TRP C 402 -6.77 -17.90 -24.89
N ARG C 403 -7.50 -18.92 -25.34
CA ARG C 403 -7.48 -20.21 -24.68
C ARG C 403 -6.12 -20.89 -24.84
N GLY C 404 -5.62 -21.45 -23.75
CA GLY C 404 -4.37 -22.18 -23.78
C GLY C 404 -3.12 -21.32 -23.82
N GLY C 405 -3.25 -20.02 -23.60
CA GLY C 405 -2.09 -19.14 -23.63
C GLY C 405 -1.71 -18.64 -25.01
N TYR C 406 -2.54 -18.85 -26.02
CA TYR C 406 -2.26 -18.41 -27.38
C TYR C 406 -3.52 -17.81 -27.97
N LEU C 407 -3.34 -16.95 -28.97
CA LEU C 407 -4.48 -16.38 -29.68
C LEU C 407 -4.94 -17.35 -30.76
N HIS C 408 -6.24 -17.64 -30.76
CA HIS C 408 -6.82 -18.60 -31.69
C HIS C 408 -7.35 -17.85 -32.91
N THR C 409 -6.73 -18.09 -34.06
CA THR C 409 -7.15 -17.40 -35.29
C THR C 409 -8.43 -17.98 -35.87
N GLY C 410 -8.70 -19.26 -35.65
CA GLY C 410 -9.86 -19.89 -36.26
C GLY C 410 -9.63 -20.41 -37.66
N ASP C 411 -8.38 -20.47 -38.12
CA ASP C 411 -8.05 -20.99 -39.44
C ASP C 411 -7.28 -22.31 -39.30
N VAL C 412 -7.61 -23.26 -40.16
CA VAL C 412 -7.00 -24.59 -40.19
C VAL C 412 -6.05 -24.64 -41.37
N ALA C 413 -4.78 -24.96 -41.07
CA ALA C 413 -3.69 -24.91 -42.03
C ALA C 413 -2.68 -25.99 -41.69
N HIS C 414 -1.82 -26.31 -42.66
CA HIS C 414 -0.66 -27.15 -42.44
C HIS C 414 0.59 -26.37 -42.81
N ILE C 415 1.67 -26.60 -42.08
CA ILE C 415 2.90 -25.85 -42.22
C ILE C 415 3.99 -26.77 -42.76
N ASP C 416 4.66 -26.32 -43.83
CA ASP C 416 5.74 -27.08 -44.44
C ASP C 416 6.96 -27.13 -43.52
N ASP C 417 7.95 -27.94 -43.85
CA ASP C 417 9.22 -27.96 -43.11
C ASP C 417 10.01 -26.68 -43.22
N GLU C 418 10.15 -26.12 -44.43
CA GLU C 418 10.78 -24.84 -44.64
C GLU C 418 10.11 -23.65 -43.95
N GLY C 419 8.83 -23.75 -43.68
CA GLY C 419 8.14 -22.70 -43.00
C GLY C 419 6.89 -22.22 -43.67
N PHE C 420 6.66 -22.63 -44.90
CA PHE C 420 5.50 -22.12 -45.62
C PHE C 420 4.22 -22.62 -44.98
N ILE C 421 3.25 -21.73 -44.85
CA ILE C 421 1.93 -22.04 -44.31
C ILE C 421 0.94 -22.06 -45.46
N LYS C 422 0.03 -23.03 -45.45
CA LYS C 422 -1.04 -23.11 -46.43
C LYS C 422 -2.35 -23.30 -45.68
N ILE C 423 -3.18 -22.27 -45.68
CA ILE C 423 -4.46 -22.34 -44.96
C ILE C 423 -5.45 -23.16 -45.77
N THR C 424 -6.03 -24.16 -45.12
CA THR C 424 -6.97 -25.07 -45.78
C THR C 424 -8.41 -24.62 -45.61
N ASP C 425 -8.82 -24.25 -44.39
CA ASP C 425 -10.22 -23.92 -44.15
C ASP C 425 -10.35 -23.14 -42.85
N ARG C 426 -11.60 -23.03 -42.39
CA ARG C 426 -11.87 -22.48 -41.08
C ARG C 426 -12.18 -23.59 -40.08
N VAL C 427 -12.01 -23.27 -38.79
CA VAL C 427 -12.27 -24.26 -37.75
C VAL C 427 -13.75 -24.64 -37.74
N LYS C 428 -14.63 -23.65 -37.83
CA LYS C 428 -16.06 -23.92 -37.81
C LYS C 428 -16.53 -24.60 -39.08
N ASP C 429 -15.85 -24.36 -40.20
CA ASP C 429 -16.23 -24.99 -41.45
C ASP C 429 -15.65 -26.40 -41.60
N MET C 430 -14.90 -26.88 -40.62
CA MET C 430 -14.46 -28.27 -40.58
C MET C 430 -15.66 -29.16 -40.26
N ILE C 431 -15.86 -30.19 -41.08
CA ILE C 431 -16.94 -31.14 -40.89
C ILE C 431 -16.34 -32.45 -40.40
N LYS C 432 -16.97 -33.04 -39.38
CA LYS C 432 -16.39 -34.15 -38.63
C LYS C 432 -17.00 -35.48 -39.06
N ILE C 433 -16.46 -36.02 -40.15
CA ILE C 433 -16.80 -37.39 -40.54
C ILE C 433 -15.99 -38.37 -39.71
N SER C 434 -16.68 -39.30 -39.06
CA SER C 434 -16.04 -40.32 -38.23
C SER C 434 -15.07 -39.68 -37.23
N GLY C 435 -13.77 -39.85 -37.46
CA GLY C 435 -12.78 -39.28 -36.56
C GLY C 435 -11.83 -38.31 -37.23
N GLU C 436 -12.08 -37.97 -38.49
CA GLU C 436 -11.21 -37.08 -39.24
C GLU C 436 -11.91 -35.77 -39.57
N TRP C 437 -11.13 -34.81 -40.05
CA TRP C 437 -11.60 -33.47 -40.40
C TRP C 437 -11.14 -33.18 -41.83
N VAL C 438 -12.06 -33.29 -42.78
CA VAL C 438 -11.76 -32.89 -44.15
C VAL C 438 -12.28 -31.48 -44.37
N SER C 439 -11.64 -30.76 -45.28
CA SER C 439 -11.99 -29.37 -45.56
C SER C 439 -13.07 -29.29 -46.63
N SER C 440 -13.93 -28.29 -46.51
CA SER C 440 -14.97 -28.06 -47.50
C SER C 440 -14.50 -27.18 -48.66
N LEU C 441 -13.40 -26.45 -48.50
CA LEU C 441 -12.92 -25.59 -49.58
C LEU C 441 -12.46 -26.41 -50.78
N GLU C 442 -11.77 -27.54 -50.53
CA GLU C 442 -11.35 -28.39 -51.63
C GLU C 442 -12.54 -29.00 -52.34
N LEU C 443 -13.58 -29.40 -51.59
CA LEU C 443 -14.78 -29.93 -52.21
C LEU C 443 -15.47 -28.87 -53.05
N GLU C 444 -15.56 -27.64 -52.55
CA GLU C 444 -16.15 -26.56 -53.33
C GLU C 444 -15.34 -26.28 -54.59
N ASP C 445 -14.01 -26.33 -54.49
CA ASP C 445 -13.17 -26.11 -55.66
C ASP C 445 -13.37 -27.21 -56.68
N ILE C 446 -13.49 -28.46 -56.23
CA ILE C 446 -13.71 -29.58 -57.15
C ILE C 446 -15.06 -29.44 -57.84
N LEU C 447 -16.10 -29.10 -57.09
CA LEU C 447 -17.43 -28.97 -57.69
C LEU C 447 -17.50 -27.77 -58.61
N HIS C 448 -16.76 -26.70 -58.31
CA HIS C 448 -16.75 -25.52 -59.16
C HIS C 448 -16.05 -25.79 -60.50
N GLN C 449 -15.26 -26.84 -60.58
CA GLN C 449 -14.60 -27.20 -61.84
C GLN C 449 -15.59 -27.70 -62.90
N HIS C 450 -16.83 -27.96 -62.51
CA HIS C 450 -17.84 -28.36 -63.48
C HIS C 450 -18.12 -27.22 -64.45
N GLN C 451 -18.41 -27.58 -65.71
CA GLN C 451 -18.62 -26.58 -66.74
C GLN C 451 -19.95 -25.84 -66.58
N SER C 452 -20.94 -26.44 -65.94
CA SER C 452 -22.28 -25.86 -65.82
C SER C 452 -22.58 -25.36 -64.41
N VAL C 453 -21.58 -25.22 -63.55
CA VAL C 453 -21.77 -24.86 -62.15
C VAL C 453 -21.26 -23.45 -61.94
N SER C 454 -22.08 -22.60 -61.30
CA SER C 454 -21.73 -21.22 -61.03
C SER C 454 -21.06 -21.02 -59.68
N GLU C 455 -21.72 -21.42 -58.60
CA GLU C 455 -21.13 -21.30 -57.27
C GLU C 455 -21.55 -22.51 -56.43
N VAL C 456 -20.71 -22.84 -55.45
CA VAL C 456 -20.86 -24.04 -54.63
C VAL C 456 -20.63 -23.66 -53.17
N ALA C 457 -21.44 -24.23 -52.28
CA ALA C 457 -21.23 -24.13 -50.84
C ALA C 457 -21.42 -25.51 -50.22
N VAL C 458 -20.44 -25.93 -49.42
CA VAL C 458 -20.46 -27.24 -48.78
C VAL C 458 -20.62 -27.06 -47.28
N ILE C 459 -21.59 -27.78 -46.71
CA ILE C 459 -21.92 -27.68 -45.30
C ILE C 459 -22.00 -29.08 -44.71
N GLY C 460 -22.18 -29.14 -43.39
CA GLY C 460 -22.26 -30.40 -42.68
C GLY C 460 -23.65 -30.66 -42.12
N MET C 461 -24.02 -31.94 -42.10
CA MET C 461 -25.29 -32.39 -41.55
C MET C 461 -25.05 -33.57 -40.62
N PRO C 462 -25.83 -33.66 -39.54
CA PRO C 462 -25.61 -34.75 -38.57
C PRO C 462 -25.94 -36.12 -39.14
N HIS C 463 -25.24 -37.12 -38.62
CA HIS C 463 -25.51 -38.53 -38.93
C HIS C 463 -24.91 -39.34 -37.79
N ASN C 464 -25.67 -40.29 -37.27
CA ASN C 464 -25.33 -40.93 -36.00
C ASN C 464 -23.98 -41.66 -36.07
N LYS C 465 -23.76 -42.44 -37.13
CA LYS C 465 -22.58 -43.30 -37.14
C LYS C 465 -21.35 -42.61 -37.75
N TRP C 466 -21.56 -41.56 -38.54
CA TRP C 466 -20.46 -40.93 -39.26
C TRP C 466 -20.35 -39.43 -38.98
N GLY C 467 -20.87 -38.98 -37.84
CA GLY C 467 -20.68 -37.59 -37.44
C GLY C 467 -21.32 -36.63 -38.43
N GLU C 468 -20.66 -35.52 -38.69
CA GLU C 468 -21.14 -34.52 -39.62
C GLU C 468 -20.66 -34.87 -41.02
N VAL C 469 -21.59 -35.08 -41.93
CA VAL C 469 -21.28 -35.52 -43.29
C VAL C 469 -21.59 -34.39 -44.24
N PRO C 470 -21.14 -34.48 -45.49
CA PRO C 470 -21.20 -33.32 -46.39
C PRO C 470 -22.56 -33.13 -47.04
N LEU C 471 -22.80 -31.88 -47.47
CA LEU C 471 -23.93 -31.51 -48.31
C LEU C 471 -23.49 -30.36 -49.20
N ALA C 472 -23.87 -30.41 -50.47
CA ALA C 472 -23.45 -29.44 -51.45
C ALA C 472 -24.64 -28.69 -52.02
N LEU C 473 -24.57 -27.35 -51.99
CA LEU C 473 -25.55 -26.49 -52.64
C LEU C 473 -24.87 -25.80 -53.81
N VAL C 474 -25.43 -25.97 -55.00
CA VAL C 474 -24.83 -25.45 -56.22
C VAL C 474 -25.82 -24.53 -56.92
N THR C 475 -25.30 -23.56 -57.66
CA THR C 475 -26.10 -22.69 -58.52
C THR C 475 -25.72 -22.95 -59.97
N LEU C 476 -26.71 -23.15 -60.82
CA LEU C 476 -26.46 -23.49 -62.21
C LEU C 476 -26.33 -22.22 -63.06
N LYS C 477 -25.59 -22.37 -64.17
CA LYS C 477 -25.34 -21.26 -65.08
C LYS C 477 -26.57 -21.04 -65.97
N GLU C 478 -26.42 -20.19 -66.99
CA GLU C 478 -27.54 -19.88 -67.87
C GLU C 478 -27.90 -21.08 -68.73
N ASP C 479 -29.19 -21.43 -68.72
CA ASP C 479 -29.74 -22.48 -69.58
C ASP C 479 -28.99 -23.80 -69.40
N ALA C 480 -28.62 -24.10 -68.16
CA ALA C 480 -27.91 -25.32 -67.82
C ALA C 480 -28.76 -26.10 -66.81
N GLN C 481 -28.95 -27.40 -67.07
CA GLN C 481 -29.73 -28.27 -66.19
C GLN C 481 -29.00 -29.61 -66.10
N VAL C 482 -28.23 -29.77 -65.03
CA VAL C 482 -27.52 -31.01 -64.74
C VAL C 482 -28.10 -31.59 -63.45
N THR C 483 -28.44 -32.86 -63.48
CA THR C 483 -29.03 -33.49 -62.30
C THR C 483 -27.99 -33.65 -61.20
N GLU C 484 -28.48 -33.87 -59.98
CA GLU C 484 -27.58 -34.11 -58.86
C GLU C 484 -26.75 -35.38 -59.06
N LYS C 485 -27.29 -36.35 -59.80
CA LYS C 485 -26.53 -37.57 -60.06
C LYS C 485 -25.27 -37.28 -60.88
N GLU C 486 -25.37 -36.39 -61.86
CA GLU C 486 -24.19 -36.05 -62.67
C GLU C 486 -23.10 -35.41 -61.82
N LEU C 487 -23.49 -34.49 -60.93
CA LEU C 487 -22.50 -33.85 -60.07
C LEU C 487 -21.90 -34.86 -59.09
N LEU C 488 -22.73 -35.75 -58.54
CA LEU C 488 -22.21 -36.81 -57.68
C LEU C 488 -21.17 -37.65 -58.41
N GLY C 489 -21.47 -38.06 -59.64
CA GLY C 489 -20.52 -38.86 -60.40
C GLY C 489 -19.26 -38.08 -60.75
N PHE C 490 -19.40 -36.80 -61.09
CA PHE C 490 -18.24 -35.98 -61.41
C PHE C 490 -17.31 -35.85 -60.22
N ALA C 491 -17.86 -35.67 -59.02
CA ALA C 491 -17.04 -35.64 -57.82
C ALA C 491 -16.45 -37.01 -57.51
N LYS C 492 -17.20 -38.07 -57.77
CA LYS C 492 -16.69 -39.42 -57.50
C LYS C 492 -15.56 -39.78 -58.44
N ASP C 493 -15.49 -39.15 -59.61
CA ASP C 493 -14.49 -39.51 -60.61
C ASP C 493 -13.08 -39.21 -60.13
N PHE C 494 -12.93 -38.22 -59.25
CA PHE C 494 -11.60 -37.85 -58.77
C PHE C 494 -11.07 -38.88 -57.78
N ILE C 495 -9.78 -38.79 -57.46
CA ILE C 495 -9.09 -39.79 -56.66
C ILE C 495 -8.19 -39.12 -55.61
N ASN C 496 -7.42 -39.94 -54.90
CA ASN C 496 -6.39 -39.49 -53.97
C ASN C 496 -6.95 -38.71 -52.79
N LYS C 497 -7.80 -39.36 -51.99
CA LYS C 497 -8.23 -38.81 -50.71
C LYS C 497 -8.58 -39.95 -49.77
N GLY C 498 -8.55 -39.66 -48.47
CA GLY C 498 -8.82 -40.66 -47.46
C GLY C 498 -10.29 -40.99 -47.35
N ILE C 499 -10.66 -41.45 -46.14
CA ILE C 499 -12.04 -41.75 -45.78
C ILE C 499 -12.54 -42.90 -46.66
N LEU C 500 -13.83 -43.24 -46.54
CA LEU C 500 -14.41 -44.35 -47.28
C LEU C 500 -14.20 -44.18 -48.78
N ALA C 501 -13.42 -45.10 -49.37
CA ALA C 501 -13.03 -45.01 -50.76
C ALA C 501 -12.36 -43.66 -51.00
N ARG C 502 -13.12 -42.68 -51.47
CA ARG C 502 -12.66 -41.30 -51.52
C ARG C 502 -13.71 -40.38 -50.88
N GLU C 503 -14.33 -40.87 -49.81
CA GLU C 503 -15.45 -40.15 -49.15
C GLU C 503 -16.54 -39.82 -50.15
N ALA C 504 -16.92 -40.79 -50.96
CA ALA C 504 -18.00 -40.58 -51.93
C ALA C 504 -19.12 -41.57 -51.67
N LEU C 505 -19.93 -41.25 -50.66
CA LEU C 505 -21.28 -41.78 -50.56
C LEU C 505 -22.26 -40.77 -49.97
N LEU C 506 -21.80 -39.56 -49.63
CA LEU C 506 -22.61 -38.64 -48.84
C LEU C 506 -22.47 -37.20 -49.34
N LEU C 507 -22.07 -37.02 -50.61
CA LEU C 507 -21.90 -35.68 -51.13
C LEU C 507 -23.20 -34.90 -51.08
N LYS C 508 -24.31 -35.54 -51.49
CA LYS C 508 -25.66 -35.00 -51.34
C LYS C 508 -25.77 -33.60 -51.94
N VAL C 509 -25.35 -33.49 -53.19
CA VAL C 509 -25.40 -32.22 -53.89
C VAL C 509 -26.84 -31.84 -54.17
N LYS C 510 -27.17 -30.56 -53.98
CA LYS C 510 -28.51 -30.05 -54.21
C LYS C 510 -28.42 -28.77 -55.03
N ILE C 511 -29.41 -28.56 -55.88
CA ILE C 511 -29.45 -27.42 -56.79
C ILE C 511 -30.38 -26.37 -56.20
N VAL C 512 -29.83 -25.18 -55.95
CA VAL C 512 -30.59 -24.05 -55.40
C VAL C 512 -30.37 -22.86 -56.31
N ASP C 513 -31.42 -22.07 -56.51
CA ASP C 513 -31.34 -20.92 -57.41
C ASP C 513 -30.31 -19.90 -56.94
N GLU C 514 -30.27 -19.63 -55.63
CA GLU C 514 -29.38 -18.62 -55.08
C GLU C 514 -28.83 -19.10 -53.74
N ILE C 515 -27.73 -18.48 -53.32
CA ILE C 515 -27.06 -18.79 -52.07
C ILE C 515 -26.93 -17.50 -51.27
N ALA C 516 -27.30 -17.56 -49.99
CA ALA C 516 -27.26 -16.38 -49.14
C ALA C 516 -25.84 -15.88 -48.94
N LYS C 517 -25.69 -14.56 -48.85
CA LYS C 517 -24.40 -13.91 -48.71
C LYS C 517 -24.48 -12.81 -47.67
N THR C 518 -23.35 -12.55 -47.01
CA THR C 518 -23.29 -11.47 -46.03
C THR C 518 -23.40 -10.12 -46.73
N SER C 519 -23.51 -9.06 -45.92
CA SER C 519 -23.49 -7.71 -46.45
C SER C 519 -22.14 -7.33 -47.04
N VAL C 520 -21.09 -8.10 -46.74
CA VAL C 520 -19.75 -7.83 -47.26
C VAL C 520 -19.53 -8.62 -48.53
N GLY C 521 -20.18 -9.79 -48.64
CA GLY C 521 -20.08 -10.59 -49.84
C GLY C 521 -19.49 -11.97 -49.63
N LYS C 522 -19.66 -12.52 -48.43
CA LYS C 522 -19.19 -13.85 -48.10
C LYS C 522 -20.37 -14.78 -47.88
N VAL C 523 -20.16 -16.06 -48.16
CA VAL C 523 -21.24 -17.03 -48.10
C VAL C 523 -21.76 -17.16 -46.67
N ASP C 524 -23.08 -17.32 -46.54
CA ASP C 524 -23.73 -17.42 -45.24
C ASP C 524 -23.85 -18.89 -44.85
N LYS C 525 -22.70 -19.48 -44.51
CA LYS C 525 -22.68 -20.91 -44.21
C LYS C 525 -23.53 -21.24 -42.98
N LYS C 526 -23.54 -20.28 -42.04
CA LYS C 526 -24.30 -20.44 -40.79
C LYS C 526 -25.79 -20.27 -40.96
N GLU C 527 -26.24 -19.30 -41.76
CA GLU C 527 -27.66 -19.23 -42.02
C GLU C 527 -28.12 -20.42 -42.85
N LEU C 528 -27.25 -21.02 -43.64
CA LEU C 528 -27.62 -22.22 -44.35
C LEU C 528 -27.66 -23.39 -43.39
N ARG C 529 -26.84 -23.32 -42.34
CA ARG C 529 -26.77 -24.40 -41.37
C ARG C 529 -28.10 -24.33 -40.72
N LYS C 530 -28.75 -23.20 -40.87
CA LYS C 530 -30.05 -22.96 -40.24
C LYS C 530 -31.20 -23.28 -41.20
N LEU C 531 -31.07 -22.88 -42.45
CA LEU C 531 -32.18 -23.02 -43.40
C LEU C 531 -32.40 -24.48 -43.79
N HIS C 532 -31.32 -25.19 -44.14
CA HIS C 532 -31.44 -26.54 -44.68
C HIS C 532 -31.41 -27.63 -43.63
N LEU C 533 -31.14 -27.29 -42.37
CA LEU C 533 -31.11 -28.28 -41.29
C LEU C 533 -31.10 -27.61 -39.93
N TYR D 4 -13.86 -15.31 1.20
CA TYR D 4 -14.36 -14.23 2.03
C TYR D 4 -14.35 -14.62 3.50
N VAL D 5 -13.62 -13.84 4.31
CA VAL D 5 -13.52 -14.06 5.74
C VAL D 5 -14.26 -12.94 6.44
N ASN D 6 -15.14 -13.30 7.38
CA ASN D 6 -15.98 -12.34 8.08
C ASN D 6 -15.91 -12.60 9.57
N ASP D 7 -15.77 -11.55 10.35
CA ASP D 7 -16.01 -11.71 11.78
C ASP D 7 -17.52 -11.76 12.03
N PRO D 8 -17.96 -12.56 13.00
CA PRO D 8 -19.41 -12.65 13.26
C PRO D 8 -20.00 -11.38 13.84
N SER D 9 -19.15 -10.50 14.39
CA SER D 9 -19.65 -9.22 14.89
C SER D 9 -20.21 -8.38 13.75
N ASN D 10 -19.52 -8.36 12.61
CA ASN D 10 -19.99 -7.59 11.47
C ASN D 10 -21.12 -8.33 10.77
N TYR D 11 -22.28 -7.67 10.67
CA TYR D 11 -23.48 -8.26 10.12
C TYR D 11 -23.67 -7.79 8.69
N GLN D 12 -23.90 -8.73 7.79
CA GLN D 12 -24.19 -8.43 6.39
C GLN D 12 -25.67 -8.63 6.14
N LEU D 13 -26.27 -7.68 5.43
CA LEU D 13 -27.69 -7.78 5.06
C LEU D 13 -27.81 -8.59 3.79
N LEU D 14 -28.26 -9.84 3.92
CA LEU D 14 -28.34 -10.76 2.80
C LEU D 14 -29.77 -11.27 2.66
N ILE D 15 -30.07 -11.80 1.48
CA ILE D 15 -31.40 -12.33 1.20
C ILE D 15 -31.65 -13.61 1.98
N LYS D 16 -30.58 -14.36 2.28
CA LYS D 16 -30.73 -15.57 3.08
C LYS D 16 -31.25 -15.24 4.47
N ASN D 17 -30.85 -14.09 5.02
CA ASN D 17 -31.42 -13.66 6.29
C ASN D 17 -32.89 -13.28 6.13
N LEU D 18 -33.26 -12.78 4.96
CA LEU D 18 -34.65 -12.45 4.69
C LEU D 18 -35.52 -13.72 4.66
N LEU D 19 -34.96 -14.83 4.18
CA LEU D 19 -35.73 -16.07 4.11
C LEU D 19 -35.69 -16.86 5.41
N PHE D 20 -34.54 -16.94 6.06
CA PHE D 20 -34.37 -17.79 7.23
C PHE D 20 -34.55 -17.07 8.55
N SER D 21 -34.67 -15.74 8.53
CA SER D 21 -34.96 -14.95 9.72
C SER D 21 -36.12 -14.01 9.42
N PRO D 22 -37.32 -14.53 9.21
CA PRO D 22 -38.44 -13.70 8.78
C PRO D 22 -39.06 -12.96 9.96
N VAL D 23 -40.06 -12.15 9.64
CA VAL D 23 -40.92 -11.60 10.69
C VAL D 23 -41.73 -12.70 11.34
N ALA D 24 -42.25 -13.62 10.54
CA ALA D 24 -43.02 -14.76 11.03
C ALA D 24 -42.76 -15.94 10.11
N PHE D 25 -42.72 -17.14 10.69
CA PHE D 25 -42.56 -18.38 9.93
C PHE D 25 -43.61 -19.38 10.39
N ASN D 26 -44.48 -19.78 9.48
CA ASN D 26 -45.51 -20.78 9.75
C ASN D 26 -45.24 -22.00 8.87
N PRO D 27 -44.79 -23.12 9.46
CA PRO D 27 -44.44 -24.28 8.62
C PRO D 27 -45.60 -24.82 7.80
N GLU D 28 -46.83 -24.74 8.30
CA GLU D 28 -47.97 -25.28 7.57
C GLU D 28 -48.62 -24.27 6.62
N GLN D 29 -48.13 -23.02 6.60
CA GLN D 29 -48.59 -22.08 5.59
C GLN D 29 -48.18 -22.56 4.21
N GLU D 30 -49.02 -22.28 3.21
CA GLU D 30 -48.90 -22.91 1.90
C GLU D 30 -48.56 -21.90 0.82
N ILE D 31 -47.91 -22.40 -0.22
CA ILE D 31 -47.71 -21.71 -1.48
C ILE D 31 -48.55 -22.44 -2.52
N VAL D 32 -49.36 -21.70 -3.27
CA VAL D 32 -50.29 -22.28 -4.23
C VAL D 32 -49.93 -21.79 -5.62
N TYR D 33 -49.68 -22.73 -6.53
CA TYR D 33 -49.64 -22.47 -7.95
C TYR D 33 -50.98 -22.91 -8.53
N ALA D 34 -51.63 -21.99 -9.26
CA ALA D 34 -53.06 -22.06 -9.51
C ALA D 34 -53.52 -23.39 -10.09
N ASN D 35 -54.30 -24.13 -9.31
CA ASN D 35 -54.88 -25.41 -9.72
C ASN D 35 -53.83 -26.40 -10.23
N HIS D 36 -52.55 -26.12 -9.98
CA HIS D 36 -51.47 -26.97 -10.45
C HIS D 36 -50.70 -27.60 -9.31
N ARG D 37 -50.32 -26.82 -8.30
CA ARG D 37 -49.46 -27.32 -7.25
C ARG D 37 -49.78 -26.58 -5.95
N ARG D 38 -49.45 -27.21 -4.83
CA ARG D 38 -49.73 -26.63 -3.52
C ARG D 38 -48.81 -27.30 -2.51
N HIS D 39 -47.96 -26.51 -1.85
CA HIS D 39 -47.04 -27.10 -0.90
C HIS D 39 -46.70 -26.10 0.20
N SER D 40 -46.44 -26.61 1.40
CA SER D 40 -46.25 -25.75 2.56
C SER D 40 -44.91 -25.04 2.51
N TYR D 41 -44.65 -24.20 3.51
CA TYR D 41 -43.38 -23.46 3.59
C TYR D 41 -42.20 -24.38 3.87
N LYS D 42 -42.41 -25.49 4.58
CA LYS D 42 -41.35 -26.48 4.75
C LYS D 42 -40.87 -27.00 3.42
N THR D 43 -41.81 -27.38 2.55
CA THR D 43 -41.49 -27.82 1.21
C THR D 43 -40.80 -26.74 0.40
N PHE D 44 -41.22 -25.48 0.57
CA PHE D 44 -40.58 -24.38 -0.13
C PHE D 44 -39.11 -24.24 0.27
N HIS D 45 -38.82 -24.34 1.58
CA HIS D 45 -37.44 -24.27 2.03
C HIS D 45 -36.62 -25.46 1.51
N ASP D 46 -37.19 -26.66 1.55
CA ASP D 46 -36.50 -27.83 1.01
C ASP D 46 -36.21 -27.67 -0.47
N ARG D 47 -37.17 -27.14 -1.23
CA ARG D 47 -36.99 -26.96 -2.65
C ARG D 47 -35.94 -25.89 -2.95
N VAL D 48 -35.87 -24.86 -2.11
CA VAL D 48 -34.83 -23.85 -2.29
C VAL D 48 -33.45 -24.48 -2.11
N ARG D 49 -33.29 -25.31 -1.08
CA ARG D 49 -32.00 -25.96 -0.87
C ARG D 49 -31.67 -26.95 -1.98
N GLN D 50 -32.69 -27.69 -2.46
CA GLN D 50 -32.50 -28.59 -3.59
C GLN D 50 -32.07 -27.82 -4.85
N PHE D 51 -32.70 -26.67 -5.11
CA PHE D 51 -32.33 -25.87 -6.26
C PHE D 51 -30.91 -25.35 -6.13
N ALA D 52 -30.50 -24.99 -4.92
CA ALA D 52 -29.12 -24.60 -4.68
C ALA D 52 -28.16 -25.74 -5.02
N ASN D 53 -28.49 -26.95 -4.57
CA ASN D 53 -27.65 -28.12 -4.89
C ASN D 53 -27.58 -28.34 -6.39
N ALA D 54 -28.72 -28.26 -7.08
CA ALA D 54 -28.75 -28.48 -8.52
C ALA D 54 -27.93 -27.44 -9.27
N LEU D 55 -28.03 -26.18 -8.85
CA LEU D 55 -27.24 -25.13 -9.50
C LEU D 55 -25.75 -25.34 -9.26
N THR D 56 -25.38 -25.75 -8.05
CA THR D 56 -23.97 -26.05 -7.78
C THR D 56 -23.47 -27.21 -8.63
N LYS D 57 -24.33 -28.19 -8.87
CA LYS D 57 -23.95 -29.34 -9.69
C LYS D 57 -23.75 -28.94 -11.15
N MET D 58 -24.43 -27.90 -11.61
CA MET D 58 -24.33 -27.48 -13.01
C MET D 58 -23.11 -26.61 -13.29
N GLY D 59 -22.33 -26.26 -12.27
CA GLY D 59 -21.19 -25.40 -12.47
C GLY D 59 -21.43 -23.93 -12.23
N VAL D 60 -22.56 -23.56 -11.64
CA VAL D 60 -22.83 -22.15 -11.35
C VAL D 60 -21.99 -21.72 -10.16
N LYS D 61 -21.30 -20.59 -10.32
CA LYS D 61 -20.37 -20.08 -9.33
C LYS D 61 -20.90 -18.75 -8.78
N LYS D 62 -20.07 -18.08 -7.98
CA LYS D 62 -20.48 -16.82 -7.37
C LYS D 62 -20.71 -15.74 -8.43
N GLY D 63 -19.84 -15.65 -9.42
CA GLY D 63 -20.01 -14.60 -10.39
C GLY D 63 -20.97 -14.90 -11.52
N ASP D 64 -21.48 -16.12 -11.61
CA ASP D 64 -22.26 -16.53 -12.77
C ASP D 64 -23.62 -15.86 -12.78
N THR D 65 -24.29 -15.94 -13.93
CA THR D 65 -25.58 -15.31 -14.16
C THR D 65 -26.56 -16.34 -14.71
N VAL D 66 -27.76 -16.38 -14.15
CA VAL D 66 -28.81 -17.30 -14.57
C VAL D 66 -30.00 -16.47 -15.04
N ALA D 67 -30.51 -16.78 -16.23
CA ALA D 67 -31.63 -16.06 -16.83
C ALA D 67 -32.89 -16.88 -16.69
N VAL D 68 -34.01 -16.19 -16.46
CA VAL D 68 -35.31 -16.83 -16.25
C VAL D 68 -36.32 -16.20 -17.20
N MET D 69 -37.16 -17.03 -17.81
CA MET D 69 -38.17 -16.58 -18.77
C MET D 69 -39.42 -17.44 -18.60
N ASP D 70 -40.33 -17.02 -17.72
CA ASP D 70 -41.58 -17.73 -17.52
C ASP D 70 -42.58 -16.79 -16.84
N TYR D 71 -43.73 -17.34 -16.46
CA TYR D 71 -44.80 -16.57 -15.82
C TYR D 71 -44.62 -16.60 -14.30
N ASP D 72 -45.63 -16.10 -13.59
CA ASP D 72 -45.58 -16.11 -12.13
C ASP D 72 -45.99 -17.48 -11.61
N SER D 73 -45.10 -18.11 -10.85
CA SER D 73 -45.31 -19.45 -10.35
C SER D 73 -44.40 -19.65 -9.15
N HIS D 74 -44.52 -20.82 -8.53
CA HIS D 74 -43.64 -21.18 -7.43
C HIS D 74 -42.19 -21.26 -7.88
N ARG D 75 -41.95 -21.51 -9.13
CA ARG D 75 -40.62 -21.67 -9.60
C ARG D 75 -39.91 -20.40 -9.59
N TYR D 76 -40.59 -19.32 -9.88
CA TYR D 76 -40.00 -18.01 -9.91
C TYR D 76 -39.75 -17.46 -8.56
N LEU D 77 -40.52 -17.88 -7.60
CA LEU D 77 -40.30 -17.51 -6.26
C LEU D 77 -39.15 -18.25 -5.76
N GLU D 78 -38.97 -19.44 -6.21
CA GLU D 78 -37.77 -20.15 -5.80
C GLU D 78 -36.53 -19.56 -6.47
N CYS D 79 -36.65 -19.06 -7.70
CA CYS D 79 -35.54 -18.41 -8.35
C CYS D 79 -35.22 -17.07 -7.69
N TYR D 80 -36.23 -16.40 -7.14
CA TYR D 80 -36.01 -15.12 -6.46
C TYR D 80 -35.12 -15.27 -5.24
N PHE D 81 -34.99 -16.49 -4.72
CA PHE D 81 -34.18 -16.75 -3.53
C PHE D 81 -32.93 -17.55 -3.82
N ALA D 82 -33.06 -18.71 -4.48
CA ALA D 82 -31.96 -19.65 -4.56
C ALA D 82 -30.76 -19.06 -5.30
N ILE D 83 -31.00 -18.39 -6.43
CA ILE D 83 -29.91 -17.89 -7.26
C ILE D 83 -29.11 -16.81 -6.53
N PRO D 84 -29.72 -15.80 -5.91
CA PRO D 84 -28.91 -14.82 -5.15
C PRO D 84 -28.16 -15.41 -3.96
N MET D 85 -28.73 -16.40 -3.26
CA MET D 85 -28.07 -16.93 -2.06
C MET D 85 -26.76 -17.60 -2.42
N ILE D 86 -26.74 -18.43 -3.42
CA ILE D 86 -25.56 -19.09 -3.84
C ILE D 86 -24.55 -18.13 -4.36
N GLY D 87 -24.89 -16.88 -4.55
CA GLY D 87 -23.98 -15.85 -4.99
C GLY D 87 -24.07 -15.40 -6.41
N ALA D 88 -24.85 -15.98 -7.28
CA ALA D 88 -25.04 -15.71 -8.69
C ALA D 88 -25.98 -14.52 -8.89
N LYS D 89 -26.09 -14.09 -10.13
CA LYS D 89 -26.94 -12.98 -10.52
C LYS D 89 -28.20 -13.51 -11.18
N LEU D 90 -29.36 -13.04 -10.73
CA LEU D 90 -30.64 -13.40 -11.32
C LEU D 90 -30.99 -12.35 -12.36
N HIS D 91 -30.96 -12.74 -13.64
CA HIS D 91 -31.32 -11.87 -14.73
C HIS D 91 -32.77 -12.15 -15.13
N MET D 92 -33.61 -11.13 -15.07
CA MET D 92 -35.02 -11.26 -15.39
C MET D 92 -35.25 -10.79 -16.82
N ILE D 93 -35.82 -11.65 -17.65
CA ILE D 93 -36.03 -11.37 -19.06
C ILE D 93 -37.46 -10.92 -19.28
N ASN D 94 -37.61 -9.77 -19.93
CA ASN D 94 -38.92 -9.24 -20.30
C ASN D 94 -39.43 -10.01 -21.50
N VAL D 95 -40.41 -10.87 -21.29
CA VAL D 95 -40.92 -11.71 -22.37
C VAL D 95 -41.76 -10.92 -23.36
N ARG D 96 -42.06 -9.66 -23.05
CA ARG D 96 -42.87 -8.83 -23.94
C ARG D 96 -42.05 -8.03 -24.93
N LEU D 97 -40.73 -8.06 -24.83
CA LEU D 97 -39.89 -7.39 -25.81
C LEU D 97 -39.83 -8.18 -27.11
N SER D 98 -39.32 -7.54 -28.16
CA SER D 98 -39.10 -8.22 -29.41
C SER D 98 -37.96 -9.22 -29.27
N PRO D 99 -37.92 -10.25 -30.13
CA PRO D 99 -36.80 -11.21 -30.05
C PRO D 99 -35.44 -10.56 -30.24
N GLU D 100 -35.35 -9.51 -31.03
CA GLU D 100 -34.07 -8.80 -31.19
C GLU D 100 -33.61 -8.18 -29.87
N GLN D 101 -34.53 -7.53 -29.15
CA GLN D 101 -34.16 -6.92 -27.87
C GLN D 101 -33.84 -7.99 -26.83
N ILE D 102 -34.57 -9.09 -26.83
CA ILE D 102 -34.28 -10.18 -25.90
C ILE D 102 -32.90 -10.75 -26.16
N LEU D 103 -32.57 -10.97 -27.43
CA LEU D 103 -31.24 -11.46 -27.79
C LEU D 103 -30.17 -10.47 -27.38
N TYR D 104 -30.42 -9.18 -27.58
CA TYR D 104 -29.46 -8.17 -27.15
C TYR D 104 -29.21 -8.24 -25.66
N THR D 105 -30.28 -8.36 -24.86
CA THR D 105 -30.11 -8.38 -23.42
C THR D 105 -29.38 -9.63 -22.96
N ILE D 106 -29.68 -10.78 -23.59
CA ILE D 106 -29.00 -12.02 -23.24
C ILE D 106 -27.51 -11.91 -23.56
N ASP D 107 -27.18 -11.35 -24.72
CA ASP D 107 -25.77 -11.15 -25.07
C ASP D 107 -25.09 -10.16 -24.12
N HIS D 108 -25.79 -9.09 -23.75
CA HIS D 108 -25.19 -8.05 -22.92
C HIS D 108 -24.93 -8.56 -21.51
N ALA D 109 -25.90 -9.26 -20.91
CA ALA D 109 -25.71 -9.78 -19.57
C ALA D 109 -24.80 -10.99 -19.52
N GLU D 110 -24.59 -11.67 -20.64
CA GLU D 110 -23.75 -12.86 -20.72
C GLU D 110 -24.25 -13.95 -19.78
N ASP D 111 -25.48 -14.41 -20.05
CA ASP D 111 -26.10 -15.44 -19.22
C ASP D 111 -25.41 -16.78 -19.42
N ASP D 112 -25.25 -17.52 -18.33
CA ASP D 112 -24.63 -18.84 -18.38
C ASP D 112 -25.65 -19.95 -18.59
N ILE D 113 -26.76 -19.90 -17.84
CA ILE D 113 -27.79 -20.93 -17.88
C ILE D 113 -29.13 -20.22 -18.04
N ILE D 114 -30.00 -20.77 -18.88
CA ILE D 114 -31.29 -20.16 -19.16
C ILE D 114 -32.40 -21.14 -18.80
N LEU D 115 -33.27 -20.73 -17.88
CA LEU D 115 -34.50 -21.44 -17.56
C LEU D 115 -35.61 -20.77 -18.34
N ILE D 116 -36.30 -21.53 -19.18
CA ILE D 116 -37.29 -20.98 -20.10
C ILE D 116 -38.53 -21.86 -20.07
N HIS D 117 -39.70 -21.23 -20.05
CA HIS D 117 -40.94 -21.97 -20.11
C HIS D 117 -41.16 -22.55 -21.50
N GLU D 118 -42.00 -23.58 -21.55
CA GLU D 118 -42.19 -24.33 -22.80
C GLU D 118 -42.84 -23.47 -23.88
N GLU D 119 -43.89 -22.72 -23.53
CA GLU D 119 -44.59 -21.94 -24.55
C GLU D 119 -43.87 -20.64 -24.89
N PHE D 120 -42.74 -20.35 -24.25
CA PHE D 120 -41.84 -19.31 -24.71
C PHE D 120 -40.77 -19.86 -25.64
N LEU D 121 -40.81 -21.16 -25.94
CA LEU D 121 -39.80 -21.75 -26.81
C LEU D 121 -39.75 -21.17 -28.22
N PRO D 122 -40.88 -20.91 -28.90
CA PRO D 122 -40.77 -20.34 -30.26
C PRO D 122 -39.97 -19.04 -30.32
N ILE D 123 -40.13 -18.17 -29.32
CA ILE D 123 -39.36 -16.94 -29.28
C ILE D 123 -37.86 -17.24 -29.30
N LEU D 124 -37.44 -18.25 -28.55
CA LEU D 124 -36.04 -18.65 -28.57
C LEU D 124 -35.66 -19.30 -29.90
N ASP D 125 -36.61 -19.97 -30.55
CA ASP D 125 -36.28 -20.74 -31.76
C ASP D 125 -35.72 -19.85 -32.85
N GLN D 126 -36.14 -18.59 -32.90
CA GLN D 126 -35.65 -17.70 -33.95
C GLN D 126 -34.45 -16.87 -33.51
N ILE D 127 -33.93 -17.08 -32.31
CA ILE D 127 -32.71 -16.39 -31.89
C ILE D 127 -31.74 -17.40 -31.30
N LYS D 128 -32.03 -18.69 -31.50
CA LYS D 128 -31.25 -19.76 -30.87
C LYS D 128 -29.81 -19.75 -31.36
N GLY D 129 -29.62 -19.69 -32.68
CA GLY D 129 -28.27 -19.74 -33.25
C GLY D 129 -27.45 -18.49 -33.01
N ARG D 130 -28.12 -17.35 -32.80
CA ARG D 130 -27.41 -16.10 -32.55
C ARG D 130 -26.82 -16.05 -31.15
N ILE D 131 -27.31 -16.89 -30.25
CA ILE D 131 -26.94 -16.84 -28.83
C ILE D 131 -25.66 -17.62 -28.61
N ASP D 132 -24.74 -17.03 -27.86
CA ASP D 132 -23.51 -17.71 -27.46
C ASP D 132 -23.46 -17.74 -25.94
N THR D 133 -22.33 -18.15 -25.38
CA THR D 133 -22.01 -18.02 -23.95
C THR D 133 -23.07 -18.65 -23.05
N VAL D 134 -24.01 -19.40 -23.62
CA VAL D 134 -25.04 -20.10 -22.85
C VAL D 134 -24.80 -21.59 -22.97
N THR D 135 -24.67 -22.25 -21.83
CA THR D 135 -24.29 -23.66 -21.81
C THR D 135 -25.46 -24.61 -21.61
N ARG D 136 -26.52 -24.18 -20.93
CA ARG D 136 -27.62 -25.10 -20.67
C ARG D 136 -28.95 -24.36 -20.73
N TYR D 137 -29.95 -25.05 -21.30
CA TYR D 137 -31.34 -24.62 -21.31
C TYR D 137 -32.16 -25.59 -20.49
N VAL D 138 -32.92 -25.07 -19.54
CA VAL D 138 -33.82 -25.86 -18.70
C VAL D 138 -35.25 -25.48 -19.08
N VAL D 139 -35.98 -26.45 -19.63
CA VAL D 139 -37.35 -26.23 -20.09
C VAL D 139 -38.31 -26.48 -18.95
N LEU D 140 -39.18 -25.51 -18.70
CA LEU D 140 -40.16 -25.58 -17.62
C LEU D 140 -41.52 -25.95 -18.19
N ARG D 141 -42.28 -26.75 -17.45
CA ARG D 141 -43.60 -27.20 -17.87
C ARG D 141 -44.53 -27.21 -16.66
N ASP D 142 -45.82 -27.25 -16.94
CA ASP D 142 -46.83 -27.27 -15.88
C ASP D 142 -47.29 -28.68 -15.54
N ASP D 143 -46.66 -29.71 -16.10
CA ASP D 143 -46.98 -31.10 -15.82
C ASP D 143 -45.74 -31.78 -15.23
N GLU D 144 -45.80 -33.11 -15.12
CA GLU D 144 -44.71 -33.87 -14.54
C GLU D 144 -43.47 -33.91 -15.43
N GLU D 145 -43.56 -33.46 -16.68
CA GLU D 145 -42.44 -33.53 -17.61
C GLU D 145 -41.47 -32.37 -17.47
N CYS D 146 -41.66 -31.51 -16.47
CA CYS D 146 -40.79 -30.36 -16.29
C CYS D 146 -39.36 -30.79 -16.00
N GLU D 147 -38.39 -30.16 -16.68
CA GLU D 147 -36.99 -30.44 -16.41
C GLU D 147 -36.53 -29.85 -15.08
N TYR D 148 -37.17 -28.75 -14.66
CA TYR D 148 -36.85 -28.15 -13.36
C TYR D 148 -37.16 -29.10 -12.21
N GLU D 149 -38.33 -29.74 -12.25
CA GLU D 149 -38.69 -30.70 -11.22
C GLU D 149 -37.77 -31.91 -11.25
N ARG D 150 -37.44 -32.40 -12.44
CA ARG D 150 -36.55 -33.55 -12.56
C ARG D 150 -35.17 -33.23 -11.98
N LEU D 151 -34.67 -32.02 -12.25
CA LEU D 151 -33.40 -31.61 -11.68
C LEU D 151 -33.46 -31.46 -10.17
N LEU D 152 -34.51 -30.97 -9.58
CA LEU D 152 -34.62 -30.90 -8.15
C LEU D 152 -34.72 -32.27 -7.55
N GLU D 153 -35.48 -33.21 -8.08
CA GLU D 153 -35.60 -34.50 -7.40
C GLU D 153 -34.26 -35.19 -7.19
N GLN D 154 -33.33 -35.03 -8.09
CA GLN D 154 -32.07 -35.70 -7.97
C GLN D 154 -31.19 -35.15 -6.92
N GLU D 155 -31.70 -34.24 -6.08
CA GLU D 155 -30.83 -33.55 -5.13
C GLU D 155 -31.25 -33.71 -3.69
N SER D 156 -30.40 -33.28 -2.77
CA SER D 156 -30.75 -33.43 -1.37
C SER D 156 -31.29 -32.10 -0.82
N THR D 157 -32.05 -32.21 0.26
CA THR D 157 -32.66 -31.03 0.87
C THR D 157 -31.71 -30.30 1.79
N GLU D 158 -30.50 -30.81 1.99
CA GLU D 158 -29.50 -30.13 2.81
C GLU D 158 -28.67 -29.18 1.96
N TYR D 159 -28.29 -28.04 2.54
CA TYR D 159 -27.37 -27.10 1.91
C TYR D 159 -26.93 -26.08 2.95
N ASN D 160 -25.67 -25.66 2.84
CA ASN D 160 -25.09 -24.64 3.72
C ASN D 160 -24.83 -23.40 2.89
N PHE D 161 -25.65 -22.39 3.08
CA PHE D 161 -25.60 -21.20 2.22
C PHE D 161 -24.44 -20.30 2.64
N PRO D 162 -23.63 -19.81 1.70
CA PRO D 162 -22.46 -19.02 2.06
C PRO D 162 -22.83 -17.65 2.60
N ASP D 163 -21.86 -17.06 3.30
CA ASP D 163 -21.94 -15.68 3.74
C ASP D 163 -20.90 -14.86 3.00
N PHE D 164 -21.35 -13.79 2.34
CA PHE D 164 -20.46 -12.95 1.57
C PHE D 164 -20.81 -11.50 1.85
N ASP D 165 -20.13 -10.60 1.15
CA ASP D 165 -20.37 -9.17 1.31
C ASP D 165 -21.76 -8.81 0.85
N GLU D 166 -22.38 -7.86 1.56
CA GLU D 166 -23.74 -7.45 1.24
C GLU D 166 -23.84 -6.62 -0.02
N ASN D 167 -22.72 -6.18 -0.59
CA ASN D 167 -22.72 -5.36 -1.79
C ASN D 167 -22.57 -6.19 -3.07
N THR D 168 -22.58 -7.51 -2.97
CA THR D 168 -22.57 -8.33 -4.17
C THR D 168 -23.91 -8.23 -4.89
N VAL D 169 -23.84 -8.14 -6.21
CA VAL D 169 -25.05 -7.95 -7.03
C VAL D 169 -25.91 -9.20 -6.95
N ALA D 170 -27.22 -9.00 -6.79
CA ALA D 170 -28.19 -10.08 -6.65
C ALA D 170 -29.08 -10.22 -7.87
N THR D 171 -29.67 -9.14 -8.35
CA THR D 171 -30.62 -9.21 -9.45
C THR D 171 -30.30 -8.15 -10.49
N THR D 172 -30.76 -8.39 -11.72
CA THR D 172 -30.62 -7.44 -12.80
C THR D 172 -31.74 -7.65 -13.81
N PHE D 173 -32.12 -6.57 -14.48
CA PHE D 173 -33.08 -6.62 -15.57
C PHE D 173 -32.89 -5.39 -16.43
N TYR D 174 -33.50 -5.36 -17.57
CA TYR D 174 -33.28 -4.34 -18.54
C TYR D 174 -34.48 -3.58 -18.78
N THR D 175 -34.32 -2.29 -18.94
CA THR D 175 -35.43 -1.41 -19.21
C THR D 175 -35.25 -0.76 -20.53
N THR D 176 -36.32 -0.50 -21.23
CA THR D 176 -36.23 0.20 -22.49
C THR D 176 -35.93 1.67 -22.29
N GLY D 177 -36.94 2.43 -21.94
CA GLY D 177 -36.80 3.85 -21.74
C GLY D 177 -36.75 4.61 -23.06
N THR D 178 -36.02 5.72 -23.06
CA THR D 178 -35.89 6.57 -24.23
C THR D 178 -34.63 6.31 -25.04
N THR D 179 -33.78 5.38 -24.60
CA THR D 179 -32.52 5.13 -25.27
C THR D 179 -32.72 4.23 -26.49
N GLY D 180 -31.66 4.13 -27.30
CA GLY D 180 -31.72 3.29 -28.49
C GLY D 180 -31.62 1.80 -28.20
N PHE D 181 -31.01 1.43 -27.07
CA PHE D 181 -30.91 0.05 -26.66
C PHE D 181 -31.39 -0.08 -25.23
N PRO D 182 -31.83 -1.28 -24.82
CA PRO D 182 -32.23 -1.47 -23.42
C PRO D 182 -31.07 -1.22 -22.46
N LYS D 183 -31.40 -0.66 -21.30
CA LYS D 183 -30.42 -0.32 -20.28
C LYS D 183 -30.54 -1.29 -19.12
N GLY D 184 -29.40 -1.76 -18.61
CA GLY D 184 -29.39 -2.74 -17.54
C GLY D 184 -29.23 -2.08 -16.19
N VAL D 185 -30.11 -2.45 -15.26
CA VAL D 185 -30.08 -1.94 -13.89
C VAL D 185 -29.90 -3.13 -12.96
N PHE D 186 -29.13 -2.93 -11.90
CA PHE D 186 -28.80 -4.01 -10.99
C PHE D 186 -28.93 -3.53 -9.54
N PHE D 187 -29.14 -4.48 -8.65
CA PHE D 187 -29.30 -4.20 -7.23
C PHE D 187 -28.51 -5.22 -6.43
N THR D 188 -28.16 -4.86 -5.21
CA THR D 188 -27.38 -5.73 -4.34
C THR D 188 -28.29 -6.37 -3.29
N HIS D 189 -27.69 -7.28 -2.50
CA HIS D 189 -28.43 -7.91 -1.40
C HIS D 189 -28.88 -6.87 -0.38
N ARG D 190 -27.99 -5.94 -0.04
CA ARG D 190 -28.30 -4.93 0.95
C ARG D 190 -29.45 -4.05 0.49
N GLN D 191 -29.45 -3.66 -0.79
CA GLN D 191 -30.53 -2.82 -1.30
C GLN D 191 -31.87 -3.52 -1.25
N LEU D 192 -31.92 -4.81 -1.60
CA LEU D 192 -33.19 -5.53 -1.58
C LEU D 192 -33.70 -5.72 -0.16
N VAL D 193 -32.79 -6.05 0.77
CA VAL D 193 -33.20 -6.20 2.17
C VAL D 193 -33.71 -4.87 2.72
N LEU D 194 -33.01 -3.77 2.41
CA LEU D 194 -33.43 -2.46 2.88
C LEU D 194 -34.77 -2.05 2.27
N HIS D 195 -34.98 -2.39 0.99
CA HIS D 195 -36.25 -2.07 0.36
C HIS D 195 -37.39 -2.80 1.05
N THR D 196 -37.19 -4.09 1.34
CA THR D 196 -38.23 -4.83 2.07
C THR D 196 -38.50 -4.22 3.44
N MET D 197 -37.44 -3.93 4.20
CA MET D 197 -37.63 -3.33 5.52
C MET D 197 -38.36 -2.00 5.44
N GLY D 198 -37.93 -1.12 4.54
CA GLY D 198 -38.51 0.21 4.47
C GLY D 198 -39.97 0.20 4.03
N ILE D 199 -40.29 -0.59 3.00
CA ILE D 199 -41.67 -0.59 2.54
C ILE D 199 -42.58 -1.26 3.56
N LEU D 200 -42.08 -2.29 4.26
CA LEU D 200 -42.88 -2.91 5.31
C LEU D 200 -43.12 -1.95 6.46
N SER D 201 -42.11 -1.16 6.83
CA SER D 201 -42.29 -0.15 7.86
C SER D 201 -43.26 0.94 7.43
N THR D 202 -43.28 1.30 6.16
CA THR D 202 -44.16 2.36 5.68
C THR D 202 -45.61 1.90 5.58
N ILE D 203 -45.87 0.82 4.87
CA ILE D 203 -47.26 0.43 4.63
C ILE D 203 -47.79 -0.47 5.74
N GLY D 204 -46.91 -1.13 6.50
CA GLY D 204 -47.38 -1.97 7.57
C GLY D 204 -47.92 -1.22 8.77
N THR D 205 -47.48 0.01 8.97
CA THR D 205 -47.84 0.80 10.14
C THR D 205 -49.04 1.70 9.92
N ASN D 206 -49.71 1.61 8.78
CA ASN D 206 -50.90 2.41 8.56
C ASN D 206 -51.99 1.99 9.54
N ALA D 207 -52.83 2.96 9.93
CA ALA D 207 -53.81 2.71 10.97
C ALA D 207 -54.86 1.70 10.52
N SER D 208 -55.62 2.03 9.48
CA SER D 208 -56.74 1.19 9.08
C SER D 208 -56.93 1.04 7.58
N GLN D 209 -56.09 1.63 6.74
CA GLN D 209 -56.29 1.61 5.31
C GLN D 209 -55.02 1.21 4.60
N GLY D 210 -55.15 0.33 3.61
CA GLY D 210 -54.06 0.02 2.70
C GLY D 210 -52.81 -0.51 3.36
N ARG D 211 -52.95 -1.43 4.30
CA ARG D 211 -51.82 -1.98 5.04
C ARG D 211 -51.66 -3.45 4.73
N LEU D 212 -50.41 -3.88 4.62
CA LEU D 212 -50.07 -5.28 4.44
C LEU D 212 -49.62 -5.85 5.78
N HIS D 213 -50.37 -6.81 6.30
CA HIS D 213 -50.05 -7.40 7.60
C HIS D 213 -49.93 -8.92 7.47
N GLN D 214 -49.68 -9.57 8.60
CA GLN D 214 -49.38 -11.00 8.61
C GLN D 214 -50.62 -11.86 8.37
N GLY D 215 -51.81 -11.29 8.34
CA GLY D 215 -53.00 -12.04 8.07
C GLY D 215 -53.50 -12.00 6.64
N ASP D 216 -52.71 -11.47 5.72
CA ASP D 216 -53.15 -11.29 4.34
C ASP D 216 -52.81 -12.52 3.49
N ILE D 217 -53.45 -12.58 2.32
CA ILE D 217 -53.15 -13.59 1.30
C ILE D 217 -52.75 -12.85 0.03
N TYR D 218 -51.56 -13.15 -0.49
CA TYR D 218 -50.92 -12.36 -1.52
C TYR D 218 -51.09 -13.02 -2.88
N MET D 219 -51.24 -12.18 -3.91
CA MET D 219 -51.35 -12.60 -5.31
C MET D 219 -50.76 -11.55 -6.25
N PRO D 220 -49.72 -11.89 -7.00
CA PRO D 220 -49.21 -10.96 -8.01
C PRO D 220 -50.11 -10.94 -9.24
N ILE D 221 -50.28 -9.74 -9.80
CA ILE D 221 -50.92 -9.58 -11.10
C ILE D 221 -50.03 -8.70 -11.96
N THR D 222 -48.83 -8.42 -11.45
CA THR D 222 -47.77 -7.77 -12.22
C THR D 222 -46.81 -8.84 -12.75
N PRO D 223 -46.32 -8.67 -13.98
CA PRO D 223 -45.58 -9.76 -14.65
C PRO D 223 -44.43 -10.37 -13.87
N MET D 224 -43.91 -9.72 -12.83
CA MET D 224 -42.93 -10.26 -11.88
C MET D 224 -41.53 -10.37 -12.48
N PHE D 225 -41.36 -10.13 -13.78
CA PHE D 225 -40.04 -10.01 -14.37
C PHE D 225 -39.67 -8.55 -14.66
N HIS D 226 -40.38 -7.61 -14.05
CA HIS D 226 -40.24 -6.20 -14.39
C HIS D 226 -39.56 -5.38 -13.30
N VAL D 227 -40.13 -5.33 -12.11
CA VAL D 227 -39.58 -4.50 -11.04
C VAL D 227 -39.45 -5.30 -9.75
N HIS D 228 -39.13 -6.59 -9.87
CA HIS D 228 -39.18 -7.56 -8.76
C HIS D 228 -40.60 -7.77 -8.27
N ALA D 229 -41.59 -7.58 -9.15
CA ALA D 229 -42.99 -7.53 -8.75
C ALA D 229 -43.19 -6.56 -7.59
N TRP D 230 -42.63 -5.36 -7.73
CA TRP D 230 -42.67 -4.30 -6.73
C TRP D 230 -42.08 -4.73 -5.39
N GLY D 231 -41.23 -5.76 -5.40
CA GLY D 231 -40.67 -6.30 -4.19
C GLY D 231 -41.65 -7.07 -3.32
N LEU D 232 -42.88 -7.26 -3.79
CA LEU D 232 -43.89 -7.90 -2.95
C LEU D 232 -43.57 -9.35 -2.62
N PRO D 233 -43.09 -10.19 -3.55
CA PRO D 233 -42.72 -11.57 -3.14
C PRO D 233 -41.68 -11.62 -2.03
N TYR D 234 -40.73 -10.69 -2.00
CA TYR D 234 -39.79 -10.64 -0.88
C TYR D 234 -40.48 -10.25 0.42
N MET D 235 -41.43 -9.32 0.36
CA MET D 235 -42.15 -8.92 1.55
C MET D 235 -43.05 -10.03 2.06
N ALA D 236 -43.84 -10.62 1.16
CA ALA D 236 -44.81 -11.63 1.58
C ALA D 236 -44.12 -12.82 2.23
N THR D 237 -43.03 -13.30 1.63
CA THR D 237 -42.27 -14.39 2.22
C THR D 237 -41.78 -14.02 3.62
N MET D 238 -41.46 -12.75 3.84
CA MET D 238 -40.98 -12.36 5.16
C MET D 238 -42.12 -12.34 6.17
N LEU D 239 -43.34 -12.09 5.72
CA LEU D 239 -44.47 -12.14 6.64
C LEU D 239 -45.00 -13.55 6.84
N GLY D 240 -44.54 -14.51 6.03
CA GLY D 240 -45.03 -15.88 6.14
C GLY D 240 -46.50 -16.02 5.79
N VAL D 241 -46.96 -15.26 4.81
CA VAL D 241 -48.36 -15.28 4.43
C VAL D 241 -48.57 -16.26 3.29
N LYS D 242 -49.82 -16.64 3.09
CA LYS D 242 -50.18 -17.50 1.98
C LYS D 242 -49.97 -16.75 0.66
N GLN D 243 -49.39 -17.43 -0.32
CA GLN D 243 -49.08 -16.86 -1.62
C GLN D 243 -49.74 -17.68 -2.71
N VAL D 244 -50.41 -16.99 -3.63
CA VAL D 244 -51.12 -17.63 -4.73
C VAL D 244 -50.57 -17.07 -6.03
N TYR D 245 -50.23 -17.97 -6.96
CA TYR D 245 -49.67 -17.56 -8.25
C TYR D 245 -50.57 -18.02 -9.38
N PRO D 246 -51.11 -17.11 -10.18
CA PRO D 246 -52.09 -17.53 -11.20
C PRO D 246 -51.47 -18.08 -12.47
N GLY D 247 -50.35 -17.52 -12.91
CA GLY D 247 -49.79 -17.91 -14.19
C GLY D 247 -50.11 -16.95 -15.33
N LYS D 248 -51.13 -17.30 -16.14
CA LYS D 248 -51.35 -16.62 -17.42
C LYS D 248 -52.15 -15.33 -17.31
N TYR D 249 -52.66 -14.98 -16.13
CA TYR D 249 -53.42 -13.75 -15.92
C TYR D 249 -54.71 -13.72 -16.73
N VAL D 250 -55.39 -14.84 -16.83
CA VAL D 250 -56.72 -14.85 -17.47
C VAL D 250 -57.73 -14.25 -16.51
N PRO D 251 -58.57 -13.31 -16.94
CA PRO D 251 -59.53 -12.70 -16.01
C PRO D 251 -60.45 -13.68 -15.32
N ASP D 252 -60.93 -14.72 -15.94
CA ASP D 252 -61.86 -15.62 -15.28
C ASP D 252 -61.19 -16.67 -14.48
N VAL D 253 -59.88 -16.66 -14.44
CA VAL D 253 -59.14 -17.62 -13.71
C VAL D 253 -58.70 -16.81 -12.56
N LEU D 254 -58.36 -15.56 -12.78
CA LEU D 254 -58.01 -14.65 -11.68
C LEU D 254 -59.18 -14.42 -10.74
N LEU D 255 -60.38 -14.20 -11.30
CA LEU D 255 -61.55 -14.00 -10.46
C LEU D 255 -61.88 -15.26 -9.67
N ASN D 256 -61.78 -16.42 -10.31
CA ASN D 256 -62.04 -17.68 -9.61
C ASN D 256 -61.04 -17.87 -8.47
N LEU D 257 -59.78 -17.53 -8.70
CA LEU D 257 -58.76 -17.69 -7.67
C LEU D 257 -58.97 -16.73 -6.51
N ILE D 258 -59.36 -15.50 -6.80
CA ILE D 258 -59.66 -14.57 -5.72
C ILE D 258 -60.87 -15.06 -4.92
N GLU D 259 -61.88 -15.58 -5.61
CA GLU D 259 -63.05 -16.10 -4.91
C GLU D 259 -62.71 -17.30 -4.03
N GLN D 260 -61.90 -18.22 -4.54
CA GLN D 260 -61.67 -19.50 -3.88
C GLN D 260 -60.54 -19.48 -2.86
N GLU D 261 -59.42 -18.86 -3.18
CA GLU D 261 -58.30 -18.77 -2.26
C GLU D 261 -58.42 -17.61 -1.28
N LYS D 262 -59.44 -16.77 -1.42
CA LYS D 262 -59.70 -15.64 -0.51
C LYS D 262 -58.52 -14.67 -0.50
N VAL D 263 -58.18 -14.15 -1.68
CA VAL D 263 -57.05 -13.24 -1.80
C VAL D 263 -57.44 -11.88 -1.24
N THR D 264 -56.52 -11.25 -0.50
CA THR D 264 -56.79 -9.97 0.12
C THR D 264 -55.81 -8.86 -0.26
N PHE D 265 -54.67 -9.21 -0.87
CA PHE D 265 -53.69 -8.22 -1.29
C PHE D 265 -53.17 -8.54 -2.68
N SER D 266 -53.06 -7.53 -3.52
CA SER D 266 -52.63 -7.72 -4.91
C SER D 266 -52.02 -6.44 -5.43
N HIS D 267 -51.34 -6.54 -6.56
CA HIS D 267 -50.88 -5.39 -7.33
C HIS D 267 -51.09 -5.68 -8.81
N CYS D 268 -51.64 -4.73 -9.53
CA CYS D 268 -51.89 -4.91 -10.95
C CYS D 268 -51.73 -3.57 -11.67
N VAL D 269 -52.22 -3.53 -12.90
CA VAL D 269 -52.14 -2.34 -13.74
C VAL D 269 -53.56 -1.96 -14.12
N PRO D 270 -53.78 -0.71 -14.55
CA PRO D 270 -55.17 -0.28 -14.82
C PRO D 270 -55.92 -1.13 -15.84
N THR D 271 -55.22 -1.64 -16.86
CA THR D 271 -55.90 -2.43 -17.89
C THR D 271 -56.44 -3.73 -17.32
N ILE D 272 -55.64 -4.45 -16.53
CA ILE D 272 -56.08 -5.71 -15.95
C ILE D 272 -57.21 -5.46 -14.95
N LEU D 273 -57.10 -4.39 -14.16
CA LEU D 273 -58.16 -4.07 -13.21
C LEU D 273 -59.46 -3.74 -13.92
N HIS D 274 -59.39 -3.00 -15.02
CA HIS D 274 -60.60 -2.71 -15.80
C HIS D 274 -61.20 -3.98 -16.36
N LEU D 275 -60.35 -4.90 -16.85
CA LEU D 275 -60.85 -6.18 -17.35
C LEU D 275 -61.54 -6.97 -16.25
N LEU D 276 -60.95 -7.01 -15.05
CA LEU D 276 -61.54 -7.75 -13.94
C LEU D 276 -62.87 -7.14 -13.52
N LEU D 277 -62.95 -5.82 -13.46
CA LEU D 277 -64.17 -5.17 -13.02
C LEU D 277 -65.29 -5.30 -14.06
N SER D 278 -64.93 -5.29 -15.35
CA SER D 278 -65.94 -5.37 -16.39
C SER D 278 -66.37 -6.79 -16.72
N SER D 279 -65.65 -7.80 -16.26
CA SER D 279 -66.00 -9.17 -16.58
C SER D 279 -67.34 -9.55 -15.94
N PRO D 280 -68.22 -10.23 -16.68
CA PRO D 280 -69.55 -10.54 -16.13
C PRO D 280 -69.52 -11.40 -14.89
N LYS D 281 -68.58 -12.34 -14.79
CA LYS D 281 -68.49 -13.22 -13.64
C LYS D 281 -68.26 -12.46 -12.34
N SER D 282 -67.61 -11.29 -12.40
CA SER D 282 -67.37 -10.46 -11.23
C SER D 282 -68.59 -9.66 -10.81
N LYS D 283 -69.69 -9.70 -11.57
CA LYS D 283 -70.86 -8.91 -11.22
C LYS D 283 -71.51 -9.37 -9.91
N ALA D 284 -71.31 -10.62 -9.51
CA ALA D 284 -71.90 -11.16 -8.30
C ALA D 284 -70.86 -11.85 -7.43
N MET D 285 -69.73 -11.17 -7.21
CA MET D 285 -68.64 -11.71 -6.41
C MET D 285 -68.19 -10.66 -5.40
N ASP D 286 -68.01 -11.09 -4.15
CA ASP D 286 -67.65 -10.18 -3.08
C ASP D 286 -66.23 -9.66 -3.27
N PHE D 287 -66.06 -8.34 -3.10
CA PHE D 287 -64.79 -7.68 -3.33
C PHE D 287 -64.29 -6.91 -2.12
N SER D 288 -65.05 -6.87 -1.03
CA SER D 288 -64.76 -5.95 0.07
C SER D 288 -63.78 -6.56 1.08
N GLY D 289 -62.71 -7.16 0.57
CA GLY D 289 -61.61 -7.60 1.40
C GLY D 289 -60.30 -7.45 0.68
N TRP D 290 -60.34 -6.82 -0.49
CA TRP D 290 -59.25 -6.83 -1.44
C TRP D 290 -58.59 -5.46 -1.48
N LYS D 291 -57.25 -5.45 -1.57
CA LYS D 291 -56.46 -4.23 -1.46
C LYS D 291 -55.51 -4.06 -2.63
N VAL D 292 -56.02 -4.09 -3.86
CA VAL D 292 -55.18 -3.97 -5.04
C VAL D 292 -54.40 -2.66 -5.02
N VAL D 293 -53.13 -2.73 -5.42
CA VAL D 293 -52.25 -1.58 -5.55
C VAL D 293 -51.99 -1.37 -7.03
N ILE D 294 -52.29 -0.17 -7.53
CA ILE D 294 -52.13 0.15 -8.94
C ILE D 294 -50.80 0.87 -9.11
N GLY D 295 -49.91 0.29 -9.91
CA GLY D 295 -48.57 0.85 -10.03
C GLY D 295 -48.04 0.95 -11.44
N GLY D 296 -48.79 0.45 -12.41
CA GLY D 296 -48.34 0.49 -13.79
C GLY D 296 -48.11 1.90 -14.30
N ALA D 297 -49.19 2.66 -14.49
CA ALA D 297 -49.09 4.06 -14.90
C ALA D 297 -50.44 4.73 -14.77
N ALA D 298 -50.46 5.85 -14.06
CA ALA D 298 -51.56 6.82 -14.12
C ALA D 298 -52.92 6.16 -13.90
N LEU D 299 -53.14 5.70 -12.68
CA LEU D 299 -54.46 5.21 -12.30
C LEU D 299 -55.51 6.30 -12.57
N PRO D 300 -56.41 6.10 -13.51
CA PRO D 300 -57.39 7.14 -13.83
C PRO D 300 -58.46 7.26 -12.76
N LYS D 301 -59.06 8.46 -12.69
CA LYS D 301 -60.05 8.74 -11.67
C LYS D 301 -61.31 7.92 -11.88
N ALA D 302 -61.72 7.72 -13.14
CA ALA D 302 -62.95 6.98 -13.41
C ALA D 302 -62.82 5.52 -12.99
N LEU D 303 -61.68 4.90 -13.32
CA LEU D 303 -61.44 3.52 -12.90
C LEU D 303 -61.40 3.41 -11.39
N CYS D 304 -60.73 4.36 -10.72
CA CYS D 304 -60.66 4.33 -9.27
C CYS D 304 -62.04 4.48 -8.64
N LYS D 305 -62.87 5.37 -9.19
CA LYS D 305 -64.23 5.54 -8.67
C LYS D 305 -65.06 4.28 -8.86
N SER D 306 -64.97 3.66 -10.04
CA SER D 306 -65.74 2.45 -10.31
C SER D 306 -65.30 1.31 -9.39
N ALA D 307 -63.99 1.20 -9.13
CA ALA D 307 -63.51 0.22 -8.18
C ALA D 307 -63.96 0.54 -6.75
N LEU D 308 -64.04 1.82 -6.40
CA LEU D 308 -64.45 2.19 -5.05
C LEU D 308 -65.92 1.89 -4.82
N GLU D 309 -66.75 1.98 -5.86
CA GLU D 309 -68.14 1.61 -5.70
C GLU D 309 -68.32 0.12 -5.44
N ARG D 310 -67.29 -0.69 -5.68
CA ARG D 310 -67.29 -2.11 -5.38
C ARG D 310 -66.67 -2.44 -4.04
N ASP D 311 -66.33 -1.42 -3.24
CA ASP D 311 -65.74 -1.58 -1.92
C ASP D 311 -64.36 -2.25 -2.00
N ILE D 312 -63.55 -1.76 -2.93
CA ILE D 312 -62.19 -2.22 -3.10
C ILE D 312 -61.24 -1.13 -2.60
N ASP D 313 -60.32 -1.50 -1.72
CA ASP D 313 -59.32 -0.58 -1.19
C ASP D 313 -58.24 -0.42 -2.25
N VAL D 314 -58.53 0.41 -3.26
CA VAL D 314 -57.64 0.62 -4.38
C VAL D 314 -56.82 1.88 -4.11
N PHE D 315 -55.51 1.78 -4.31
CA PHE D 315 -54.63 2.93 -4.14
C PHE D 315 -53.43 2.76 -5.06
N ALA D 316 -52.76 3.89 -5.33
CA ALA D 316 -51.71 3.93 -6.33
C ALA D 316 -50.33 4.01 -5.69
N GLY D 317 -49.32 3.63 -6.47
CA GLY D 317 -47.95 3.74 -6.04
C GLY D 317 -47.06 4.10 -7.22
N TYR D 318 -45.88 4.62 -6.91
CA TYR D 318 -44.95 5.11 -7.92
C TYR D 318 -43.64 4.37 -7.84
N GLY D 319 -43.11 3.97 -9.01
CA GLY D 319 -41.85 3.30 -9.13
C GLY D 319 -41.51 3.15 -10.60
N MET D 320 -40.23 3.25 -10.98
CA MET D 320 -39.88 3.40 -12.38
C MET D 320 -38.61 2.64 -12.76
N SER D 321 -38.40 1.44 -12.23
CA SER D 321 -37.47 0.42 -12.71
C SER D 321 -36.01 0.72 -12.42
N GLU D 322 -35.67 1.90 -11.94
CA GLU D 322 -34.32 2.19 -11.49
C GLU D 322 -34.29 2.59 -10.03
N THR D 323 -35.41 2.44 -9.32
CA THR D 323 -35.58 3.06 -8.01
C THR D 323 -36.09 2.07 -6.97
N GLY D 324 -35.95 0.77 -7.22
CA GLY D 324 -36.24 -0.21 -6.19
C GLY D 324 -37.34 -1.23 -6.44
N PRO D 325 -38.51 -0.82 -6.98
CA PRO D 325 -38.91 0.46 -7.57
C PRO D 325 -39.61 1.47 -6.65
N ILE D 326 -40.14 1.06 -5.50
CA ILE D 326 -41.13 1.88 -4.80
C ILE D 326 -40.48 3.14 -4.26
N LEU D 327 -41.11 4.28 -4.55
CA LEU D 327 -40.70 5.60 -4.08
C LEU D 327 -41.80 6.32 -3.31
N SER D 328 -43.06 6.13 -3.69
CA SER D 328 -44.17 6.81 -3.01
C SER D 328 -45.43 5.97 -3.12
N ILE D 329 -46.27 6.04 -2.09
CA ILE D 329 -47.56 5.36 -2.05
C ILE D 329 -48.57 6.29 -1.40
N VAL D 330 -49.80 6.30 -1.90
CA VAL D 330 -50.84 7.12 -1.30
C VAL D 330 -51.30 6.47 -0.01
N GLN D 331 -51.32 7.25 1.07
CA GLN D 331 -51.84 6.83 2.36
C GLN D 331 -52.87 7.86 2.82
N LEU D 332 -54.03 7.39 3.26
CA LEU D 332 -55.13 8.26 3.64
C LEU D 332 -55.22 8.37 5.16
N THR D 333 -55.25 9.61 5.64
CA THR D 333 -55.38 9.90 7.07
C THR D 333 -56.79 9.61 7.53
N PRO D 334 -57.00 9.43 8.85
CA PRO D 334 -58.35 9.07 9.33
C PRO D 334 -59.44 10.05 8.93
N GLU D 335 -59.13 11.33 8.78
CA GLU D 335 -60.16 12.27 8.37
C GLU D 335 -60.36 12.30 6.86
N GLN D 336 -59.46 11.68 6.09
CA GLN D 336 -59.66 11.54 4.65
C GLN D 336 -60.48 10.32 4.29
N LEU D 337 -60.71 9.41 5.23
CA LEU D 337 -61.57 8.26 4.98
C LEU D 337 -63.05 8.60 5.06
N GLU D 338 -63.40 9.75 5.62
CA GLU D 338 -64.80 10.13 5.74
C GLU D 338 -65.32 10.86 4.50
N LEU D 339 -64.44 11.19 3.55
CA LEU D 339 -64.89 11.85 2.33
C LEU D 339 -65.64 10.87 1.45
N ASP D 340 -66.54 11.41 0.63
CA ASP D 340 -67.29 10.58 -0.30
C ASP D 340 -66.41 10.18 -1.48
N VAL D 341 -66.98 9.38 -2.38
CA VAL D 341 -66.21 8.73 -3.44
C VAL D 341 -65.56 9.74 -4.38
N ASP D 342 -66.17 10.89 -4.59
CA ASP D 342 -65.59 11.89 -5.49
C ASP D 342 -64.25 12.39 -4.97
N GLN D 343 -64.18 12.77 -3.70
CA GLN D 343 -62.91 13.14 -3.09
C GLN D 343 -62.01 11.94 -2.83
N GLN D 344 -62.59 10.75 -2.65
CA GLN D 344 -61.79 9.55 -2.47
C GLN D 344 -60.95 9.26 -3.69
N ALA D 345 -61.58 9.27 -4.88
CA ALA D 345 -60.89 9.03 -6.12
C ALA D 345 -59.89 10.13 -6.47
N GLU D 346 -60.08 11.34 -5.95
CA GLU D 346 -59.10 12.40 -6.16
C GLU D 346 -57.77 12.05 -5.49
N TYR D 347 -57.81 11.67 -4.22
CA TYR D 347 -56.62 11.33 -3.45
C TYR D 347 -56.02 10.00 -3.84
N ARG D 348 -56.84 8.97 -4.08
CA ARG D 348 -56.30 7.65 -4.33
C ARG D 348 -55.59 7.56 -5.67
N SER D 349 -55.86 8.50 -6.58
CA SER D 349 -55.26 8.49 -7.90
C SER D 349 -53.95 9.24 -7.98
N LYS D 350 -53.53 9.91 -6.91
CA LYS D 350 -52.32 10.70 -6.94
C LYS D 350 -51.08 9.80 -6.89
N THR D 351 -49.92 10.41 -7.12
CA THR D 351 -48.66 9.68 -7.01
C THR D 351 -48.39 9.27 -5.57
N GLY D 352 -48.61 10.17 -4.62
CA GLY D 352 -48.58 9.85 -3.21
C GLY D 352 -47.38 10.44 -2.50
N LYS D 353 -47.43 10.36 -1.18
CA LYS D 353 -46.32 10.79 -0.34
C LYS D 353 -45.16 9.80 -0.44
N LYS D 354 -43.94 10.33 -0.35
CA LYS D 354 -42.76 9.48 -0.44
C LYS D 354 -42.66 8.57 0.78
N VAL D 355 -42.12 7.37 0.55
CA VAL D 355 -41.98 6.36 1.59
C VAL D 355 -40.78 6.66 2.46
N ALA D 356 -40.62 5.90 3.54
CA ALA D 356 -39.52 6.13 4.48
C ALA D 356 -38.18 6.07 3.78
N LEU D 357 -37.29 7.00 4.17
CA LEU D 357 -35.91 7.07 3.69
C LEU D 357 -35.81 7.53 2.23
N VAL D 358 -36.70 8.42 1.80
CA VAL D 358 -36.72 8.95 0.44
C VAL D 358 -36.79 10.48 0.53
N GLU D 359 -36.04 11.17 -0.33
CA GLU D 359 -35.96 12.62 -0.27
C GLU D 359 -36.91 13.32 -1.26
N ALA D 360 -36.83 12.98 -2.55
CA ALA D 360 -37.84 13.35 -3.53
C ALA D 360 -38.04 14.87 -3.64
N TYR D 361 -37.02 15.54 -4.19
CA TYR D 361 -37.09 16.96 -4.47
C TYR D 361 -37.61 17.22 -5.88
N ILE D 362 -38.08 18.44 -6.10
CA ILE D 362 -38.54 18.91 -7.41
C ILE D 362 -37.55 19.98 -7.88
N VAL D 363 -37.05 19.94 -9.09
CA VAL D 363 -36.01 20.84 -9.55
C VAL D 363 -36.19 21.31 -10.97
N ASP D 364 -35.38 22.27 -11.43
CA ASP D 364 -35.37 22.70 -12.84
C ASP D 364 -34.01 22.28 -13.44
N GLU D 365 -33.70 22.52 -14.70
CA GLU D 365 -32.40 22.21 -15.28
C GLU D 365 -31.25 22.79 -14.47
N ASP D 366 -31.49 23.89 -13.77
CA ASP D 366 -30.48 24.53 -12.96
C ASP D 366 -30.36 23.92 -11.57
N MET D 367 -31.12 22.86 -11.28
CA MET D 367 -31.16 22.24 -9.96
C MET D 367 -31.58 23.24 -8.89
N ASN D 368 -32.62 24.02 -9.18
CA ASN D 368 -32.97 25.15 -8.33
C ASN D 368 -33.93 24.80 -7.20
N LYS D 369 -34.46 23.58 -7.15
CA LYS D 369 -35.30 23.12 -6.05
C LYS D 369 -36.52 24.03 -5.86
N LEU D 370 -37.42 23.92 -6.83
CA LEU D 370 -38.62 24.74 -6.86
C LEU D 370 -39.46 24.51 -5.59
N PRO D 371 -40.22 25.50 -5.14
CA PRO D 371 -41.01 25.33 -3.92
C PRO D 371 -42.18 24.38 -4.12
N HIS D 372 -42.71 23.89 -3.00
CA HIS D 372 -43.84 22.96 -3.00
C HIS D 372 -45.15 23.72 -2.79
N ASP D 373 -45.44 24.62 -3.72
CA ASP D 373 -46.66 25.42 -3.63
C ASP D 373 -47.90 24.64 -4.02
N GLY D 374 -47.80 23.76 -5.02
CA GLY D 374 -48.94 22.98 -5.43
C GLY D 374 -49.21 23.03 -6.93
N GLU D 375 -48.65 24.02 -7.60
CA GLU D 375 -48.81 24.16 -9.04
C GLU D 375 -47.50 24.28 -9.80
N THR D 376 -46.40 24.62 -9.14
CA THR D 376 -45.12 24.73 -9.83
C THR D 376 -44.54 23.35 -10.09
N ALA D 377 -44.43 22.99 -11.36
CA ALA D 377 -43.99 21.66 -11.75
C ALA D 377 -42.51 21.64 -12.07
N GLY D 378 -41.93 20.45 -11.98
CA GLY D 378 -40.53 20.26 -12.28
C GLY D 378 -40.20 18.79 -12.24
N GLU D 379 -38.96 18.47 -12.60
CA GLU D 379 -38.52 17.10 -12.59
C GLU D 379 -38.28 16.60 -11.17
N ILE D 380 -38.60 15.33 -10.94
CA ILE D 380 -38.42 14.69 -9.64
C ILE D 380 -37.02 14.11 -9.59
N VAL D 381 -36.28 14.45 -8.54
CA VAL D 381 -34.95 13.89 -8.29
C VAL D 381 -34.95 13.31 -6.88
N VAL D 382 -34.45 12.08 -6.73
CA VAL D 382 -34.64 11.34 -5.50
C VAL D 382 -33.31 10.82 -4.98
N ARG D 383 -33.31 10.51 -3.68
CA ARG D 383 -32.20 9.82 -3.02
C ARG D 383 -32.81 8.79 -2.08
N ALA D 384 -32.53 7.52 -2.35
CA ALA D 384 -33.09 6.40 -1.60
C ALA D 384 -32.01 5.37 -1.35
N PRO D 385 -32.19 4.49 -0.36
CA PRO D 385 -31.18 3.45 -0.12
C PRO D 385 -31.14 2.36 -1.17
N TRP D 386 -32.07 2.35 -2.14
CA TRP D 386 -32.17 1.25 -3.08
C TRP D 386 -32.23 1.71 -4.52
N LEU D 387 -31.34 2.62 -4.91
CA LEU D 387 -31.26 3.13 -6.27
C LEU D 387 -30.08 2.49 -6.98
N THR D 388 -30.25 2.19 -8.26
CA THR D 388 -29.15 1.63 -9.02
C THR D 388 -28.06 2.68 -9.20
N PRO D 389 -26.80 2.36 -8.89
CA PRO D 389 -25.74 3.38 -8.99
C PRO D 389 -25.54 3.89 -10.40
N ASN D 390 -25.75 3.05 -11.41
CA ASN D 390 -25.49 3.41 -12.80
C ASN D 390 -26.17 2.38 -13.68
N TYR D 391 -25.99 2.52 -14.99
CA TYR D 391 -26.38 1.50 -15.94
C TYR D 391 -25.22 0.55 -16.17
N TYR D 392 -25.55 -0.72 -16.37
CA TYR D 392 -24.52 -1.73 -16.54
C TYR D 392 -23.79 -1.52 -17.87
N LYS D 393 -22.46 -1.45 -17.81
CA LYS D 393 -21.61 -1.27 -18.99
C LYS D 393 -21.95 0.01 -19.75
N ASP D 394 -22.29 1.07 -19.04
CA ASP D 394 -22.62 2.35 -19.67
C ASP D 394 -21.98 3.48 -18.87
N ASN D 395 -21.48 4.49 -19.57
CA ASN D 395 -20.78 5.60 -18.95
C ASN D 395 -21.52 6.92 -19.09
N LYS D 396 -21.84 7.33 -20.31
CA LYS D 396 -22.41 8.65 -20.50
C LYS D 396 -23.88 8.69 -20.11
N ASN D 397 -24.60 7.59 -20.31
CA ASN D 397 -25.98 7.51 -19.82
C ASN D 397 -26.02 7.49 -18.30
N SER D 398 -25.04 6.82 -17.68
CA SER D 398 -24.92 6.82 -16.23
C SER D 398 -24.67 8.22 -15.69
N LYS D 399 -23.92 9.06 -16.34
CA LYS D 399 -23.71 10.38 -15.86
C LYS D 399 -24.91 11.24 -16.02
N ALA D 400 -25.75 11.05 -17.03
CA ALA D 400 -26.99 11.79 -17.09
C ALA D 400 -28.01 11.27 -16.08
N LEU D 401 -27.90 10.00 -15.70
CA LEU D 401 -28.81 9.45 -14.70
C LEU D 401 -28.61 10.12 -13.34
N TRP D 402 -27.36 10.32 -12.94
CA TRP D 402 -27.04 10.85 -11.62
C TRP D 402 -26.48 12.27 -11.70
N ARG D 403 -27.00 13.08 -12.61
CA ARG D 403 -26.54 14.45 -12.77
C ARG D 403 -26.95 15.29 -11.56
N GLY D 404 -26.02 16.11 -11.08
CA GLY D 404 -26.29 17.00 -9.97
C GLY D 404 -26.34 16.36 -8.62
N GLY D 405 -25.91 15.10 -8.50
CA GLY D 405 -25.93 14.42 -7.22
C GLY D 405 -27.24 13.76 -6.86
N TYR D 406 -28.18 13.67 -7.79
CA TYR D 406 -29.48 13.05 -7.56
C TYR D 406 -29.84 12.17 -8.74
N LEU D 407 -30.70 11.20 -8.50
CA LEU D 407 -31.19 10.35 -9.58
C LEU D 407 -32.36 11.03 -10.28
N HIS D 408 -32.26 11.13 -11.61
CA HIS D 408 -33.27 11.81 -12.42
C HIS D 408 -34.29 10.79 -12.90
N THR D 409 -35.53 10.93 -12.44
CA THR D 409 -36.57 9.99 -12.83
C THR D 409 -37.10 10.26 -14.23
N GLY D 410 -37.05 11.49 -14.69
CA GLY D 410 -37.62 11.82 -15.98
C GLY D 410 -39.10 12.14 -15.96
N ASP D 411 -39.69 12.31 -14.79
CA ASP D 411 -41.10 12.65 -14.65
C ASP D 411 -41.25 14.07 -14.12
N VAL D 412 -42.21 14.80 -14.67
CA VAL D 412 -42.50 16.18 -14.29
C VAL D 412 -43.77 16.18 -13.46
N ALA D 413 -43.67 16.73 -12.25
CA ALA D 413 -44.72 16.70 -11.25
C ALA D 413 -44.65 17.97 -10.40
N HIS D 414 -45.74 18.24 -9.70
CA HIS D 414 -45.79 19.29 -8.69
C HIS D 414 -46.17 18.65 -7.36
N ILE D 415 -45.59 19.17 -6.27
CA ILE D 415 -45.76 18.60 -4.94
C ILE D 415 -46.54 19.58 -4.08
N ASP D 416 -47.59 19.07 -3.43
CA ASP D 416 -48.42 19.88 -2.55
C ASP D 416 -47.66 20.25 -1.29
N ASP D 417 -48.21 21.14 -0.48
CA ASP D 417 -47.62 21.49 0.83
C ASP D 417 -47.62 20.34 1.81
N GLU D 418 -48.73 19.62 1.94
CA GLU D 418 -48.82 18.44 2.77
C GLU D 418 -47.89 17.30 2.36
N GLY D 419 -47.50 17.24 1.11
CA GLY D 419 -46.59 16.22 0.67
C GLY D 419 -47.05 15.44 -0.53
N PHE D 420 -48.30 15.61 -0.93
CA PHE D 420 -48.80 14.81 -2.03
C PHE D 420 -48.10 15.20 -3.33
N ILE D 421 -47.75 14.20 -4.13
CA ILE D 421 -47.12 14.39 -5.42
C ILE D 421 -48.14 14.06 -6.49
N LYS D 422 -48.18 14.87 -7.54
CA LYS D 422 -49.05 14.63 -8.69
C LYS D 422 -48.20 14.73 -9.95
N ILE D 423 -47.95 13.60 -10.60
CA ILE D 423 -47.13 13.59 -11.80
C ILE D 423 -47.93 14.10 -12.97
N THR D 424 -47.38 15.09 -13.68
CA THR D 424 -48.07 15.72 -14.80
C THR D 424 -47.68 15.09 -16.12
N ASP D 425 -46.38 14.87 -16.36
CA ASP D 425 -45.95 14.38 -17.66
C ASP D 425 -44.54 13.81 -17.56
N ARG D 426 -43.94 13.59 -18.73
CA ARG D 426 -42.53 13.22 -18.79
C ARG D 426 -41.69 14.43 -19.19
N VAL D 427 -40.39 14.36 -18.88
CA VAL D 427 -39.49 15.46 -19.22
C VAL D 427 -39.37 15.60 -20.73
N LYS D 428 -39.23 14.48 -21.43
CA LYS D 428 -39.09 14.53 -22.89
C LYS D 428 -40.40 14.91 -23.56
N ASP D 429 -41.53 14.59 -22.95
CA ASP D 429 -42.82 14.94 -23.53
C ASP D 429 -43.24 16.37 -23.21
N MET D 430 -42.43 17.12 -22.47
CA MET D 430 -42.64 18.55 -22.29
C MET D 430 -42.34 19.28 -23.59
N ILE D 431 -43.28 20.12 -24.02
CA ILE D 431 -43.12 20.91 -25.23
C ILE D 431 -42.90 22.36 -24.83
N LYS D 432 -41.93 23.01 -25.47
CA LYS D 432 -41.43 24.31 -25.01
C LYS D 432 -41.98 25.43 -25.88
N ILE D 433 -43.20 25.86 -25.53
CA ILE D 433 -43.75 27.07 -26.13
C ILE D 433 -43.17 28.29 -25.43
N SER D 434 -42.60 29.21 -26.21
CA SER D 434 -42.01 30.42 -25.69
C SER D 434 -41.03 30.12 -24.55
N GLY D 435 -41.42 30.44 -23.33
CA GLY D 435 -40.57 30.20 -22.17
C GLY D 435 -41.16 29.29 -21.13
N GLU D 436 -42.33 28.71 -21.43
CA GLU D 436 -43.03 27.85 -20.48
C GLU D 436 -43.07 26.41 -20.97
N TRP D 437 -43.48 25.52 -20.07
CA TRP D 437 -43.58 24.08 -20.34
C TRP D 437 -44.98 23.63 -19.95
N VAL D 438 -45.83 23.44 -20.95
CA VAL D 438 -47.15 22.87 -20.71
C VAL D 438 -47.10 21.38 -20.99
N SER D 439 -47.95 20.61 -20.32
CA SER D 439 -47.97 19.17 -20.45
C SER D 439 -48.90 18.74 -21.57
N SER D 440 -48.53 17.65 -22.25
CA SER D 440 -49.36 17.09 -23.30
C SER D 440 -50.42 16.13 -22.79
N LEU D 441 -50.27 15.61 -21.57
CA LEU D 441 -51.25 14.67 -21.04
C LEU D 441 -52.59 15.34 -20.82
N GLU D 442 -52.60 16.58 -20.31
CA GLU D 442 -53.86 17.29 -20.14
C GLU D 442 -54.52 17.58 -21.47
N LEU D 443 -53.73 17.94 -22.48
CA LEU D 443 -54.28 18.16 -23.81
C LEU D 443 -54.89 16.89 -24.39
N GLU D 444 -54.20 15.76 -24.21
CA GLU D 444 -54.72 14.48 -24.68
C GLU D 444 -56.02 14.12 -23.94
N ASP D 445 -56.06 14.39 -22.63
CA ASP D 445 -57.27 14.12 -21.85
C ASP D 445 -58.43 14.98 -22.32
N ILE D 446 -58.15 16.25 -22.62
CA ILE D 446 -59.20 17.16 -23.10
C ILE D 446 -59.73 16.69 -24.45
N LEU D 447 -58.82 16.33 -25.37
CA LEU D 447 -59.25 15.90 -26.69
C LEU D 447 -59.97 14.56 -26.64
N HIS D 448 -59.58 13.69 -25.70
CA HIS D 448 -60.24 12.40 -25.55
C HIS D 448 -61.66 12.54 -25.03
N GLN D 449 -61.99 13.69 -24.42
CA GLN D 449 -63.36 13.91 -23.95
C GLN D 449 -64.36 14.07 -25.09
N HIS D 450 -63.90 14.20 -26.32
CA HIS D 450 -64.80 14.26 -27.46
C HIS D 450 -65.56 12.96 -27.62
N GLN D 451 -66.81 13.05 -28.06
CA GLN D 451 -67.65 11.87 -28.19
C GLN D 451 -67.24 10.96 -29.35
N SER D 452 -66.58 11.51 -30.38
CA SER D 452 -66.24 10.76 -31.58
C SER D 452 -64.75 10.46 -31.68
N VAL D 453 -63.99 10.62 -30.61
CA VAL D 453 -62.53 10.48 -30.62
C VAL D 453 -62.17 9.21 -29.86
N SER D 454 -61.33 8.37 -30.47
CA SER D 454 -60.90 7.12 -29.87
C SER D 454 -59.60 7.26 -29.07
N GLU D 455 -58.53 7.73 -29.69
CA GLU D 455 -57.27 7.93 -28.99
C GLU D 455 -56.58 9.18 -29.54
N VAL D 456 -55.76 9.80 -28.69
CA VAL D 456 -55.12 11.08 -28.97
C VAL D 456 -53.66 11.00 -28.57
N ALA D 457 -52.78 11.57 -29.40
CA ALA D 457 -51.38 11.74 -29.06
C ALA D 457 -50.95 13.16 -29.42
N VAL D 458 -50.33 13.86 -28.47
CA VAL D 458 -49.91 15.24 -28.66
C VAL D 458 -48.39 15.29 -28.67
N ILE D 459 -47.83 15.93 -29.69
CA ILE D 459 -46.39 16.03 -29.89
C ILE D 459 -46.02 17.48 -30.16
N GLY D 460 -44.72 17.73 -30.24
CA GLY D 460 -44.20 19.06 -30.47
C GLY D 460 -43.55 19.20 -31.84
N MET D 461 -43.68 20.39 -32.41
CA MET D 461 -43.07 20.72 -33.69
C MET D 461 -42.36 22.06 -33.59
N PRO D 462 -41.22 22.22 -34.27
CA PRO D 462 -40.47 23.46 -34.17
C PRO D 462 -41.19 24.65 -34.78
N HIS D 463 -40.91 25.83 -34.21
CA HIS D 463 -41.40 27.10 -34.74
C HIS D 463 -40.48 28.18 -34.20
N ASN D 464 -40.03 29.08 -35.07
CA ASN D 464 -38.92 29.96 -34.73
C ASN D 464 -39.24 30.86 -33.55
N LYS D 465 -40.42 31.48 -33.54
CA LYS D 465 -40.69 32.50 -32.53
C LYS D 465 -41.31 31.92 -31.26
N TRP D 466 -41.91 30.73 -31.35
CA TRP D 466 -42.64 30.16 -30.22
C TRP D 466 -42.14 28.77 -29.83
N GLY D 467 -40.89 28.45 -30.18
CA GLY D 467 -40.32 27.18 -29.72
C GLY D 467 -41.07 25.98 -30.27
N GLU D 468 -41.23 24.96 -29.44
CA GLU D 468 -41.94 23.75 -29.82
C GLU D 468 -43.43 23.93 -29.52
N VAL D 469 -44.25 23.84 -30.55
CA VAL D 469 -45.69 24.10 -30.42
C VAL D 469 -46.42 22.78 -30.63
N PRO D 470 -47.70 22.74 -30.29
CA PRO D 470 -48.40 21.45 -30.23
C PRO D 470 -48.87 20.94 -31.58
N LEU D 471 -49.08 19.62 -31.64
CA LEU D 471 -49.72 18.94 -32.75
C LEU D 471 -50.47 17.73 -32.20
N ALA D 472 -51.68 17.52 -32.69
CA ALA D 472 -52.55 16.46 -32.18
C ALA D 472 -52.87 15.46 -33.27
N LEU D 473 -52.65 14.17 -32.98
CA LEU D 473 -53.03 13.07 -33.84
C LEU D 473 -54.15 12.30 -33.15
N VAL D 474 -55.30 12.18 -33.82
CA VAL D 474 -56.47 11.56 -33.24
C VAL D 474 -56.92 10.41 -34.12
N THR D 475 -57.55 9.42 -33.51
CA THR D 475 -58.18 8.30 -34.21
C THR D 475 -59.68 8.38 -33.99
N LEU D 476 -60.44 8.27 -35.07
CA LEU D 476 -61.89 8.40 -35.00
C LEU D 476 -62.55 7.06 -34.71
N LYS D 477 -63.74 7.11 -34.11
CA LYS D 477 -64.49 5.92 -33.75
C LYS D 477 -65.19 5.37 -34.99
N GLU D 478 -66.09 4.40 -34.78
CA GLU D 478 -66.79 3.77 -35.89
C GLU D 478 -67.77 4.74 -36.52
N ASP D 479 -67.68 4.89 -37.85
CA ASP D 479 -68.63 5.68 -38.64
C ASP D 479 -68.73 7.11 -38.11
N ALA D 480 -67.60 7.66 -37.70
CA ALA D 480 -67.52 9.02 -37.19
C ALA D 480 -66.56 9.82 -38.07
N GLN D 481 -67.00 11.01 -38.50
CA GLN D 481 -66.18 11.89 -39.34
C GLN D 481 -66.37 13.32 -38.85
N VAL D 482 -65.43 13.77 -38.03
CA VAL D 482 -65.40 15.15 -37.53
C VAL D 482 -64.17 15.82 -38.09
N THR D 483 -64.34 17.02 -38.64
CA THR D 483 -63.23 17.73 -39.23
C THR D 483 -62.28 18.23 -38.14
N GLU D 484 -61.06 18.58 -38.57
CA GLU D 484 -60.09 19.14 -37.64
C GLU D 484 -60.57 20.46 -37.06
N LYS D 485 -61.39 21.20 -37.80
CA LYS D 485 -61.93 22.47 -37.30
C LYS D 485 -62.80 22.25 -36.07
N GLU D 486 -63.62 21.20 -36.09
CA GLU D 486 -64.49 20.91 -34.95
C GLU D 486 -63.68 20.59 -33.70
N LEU D 487 -62.62 19.79 -33.84
CA LEU D 487 -61.78 19.47 -32.70
C LEU D 487 -61.03 20.70 -32.20
N LEU D 488 -60.55 21.54 -33.12
CA LEU D 488 -59.92 22.79 -32.71
C LEU D 488 -60.88 23.65 -31.90
N GLY D 489 -62.11 23.80 -32.37
CA GLY D 489 -63.09 24.58 -31.63
C GLY D 489 -63.44 23.98 -30.28
N PHE D 490 -63.57 22.65 -30.24
CA PHE D 490 -63.88 21.97 -28.98
C PHE D 490 -62.79 22.19 -27.95
N ALA D 491 -61.53 22.13 -28.38
CA ALA D 491 -60.43 22.42 -27.45
C ALA D 491 -60.40 23.90 -27.08
N LYS D 492 -60.73 24.79 -28.02
CA LYS D 492 -60.73 26.21 -27.73
C LYS D 492 -61.84 26.59 -26.75
N ASP D 493 -62.90 25.78 -26.68
CA ASP D 493 -64.04 26.13 -25.84
C ASP D 493 -63.67 26.12 -24.36
N PHE D 494 -62.67 25.35 -23.97
CA PHE D 494 -62.28 25.27 -22.57
C PHE D 494 -61.53 26.53 -22.15
N ILE D 495 -61.34 26.68 -20.83
CA ILE D 495 -60.77 27.89 -20.26
C ILE D 495 -59.75 27.56 -19.18
N ASN D 496 -59.25 28.59 -18.50
CA ASN D 496 -58.37 28.48 -17.34
C ASN D 496 -57.03 27.82 -17.67
N LYS D 497 -56.25 28.47 -18.54
CA LYS D 497 -54.87 28.07 -18.77
C LYS D 497 -54.09 29.29 -19.24
N GLY D 498 -52.77 29.23 -19.06
CA GLY D 498 -51.90 30.33 -19.40
C GLY D 498 -51.68 30.44 -20.89
N ILE D 499 -50.52 31.03 -21.24
CA ILE D 499 -50.07 31.18 -22.62
C ILE D 499 -51.05 32.07 -23.37
N LEU D 500 -50.86 32.21 -24.69
CA LEU D 500 -51.69 33.09 -25.51
C LEU D 500 -53.15 32.70 -25.39
N ALA D 501 -53.95 33.62 -24.84
CA ALA D 501 -55.36 33.36 -24.55
C ALA D 501 -55.46 32.12 -23.67
N ARG D 502 -55.68 30.96 -24.29
CA ARG D 502 -55.58 29.67 -23.62
C ARG D 502 -54.69 28.73 -24.43
N GLU D 503 -53.64 29.28 -25.04
CA GLU D 503 -52.77 28.53 -25.95
C GLU D 503 -53.59 27.86 -27.07
N ALA D 504 -54.49 28.61 -27.67
CA ALA D 504 -55.31 28.09 -28.76
C ALA D 504 -55.07 28.91 -30.01
N LEU D 505 -53.95 28.64 -30.68
CA LEU D 505 -53.79 28.97 -32.09
C LEU D 505 -52.95 27.93 -32.81
N LEU D 506 -52.47 26.89 -32.14
CA LEU D 506 -51.48 25.99 -32.71
C LEU D 506 -51.77 24.54 -32.36
N LEU D 507 -53.02 24.21 -32.06
CA LEU D 507 -53.34 22.83 -31.70
C LEU D 507 -53.03 21.88 -32.84
N LYS D 508 -53.41 22.27 -34.06
CA LYS D 508 -53.04 21.56 -35.29
C LYS D 508 -53.40 20.08 -35.20
N VAL D 509 -54.67 19.82 -34.89
CA VAL D 509 -55.16 18.46 -34.77
C VAL D 509 -55.21 17.82 -36.15
N LYS D 510 -54.80 16.57 -36.23
CA LYS D 510 -54.80 15.82 -37.47
C LYS D 510 -55.43 14.45 -37.24
N ILE D 511 -56.12 13.95 -38.25
CA ILE D 511 -56.84 12.68 -38.16
C ILE D 511 -56.00 11.61 -38.85
N VAL D 512 -55.63 10.58 -38.09
CA VAL D 512 -54.84 9.46 -38.59
C VAL D 512 -55.58 8.18 -38.25
N ASP D 513 -55.53 7.21 -39.16
CA ASP D 513 -56.26 5.95 -38.97
C ASP D 513 -55.75 5.20 -37.75
N GLU D 514 -54.42 5.16 -37.55
CA GLU D 514 -53.83 4.41 -36.46
C GLU D 514 -52.64 5.18 -35.89
N ILE D 515 -52.26 4.82 -34.67
CA ILE D 515 -51.14 5.44 -33.97
C ILE D 515 -50.17 4.35 -33.56
N ALA D 516 -48.88 4.56 -33.82
CA ALA D 516 -47.88 3.56 -33.52
C ALA D 516 -47.76 3.33 -32.01
N LYS D 517 -47.49 2.07 -31.65
CA LYS D 517 -47.39 1.67 -30.25
C LYS D 517 -46.19 0.76 -30.07
N THR D 518 -45.61 0.78 -28.86
CA THR D 518 -44.49 -0.08 -28.54
C THR D 518 -44.97 -1.54 -28.46
N SER D 519 -43.99 -2.44 -28.33
CA SER D 519 -44.32 -3.85 -28.12
C SER D 519 -44.98 -4.11 -26.77
N VAL D 520 -44.92 -3.15 -25.86
CA VAL D 520 -45.53 -3.29 -24.54
C VAL D 520 -46.93 -2.70 -24.56
N GLY D 521 -47.13 -1.69 -25.40
CA GLY D 521 -48.46 -1.09 -25.54
C GLY D 521 -48.51 0.37 -25.17
N LYS D 522 -47.40 1.08 -25.34
CA LYS D 522 -47.33 2.51 -25.08
C LYS D 522 -47.14 3.27 -26.38
N VAL D 523 -47.64 4.50 -26.42
CA VAL D 523 -47.60 5.30 -27.64
C VAL D 523 -46.16 5.59 -28.06
N ASP D 524 -45.91 5.55 -29.36
CA ASP D 524 -44.58 5.77 -29.92
C ASP D 524 -44.41 7.25 -30.25
N LYS D 525 -44.29 8.06 -29.19
CA LYS D 525 -44.21 9.51 -29.39
C LYS D 525 -42.97 9.89 -30.17
N LYS D 526 -41.89 9.12 -29.96
CA LYS D 526 -40.61 9.36 -30.63
C LYS D 526 -40.59 8.94 -32.07
N GLU D 527 -41.18 7.80 -32.41
CA GLU D 527 -41.27 7.46 -33.82
C GLU D 527 -42.21 8.41 -34.54
N LEU D 528 -43.18 9.00 -33.85
CA LEU D 528 -44.03 9.99 -34.48
C LEU D 528 -43.25 11.28 -34.64
N ARG D 529 -42.30 11.52 -33.74
CA ARG D 529 -41.51 12.75 -33.79
C ARG D 529 -40.73 12.57 -35.02
N LYS D 530 -40.63 11.34 -35.48
CA LYS D 530 -39.84 11.03 -36.66
C LYS D 530 -40.69 10.99 -37.91
N LEU D 531 -41.89 10.41 -37.83
CA LEU D 531 -42.72 10.23 -39.01
C LEU D 531 -43.30 11.55 -39.51
N HIS D 532 -43.87 12.34 -38.60
CA HIS D 532 -44.60 13.54 -38.99
C HIS D 532 -43.72 14.79 -39.07
N LEU D 533 -42.47 14.71 -38.64
CA LEU D 533 -41.57 15.86 -38.68
C LEU D 533 -40.12 15.44 -38.46
N TYR E 4 -14.55 13.87 5.10
CA TYR E 4 -15.24 12.72 4.53
C TYR E 4 -15.89 13.08 3.20
N VAL E 5 -15.49 12.37 2.14
CA VAL E 5 -16.03 12.58 0.79
C VAL E 5 -16.87 11.36 0.45
N ASN E 6 -18.09 11.61 -0.04
CA ASN E 6 -19.04 10.56 -0.34
C ASN E 6 -19.64 10.79 -1.72
N ASP E 7 -19.73 9.74 -2.51
CA ASP E 7 -20.56 9.86 -3.70
C ASP E 7 -22.03 9.74 -3.30
N PRO E 8 -22.91 10.48 -3.98
CA PRO E 8 -24.33 10.42 -3.60
C PRO E 8 -24.99 9.08 -3.92
N SER E 9 -24.37 8.29 -4.79
CA SER E 9 -24.89 6.95 -5.06
C SER E 9 -24.84 6.07 -3.82
N ASN E 10 -23.73 6.15 -3.08
CA ASN E 10 -23.60 5.35 -1.86
C ASN E 10 -24.40 5.98 -0.74
N TYR E 11 -25.34 5.22 -0.18
CA TYR E 11 -26.25 5.70 0.84
C TYR E 11 -25.78 5.23 2.20
N GLN E 12 -25.70 6.16 3.15
CA GLN E 12 -25.35 5.85 4.52
C GLN E 12 -26.60 5.91 5.38
N LEU E 13 -26.75 4.92 6.26
CA LEU E 13 -27.88 4.87 7.18
C LEU E 13 -27.54 5.70 8.41
N LEU E 14 -28.14 6.89 8.51
CA LEU E 14 -27.83 7.82 9.59
C LEU E 14 -29.11 8.17 10.32
N ILE E 15 -28.94 8.70 11.54
CA ILE E 15 -30.08 9.10 12.36
C ILE E 15 -30.76 10.34 11.78
N LYS E 16 -30.00 11.19 11.09
CA LYS E 16 -30.59 12.36 10.46
C LYS E 16 -31.60 11.96 9.40
N ASN E 17 -31.37 10.84 8.70
CA ASN E 17 -32.37 10.31 7.78
C ASN E 17 -33.59 9.79 8.53
N LEU E 18 -33.38 9.28 9.73
CA LEU E 18 -34.50 8.82 10.55
C LEU E 18 -35.39 9.98 10.97
N LEU E 19 -34.79 11.15 11.21
CA LEU E 19 -35.58 12.31 11.62
C LEU E 19 -36.18 13.09 10.45
N PHE E 20 -35.42 13.28 9.37
CA PHE E 20 -35.85 14.12 8.27
C PHE E 20 -36.48 13.34 7.12
N SER E 21 -36.46 12.01 7.16
CA SER E 21 -37.13 11.17 6.18
C SER E 21 -37.95 10.12 6.90
N PRO E 22 -39.00 10.54 7.62
CA PRO E 22 -39.75 9.59 8.45
C PRO E 22 -40.72 8.77 7.62
N VAL E 23 -41.42 7.87 8.31
CA VAL E 23 -42.57 7.20 7.70
C VAL E 23 -43.68 8.21 7.48
N ALA E 24 -43.92 9.09 8.46
CA ALA E 24 -44.92 10.13 8.35
C ALA E 24 -44.43 11.35 9.11
N PHE E 25 -44.75 12.54 8.59
CA PHE E 25 -44.42 13.79 9.25
C PHE E 25 -45.66 14.68 9.29
N ASN E 26 -46.10 15.00 10.50
CA ASN E 26 -47.24 15.89 10.72
C ASN E 26 -46.76 17.14 11.42
N PRO E 27 -46.71 18.29 10.74
CA PRO E 27 -46.17 19.51 11.38
C PRO E 27 -46.92 19.93 12.62
N GLU E 28 -48.24 19.71 12.68
CA GLU E 28 -49.02 20.15 13.84
C GLU E 28 -49.09 19.10 14.93
N GLN E 29 -48.54 17.91 14.73
CA GLN E 29 -48.42 16.94 15.81
C GLN E 29 -47.53 17.49 16.90
N GLU E 30 -47.83 17.14 18.15
CA GLU E 30 -47.24 17.80 19.30
C GLU E 30 -46.38 16.86 20.12
N ILE E 31 -45.41 17.44 20.81
CA ILE E 31 -44.63 16.80 21.86
C ILE E 31 -45.03 17.47 23.16
N VAL E 32 -45.37 16.66 24.17
CA VAL E 32 -45.87 17.15 25.44
C VAL E 32 -44.92 16.74 26.54
N TYR E 33 -44.41 17.71 27.29
CA TYR E 33 -43.74 17.49 28.56
C TYR E 33 -44.75 17.79 29.65
N ALA E 34 -44.94 16.84 30.56
CA ALA E 34 -46.12 16.75 31.39
C ALA E 34 -46.44 18.04 32.14
N ASN E 35 -47.54 18.68 31.77
CA ASN E 35 -48.03 19.91 32.42
C ASN E 35 -46.97 21.00 32.48
N HIS E 36 -45.89 20.85 31.72
CA HIS E 36 -44.80 21.82 31.71
C HIS E 36 -44.65 22.51 30.35
N ARG E 37 -44.65 21.74 29.26
CA ARG E 37 -44.37 22.32 27.96
C ARG E 37 -45.12 21.52 26.90
N ARG E 38 -45.35 22.16 25.77
CA ARG E 38 -46.09 21.54 24.67
C ARG E 38 -45.76 22.26 23.39
N HIS E 39 -45.19 21.56 22.41
CA HIS E 39 -44.81 22.22 21.18
C HIS E 39 -44.86 21.24 20.01
N SER E 40 -45.19 21.74 18.83
CA SER E 40 -45.42 20.90 17.68
C SER E 40 -44.10 20.32 17.14
N TYR E 41 -44.21 19.49 16.10
CA TYR E 41 -43.03 18.90 15.48
C TYR E 41 -42.16 19.91 14.76
N LYS E 42 -42.77 20.99 14.23
CA LYS E 42 -41.99 22.07 13.65
C LYS E 42 -41.04 22.68 14.68
N THR E 43 -41.57 22.96 15.87
CA THR E 43 -40.75 23.47 16.96
C THR E 43 -39.69 22.47 17.38
N PHE E 44 -40.01 21.18 17.37
CA PHE E 44 -39.02 20.16 17.72
C PHE E 44 -37.86 20.17 16.73
N HIS E 45 -38.15 20.28 15.43
CA HIS E 45 -37.09 20.35 14.43
C HIS E 45 -36.25 21.61 14.60
N ASP E 46 -36.91 22.75 14.83
CA ASP E 46 -36.17 23.99 15.05
C ASP E 46 -35.28 23.89 16.27
N ARG E 47 -35.78 23.28 17.35
CA ARG E 47 -34.99 23.15 18.57
C ARG E 47 -33.82 22.20 18.37
N VAL E 48 -34.00 21.16 17.56
CA VAL E 48 -32.87 20.28 17.26
C VAL E 48 -31.77 21.04 16.54
N ARG E 49 -32.15 21.86 15.55
CA ARG E 49 -31.13 22.63 14.83
C ARG E 49 -30.48 23.68 15.74
N GLN E 50 -31.26 24.30 16.62
CA GLN E 50 -30.71 25.23 17.59
C GLN E 50 -29.72 24.55 18.53
N PHE E 51 -30.06 23.35 18.99
CA PHE E 51 -29.16 22.62 19.88
C PHE E 51 -27.88 22.24 19.15
N ALA E 52 -27.99 21.90 17.86
CA ALA E 52 -26.80 21.65 17.06
C ALA E 52 -25.91 22.88 16.99
N ASN E 53 -26.52 24.05 16.75
CA ASN E 53 -25.75 25.30 16.72
C ASN E 53 -25.08 25.57 18.06
N ALA E 54 -25.81 25.37 19.16
CA ALA E 54 -25.25 25.63 20.48
C ALA E 54 -24.10 24.68 20.79
N LEU E 55 -24.23 23.41 20.43
CA LEU E 55 -23.15 22.46 20.65
C LEU E 55 -21.92 22.82 19.82
N THR E 56 -22.14 23.24 18.58
CA THR E 56 -21.00 23.67 17.75
C THR E 56 -20.32 24.89 18.35
N LYS E 57 -21.10 25.80 18.95
CA LYS E 57 -20.52 26.99 19.56
C LYS E 57 -19.68 26.64 20.79
N MET E 58 -20.01 25.54 21.48
CA MET E 58 -19.28 25.17 22.69
C MET E 58 -17.98 24.43 22.41
N GLY E 59 -17.67 24.14 21.16
CA GLY E 59 -16.47 23.41 20.83
C GLY E 59 -16.64 21.91 20.67
N VAL E 60 -17.87 21.41 20.60
CA VAL E 60 -18.09 19.99 20.42
C VAL E 60 -17.78 19.62 18.98
N LYS E 61 -16.98 18.57 18.81
CA LYS E 61 -16.50 18.13 17.51
C LYS E 61 -17.07 16.75 17.19
N LYS E 62 -16.59 16.16 16.10
CA LYS E 62 -17.09 14.85 15.69
C LYS E 62 -16.75 13.77 16.71
N GLY E 63 -15.54 13.79 17.24
CA GLY E 63 -15.18 12.74 18.18
C GLY E 63 -15.59 12.97 19.62
N ASP E 64 -16.15 14.13 19.94
CA ASP E 64 -16.40 14.48 21.32
C ASP E 64 -17.57 13.67 21.89
N THR E 65 -17.69 13.70 23.22
CA THR E 65 -18.71 12.95 23.94
C THR E 65 -19.46 13.88 24.88
N VAL E 66 -20.78 13.79 24.88
CA VAL E 66 -21.64 14.60 25.73
C VAL E 66 -22.43 13.67 26.63
N ALA E 67 -22.43 13.95 27.93
CA ALA E 67 -23.11 13.13 28.92
C ALA E 67 -24.40 13.81 29.34
N VAL E 68 -25.44 13.01 29.58
CA VAL E 68 -26.76 13.51 29.95
C VAL E 68 -27.22 12.79 31.21
N MET E 69 -27.79 13.55 32.15
CA MET E 69 -28.26 13.01 33.43
C MET E 69 -29.55 13.73 33.82
N ASP E 70 -30.69 13.21 33.39
CA ASP E 70 -31.99 13.79 33.75
C ASP E 70 -33.07 12.74 33.53
N TYR E 71 -34.33 13.15 33.68
CA TYR E 71 -35.47 12.27 33.52
C TYR E 71 -35.96 12.29 32.08
N ASP E 72 -37.11 11.67 31.83
CA ASP E 72 -37.69 11.65 30.49
C ASP E 72 -38.41 12.96 30.22
N SER E 73 -37.98 13.66 29.18
CA SER E 73 -38.52 14.97 28.85
C SER E 73 -38.22 15.24 27.38
N HIS E 74 -38.71 16.38 26.89
CA HIS E 74 -38.42 16.81 25.54
C HIS E 74 -36.93 17.04 25.34
N ARG E 75 -36.20 17.35 26.39
CA ARG E 75 -34.83 17.65 26.25
C ARG E 75 -34.06 16.45 25.92
N TYR E 76 -34.44 15.32 26.43
CA TYR E 76 -33.77 14.07 26.19
C TYR E 76 -34.05 13.54 24.83
N LEU E 77 -35.19 13.85 24.30
CA LEU E 77 -35.52 13.48 22.98
C LEU E 77 -34.76 14.32 22.07
N GLU E 78 -34.54 15.54 22.43
CA GLU E 78 -33.68 16.35 21.57
C GLU E 78 -32.23 15.91 21.65
N CYS E 79 -31.79 15.43 22.80
CA CYS E 79 -30.43 14.89 22.90
C CYS E 79 -30.28 13.58 22.15
N TYR E 80 -31.36 12.81 22.05
CA TYR E 80 -31.33 11.55 21.30
C TYR E 80 -31.03 11.77 19.84
N PHE E 81 -31.27 12.98 19.34
CA PHE E 81 -31.06 13.29 17.93
C PHE E 81 -29.88 14.23 17.69
N ALA E 82 -29.86 15.38 18.37
CA ALA E 82 -28.91 16.43 18.01
C ALA E 82 -27.46 15.98 18.16
N ILE E 83 -27.14 15.32 19.27
CA ILE E 83 -25.76 14.94 19.56
C ILE E 83 -25.23 13.94 18.53
N PRO E 84 -25.94 12.85 18.20
CA PRO E 84 -25.43 11.96 17.15
C PRO E 84 -25.32 12.59 15.76
N MET E 85 -26.23 13.50 15.39
CA MET E 85 -26.17 14.07 14.04
C MET E 85 -24.91 14.89 13.83
N ILE E 86 -24.57 15.72 14.76
CA ILE E 86 -23.39 16.52 14.66
C ILE E 86 -22.16 15.68 14.70
N GLY E 87 -22.26 14.40 14.96
CA GLY E 87 -21.16 13.47 14.97
C GLY E 87 -20.59 13.04 16.28
N ALA E 88 -21.00 13.57 17.41
CA ALA E 88 -20.54 13.30 18.76
C ALA E 88 -21.18 12.02 19.30
N LYS E 89 -20.72 11.61 20.48
CA LYS E 89 -21.22 10.42 21.16
C LYS E 89 -22.13 10.83 22.30
N LEU E 90 -23.32 10.24 22.35
CA LEU E 90 -24.26 10.48 23.43
C LEU E 90 -24.03 9.42 24.50
N HIS E 91 -23.51 9.84 25.65
CA HIS E 91 -23.29 8.95 26.78
C HIS E 91 -24.45 9.09 27.74
N MET E 92 -25.14 7.98 28.01
CA MET E 92 -26.29 7.97 28.91
C MET E 92 -25.85 7.51 30.29
N ILE E 93 -26.12 8.33 31.30
CA ILE E 93 -25.68 8.07 32.66
C ILE E 93 -26.83 7.47 33.45
N ASN E 94 -26.59 6.32 34.08
CA ASN E 94 -27.55 5.65 34.94
C ASN E 94 -27.58 6.39 36.27
N VAL E 95 -28.65 7.15 36.51
CA VAL E 95 -28.75 7.96 37.72
C VAL E 95 -29.01 7.10 38.95
N ARG E 96 -29.29 5.82 38.77
CA ARG E 96 -29.56 4.92 39.88
C ARG E 96 -28.32 4.24 40.43
N LEU E 97 -27.17 4.40 39.78
CA LEU E 97 -25.94 3.83 40.30
C LEU E 97 -25.42 4.65 41.48
N SER E 98 -24.45 4.09 42.20
CA SER E 98 -23.80 4.81 43.27
C SER E 98 -22.93 5.92 42.69
N PRO E 99 -22.63 6.97 43.48
CA PRO E 99 -21.77 8.03 42.97
C PRO E 99 -20.39 7.53 42.54
N GLU E 100 -19.86 6.50 43.20
CA GLU E 100 -18.58 5.93 42.79
C GLU E 100 -18.66 5.34 41.39
N GLN E 101 -19.71 4.58 41.10
CA GLN E 101 -19.86 3.99 39.77
C GLN E 101 -20.10 5.07 38.72
N ILE E 102 -20.88 6.10 39.05
CA ILE E 102 -21.12 7.19 38.11
C ILE E 102 -19.82 7.90 37.78
N LEU E 103 -19.01 8.18 38.81
CA LEU E 103 -17.72 8.81 38.59
C LEU E 103 -16.81 7.92 37.74
N TYR E 104 -16.83 6.62 38.00
CA TYR E 104 -16.03 5.70 37.18
C TYR E 104 -16.45 5.77 35.72
N THR E 105 -17.76 5.76 35.45
CA THR E 105 -18.21 5.77 34.06
C THR E 105 -17.88 7.09 33.39
N ILE E 106 -18.00 8.20 34.11
CA ILE E 106 -17.65 9.50 33.54
C ILE E 106 -16.16 9.55 33.20
N ASP E 107 -15.32 9.05 34.10
CA ASP E 107 -13.89 9.01 33.82
C ASP E 107 -13.57 8.07 32.65
N HIS E 108 -14.24 6.93 32.58
CA HIS E 108 -13.95 5.94 31.55
C HIS E 108 -14.35 6.44 30.17
N ALA E 109 -15.55 7.03 30.05
CA ALA E 109 -16.00 7.54 28.77
C ALA E 109 -15.32 8.85 28.37
N GLU E 110 -14.73 9.56 29.33
CA GLU E 110 -14.05 10.83 29.08
C GLU E 110 -15.02 11.84 28.46
N ASP E 111 -16.06 12.18 29.22
CA ASP E 111 -17.07 13.12 28.75
C ASP E 111 -16.49 14.54 28.69
N ASP E 112 -16.89 15.27 27.65
CA ASP E 112 -16.43 16.64 27.47
C ASP E 112 -17.38 17.65 28.11
N ILE E 113 -18.69 17.48 27.90
CA ILE E 113 -19.71 18.39 28.39
C ILE E 113 -20.77 17.56 29.07
N ILE E 114 -21.27 18.03 30.22
CA ILE E 114 -22.25 17.29 31.00
C ILE E 114 -23.50 18.14 31.15
N LEU E 115 -24.63 17.63 30.67
CA LEU E 115 -25.94 18.20 30.92
C LEU E 115 -26.57 17.43 32.07
N ILE E 116 -26.91 18.14 33.15
CA ILE E 116 -27.36 17.50 34.37
C ILE E 116 -28.58 18.25 34.90
N HIS E 117 -29.58 17.50 35.35
CA HIS E 117 -30.76 18.11 35.94
C HIS E 117 -30.43 18.69 37.31
N GLU E 118 -31.26 19.64 37.73
CA GLU E 118 -30.99 20.38 38.96
C GLU E 118 -31.04 19.47 40.19
N GLU E 119 -32.06 18.62 40.29
CA GLU E 119 -32.19 17.79 41.49
C GLU E 119 -31.26 16.58 41.48
N PHE E 120 -30.48 16.40 40.41
CA PHE E 120 -29.36 15.47 40.43
C PHE E 120 -28.06 16.14 40.84
N LEU E 121 -28.10 17.44 41.16
CA LEU E 121 -26.90 18.14 41.54
C LEU E 121 -26.21 17.59 42.78
N PRO E 122 -26.90 17.23 43.87
CA PRO E 122 -26.17 16.70 45.05
C PRO E 122 -25.31 15.50 44.73
N ILE E 123 -25.78 14.60 43.86
CA ILE E 123 -24.97 13.44 43.47
C ILE E 123 -23.64 13.90 42.88
N LEU E 124 -23.67 14.94 42.04
CA LEU E 124 -22.45 15.48 41.49
C LEU E 124 -21.61 16.18 42.55
N ASP E 125 -22.26 16.76 43.56
CA ASP E 125 -21.55 17.59 44.53
C ASP E 125 -20.49 16.79 45.28
N GLN E 126 -20.71 15.49 45.46
CA GLN E 126 -19.75 14.68 46.18
C GLN E 126 -18.77 13.96 45.27
N ILE E 127 -18.81 14.20 43.96
CA ILE E 127 -17.81 13.64 43.05
C ILE E 127 -17.30 14.74 42.13
N LYS E 128 -17.61 15.99 42.47
CA LYS E 128 -17.27 17.12 41.60
C LYS E 128 -15.77 17.26 41.44
N GLY E 129 -15.03 17.24 42.57
CA GLY E 129 -13.59 17.44 42.51
C GLY E 129 -12.82 16.28 41.92
N ARG E 130 -13.39 15.08 41.98
CA ARG E 130 -12.73 13.90 41.43
C ARG E 130 -12.78 13.88 39.91
N ILE E 131 -13.69 14.65 39.30
CA ILE E 131 -13.95 14.61 37.88
C ILE E 131 -12.95 15.52 37.16
N ASP E 132 -12.39 15.02 36.07
CA ASP E 132 -11.52 15.80 35.21
C ASP E 132 -12.11 15.81 33.81
N THR E 133 -11.36 16.32 32.84
CA THR E 133 -11.65 16.20 31.41
C THR E 133 -13.06 16.70 31.05
N VAL E 134 -13.74 17.37 31.97
CA VAL E 134 -15.06 17.93 31.74
C VAL E 134 -14.94 19.45 31.79
N THR E 135 -15.37 20.10 30.72
CA THR E 135 -15.18 21.54 30.56
C THR E 135 -16.41 22.36 30.90
N ARG E 136 -17.61 21.81 30.71
CA ARG E 136 -18.82 22.60 30.97
C ARG E 136 -19.91 21.74 31.56
N TYR E 137 -20.64 22.33 32.50
CA TYR E 137 -21.84 21.75 33.08
C TYR E 137 -23.03 22.63 32.70
N VAL E 138 -24.06 22.01 32.14
CA VAL E 138 -25.30 22.68 31.78
C VAL E 138 -26.40 22.17 32.72
N VAL E 139 -26.94 23.07 33.54
CA VAL E 139 -27.94 22.71 34.53
C VAL E 139 -29.31 22.85 33.90
N LEU E 140 -30.12 21.78 34.01
CA LEU E 140 -31.45 21.74 33.45
C LEU E 140 -32.48 21.98 34.56
N ARG E 141 -33.56 22.69 34.20
CA ARG E 141 -34.61 22.99 35.15
C ARG E 141 -35.96 22.88 34.45
N ASP E 142 -37.01 22.80 35.24
CA ASP E 142 -38.37 22.70 34.71
C ASP E 142 -39.07 24.05 34.62
N ASP E 143 -38.38 25.14 34.90
CA ASP E 143 -38.92 26.50 34.80
C ASP E 143 -38.12 27.29 33.77
N GLU E 144 -38.35 28.60 33.73
CA GLU E 144 -37.68 29.46 32.76
C GLU E 144 -36.19 29.64 33.06
N GLU E 145 -35.72 29.21 34.22
CA GLU E 145 -34.32 29.41 34.60
C GLU E 145 -33.39 28.35 34.03
N CYS E 146 -33.88 27.46 33.18
CA CYS E 146 -33.05 26.40 32.63
C CYS E 146 -31.92 26.97 31.78
N GLU E 147 -30.71 26.45 31.96
CA GLU E 147 -29.58 26.88 31.14
C GLU E 147 -29.68 26.31 29.74
N TYR E 148 -30.31 25.14 29.59
CA TYR E 148 -30.50 24.55 28.26
C TYR E 148 -31.36 25.45 27.38
N GLU E 149 -32.47 25.96 27.92
CA GLU E 149 -33.31 26.85 27.15
C GLU E 149 -32.60 28.15 26.82
N ARG E 150 -31.86 28.70 27.78
CA ARG E 150 -31.12 29.94 27.54
C ARG E 150 -30.08 29.75 26.44
N LEU E 151 -29.39 28.61 26.44
CA LEU E 151 -28.43 28.32 25.38
C LEU E 151 -29.13 28.13 24.03
N LEU E 152 -30.25 27.53 23.92
CA LEU E 152 -30.95 27.42 22.66
C LEU E 152 -31.44 28.75 22.19
N GLU E 153 -31.99 29.63 23.02
CA GLU E 153 -32.52 30.88 22.49
C GLU E 153 -31.46 31.70 21.76
N GLN E 154 -30.23 31.66 22.18
CA GLN E 154 -29.21 32.46 21.56
C GLN E 154 -28.81 31.97 20.22
N GLU E 155 -29.52 31.00 19.65
CA GLU E 155 -29.07 30.39 18.41
C GLU E 155 -30.07 30.46 17.28
N SER E 156 -29.63 30.12 16.07
CA SER E 156 -30.55 30.19 14.96
C SER E 156 -31.14 28.81 14.65
N THR E 157 -32.29 28.82 13.99
CA THR E 157 -32.98 27.57 13.66
C THR E 157 -32.42 26.92 12.41
N GLU E 158 -31.47 27.55 11.74
CA GLU E 158 -30.85 26.96 10.56
C GLU E 158 -29.64 26.12 10.96
N TYR E 159 -29.42 25.01 10.24
CA TYR E 159 -28.23 24.19 10.40
C TYR E 159 -28.17 23.21 9.25
N ASN E 160 -26.95 22.91 8.80
CA ASN E 160 -26.69 21.94 7.74
C ASN E 160 -25.98 20.75 8.36
N PHE E 161 -26.69 19.65 8.51
CA PHE E 161 -26.17 18.50 9.22
C PHE E 161 -25.21 17.71 8.34
N PRO E 162 -24.03 17.33 8.84
CA PRO E 162 -23.05 16.65 8.00
C PRO E 162 -23.46 15.24 7.63
N ASP E 163 -22.83 14.73 6.59
CA ASP E 163 -22.95 13.35 6.17
C ASP E 163 -21.61 12.65 6.40
N PHE E 164 -21.64 11.57 7.15
CA PHE E 164 -20.41 10.83 7.46
C PHE E 164 -20.70 9.35 7.31
N ASP E 165 -19.71 8.53 7.65
CA ASP E 165 -19.85 7.09 7.56
C ASP E 165 -20.88 6.59 8.55
N GLU E 166 -21.63 5.57 8.15
CA GLU E 166 -22.70 5.03 8.99
C GLU E 166 -22.16 4.22 10.15
N ASN E 167 -20.88 3.91 10.19
CA ASN E 167 -20.29 3.12 11.26
C ASN E 167 -19.71 3.97 12.37
N THR E 168 -19.89 5.29 12.33
CA THR E 168 -19.45 6.12 13.44
C THR E 168 -20.36 5.90 14.65
N VAL E 169 -19.73 5.84 15.82
CA VAL E 169 -20.46 5.55 17.06
C VAL E 169 -21.40 6.70 17.39
N ALA E 170 -22.63 6.36 17.77
CA ALA E 170 -23.66 7.33 18.08
C ALA E 170 -23.98 7.42 19.56
N THR E 171 -24.21 6.28 20.23
CA THR E 171 -24.61 6.28 21.62
C THR E 171 -23.77 5.27 22.40
N THR E 172 -23.70 5.49 23.71
CA THR E 172 -23.02 4.58 24.61
C THR E 172 -23.63 4.70 26.01
N PHE E 173 -23.59 3.59 26.75
CA PHE E 173 -24.01 3.57 28.14
C PHE E 173 -23.35 2.38 28.81
N TYR E 174 -23.41 2.31 30.11
CA TYR E 174 -22.71 1.34 30.85
C TYR E 174 -23.62 0.46 31.55
N THR E 175 -23.28 -0.80 31.61
CA THR E 175 -24.07 -1.79 32.30
C THR E 175 -23.28 -2.39 33.40
N THR E 176 -23.94 -2.74 34.48
CA THR E 176 -23.25 -3.41 35.56
C THR E 176 -22.92 -4.83 35.21
N GLY E 177 -23.90 -5.70 35.30
CA GLY E 177 -23.71 -7.11 35.03
C GLY E 177 -23.04 -7.83 36.19
N THR E 178 -22.26 -8.86 35.85
CA THR E 178 -21.58 -9.68 36.84
C THR E 178 -20.12 -9.27 37.06
N THR E 179 -19.64 -8.27 36.33
CA THR E 179 -18.25 -7.87 36.41
C THR E 179 -18.01 -6.98 37.62
N GLY E 180 -16.72 -6.75 37.93
CA GLY E 180 -16.36 -5.90 39.04
C GLY E 180 -16.54 -4.42 38.78
N PHE E 181 -16.50 -4.00 37.52
CA PHE E 181 -16.73 -2.62 37.12
C PHE E 181 -17.77 -2.58 36.02
N PRO E 182 -18.46 -1.44 35.88
CA PRO E 182 -19.42 -1.32 34.78
C PRO E 182 -18.76 -1.47 33.42
N LYS E 183 -19.48 -2.08 32.48
CA LYS E 183 -18.99 -2.34 31.14
C LYS E 183 -19.68 -1.40 30.16
N GLY E 184 -18.91 -0.82 29.24
CA GLY E 184 -19.45 0.12 28.28
C GLY E 184 -19.81 -0.53 26.97
N VAL E 185 -21.02 -0.29 26.51
CA VAL E 185 -21.52 -0.81 25.25
C VAL E 185 -21.87 0.38 24.35
N PHE E 186 -21.61 0.24 23.06
CA PHE E 186 -21.80 1.32 22.11
C PHE E 186 -22.47 0.80 20.86
N PHE E 187 -23.13 1.71 20.15
CA PHE E 187 -23.84 1.38 18.92
C PHE E 187 -23.57 2.47 17.90
N THR E 188 -23.71 2.13 16.63
CA THR E 188 -23.47 3.06 15.53
C THR E 188 -24.79 3.57 14.97
N HIS E 189 -24.67 4.52 14.04
CA HIS E 189 -25.86 5.06 13.37
C HIS E 189 -26.60 3.96 12.60
N ARG E 190 -25.84 3.13 11.89
CA ARG E 190 -26.43 2.06 11.09
C ARG E 190 -27.19 1.07 11.97
N GLN E 191 -26.61 0.71 13.12
CA GLN E 191 -27.28 -0.22 14.02
C GLN E 191 -28.60 0.33 14.55
N LEU E 192 -28.61 1.61 14.93
CA LEU E 192 -29.84 2.20 15.45
C LEU E 192 -30.91 2.31 14.38
N VAL E 193 -30.53 2.72 13.17
CA VAL E 193 -31.49 2.79 12.07
C VAL E 193 -32.04 1.41 11.75
N LEU E 194 -31.18 0.40 11.72
CA LEU E 194 -31.63 -0.96 11.42
C LEU E 194 -32.52 -1.49 12.53
N HIS E 195 -32.22 -1.16 13.78
CA HIS E 195 -33.07 -1.60 14.88
C HIS E 195 -34.46 -0.99 14.76
N THR E 196 -34.54 0.30 14.43
CA THR E 196 -35.84 0.92 14.23
C THR E 196 -36.60 0.25 13.10
N MET E 197 -35.94 0.07 11.94
CA MET E 197 -36.60 -0.58 10.80
C MET E 197 -37.09 -1.98 11.16
N GLY E 198 -36.23 -2.79 11.77
CA GLY E 198 -36.60 -4.17 12.04
C GLY E 198 -37.73 -4.29 13.04
N ILE E 199 -37.67 -3.53 14.13
CA ILE E 199 -38.72 -3.66 15.13
C ILE E 199 -40.03 -3.11 14.60
N LEU E 200 -39.98 -2.04 13.79
CA LEU E 200 -41.21 -1.52 13.19
C LEU E 200 -41.81 -2.53 12.21
N SER E 201 -40.97 -3.21 11.44
CA SER E 201 -41.46 -4.26 10.56
C SER E 201 -42.06 -5.43 11.31
N THR E 202 -41.49 -5.77 12.48
CA THR E 202 -41.98 -6.92 13.24
C THR E 202 -43.29 -6.61 13.96
N ILE E 203 -43.34 -5.53 14.74
CA ILE E 203 -44.54 -5.29 15.55
C ILE E 203 -45.57 -4.47 14.78
N GLY E 204 -45.16 -3.74 13.74
CA GLY E 204 -46.12 -2.97 12.98
C GLY E 204 -47.04 -3.79 12.11
N THR E 205 -46.59 -4.98 11.71
CA THR E 205 -47.33 -5.83 10.77
C THR E 205 -48.23 -6.85 11.45
N ASN E 206 -48.37 -6.79 12.77
CA ASN E 206 -49.27 -7.70 13.45
C ASN E 206 -50.71 -7.42 13.03
N ALA E 207 -51.53 -8.47 13.00
CA ALA E 207 -52.88 -8.34 12.47
C ALA E 207 -53.74 -7.44 13.35
N SER E 208 -53.96 -7.83 14.61
CA SER E 208 -54.89 -7.10 15.45
C SER E 208 -54.44 -6.94 16.90
N GLN E 209 -53.26 -7.42 17.29
CA GLN E 209 -52.85 -7.39 18.68
C GLN E 209 -51.44 -6.86 18.81
N GLY E 210 -51.25 -5.98 19.78
CA GLY E 210 -49.90 -5.54 20.16
C GLY E 210 -49.11 -4.90 19.05
N ARG E 211 -49.73 -4.01 18.27
CA ARG E 211 -49.08 -3.38 17.15
C ARG E 211 -48.95 -1.89 17.40
N LEU E 212 -47.82 -1.32 16.98
CA LEU E 212 -47.57 0.11 17.04
C LEU E 212 -47.79 0.69 15.65
N HIS E 213 -48.78 1.56 15.51
CA HIS E 213 -49.10 2.16 14.23
C HIS E 213 -49.08 3.68 14.33
N GLN E 214 -49.40 4.33 13.21
CA GLN E 214 -49.28 5.78 13.11
C GLN E 214 -50.37 6.53 13.87
N GLY E 215 -51.38 5.82 14.38
CA GLY E 215 -52.42 6.47 15.14
C GLY E 215 -52.27 6.40 16.64
N ASP E 216 -51.12 5.96 17.15
CA ASP E 216 -50.92 5.77 18.57
C ASP E 216 -50.39 7.05 19.24
N ILE E 217 -50.47 7.07 20.57
CA ILE E 217 -49.88 8.11 21.40
C ILE E 217 -48.91 7.45 22.37
N TYR E 218 -47.66 7.88 22.33
CA TYR E 218 -46.56 7.17 22.99
C TYR E 218 -46.22 7.84 24.31
N MET E 219 -45.83 7.02 25.29
CA MET E 219 -45.39 7.44 26.61
C MET E 219 -44.36 6.48 27.18
N PRO E 220 -43.13 6.94 27.45
CA PRO E 220 -42.17 6.08 28.14
C PRO E 220 -42.46 5.99 29.63
N ILE E 221 -42.25 4.80 30.17
CA ILE E 221 -42.28 4.60 31.62
C ILE E 221 -41.02 3.82 31.99
N THR E 222 -40.12 3.66 31.03
CA THR E 222 -38.78 3.14 31.27
C THR E 222 -37.80 4.30 31.38
N PRO E 223 -36.82 4.21 32.29
CA PRO E 223 -35.99 5.39 32.62
C PRO E 223 -35.33 6.10 31.44
N MET E 224 -35.23 5.48 30.26
CA MET E 224 -34.80 6.10 29.01
C MET E 224 -33.30 6.36 28.97
N PHE E 225 -32.58 6.17 30.08
CA PHE E 225 -31.12 6.20 30.05
C PHE E 225 -30.52 4.79 30.12
N HIS E 226 -31.33 3.77 29.84
CA HIS E 226 -30.91 2.39 30.05
C HIS E 226 -30.67 1.62 28.76
N VAL E 227 -31.68 1.49 27.90
CA VAL E 227 -31.56 0.71 26.69
C VAL E 227 -32.05 1.49 25.48
N HIS E 228 -31.84 2.81 25.49
CA HIS E 228 -32.45 3.74 24.53
C HIS E 228 -33.96 3.79 24.69
N ALA E 229 -34.47 3.53 25.89
CA ALA E 229 -35.90 3.32 26.12
C ALA E 229 -36.46 2.32 25.12
N TRP E 230 -35.77 1.18 24.98
CA TRP E 230 -36.12 0.11 24.06
C TRP E 230 -36.19 0.57 22.61
N GLY E 231 -35.53 1.68 22.29
CA GLY E 231 -35.59 2.25 20.96
C GLY E 231 -36.90 2.90 20.61
N LEU E 232 -37.84 2.96 21.56
CA LEU E 232 -39.18 3.49 21.24
C LEU E 232 -39.16 4.96 20.83
N PRO E 233 -38.43 5.86 21.49
CA PRO E 233 -38.41 7.25 21.01
C PRO E 233 -37.94 7.40 19.57
N TYR E 234 -37.00 6.56 19.12
CA TYR E 234 -36.60 6.59 17.72
C TYR E 234 -37.74 6.12 16.82
N MET E 235 -38.47 5.09 17.24
CA MET E 235 -39.58 4.59 16.45
C MET E 235 -40.72 5.59 16.39
N ALA E 236 -41.12 6.12 17.55
CA ALA E 236 -42.27 7.02 17.60
C ALA E 236 -42.04 8.26 16.75
N THR E 237 -40.86 8.86 16.85
CA THR E 237 -40.53 10.01 16.02
C THR E 237 -40.64 9.67 14.54
N MET E 238 -40.30 8.43 14.16
CA MET E 238 -40.39 8.06 12.77
C MET E 238 -41.84 7.92 12.32
N LEU E 239 -42.73 7.55 13.24
CA LEU E 239 -44.14 7.47 12.87
C LEU E 239 -44.84 8.81 12.96
N GLY E 240 -44.19 9.82 13.52
CA GLY E 240 -44.81 11.13 13.66
C GLY E 240 -46.00 11.13 14.59
N VAL E 241 -45.93 10.35 15.67
CA VAL E 241 -47.04 10.23 16.59
C VAL E 241 -46.85 11.20 17.75
N LYS E 242 -47.94 11.46 18.46
CA LYS E 242 -47.87 12.30 19.64
C LYS E 242 -47.07 11.60 20.73
N GLN E 243 -46.20 12.35 21.39
CA GLN E 243 -45.32 11.83 22.42
C GLN E 243 -45.53 12.61 23.71
N VAL E 244 -45.69 11.88 24.81
CA VAL E 244 -45.93 12.46 26.12
C VAL E 244 -44.83 11.99 27.06
N TYR E 245 -44.23 12.92 27.79
CA TYR E 245 -43.14 12.61 28.71
C TYR E 245 -43.52 13.00 30.13
N PRO E 246 -43.58 12.05 31.05
CA PRO E 246 -44.09 12.38 32.39
C PRO E 246 -43.06 13.02 33.31
N GLY E 247 -41.80 12.58 33.24
CA GLY E 247 -40.80 13.05 34.17
C GLY E 247 -40.52 12.09 35.31
N LYS E 248 -41.12 12.34 36.47
CA LYS E 248 -40.73 11.68 37.71
C LYS E 248 -41.36 10.31 37.92
N TYR E 249 -42.29 9.89 37.04
CA TYR E 249 -42.94 8.57 37.14
C TYR E 249 -43.76 8.42 38.42
N VAL E 250 -44.45 9.49 38.83
CA VAL E 250 -45.37 9.37 39.96
C VAL E 250 -46.64 8.64 39.50
N PRO E 251 -47.11 7.63 40.22
CA PRO E 251 -48.30 6.90 39.75
C PRO E 251 -49.53 7.78 39.54
N ASP E 252 -49.80 8.78 40.33
CA ASP E 252 -51.00 9.56 40.14
C ASP E 252 -50.84 10.65 39.16
N VAL E 253 -49.69 10.77 38.58
CA VAL E 253 -49.41 11.80 37.63
C VAL E 253 -49.42 11.01 36.38
N LEU E 254 -48.89 9.81 36.40
CA LEU E 254 -48.94 8.93 35.24
C LEU E 254 -50.37 8.56 34.88
N LEU E 255 -51.18 8.22 35.87
CA LEU E 255 -52.58 7.89 35.60
C LEU E 255 -53.34 9.09 35.04
N ASN E 256 -53.09 10.28 35.63
CA ASN E 256 -53.75 11.47 35.12
C ASN E 256 -53.35 11.75 33.67
N LEU E 257 -52.08 11.54 33.35
CA LEU E 257 -51.60 11.80 31.99
C LEU E 257 -52.19 10.79 31.00
N ILE E 258 -52.29 9.53 31.40
CA ILE E 258 -52.92 8.55 30.51
C ILE E 258 -54.39 8.90 30.31
N GLU E 259 -55.07 9.34 31.36
CA GLU E 259 -56.47 9.71 31.24
C GLU E 259 -56.65 10.92 30.33
N GLN E 260 -55.80 11.94 30.47
CA GLN E 260 -56.01 13.23 29.81
C GLN E 260 -55.40 13.30 28.42
N GLU E 261 -54.19 12.79 28.21
CA GLU E 261 -53.56 12.81 26.91
C GLU E 261 -53.97 11.62 26.03
N LYS E 262 -54.75 10.69 26.57
CA LYS E 262 -55.24 9.52 25.83
C LYS E 262 -54.09 8.67 25.30
N VAL E 263 -53.23 8.22 26.22
CA VAL E 263 -52.07 7.43 25.83
C VAL E 263 -52.52 6.02 25.45
N THR E 264 -51.94 5.48 24.37
CA THR E 264 -52.30 4.16 23.88
C THR E 264 -51.15 3.18 23.81
N PHE E 265 -49.90 3.64 23.89
CA PHE E 265 -48.74 2.76 23.83
C PHE E 265 -47.73 3.18 24.89
N SER E 266 -47.16 2.18 25.59
CA SER E 266 -46.22 2.45 26.66
C SER E 266 -45.32 1.24 26.84
N HIS E 267 -44.25 1.45 27.60
CA HIS E 267 -43.39 0.36 28.07
C HIS E 267 -42.99 0.66 29.50
N CYS E 268 -43.09 -0.34 30.37
CA CYS E 268 -42.73 -0.15 31.77
C CYS E 268 -42.16 -1.45 32.32
N VAL E 269 -42.08 -1.53 33.64
CA VAL E 269 -41.53 -2.68 34.34
C VAL E 269 -42.62 -3.20 35.28
N PRO E 270 -42.51 -4.46 35.73
CA PRO E 270 -43.61 -5.03 36.54
C PRO E 270 -43.94 -4.24 37.79
N THR E 271 -42.94 -3.63 38.43
CA THR E 271 -43.19 -2.90 39.67
C THR E 271 -44.07 -1.68 39.42
N ILE E 272 -43.74 -0.90 38.39
CA ILE E 272 -44.51 0.31 38.08
C ILE E 272 -45.92 -0.08 37.63
N LEU E 273 -46.05 -1.14 36.85
CA LEU E 273 -47.36 -1.59 36.42
C LEU E 273 -48.21 -2.04 37.60
N HIS E 274 -47.61 -2.74 38.55
CA HIS E 274 -48.34 -3.14 39.75
C HIS E 274 -48.77 -1.92 40.55
N LEU E 275 -47.90 -0.92 40.67
CA LEU E 275 -48.27 0.31 41.35
C LEU E 275 -49.44 1.00 40.67
N LEU E 276 -49.41 1.08 39.34
CA LEU E 276 -50.49 1.74 38.60
C LEU E 276 -51.80 0.99 38.75
N LEU E 277 -51.76 -0.35 38.70
CA LEU E 277 -52.99 -1.11 38.79
C LEU E 277 -53.57 -1.07 40.21
N SER E 278 -52.70 -1.03 41.23
CA SER E 278 -53.18 -1.03 42.60
C SER E 278 -53.58 0.34 43.12
N SER E 279 -53.23 1.41 42.42
CA SER E 279 -53.55 2.75 42.89
C SER E 279 -55.06 2.97 42.88
N PRO E 280 -55.62 3.57 43.94
CA PRO E 280 -57.08 3.73 44.00
C PRO E 280 -57.67 4.57 42.88
N LYS E 281 -56.94 5.60 42.43
CA LYS E 281 -57.44 6.46 41.36
C LYS E 281 -57.69 5.69 40.07
N SER E 282 -56.97 4.61 39.83
CA SER E 282 -57.15 3.78 38.64
C SER E 282 -58.35 2.85 38.75
N LYS E 283 -59.02 2.79 39.90
CA LYS E 283 -60.16 1.89 40.05
C LYS E 283 -61.33 2.25 39.14
N ALA E 284 -61.44 3.50 38.73
CA ALA E 284 -62.54 3.96 37.89
C ALA E 284 -62.02 4.74 36.68
N MET E 285 -61.03 4.17 35.99
CA MET E 285 -60.45 4.80 34.83
C MET E 285 -60.36 3.79 33.69
N ASP E 286 -60.76 4.21 32.49
CA ASP E 286 -60.78 3.31 31.34
C ASP E 286 -59.38 2.95 30.91
N PHE E 287 -59.16 1.66 30.65
CA PHE E 287 -57.85 1.14 30.31
C PHE E 287 -57.83 0.39 28.99
N SER E 288 -58.97 0.25 28.31
CA SER E 288 -59.07 -0.65 27.17
C SER E 288 -58.67 0.03 25.87
N GLY E 289 -57.56 0.76 25.89
CA GLY E 289 -56.95 1.28 24.68
C GLY E 289 -55.45 1.29 24.79
N TRP E 290 -54.94 0.67 25.85
CA TRP E 290 -53.55 0.82 26.27
C TRP E 290 -52.80 -0.47 25.99
N LYS E 291 -51.56 -0.35 25.51
CA LYS E 291 -50.76 -1.49 25.04
C LYS E 291 -49.40 -1.53 25.71
N VAL E 292 -49.35 -1.53 27.04
CA VAL E 292 -48.08 -1.54 27.74
C VAL E 292 -47.26 -2.76 27.37
N VAL E 293 -45.96 -2.55 27.21
CA VAL E 293 -44.98 -3.61 26.93
C VAL E 293 -44.11 -3.76 28.16
N ILE E 294 -44.05 -4.97 28.71
CA ILE E 294 -43.27 -5.25 29.91
C ILE E 294 -41.93 -5.82 29.49
N GLY E 295 -40.85 -5.14 29.86
CA GLY E 295 -39.55 -5.55 29.40
C GLY E 295 -38.47 -5.58 30.45
N GLY E 296 -38.79 -5.14 31.67
CA GLY E 296 -37.80 -5.11 32.71
C GLY E 296 -37.24 -6.48 33.05
N ALA E 297 -38.05 -7.34 33.66
CA ALA E 297 -37.65 -8.71 33.94
C ALA E 297 -38.85 -9.52 34.37
N ALA E 298 -39.06 -10.65 33.72
CA ALA E 298 -39.92 -11.73 34.20
C ALA E 298 -41.32 -11.21 34.59
N LEU E 299 -42.07 -10.80 33.58
CA LEU E 299 -43.47 -10.46 33.81
C LEU E 299 -44.19 -11.63 34.45
N PRO E 300 -44.63 -11.52 35.70
CA PRO E 300 -45.28 -12.64 36.37
C PRO E 300 -46.68 -12.90 35.85
N LYS E 301 -47.12 -14.16 36.01
CA LYS E 301 -48.43 -14.55 35.48
C LYS E 301 -49.56 -13.86 36.23
N ALA E 302 -49.42 -13.68 37.54
CA ALA E 302 -50.49 -13.06 38.32
C ALA E 302 -50.69 -11.61 37.93
N LEU E 303 -49.58 -10.87 37.77
CA LEU E 303 -49.69 -9.48 37.32
C LEU E 303 -50.30 -9.39 35.92
N CYS E 304 -49.87 -10.29 35.02
CA CYS E 304 -50.42 -10.27 33.67
C CYS E 304 -51.91 -10.57 33.68
N LYS E 305 -52.35 -11.53 34.49
CA LYS E 305 -53.77 -11.86 34.58
C LYS E 305 -54.57 -10.69 35.14
N SER E 306 -54.05 -10.03 36.20
CA SER E 306 -54.76 -8.91 36.78
C SER E 306 -54.86 -7.74 35.80
N ALA E 307 -53.80 -7.50 35.03
CA ALA E 307 -53.86 -6.50 33.98
C ALA E 307 -54.83 -6.89 32.87
N LEU E 308 -54.93 -8.18 32.54
CA LEU E 308 -55.82 -8.63 31.48
C LEU E 308 -57.28 -8.47 31.89
N GLU E 309 -57.58 -8.63 33.19
CA GLU E 309 -58.95 -8.40 33.64
C GLU E 309 -59.36 -6.94 33.50
N ARG E 310 -58.41 -6.04 33.31
CA ARG E 310 -58.69 -4.62 33.09
C ARG E 310 -58.72 -4.26 31.60
N ASP E 311 -58.65 -5.26 30.72
CA ASP E 311 -58.68 -5.06 29.26
C ASP E 311 -57.47 -4.25 28.79
N ILE E 312 -56.30 -4.64 29.28
CA ILE E 312 -55.04 -4.04 28.88
C ILE E 312 -54.29 -5.04 28.01
N ASP E 313 -53.87 -4.59 26.83
CA ASP E 313 -53.09 -5.42 25.90
C ASP E 313 -51.66 -5.44 26.41
N VAL E 314 -51.41 -6.27 27.42
CA VAL E 314 -50.11 -6.38 28.06
C VAL E 314 -49.36 -7.54 27.44
N PHE E 315 -48.10 -7.31 27.08
CA PHE E 315 -47.26 -8.36 26.53
C PHE E 315 -45.81 -8.06 26.86
N ALA E 316 -44.98 -9.09 26.81
CA ALA E 316 -43.61 -9.02 27.27
C ALA E 316 -42.62 -8.96 26.11
N GLY E 317 -41.43 -8.47 26.41
CA GLY E 317 -40.35 -8.44 25.44
C GLY E 317 -39.02 -8.69 26.14
N TYR E 318 -38.03 -9.09 25.33
CA TYR E 318 -36.73 -9.46 25.86
C TYR E 318 -35.65 -8.59 25.25
N GLY E 319 -34.74 -8.13 26.10
CA GLY E 319 -33.60 -7.31 25.70
C GLY E 319 -32.70 -7.11 26.90
N MET E 320 -31.38 -7.08 26.70
CA MET E 320 -30.46 -7.15 27.82
C MET E 320 -29.22 -6.27 27.66
N SER E 321 -29.40 -5.06 27.13
CA SER E 321 -28.45 -3.95 27.20
C SER E 321 -27.23 -4.09 26.31
N GLU E 322 -26.99 -5.24 25.70
CA GLU E 322 -25.93 -5.40 24.73
C GLU E 322 -26.48 -5.82 23.38
N THR E 323 -27.81 -5.80 23.20
CA THR E 323 -28.44 -6.45 22.07
C THR E 323 -29.44 -5.54 21.37
N GLY E 324 -29.33 -4.23 21.57
CA GLY E 324 -30.13 -3.31 20.79
C GLY E 324 -31.13 -2.41 21.49
N PRO E 325 -31.91 -2.93 22.46
CA PRO E 325 -31.90 -4.23 23.14
C PRO E 325 -32.81 -5.31 22.57
N ILE E 326 -33.81 -4.98 21.75
CA ILE E 326 -34.91 -5.92 21.51
C ILE E 326 -34.42 -7.12 20.72
N LEU E 327 -34.75 -8.31 21.21
CA LEU E 327 -34.45 -9.59 20.59
C LEU E 327 -35.69 -10.43 20.32
N SER E 328 -36.70 -10.35 21.19
CA SER E 328 -37.90 -11.16 21.03
C SER E 328 -39.08 -10.46 21.69
N ILE E 329 -40.26 -10.63 21.09
CA ILE E 329 -41.51 -10.08 21.61
C ILE E 329 -42.60 -11.13 21.41
N VAL E 330 -43.49 -11.26 22.40
CA VAL E 330 -44.61 -12.19 22.26
C VAL E 330 -45.63 -11.62 21.29
N GLN E 331 -46.02 -12.42 20.30
CA GLN E 331 -47.07 -12.09 19.36
C GLN E 331 -48.09 -13.22 19.34
N LEU E 332 -49.38 -12.87 19.43
CA LEU E 332 -50.44 -13.87 19.53
C LEU E 332 -51.14 -14.01 18.19
N THR E 333 -51.24 -15.26 17.73
CA THR E 333 -51.92 -15.58 16.48
C THR E 333 -53.43 -15.44 16.66
N PRO E 334 -54.19 -15.33 15.56
CA PRO E 334 -55.64 -15.11 15.69
C PRO E 334 -56.36 -16.19 16.49
N GLU E 335 -55.89 -17.43 16.46
CA GLU E 335 -56.54 -18.47 17.25
C GLU E 335 -56.10 -18.48 18.70
N GLN E 336 -55.03 -17.77 19.04
CA GLN E 336 -54.61 -17.61 20.43
C GLN E 336 -55.33 -16.47 21.13
N LEU E 337 -56.03 -15.61 20.40
CA LEU E 337 -56.81 -14.55 21.01
C LEU E 337 -58.15 -15.03 21.55
N GLU E 338 -58.57 -16.24 21.16
CA GLU E 338 -59.85 -16.76 21.63
C GLU E 338 -59.73 -17.51 22.95
N LEU E 339 -58.51 -17.73 23.43
CA LEU E 339 -58.33 -18.41 24.71
C LEU E 339 -58.74 -17.50 25.86
N ASP E 340 -59.15 -18.10 26.97
CA ASP E 340 -59.53 -17.34 28.14
C ASP E 340 -58.28 -16.83 28.86
N VAL E 341 -58.50 -16.07 29.93
CA VAL E 341 -57.43 -15.33 30.58
C VAL E 341 -56.34 -16.25 31.13
N ASP E 342 -56.69 -17.46 31.56
CA ASP E 342 -55.69 -18.36 32.11
C ASP E 342 -54.64 -18.74 31.06
N GLN E 343 -55.07 -19.13 29.86
CA GLN E 343 -54.15 -19.38 28.78
C GLN E 343 -53.56 -18.10 28.19
N GLN E 344 -54.28 -16.99 28.31
CA GLN E 344 -53.76 -15.71 27.82
C GLN E 344 -52.51 -15.31 28.60
N ALA E 345 -52.59 -15.37 29.94
CA ALA E 345 -51.47 -15.03 30.78
C ALA E 345 -50.31 -16.02 30.66
N GLU E 346 -50.57 -17.25 30.24
CA GLU E 346 -49.49 -18.20 29.98
C GLU E 346 -48.62 -17.73 28.84
N TYR E 347 -49.23 -17.38 27.71
CA TYR E 347 -48.51 -16.93 26.52
C TYR E 347 -47.92 -15.54 26.66
N ARG E 348 -48.67 -14.60 27.25
CA ARG E 348 -48.21 -13.22 27.28
C ARG E 348 -47.03 -13.03 28.21
N SER E 349 -46.80 -13.98 29.12
CA SER E 349 -45.70 -13.88 30.08
C SER E 349 -44.40 -14.50 29.57
N LYS E 350 -44.41 -15.13 28.40
CA LYS E 350 -43.22 -15.79 27.90
C LYS E 350 -42.21 -14.77 27.36
N THR E 351 -41.01 -15.26 27.08
CA THR E 351 -40.00 -14.41 26.47
C THR E 351 -40.40 -14.00 25.06
N GLY E 352 -40.90 -14.94 24.26
CA GLY E 352 -41.49 -14.64 22.98
C GLY E 352 -40.64 -15.13 21.82
N LYS E 353 -41.26 -15.07 20.64
CA LYS E 353 -40.56 -15.40 19.40
C LYS E 353 -39.57 -14.30 19.04
N LYS E 354 -38.46 -14.70 18.42
CA LYS E 354 -37.45 -13.74 18.03
C LYS E 354 -37.95 -12.85 16.91
N VAL E 355 -37.49 -11.59 16.91
CA VAL E 355 -37.90 -10.58 15.96
C VAL E 355 -37.15 -10.78 14.64
N ALA E 356 -37.53 -10.02 13.62
CA ALA E 356 -36.93 -10.16 12.31
C ALA E 356 -35.41 -9.95 12.38
N LEU E 357 -34.69 -10.79 11.63
CA LEU E 357 -33.23 -10.71 11.48
C LEU E 357 -32.48 -11.12 12.76
N VAL E 358 -33.02 -12.09 13.50
CA VAL E 358 -32.41 -12.60 14.72
C VAL E 358 -32.35 -14.12 14.63
N GLU E 359 -31.25 -14.72 15.10
CA GLU E 359 -31.05 -16.16 14.97
C GLU E 359 -31.43 -16.93 16.23
N ALA E 360 -30.86 -16.55 17.37
CA ALA E 360 -31.32 -17.02 18.70
C ALA E 360 -31.29 -18.54 18.82
N TYR E 361 -30.08 -19.09 18.88
CA TYR E 361 -29.88 -20.51 19.14
C TYR E 361 -29.73 -20.79 20.63
N ILE E 362 -29.94 -22.06 20.99
CA ILE E 362 -29.75 -22.54 22.36
C ILE E 362 -28.56 -23.49 22.34
N VAL E 363 -27.61 -23.37 23.23
CA VAL E 363 -26.39 -24.15 23.19
C VAL E 363 -25.89 -24.62 24.54
N ASP E 364 -24.89 -25.48 24.60
CA ASP E 364 -24.24 -25.87 25.86
C ASP E 364 -22.80 -25.32 25.85
N GLU E 365 -21.98 -25.49 26.86
CA GLU E 365 -20.59 -25.04 26.86
C GLU E 365 -19.83 -25.51 25.62
N ASP E 366 -20.24 -26.65 25.06
CA ASP E 366 -19.59 -27.19 23.88
C ASP E 366 -20.13 -26.61 22.59
N MET E 367 -21.05 -25.64 22.67
CA MET E 367 -21.70 -25.05 21.50
C MET E 367 -22.42 -26.11 20.67
N ASN E 368 -23.16 -26.98 21.35
CA ASN E 368 -23.71 -28.15 20.70
C ASN E 368 -25.09 -27.92 20.08
N LYS E 369 -25.71 -26.77 20.29
CA LYS E 369 -26.98 -26.42 19.65
C LYS E 369 -28.06 -27.46 19.97
N LEU E 370 -28.48 -27.43 21.23
CA LEU E 370 -29.48 -28.36 21.74
C LEU E 370 -30.78 -28.24 20.95
N PRO E 371 -31.56 -29.32 20.83
CA PRO E 371 -32.80 -29.24 20.06
C PRO E 371 -33.87 -28.42 20.76
N HIS E 372 -34.86 -28.00 19.97
CA HIS E 372 -35.98 -27.19 20.46
C HIS E 372 -37.17 -28.09 20.80
N ASP E 373 -36.95 -28.99 21.75
CA ASP E 373 -38.01 -29.92 22.15
C ASP E 373 -39.04 -29.26 23.05
N GLY E 374 -38.62 -28.36 23.93
CA GLY E 374 -39.57 -27.69 24.81
C GLY E 374 -39.17 -27.74 26.27
N GLU E 375 -38.28 -28.66 26.64
CA GLU E 375 -37.81 -28.78 28.00
C GLU E 375 -36.30 -28.76 28.14
N THR E 376 -35.56 -28.99 27.06
CA THR E 376 -34.10 -28.95 27.15
C THR E 376 -33.61 -27.52 27.18
N ALA E 377 -33.00 -27.13 28.30
CA ALA E 377 -32.59 -25.75 28.52
C ALA E 377 -31.11 -25.58 28.19
N GLY E 378 -30.75 -24.33 27.89
CA GLY E 378 -29.37 -23.99 27.58
C GLY E 378 -29.24 -22.49 27.45
N GLU E 379 -28.00 -22.05 27.26
CA GLU E 379 -27.75 -20.62 27.10
C GLU E 379 -28.19 -20.15 25.72
N ILE E 380 -28.70 -18.92 25.68
CA ILE E 380 -29.15 -18.28 24.45
C ILE E 380 -27.96 -17.56 23.82
N VAL E 381 -27.70 -17.84 22.55
CA VAL E 381 -26.66 -17.16 21.79
C VAL E 381 -27.30 -16.61 20.52
N VAL E 382 -27.04 -15.34 20.21
CA VAL E 382 -27.80 -14.64 19.20
C VAL E 382 -26.88 -14.00 18.17
N ARG E 383 -27.44 -13.71 17.01
CA ARG E 383 -26.79 -12.93 15.96
C ARG E 383 -27.84 -11.99 15.39
N ALA E 384 -27.61 -10.69 15.54
CA ALA E 384 -28.54 -9.65 15.12
C ALA E 384 -27.77 -8.52 14.47
N PRO E 385 -28.43 -7.69 13.68
CA PRO E 385 -27.74 -6.55 13.06
C PRO E 385 -27.36 -5.44 14.03
N TRP E 386 -27.80 -5.51 15.29
CA TRP E 386 -27.61 -4.40 16.22
C TRP E 386 -27.01 -4.84 17.54
N LEU E 387 -25.96 -5.65 17.49
CA LEU E 387 -25.27 -6.12 18.68
C LEU E 387 -23.97 -5.36 18.84
N THR E 388 -23.61 -5.04 20.09
CA THR E 388 -22.36 -4.36 20.34
C THR E 388 -21.19 -5.29 20.02
N PRO E 389 -20.22 -4.85 19.22
CA PRO E 389 -19.12 -5.76 18.84
C PRO E 389 -18.29 -6.22 20.03
N ASN E 390 -18.15 -5.38 21.04
CA ASN E 390 -17.30 -5.68 22.19
C ASN E 390 -17.66 -4.71 23.30
N TYR E 391 -16.92 -4.80 24.41
CA TYR E 391 -16.98 -3.81 25.46
C TYR E 391 -15.93 -2.75 25.22
N TYR E 392 -16.27 -1.51 25.56
CA TYR E 392 -15.36 -0.39 25.31
C TYR E 392 -14.14 -0.51 26.22
N LYS E 393 -12.96 -0.43 25.61
CA LYS E 393 -11.67 -0.51 26.31
C LYS E 393 -11.53 -1.80 27.11
N ASP E 394 -12.04 -2.91 26.58
CA ASP E 394 -11.94 -4.20 27.25
C ASP E 394 -11.57 -5.26 26.23
N ASN E 395 -10.73 -6.21 26.64
CA ASN E 395 -10.24 -7.25 25.75
C ASN E 395 -10.71 -8.64 26.16
N LYS E 396 -10.45 -9.06 27.39
CA LYS E 396 -10.76 -10.44 27.76
C LYS E 396 -12.26 -10.63 28.02
N ASN E 397 -12.93 -9.60 28.53
CA ASN E 397 -14.39 -9.67 28.67
C ASN E 397 -15.06 -9.69 27.30
N SER E 398 -14.50 -8.93 26.35
CA SER E 398 -15.00 -8.95 24.98
C SER E 398 -14.86 -10.33 24.36
N LYS E 399 -13.81 -11.07 24.61
CA LYS E 399 -13.69 -12.37 24.04
C LYS E 399 -14.64 -13.35 24.68
N ALA E 400 -14.98 -13.22 25.94
CA ALA E 400 -16.01 -14.10 26.50
C ALA E 400 -17.40 -13.70 26.02
N LEU E 401 -17.59 -12.43 25.66
CA LEU E 401 -18.89 -12.00 25.15
C LEU E 401 -19.21 -12.66 23.81
N TRP E 402 -18.22 -12.74 22.92
CA TRP E 402 -18.43 -13.27 21.57
C TRP E 402 -17.75 -14.61 21.38
N ARG E 403 -17.76 -15.46 22.42
CA ARG E 403 -17.14 -16.77 22.32
C ARG E 403 -17.92 -17.67 21.38
N GLY E 404 -17.20 -18.39 20.53
CA GLY E 404 -17.82 -19.33 19.62
C GLY E 404 -18.49 -18.72 18.41
N GLY E 405 -18.30 -17.43 18.16
CA GLY E 405 -18.92 -16.78 17.03
C GLY E 405 -20.31 -16.27 17.26
N TYR E 406 -20.78 -16.25 18.51
CA TYR E 406 -22.11 -15.79 18.85
C TYR E 406 -22.03 -14.92 20.10
N LEU E 407 -23.02 -14.05 20.27
CA LEU E 407 -23.09 -13.23 21.48
C LEU E 407 -23.77 -14.02 22.58
N HIS E 408 -23.13 -14.07 23.74
CA HIS E 408 -23.61 -14.84 24.88
C HIS E 408 -24.44 -13.93 25.78
N THR E 409 -25.74 -14.19 25.86
CA THR E 409 -26.62 -13.36 26.68
C THR E 409 -26.49 -13.66 28.17
N GLY E 410 -26.12 -14.87 28.53
CA GLY E 410 -26.06 -15.23 29.93
C GLY E 410 -27.37 -15.70 30.53
N ASP E 411 -28.38 -15.95 29.71
CA ASP E 411 -29.68 -16.44 30.16
C ASP E 411 -29.88 -17.87 29.70
N VAL E 412 -30.45 -18.69 30.59
CA VAL E 412 -30.73 -20.09 30.34
C VAL E 412 -32.23 -20.25 30.11
N ALA E 413 -32.57 -20.81 28.95
CA ALA E 413 -33.95 -20.90 28.49
C ALA E 413 -34.11 -22.17 27.66
N HIS E 414 -35.37 -22.58 27.48
CA HIS E 414 -35.72 -23.63 26.54
C HIS E 414 -36.69 -23.07 25.50
N ILE E 415 -36.57 -23.54 24.27
CA ILE E 415 -37.33 -23.02 23.15
C ILE E 415 -38.30 -24.09 22.67
N ASP E 416 -39.57 -23.70 22.53
CA ASP E 416 -40.61 -24.60 22.05
C ASP E 416 -40.41 -24.93 20.58
N ASP E 417 -41.17 -25.89 20.06
CA ASP E 417 -41.14 -26.20 18.62
C ASP E 417 -41.68 -25.07 17.75
N GLU E 418 -42.80 -24.47 18.10
CA GLU E 418 -43.34 -23.33 17.42
C GLU E 418 -42.45 -22.08 17.44
N GLY E 419 -41.58 -21.96 18.41
CA GLY E 419 -40.68 -20.84 18.46
C GLY E 419 -40.67 -20.10 19.76
N PHE E 420 -41.62 -20.38 20.64
CA PHE E 420 -41.68 -19.61 21.88
C PHE E 420 -40.47 -19.91 22.75
N ILE E 421 -39.92 -18.86 23.35
CA ILE E 421 -38.79 -18.96 24.26
C ILE E 421 -39.30 -18.72 25.66
N LYS E 422 -38.81 -19.52 26.62
CA LYS E 422 -39.14 -19.33 28.03
C LYS E 422 -37.84 -19.33 28.81
N ILE E 423 -37.46 -18.16 29.33
CA ILE E 423 -36.21 -18.04 30.07
C ILE E 423 -36.39 -18.62 31.47
N THR E 424 -35.50 -19.52 31.85
CA THR E 424 -35.59 -20.20 33.13
C THR E 424 -34.74 -19.50 34.20
N ASP E 425 -33.50 -19.16 33.87
CA ASP E 425 -32.62 -18.59 34.88
C ASP E 425 -31.44 -17.89 34.21
N ARG E 426 -30.43 -17.59 35.02
CA ARG E 426 -29.17 -17.08 34.51
C ARG E 426 -28.12 -18.18 34.49
N VAL E 427 -27.09 -17.99 33.66
CA VAL E 427 -26.03 -18.98 33.57
C VAL E 427 -25.27 -19.08 34.89
N LYS E 428 -24.96 -17.93 35.49
CA LYS E 428 -24.21 -17.95 36.76
C LYS E 428 -25.08 -18.44 37.91
N ASP E 429 -26.39 -18.24 37.83
CA ASP E 429 -27.27 -18.72 38.88
C ASP E 429 -27.64 -20.19 38.74
N MET E 430 -27.14 -20.86 37.71
CA MET E 430 -27.27 -22.31 37.59
C MET E 430 -26.38 -22.98 38.63
N ILE E 431 -26.97 -23.90 39.39
CA ILE E 431 -26.23 -24.66 40.40
C ILE E 431 -26.06 -26.09 39.91
N LYS E 432 -24.84 -26.62 40.06
CA LYS E 432 -24.44 -27.87 39.41
C LYS E 432 -24.47 -29.02 40.40
N ILE E 433 -25.68 -29.58 40.59
CA ILE E 433 -25.81 -30.83 41.33
C ILE E 433 -25.44 -32.00 40.42
N SER E 434 -24.51 -32.84 40.87
CA SER E 434 -24.08 -34.00 40.10
C SER E 434 -23.70 -33.61 38.68
N GLY E 435 -24.52 -34.00 37.72
CA GLY E 435 -24.26 -33.70 36.32
C GLY E 435 -25.33 -32.86 35.64
N GLU E 436 -26.32 -32.40 36.41
CA GLU E 436 -27.43 -31.65 35.87
C GLU E 436 -27.41 -30.20 36.38
N TRP E 437 -28.25 -29.37 35.75
CA TRP E 437 -28.37 -27.95 36.06
C TRP E 437 -29.84 -27.65 36.33
N VAL E 438 -30.21 -27.53 37.59
CA VAL E 438 -31.57 -27.11 37.93
C VAL E 438 -31.55 -25.61 38.20
N SER E 439 -32.68 -24.95 37.97
CA SER E 439 -32.79 -23.51 38.13
C SER E 439 -33.20 -23.17 39.55
N SER E 440 -32.70 -22.03 40.04
CA SER E 440 -33.05 -21.54 41.37
C SER E 440 -34.32 -20.69 41.36
N LEU E 441 -34.75 -20.19 40.20
CA LEU E 441 -35.96 -19.37 40.16
C LEU E 441 -37.20 -20.17 40.50
N GLU E 442 -37.28 -21.42 40.02
CA GLU E 442 -38.42 -22.26 40.37
C GLU E 442 -38.43 -22.59 41.85
N LEU E 443 -37.25 -22.85 42.43
CA LEU E 443 -37.18 -23.10 43.87
C LEU E 443 -37.61 -21.88 44.66
N GLU E 444 -37.18 -20.69 44.25
CA GLU E 444 -37.59 -19.46 44.92
C GLU E 444 -39.10 -19.25 44.80
N ASP E 445 -39.66 -19.54 43.62
CA ASP E 445 -41.10 -19.41 43.44
C ASP E 445 -41.86 -20.39 44.32
N ILE E 446 -41.36 -21.62 44.44
CA ILE E 446 -42.02 -22.62 45.29
C ILE E 446 -41.96 -22.18 46.76
N LEU E 447 -40.80 -21.72 47.21
CA LEU E 447 -40.68 -21.30 48.61
C LEU E 447 -41.48 -20.04 48.89
N HIS E 448 -41.62 -19.16 47.90
CA HIS E 448 -42.41 -17.94 48.08
C HIS E 448 -43.90 -18.24 48.18
N GLN E 449 -44.34 -19.42 47.75
CA GLN E 449 -45.74 -19.80 47.88
C GLN E 449 -46.15 -20.04 49.33
N HIS E 450 -45.20 -20.10 50.26
CA HIS E 450 -45.54 -20.23 51.67
C HIS E 450 -46.28 -19.00 52.16
N GLN E 451 -47.21 -19.21 53.08
CA GLN E 451 -48.04 -18.12 53.59
C GLN E 451 -47.28 -17.16 54.49
N SER E 452 -46.21 -17.62 55.13
CA SER E 452 -45.47 -16.82 56.09
C SER E 452 -44.11 -16.36 55.58
N VAL E 453 -43.85 -16.47 54.27
CA VAL E 453 -42.56 -16.17 53.68
C VAL E 453 -42.68 -14.88 52.88
N SER E 454 -41.74 -13.96 53.10
CA SER E 454 -41.73 -12.67 52.40
C SER E 454 -40.89 -12.70 51.13
N GLU E 455 -39.60 -13.05 51.24
CA GLU E 455 -38.74 -13.13 50.07
C GLU E 455 -37.77 -14.29 50.24
N VAL E 456 -37.32 -14.84 49.11
CA VAL E 456 -36.49 -16.04 49.08
C VAL E 456 -35.35 -15.82 48.09
N ALA E 457 -34.15 -16.28 48.47
CA ALA E 457 -33.00 -16.32 47.57
C ALA E 457 -32.33 -17.68 47.68
N VAL E 458 -32.10 -18.32 46.55
CA VAL E 458 -31.50 -19.65 46.50
C VAL E 458 -30.12 -19.54 45.87
N ILE E 459 -29.12 -20.10 46.56
CA ILE E 459 -27.73 -20.04 46.13
C ILE E 459 -27.13 -21.45 46.17
N GLY E 460 -25.91 -21.56 45.69
CA GLY E 460 -25.20 -22.83 45.66
C GLY E 460 -24.02 -22.87 46.62
N MET E 461 -23.79 -24.05 47.18
CA MET E 461 -22.66 -24.30 48.07
C MET E 461 -21.93 -25.56 47.64
N PRO E 462 -20.60 -25.59 47.79
CA PRO E 462 -19.84 -26.75 47.34
C PRO E 462 -20.12 -28.00 48.17
N HIS E 463 -19.99 -29.15 47.51
CA HIS E 463 -20.07 -30.45 48.17
C HIS E 463 -19.36 -31.43 47.25
N ASN E 464 -18.50 -32.27 47.83
CA ASN E 464 -17.54 -33.05 47.05
C ASN E 464 -18.24 -33.99 46.07
N LYS E 465 -19.24 -34.73 46.54
CA LYS E 465 -19.81 -35.79 45.72
C LYS E 465 -20.96 -35.31 44.85
N TRP E 466 -21.58 -34.18 45.20
CA TRP E 466 -22.78 -33.71 44.49
C TRP E 466 -22.63 -32.28 43.97
N GLY E 467 -21.39 -31.83 43.77
CA GLY E 467 -21.19 -30.52 43.15
C GLY E 467 -21.76 -29.40 44.00
N GLU E 468 -22.35 -28.40 43.33
CA GLU E 468 -22.96 -27.27 44.02
C GLU E 468 -24.41 -27.61 44.35
N VAL E 469 -24.73 -27.59 45.64
CA VAL E 469 -26.04 -28.00 46.11
C VAL E 469 -26.77 -26.75 46.63
N PRO E 470 -28.06 -26.85 46.87
CA PRO E 470 -28.85 -25.63 47.14
C PRO E 470 -28.76 -25.15 48.58
N LEU E 471 -29.05 -23.87 48.75
CA LEU E 471 -29.24 -23.23 50.04
C LEU E 471 -30.26 -22.11 49.89
N ALA E 472 -31.18 -22.01 50.85
CA ALA E 472 -32.28 -21.07 50.77
C ALA E 472 -32.22 -20.07 51.92
N LEU E 473 -32.27 -18.79 51.59
CA LEU E 473 -32.37 -17.71 52.58
C LEU E 473 -33.75 -17.08 52.43
N VAL E 474 -34.50 -17.07 53.52
CA VAL E 474 -35.89 -16.58 53.51
C VAL E 474 -36.02 -15.45 54.51
N THR E 475 -36.96 -14.55 54.25
CA THR E 475 -37.34 -13.50 55.18
C THR E 475 -38.77 -13.72 55.60
N LEU E 476 -39.02 -13.67 56.90
CA LEU E 476 -40.35 -13.95 57.44
C LEU E 476 -41.20 -12.69 57.50
N LYS E 477 -42.51 -12.88 57.44
CA LYS E 477 -43.47 -11.78 57.46
C LYS E 477 -43.65 -11.27 58.89
N GLU E 478 -44.63 -10.41 59.11
CA GLU E 478 -44.86 -9.84 60.42
C GLU E 478 -45.39 -10.89 61.39
N ASP E 479 -44.73 -10.99 62.54
CA ASP E 479 -45.18 -11.87 63.63
C ASP E 479 -45.35 -13.31 63.16
N ALA E 480 -44.44 -13.76 62.30
CA ALA E 480 -44.44 -15.11 61.78
C ALA E 480 -43.14 -15.79 62.16
N GLN E 481 -43.23 -17.01 62.69
CA GLN E 481 -42.04 -17.78 63.09
C GLN E 481 -42.28 -19.23 62.69
N VAL E 482 -41.74 -19.61 61.54
CA VAL E 482 -41.79 -20.97 61.03
C VAL E 482 -40.37 -21.51 61.01
N THR E 483 -40.17 -22.70 61.56
CA THR E 483 -38.84 -23.29 61.61
C THR E 483 -38.39 -23.71 60.21
N GLU E 484 -37.08 -23.93 60.08
CA GLU E 484 -36.53 -24.40 58.81
C GLU E 484 -37.07 -25.77 58.44
N LYS E 485 -37.42 -26.58 59.45
CA LYS E 485 -37.99 -27.91 59.18
C LYS E 485 -39.32 -27.80 58.44
N GLU E 486 -40.16 -26.84 58.83
CA GLU E 486 -41.45 -26.67 58.16
C GLU E 486 -41.27 -26.29 56.70
N LEU E 487 -40.34 -25.38 56.42
CA LEU E 487 -40.09 -24.99 55.03
C LEU E 487 -39.50 -26.16 54.23
N LEU E 488 -38.59 -26.92 54.84
CA LEU E 488 -38.07 -28.11 54.18
C LEU E 488 -39.18 -29.07 53.82
N GLY E 489 -40.10 -29.33 54.76
CA GLY E 489 -41.20 -30.24 54.47
C GLY E 489 -42.14 -29.69 53.42
N PHE E 490 -42.41 -28.39 53.46
CA PHE E 490 -43.29 -27.78 52.47
C PHE E 490 -42.72 -27.90 51.06
N ALA E 491 -41.40 -27.70 50.93
CA ALA E 491 -40.77 -27.89 49.63
C ALA E 491 -40.75 -29.37 49.23
N LYS E 492 -40.57 -30.26 50.20
CA LYS E 492 -40.54 -31.70 49.91
C LYS E 492 -41.91 -32.20 49.47
N ASP E 493 -42.98 -31.51 49.86
CA ASP E 493 -44.32 -31.98 49.58
C ASP E 493 -44.62 -31.97 48.07
N PHE E 494 -43.95 -31.10 47.32
CA PHE E 494 -44.20 -31.01 45.89
C PHE E 494 -43.57 -32.18 45.16
N ILE E 495 -43.93 -32.35 43.88
CA ILE E 495 -43.53 -33.51 43.10
C ILE E 495 -43.09 -33.09 41.70
N ASN E 496 -42.83 -34.09 40.85
CA ASN E 496 -42.53 -33.89 39.42
C ASN E 496 -41.25 -33.11 39.18
N LYS E 497 -40.12 -33.64 39.63
CA LYS E 497 -38.81 -33.10 39.27
C LYS E 497 -37.79 -34.23 39.33
N GLY E 498 -36.68 -34.03 38.63
CA GLY E 498 -35.65 -35.04 38.54
C GLY E 498 -34.81 -35.10 39.79
N ILE E 499 -33.56 -35.57 39.62
CA ILE E 499 -32.55 -35.63 40.67
C ILE E 499 -33.04 -36.61 41.75
N LEU E 500 -32.29 -36.71 42.86
CA LEU E 500 -32.61 -37.63 43.93
C LEU E 500 -34.03 -37.41 44.44
N ALA E 501 -34.88 -38.42 44.26
CA ALA E 501 -36.30 -38.30 44.58
C ALA E 501 -36.88 -37.10 43.86
N ARG E 502 -36.94 -35.95 44.55
CA ARG E 502 -37.26 -34.67 43.92
C ARG E 502 -36.22 -33.64 44.32
N GLU E 503 -34.96 -34.07 44.43
CA GLU E 503 -33.87 -33.21 44.90
C GLU E 503 -34.21 -32.61 46.27
N ALA E 504 -34.69 -33.44 47.18
CA ALA E 504 -35.03 -32.97 48.52
C ALA E 504 -34.20 -33.75 49.54
N LEU E 505 -32.94 -33.35 49.67
CA LEU E 505 -32.17 -33.64 50.88
C LEU E 505 -31.21 -32.51 51.22
N LEU E 506 -31.18 -31.43 50.44
CA LEU E 506 -30.13 -30.42 50.56
C LEU E 506 -30.68 -29.01 50.41
N LEU E 507 -31.97 -28.82 50.65
CA LEU E 507 -32.56 -27.49 50.50
C LEU E 507 -31.90 -26.49 51.44
N LYS E 508 -31.68 -26.90 52.70
CA LYS E 508 -30.91 -26.13 53.67
C LYS E 508 -31.42 -24.69 53.79
N VAL E 509 -32.72 -24.58 54.02
CA VAL E 509 -33.35 -23.27 54.16
C VAL E 509 -32.89 -22.62 55.45
N LYS E 510 -32.61 -21.33 55.39
CA LYS E 510 -32.17 -20.56 56.54
C LYS E 510 -32.97 -19.26 56.62
N ILE E 511 -33.22 -18.82 57.85
CA ILE E 511 -34.03 -17.63 58.10
C ILE E 511 -33.09 -16.47 58.39
N VAL E 512 -33.18 -15.42 57.58
CA VAL E 512 -32.37 -14.22 57.73
C VAL E 512 -33.32 -13.03 57.77
N ASP E 513 -32.99 -12.03 58.60
CA ASP E 513 -33.85 -10.86 58.75
C ASP E 513 -33.97 -10.09 57.45
N GLU E 514 -32.87 -9.92 56.72
CA GLU E 514 -32.86 -9.14 55.51
C GLU E 514 -31.96 -9.78 54.47
N ILE E 515 -32.15 -9.42 53.21
CA ILE E 515 -31.38 -9.93 52.09
C ILE E 515 -30.79 -8.75 51.34
N ALA E 516 -29.49 -8.82 51.04
CA ALA E 516 -28.81 -7.72 50.36
C ALA E 516 -29.37 -7.51 48.96
N LYS E 517 -29.39 -6.26 48.53
CA LYS E 517 -29.93 -5.86 47.24
C LYS E 517 -29.01 -4.84 46.60
N THR E 518 -29.00 -4.83 45.26
CA THR E 518 -28.21 -3.86 44.52
C THR E 518 -28.82 -2.46 44.68
N SER E 519 -28.09 -1.46 44.18
CA SER E 519 -28.61 -0.10 44.17
C SER E 519 -29.79 0.06 43.23
N VAL E 520 -30.04 -0.91 42.35
CA VAL E 520 -31.14 -0.85 41.40
C VAL E 520 -32.34 -1.58 41.99
N GLY E 521 -32.07 -2.59 42.82
CA GLY E 521 -33.14 -3.32 43.48
C GLY E 521 -33.20 -4.78 43.13
N LYS E 522 -32.06 -5.37 42.80
CA LYS E 522 -31.97 -6.79 42.49
C LYS E 522 -31.15 -7.50 43.58
N VAL E 523 -31.47 -8.79 43.78
CA VAL E 523 -30.85 -9.54 44.87
C VAL E 523 -29.35 -9.68 44.63
N ASP E 524 -28.57 -9.58 45.72
CA ASP E 524 -27.12 -9.65 45.66
C ASP E 524 -26.68 -11.11 45.85
N LYS E 525 -26.93 -11.92 44.82
CA LYS E 525 -26.62 -13.35 44.93
C LYS E 525 -25.14 -13.58 45.12
N LYS E 526 -24.34 -12.72 44.49
CA LYS E 526 -22.88 -12.80 44.55
C LYS E 526 -22.30 -12.36 45.87
N GLU E 527 -22.80 -11.28 46.45
CA GLU E 527 -22.33 -10.92 47.78
C GLU E 527 -22.79 -11.95 48.80
N LEU E 528 -23.88 -12.65 48.56
CA LEU E 528 -24.28 -13.70 49.45
C LEU E 528 -23.39 -14.90 49.25
N ARG E 529 -22.88 -15.07 48.02
CA ARG E 529 -22.03 -16.21 47.71
C ARG E 529 -20.81 -15.93 48.50
N LYS E 530 -20.66 -14.70 48.92
CA LYS E 530 -19.49 -14.27 49.66
C LYS E 530 -19.74 -14.30 51.16
N LEU E 531 -20.91 -13.84 51.59
CA LEU E 531 -21.19 -13.73 53.02
C LEU E 531 -21.37 -15.09 53.68
N HIS E 532 -22.18 -15.96 53.08
CA HIS E 532 -22.55 -17.22 53.71
C HIS E 532 -21.60 -18.37 53.38
N LEU E 533 -20.66 -18.17 52.47
CA LEU E 533 -19.71 -19.22 52.10
C LEU E 533 -18.54 -18.66 51.30
N TYR F 4 8.34 -12.55 14.17
CA TYR F 4 9.28 -11.45 13.98
C TYR F 4 10.56 -11.93 13.33
N VAL F 5 10.88 -11.37 12.16
CA VAL F 5 12.09 -11.70 11.41
C VAL F 5 13.03 -10.50 11.49
N ASN F 6 14.28 -10.76 11.83
CA ASN F 6 15.27 -9.71 12.03
C ASN F 6 16.54 -10.08 11.30
N ASP F 7 17.12 -9.12 10.59
CA ASP F 7 18.48 -9.34 10.14
C ASP F 7 19.45 -9.13 11.29
N PRO F 8 20.53 -9.90 11.35
CA PRO F 8 21.48 -9.74 12.48
C PRO F 8 22.23 -8.43 12.44
N SER F 9 22.28 -7.76 11.29
CA SER F 9 22.90 -6.44 11.22
C SER F 9 22.16 -5.44 12.09
N ASN F 10 20.83 -5.47 12.06
CA ASN F 10 20.04 -4.55 12.87
C ASN F 10 20.02 -5.02 14.31
N TYR F 11 20.48 -4.15 15.22
CA TYR F 11 20.61 -4.48 16.63
C TYR F 11 19.46 -3.88 17.40
N GLN F 12 18.81 -4.70 18.22
CA GLN F 12 17.72 -4.26 19.08
C GLN F 12 18.24 -4.17 20.51
N LEU F 13 17.89 -3.08 21.19
CA LEU F 13 18.28 -2.89 22.58
C LEU F 13 17.26 -3.58 23.47
N LEU F 14 17.63 -4.73 24.03
CA LEU F 14 16.73 -5.54 24.82
C LEU F 14 17.31 -5.77 26.21
N ILE F 15 16.46 -6.15 27.14
CA ILE F 15 16.88 -6.41 28.51
C ILE F 15 17.72 -7.67 28.59
N LYS F 16 17.49 -8.62 27.68
CA LYS F 16 18.29 -9.84 27.65
C LYS F 16 19.75 -9.53 27.34
N ASN F 17 20.00 -8.49 26.52
CA ASN F 17 21.36 -8.05 26.29
C ASN F 17 21.93 -7.41 27.55
N LEU F 18 21.09 -6.76 28.34
CA LEU F 18 21.54 -6.18 29.60
C LEU F 18 21.98 -7.25 30.59
N LEU F 19 21.31 -8.40 30.56
CA LEU F 19 21.66 -9.47 31.49
C LEU F 19 22.81 -10.35 30.98
N PHE F 20 22.81 -10.69 29.70
CA PHE F 20 23.77 -11.64 29.14
C PHE F 20 24.98 -10.97 28.51
N SER F 21 24.99 -9.65 28.37
CA SER F 21 26.14 -8.90 27.88
C SER F 21 26.42 -7.74 28.82
N PRO F 22 26.84 -8.04 30.05
CA PRO F 22 26.99 -6.98 31.05
C PRO F 22 28.30 -6.22 30.86
N VAL F 23 28.50 -5.22 31.72
CA VAL F 23 29.80 -4.58 31.82
C VAL F 23 30.81 -5.57 32.41
N ALA F 24 30.39 -6.31 33.43
CA ALA F 24 31.24 -7.32 34.05
C ALA F 24 30.34 -8.47 34.51
N PHE F 25 30.86 -9.69 34.42
CA PHE F 25 30.17 -10.88 34.90
C PHE F 25 31.12 -11.71 35.75
N ASN F 26 30.77 -11.89 37.03
CA ASN F 26 31.54 -12.69 37.96
C ASN F 26 30.68 -13.88 38.39
N PRO F 27 31.01 -15.10 37.95
CA PRO F 27 30.14 -16.25 38.29
C PRO F 27 30.03 -16.50 39.77
N GLU F 28 31.06 -16.22 40.56
CA GLU F 28 31.01 -16.50 41.99
C GLU F 28 30.46 -15.32 42.81
N GLN F 29 30.17 -14.19 42.17
CA GLN F 29 29.49 -13.12 42.86
C GLN F 29 28.10 -13.57 43.29
N GLU F 30 27.64 -13.07 44.43
CA GLU F 30 26.46 -13.62 45.09
C GLU F 30 25.31 -12.62 45.14
N ILE F 31 24.11 -13.16 45.19
CA ILE F 31 22.89 -12.43 45.51
C ILE F 31 22.43 -12.93 46.87
N VAL F 32 22.15 -12.01 47.78
CA VAL F 32 21.79 -12.33 49.16
C VAL F 32 20.39 -11.83 49.43
N TYR F 33 19.50 -12.73 49.85
CA TYR F 33 18.23 -12.39 50.46
C TYR F 33 18.40 -12.53 51.97
N ALA F 34 18.07 -11.46 52.69
CA ALA F 34 18.55 -11.25 54.06
C ALA F 34 18.31 -12.43 54.98
N ASN F 35 19.41 -13.08 55.40
CA ASN F 35 19.38 -14.19 56.35
C ASN F 35 18.45 -15.32 55.90
N HIS F 36 18.02 -15.30 54.64
CA HIS F 36 17.11 -16.30 54.11
C HIS F 36 17.75 -17.13 53.01
N ARG F 37 18.41 -16.50 52.04
CA ARG F 37 18.92 -17.22 50.90
C ARG F 37 20.18 -16.53 50.40
N ARG F 38 21.02 -17.28 49.68
CA ARG F 38 22.26 -16.76 49.17
C ARG F 38 22.72 -17.64 48.03
N HIS F 39 22.85 -17.07 46.83
CA HIS F 39 23.25 -17.88 45.68
C HIS F 39 23.99 -17.03 44.67
N SER F 40 24.93 -17.66 43.97
CA SER F 40 25.83 -16.95 43.07
C SER F 40 25.08 -16.49 41.81
N TYR F 41 25.80 -15.77 40.94
CA TYR F 41 25.22 -15.30 39.68
C TYR F 41 24.91 -16.42 38.72
N LYS F 42 25.68 -17.53 38.76
CA LYS F 42 25.34 -18.70 37.97
C LYS F 42 23.94 -19.21 38.31
N THR F 43 23.67 -19.34 39.61
CA THR F 43 22.36 -19.76 40.07
C THR F 43 21.28 -18.75 39.67
N PHE F 44 21.60 -17.46 39.70
CA PHE F 44 20.64 -16.45 39.30
C PHE F 44 20.26 -16.62 37.83
N HIS F 45 21.26 -16.85 36.96
CA HIS F 45 20.97 -17.07 35.55
C HIS F 45 20.14 -18.34 35.33
N ASP F 46 20.50 -19.42 36.03
CA ASP F 46 19.73 -20.66 35.93
C ASP F 46 18.29 -20.45 36.38
N ARG F 47 18.10 -19.71 37.47
CA ARG F 47 16.75 -19.47 37.97
C ARG F 47 15.95 -18.59 37.03
N VAL F 48 16.61 -17.65 36.36
CA VAL F 48 15.91 -16.85 35.35
C VAL F 48 15.41 -17.72 34.22
N ARG F 49 16.25 -18.64 33.74
CA ARG F 49 15.82 -19.53 32.65
C ARG F 49 14.72 -20.48 33.12
N GLN F 50 14.82 -20.98 34.36
CA GLN F 50 13.77 -21.82 34.92
C GLN F 50 12.45 -21.07 35.03
N PHE F 51 12.50 -19.81 35.47
CA PHE F 51 11.28 -19.01 35.57
C PHE F 51 10.68 -18.77 34.19
N ALA F 52 11.53 -18.58 33.19
CA ALA F 52 11.04 -18.46 31.81
C ALA F 52 10.31 -19.73 31.38
N ASN F 53 10.90 -20.89 31.68
CA ASN F 53 10.25 -22.15 31.34
C ASN F 53 8.92 -22.30 32.06
N ALA F 54 8.88 -21.96 33.35
CA ALA F 54 7.65 -22.08 34.12
C ALA F 54 6.56 -21.16 33.59
N LEU F 55 6.92 -19.93 33.23
CA LEU F 55 5.94 -19.00 32.66
C LEU F 55 5.42 -19.50 31.33
N THR F 56 6.30 -20.05 30.49
CA THR F 56 5.85 -20.61 29.22
C THR F 56 4.91 -21.78 29.45
N LYS F 57 5.16 -22.58 30.48
CA LYS F 57 4.29 -23.72 30.77
C LYS F 57 2.90 -23.26 31.24
N MET F 58 2.81 -22.09 31.86
CA MET F 58 1.53 -21.60 32.36
C MET F 58 0.66 -20.95 31.31
N GLY F 59 1.15 -20.81 30.08
CA GLY F 59 0.39 -20.18 29.03
C GLY F 59 0.66 -18.70 28.84
N VAL F 60 1.73 -18.17 29.44
CA VAL F 60 2.06 -16.76 29.26
C VAL F 60 2.66 -16.56 27.87
N LYS F 61 2.16 -15.57 27.15
CA LYS F 61 2.55 -15.31 25.77
C LYS F 61 3.23 -13.95 25.69
N LYS F 62 3.50 -13.50 24.47
CA LYS F 62 4.20 -12.24 24.29
C LYS F 62 3.36 -11.06 24.78
N GLY F 63 2.07 -11.06 24.50
CA GLY F 63 1.27 -9.94 24.93
C GLY F 63 0.76 -9.98 26.36
N ASP F 64 0.98 -11.07 27.07
CA ASP F 64 0.36 -11.25 28.37
C ASP F 64 1.01 -10.34 29.42
N THR F 65 0.34 -10.22 30.55
CA THR F 65 0.76 -9.35 31.64
C THR F 65 0.79 -10.15 32.95
N VAL F 66 1.87 -10.01 33.70
CA VAL F 66 2.05 -10.67 34.98
C VAL F 66 2.20 -9.62 36.06
N ALA F 67 1.43 -9.76 37.13
CA ALA F 67 1.43 -8.80 38.24
C ALA F 67 2.22 -9.38 39.40
N VAL F 68 2.94 -8.52 40.11
CA VAL F 68 3.79 -8.92 41.23
C VAL F 68 3.44 -8.06 42.43
N MET F 69 3.34 -8.67 43.61
CA MET F 69 2.99 -7.98 44.85
C MET F 69 3.78 -8.60 46.00
N ASP F 70 4.98 -8.09 46.26
CA ASP F 70 5.80 -8.58 47.37
C ASP F 70 6.85 -7.51 47.70
N TYR F 71 7.76 -7.86 48.61
CA TYR F 71 8.82 -6.96 49.05
C TYR F 71 10.05 -7.13 48.16
N ASP F 72 11.16 -6.50 48.57
CA ASP F 72 12.40 -6.61 47.83
C ASP F 72 13.10 -7.91 48.18
N SER F 73 13.33 -8.74 47.17
CA SER F 73 13.93 -10.06 47.37
C SER F 73 14.52 -10.50 46.04
N HIS F 74 15.17 -11.67 46.08
CA HIS F 74 15.70 -12.25 44.85
C HIS F 74 14.60 -12.57 43.86
N ARG F 75 13.39 -12.77 44.31
CA ARG F 75 12.33 -13.15 43.44
C ARG F 75 11.96 -12.03 42.58
N TYR F 76 12.01 -10.83 43.10
CA TYR F 76 11.64 -9.65 42.35
C TYR F 76 12.68 -9.26 41.38
N LEU F 77 13.91 -9.59 41.64
CA LEU F 77 14.96 -9.35 40.73
C LEU F 77 14.85 -10.32 39.65
N GLU F 78 14.41 -11.49 39.95
CA GLU F 78 14.19 -12.43 38.85
C GLU F 78 12.98 -12.05 38.01
N CYS F 79 11.95 -11.44 38.63
CA CYS F 79 10.82 -10.96 37.87
C CYS F 79 11.19 -9.75 37.02
N TYR F 80 12.15 -8.94 37.48
CA TYR F 80 12.59 -7.78 36.72
C TYR F 80 13.21 -8.18 35.39
N PHE F 81 13.65 -9.42 35.26
CA PHE F 81 14.29 -9.91 34.05
C PHE F 81 13.44 -10.91 33.28
N ALA F 82 12.98 -11.97 33.93
CA ALA F 82 12.38 -13.10 33.21
C ALA F 82 11.13 -12.68 32.45
N ILE F 83 10.25 -11.91 33.07
CA ILE F 83 8.98 -11.56 32.46
C ILE F 83 9.17 -10.70 31.20
N PRO F 84 9.98 -9.63 31.23
CA PRO F 84 10.22 -8.88 29.98
C PRO F 84 10.90 -9.67 28.87
N MET F 85 11.82 -10.58 29.21
CA MET F 85 12.55 -11.31 28.16
C MET F 85 11.63 -12.18 27.34
N ILE F 86 10.77 -12.92 27.99
CA ILE F 86 9.85 -13.77 27.31
C ILE F 86 8.86 -12.98 26.53
N GLY F 87 8.83 -11.67 26.66
CA GLY F 87 7.96 -10.79 25.91
C GLY F 87 6.76 -10.24 26.58
N ALA F 88 6.41 -10.62 27.80
CA ALA F 88 5.26 -10.21 28.58
C ALA F 88 5.52 -8.86 29.25
N LYS F 89 4.46 -8.34 29.88
CA LYS F 89 4.51 -7.06 30.58
C LYS F 89 4.58 -7.31 32.07
N LEU F 90 5.53 -6.67 32.75
CA LEU F 90 5.66 -6.75 34.19
C LEU F 90 4.89 -5.58 34.79
N HIS F 91 3.78 -5.89 35.47
CA HIS F 91 2.97 -4.89 36.14
C HIS F 91 3.35 -4.87 37.62
N MET F 92 3.80 -3.72 38.11
CA MET F 92 4.21 -3.57 39.50
C MET F 92 3.06 -2.97 40.30
N ILE F 93 2.67 -3.65 41.36
CA ILE F 93 1.52 -3.25 42.17
C ILE F 93 2.01 -2.53 43.41
N ASN F 94 1.49 -1.33 43.64
CA ASN F 94 1.81 -0.54 44.82
C ASN F 94 1.02 -1.11 46.00
N VAL F 95 1.72 -1.80 46.90
CA VAL F 95 1.06 -2.45 48.01
C VAL F 95 0.59 -1.46 49.06
N ARG F 96 0.97 -0.18 48.93
CA ARG F 96 0.57 0.84 49.88
C ARG F 96 -0.73 1.54 49.52
N LEU F 97 -1.29 1.26 48.35
CA LEU F 97 -2.57 1.83 47.98
C LEU F 97 -3.71 1.13 48.73
N SER F 98 -4.89 1.73 48.67
CA SER F 98 -6.07 1.11 49.24
C SER F 98 -6.49 -0.09 48.39
N PRO F 99 -7.22 -1.05 48.98
CA PRO F 99 -7.66 -2.20 48.18
C PRO F 99 -8.51 -1.80 46.97
N GLU F 100 -9.29 -0.72 47.09
CA GLU F 100 -10.07 -0.26 45.94
C GLU F 100 -9.17 0.17 44.79
N GLN F 101 -8.12 0.93 45.08
CA GLN F 101 -7.21 1.38 44.03
C GLN F 101 -6.43 0.20 43.45
N ILE F 102 -6.03 -0.75 44.29
CA ILE F 102 -5.33 -1.93 43.80
C ILE F 102 -6.21 -2.73 42.86
N LEU F 103 -7.48 -2.92 43.24
CA LEU F 103 -8.43 -3.62 42.38
C LEU F 103 -8.64 -2.87 41.08
N TYR F 104 -8.73 -1.54 41.14
CA TYR F 104 -8.86 -0.76 39.92
C TYR F 104 -7.67 -0.96 38.99
N THR F 105 -6.46 -0.94 39.53
CA THR F 105 -5.27 -1.10 38.69
C THR F 105 -5.19 -2.49 38.10
N ILE F 106 -5.57 -3.52 38.88
CA ILE F 106 -5.57 -4.88 38.37
C ILE F 106 -6.57 -5.03 37.23
N ASP F 107 -7.76 -4.45 37.40
CA ASP F 107 -8.77 -4.50 36.34
C ASP F 107 -8.32 -3.72 35.11
N HIS F 108 -7.68 -2.56 35.31
CA HIS F 108 -7.28 -1.71 34.20
C HIS F 108 -6.16 -2.35 33.38
N ALA F 109 -5.16 -2.91 34.04
CA ALA F 109 -4.05 -3.53 33.34
C ALA F 109 -4.42 -4.90 32.77
N GLU F 110 -5.49 -5.52 33.27
CA GLU F 110 -5.93 -6.85 32.83
C GLU F 110 -4.82 -7.88 33.01
N ASP F 111 -4.44 -8.09 34.26
CA ASP F 111 -3.38 -9.03 34.58
C ASP F 111 -3.85 -10.47 34.35
N ASP F 112 -2.96 -11.30 33.83
CA ASP F 112 -3.26 -12.71 33.58
C ASP F 112 -2.91 -13.59 34.76
N ILE F 113 -1.71 -13.39 35.33
CA ILE F 113 -1.21 -14.21 36.43
C ILE F 113 -0.71 -13.26 37.51
N ILE F 114 -1.00 -13.58 38.77
CA ILE F 114 -0.62 -12.72 39.89
C ILE F 114 0.26 -13.51 40.84
N LEU F 115 1.49 -13.01 41.04
CA LEU F 115 2.39 -13.50 42.08
C LEU F 115 2.24 -12.59 43.28
N ILE F 116 1.86 -13.15 44.42
CA ILE F 116 1.55 -12.36 45.60
C ILE F 116 2.21 -13.00 46.82
N HIS F 117 2.78 -12.17 47.68
CA HIS F 117 3.37 -12.66 48.91
C HIS F 117 2.28 -13.10 49.88
N GLU F 118 2.68 -13.95 50.83
CA GLU F 118 1.72 -14.57 51.74
C GLU F 118 1.08 -13.53 52.65
N GLU F 119 1.87 -12.62 53.23
CA GLU F 119 1.31 -11.67 54.17
C GLU F 119 0.61 -10.50 53.48
N PHE F 120 0.60 -10.46 52.16
CA PHE F 120 -0.28 -9.58 51.41
C PHE F 120 -1.60 -10.25 51.06
N LEU F 121 -1.79 -11.49 51.49
CA LEU F 121 -3.03 -12.21 51.17
C LEU F 121 -4.29 -11.55 51.71
N PRO F 122 -4.34 -11.04 52.95
CA PRO F 122 -5.60 -10.40 53.41
C PRO F 122 -6.08 -9.27 52.52
N ILE F 123 -5.16 -8.46 51.98
CA ILE F 123 -5.55 -7.40 51.07
C ILE F 123 -6.30 -7.96 49.87
N LEU F 124 -5.82 -9.09 49.34
CA LEU F 124 -6.51 -9.74 48.24
C LEU F 124 -7.84 -10.34 48.68
N ASP F 125 -7.91 -10.79 49.94
CA ASP F 125 -9.09 -11.52 50.39
C ASP F 125 -10.35 -10.68 50.29
N GLN F 126 -10.23 -9.36 50.42
CA GLN F 126 -11.41 -8.51 50.35
C GLN F 126 -11.65 -7.94 48.96
N ILE F 127 -10.86 -8.32 47.96
CA ILE F 127 -11.12 -7.90 46.58
C ILE F 127 -11.05 -9.12 45.67
N LYS F 128 -11.04 -10.31 46.27
CA LYS F 128 -10.84 -11.54 45.50
C LYS F 128 -11.98 -11.76 44.51
N GLY F 129 -13.22 -11.65 44.97
CA GLY F 129 -14.37 -11.91 44.12
C GLY F 129 -14.61 -10.84 43.07
N ARG F 130 -14.14 -9.62 43.31
CA ARG F 130 -14.31 -8.54 42.35
C ARG F 130 -13.39 -8.69 41.15
N ILE F 131 -12.32 -9.49 41.28
CA ILE F 131 -11.28 -9.60 40.27
C ILE F 131 -11.70 -10.63 39.23
N ASP F 132 -11.51 -10.27 37.96
CA ASP F 132 -11.75 -11.18 36.86
C ASP F 132 -10.45 -11.33 36.07
N THR F 133 -10.51 -11.97 34.91
CA THR F 133 -9.43 -12.00 33.92
C THR F 133 -8.10 -12.48 34.50
N VAL F 134 -8.11 -13.02 35.72
CA VAL F 134 -6.91 -13.55 36.36
C VAL F 134 -7.09 -15.05 36.51
N THR F 135 -6.15 -15.82 35.97
CA THR F 135 -6.27 -17.26 35.90
C THR F 135 -5.49 -17.99 36.97
N ARG F 136 -4.38 -17.43 37.46
CA ARG F 136 -3.59 -18.14 38.46
C ARG F 136 -3.02 -17.16 39.48
N TYR F 137 -2.98 -17.62 40.73
CA TYR F 137 -2.33 -16.94 41.83
C TYR F 137 -1.17 -17.80 42.32
N VAL F 138 0.01 -17.21 42.41
CA VAL F 138 1.20 -17.87 42.92
C VAL F 138 1.57 -17.22 44.23
N VAL F 139 1.49 -18.00 45.31
CA VAL F 139 1.74 -17.50 46.67
C VAL F 139 3.22 -17.65 46.97
N LEU F 140 3.84 -16.56 47.41
CA LEU F 140 5.26 -16.52 47.73
C LEU F 140 5.44 -16.59 49.23
N ARG F 141 6.49 -17.29 49.67
CA ARG F 141 6.79 -17.46 51.08
C ARG F 141 8.30 -17.38 51.28
N ASP F 142 8.70 -17.16 52.52
CA ASP F 142 10.11 -17.08 52.88
C ASP F 142 10.68 -18.40 53.37
N ASP F 143 9.91 -19.48 53.32
CA ASP F 143 10.36 -20.81 53.71
C ASP F 143 10.28 -21.74 52.50
N GLU F 144 10.46 -23.04 52.75
CA GLU F 144 10.43 -24.03 51.68
C GLU F 144 9.05 -24.24 51.07
N GLU F 145 8.00 -23.69 51.68
CA GLU F 145 6.64 -23.90 51.19
C GLU F 145 6.25 -22.95 50.07
N CYS F 146 7.19 -22.14 49.58
CA CYS F 146 6.87 -21.18 48.53
C CYS F 146 6.43 -21.89 47.25
N GLU F 147 5.35 -21.39 46.64
CA GLU F 147 4.91 -21.95 45.37
C GLU F 147 5.82 -21.54 44.22
N TYR F 148 6.47 -20.38 44.33
CA TYR F 148 7.41 -19.94 43.32
C TYR F 148 8.59 -20.89 43.21
N GLU F 149 9.16 -21.30 44.35
CA GLU F 149 10.26 -22.25 44.32
C GLU F 149 9.83 -23.59 43.79
N ARG F 150 8.64 -24.06 44.19
CA ARG F 150 8.13 -25.34 43.71
C ARG F 150 7.95 -25.32 42.19
N LEU F 151 7.43 -24.21 41.66
CA LEU F 151 7.28 -24.07 40.23
C LEU F 151 8.63 -24.02 39.52
N LEU F 152 9.63 -23.39 40.02
CA LEU F 152 10.93 -23.40 39.40
C LEU F 152 11.56 -24.76 39.46
N GLU F 153 11.49 -25.51 40.54
CA GLU F 153 12.19 -26.80 40.57
C GLU F 153 11.73 -27.73 39.46
N GLN F 154 10.49 -27.70 39.07
CA GLN F 154 9.99 -28.59 38.07
C GLN F 154 10.46 -28.27 36.70
N GLU F 155 11.39 -27.35 36.54
CA GLU F 155 11.78 -26.90 35.22
C GLU F 155 13.24 -27.07 34.90
N SER F 156 13.60 -26.87 33.63
CA SER F 156 15.00 -27.04 33.29
C SER F 156 15.70 -25.68 33.21
N THR F 157 17.03 -25.72 33.36
CA THR F 157 17.81 -24.50 33.36
C THR F 157 18.13 -24.01 31.95
N GLU F 158 17.71 -24.75 30.92
CA GLU F 158 17.92 -24.32 29.54
C GLU F 158 16.74 -23.48 29.07
N TYR F 159 17.02 -22.48 28.24
CA TYR F 159 15.98 -21.69 27.58
C TYR F 159 16.64 -20.84 26.50
N ASN F 160 15.92 -20.64 25.40
CA ASN F 160 16.36 -19.81 24.29
C ASN F 160 15.47 -18.59 24.23
N PHE F 161 16.00 -17.45 24.64
CA PHE F 161 15.21 -16.24 24.78
C PHE F 161 14.96 -15.60 23.42
N PRO F 162 13.74 -15.21 23.10
CA PRO F 162 13.44 -14.67 21.77
C PRO F 162 14.05 -13.29 21.55
N ASP F 163 14.17 -12.93 20.28
CA ASP F 163 14.54 -11.60 19.87
C ASP F 163 13.35 -10.93 19.19
N PHE F 164 12.97 -9.77 19.68
CA PHE F 164 11.83 -9.05 19.14
C PHE F 164 12.20 -7.58 19.02
N ASP F 165 11.23 -6.78 18.61
CA ASP F 165 11.44 -5.35 18.46
C ASP F 165 11.72 -4.69 19.80
N GLU F 166 12.61 -3.70 19.81
CA GLU F 166 13.00 -3.03 21.03
C GLU F 166 11.91 -2.11 21.57
N ASN F 167 10.86 -1.85 20.81
CA ASN F 167 9.79 -0.96 21.25
C ASN F 167 8.64 -1.70 21.90
N THR F 168 8.76 -3.01 22.12
CA THR F 168 7.74 -3.74 22.86
C THR F 168 7.77 -3.35 24.33
N VAL F 169 6.58 -3.17 24.90
CA VAL F 169 6.47 -2.72 26.29
C VAL F 169 6.99 -3.79 27.23
N ALA F 170 7.78 -3.37 28.21
CA ALA F 170 8.40 -4.25 29.18
C ALA F 170 7.80 -4.15 30.57
N THR F 171 7.62 -2.95 31.10
CA THR F 171 7.14 -2.77 32.46
C THR F 171 6.05 -1.71 32.49
N THR F 172 5.22 -1.79 33.52
CA THR F 172 4.17 -0.81 33.75
C THR F 172 3.86 -0.74 35.23
N PHE F 173 3.42 0.44 35.68
CA PHE F 173 2.96 0.63 37.04
C PHE F 173 2.07 1.87 37.06
N TYR F 174 1.37 2.08 38.13
CA TYR F 174 0.40 3.11 38.22
C TYR F 174 0.76 4.10 39.21
N THR F 175 0.49 5.34 38.91
CA THR F 175 0.77 6.43 39.81
C THR F 175 -0.49 7.12 40.18
N THR F 176 -0.57 7.61 41.38
CA THR F 176 -1.73 8.37 41.79
C THR F 176 -1.75 9.74 41.15
N GLY F 177 -0.97 10.65 41.69
CA GLY F 177 -0.92 12.01 41.20
C GLY F 177 -2.11 12.83 41.65
N THR F 178 -2.51 13.78 40.82
CA THR F 178 -3.62 14.69 41.13
C THR F 178 -4.93 14.25 40.49
N THR F 179 -4.94 13.15 39.74
CA THR F 179 -6.14 12.72 39.03
C THR F 179 -7.07 11.96 39.98
N GLY F 180 -8.29 11.72 39.50
CA GLY F 180 -9.27 10.98 40.28
C GLY F 180 -9.02 9.49 40.34
N PHE F 181 -8.33 8.93 39.36
CA PHE F 181 -7.97 7.53 39.32
C PHE F 181 -6.48 7.39 39.06
N PRO F 182 -5.88 6.27 39.46
CA PRO F 182 -4.45 6.07 39.16
C PRO F 182 -4.20 6.04 37.66
N LYS F 183 -3.05 6.57 37.26
CA LYS F 183 -2.66 6.65 35.86
C LYS F 183 -1.55 5.64 35.58
N GLY F 184 -1.66 4.93 34.46
CA GLY F 184 -0.70 3.90 34.12
C GLY F 184 0.37 4.42 33.19
N VAL F 185 1.62 4.17 33.55
CA VAL F 185 2.78 4.56 32.76
C VAL F 185 3.54 3.31 32.39
N PHE F 186 4.09 3.28 31.17
CA PHE F 186 4.75 2.10 30.65
C PHE F 186 6.05 2.50 29.97
N PHE F 187 6.97 1.55 29.89
CA PHE F 187 8.26 1.76 29.27
C PHE F 187 8.60 0.56 28.42
N THR F 188 9.48 0.76 27.45
CA THR F 188 9.88 -0.30 26.54
C THR F 188 11.27 -0.83 26.90
N HIS F 189 11.68 -1.88 26.19
CA HIS F 189 13.02 -2.44 26.40
C HIS F 189 14.09 -1.41 26.09
N ARG F 190 13.92 -0.69 24.98
CA ARG F 190 14.91 0.30 24.56
C ARG F 190 15.05 1.40 25.60
N GLN F 191 13.93 1.87 26.16
CA GLN F 191 13.98 2.93 27.16
C GLN F 191 14.71 2.48 28.41
N LEU F 192 14.47 1.26 28.87
CA LEU F 192 15.14 0.78 30.08
C LEU F 192 16.63 0.58 29.85
N VAL F 193 17.01 0.04 28.70
CA VAL F 193 18.42 -0.13 28.39
C VAL F 193 19.11 1.23 28.29
N LEU F 194 18.46 2.20 27.64
CA LEU F 194 19.04 3.53 27.51
C LEU F 194 19.14 4.22 28.87
N HIS F 195 18.15 4.02 29.74
CA HIS F 195 18.22 4.60 31.07
C HIS F 195 19.40 4.04 31.85
N THR F 196 19.61 2.73 31.78
CA THR F 196 20.76 2.13 32.44
C THR F 196 22.07 2.70 31.90
N MET F 197 22.21 2.73 30.56
CA MET F 197 23.42 3.27 29.96
C MET F 197 23.68 4.72 30.36
N GLY F 198 22.64 5.56 30.27
CA GLY F 198 22.84 6.98 30.54
C GLY F 198 23.17 7.26 31.99
N ILE F 199 22.47 6.61 32.92
CA ILE F 199 22.73 6.90 34.33
C ILE F 199 24.09 6.34 34.73
N LEU F 200 24.49 5.18 34.16
CA LEU F 200 25.82 4.65 34.45
C LEU F 200 26.91 5.55 33.90
N SER F 201 26.70 6.12 32.71
CA SER F 201 27.65 7.08 32.17
C SER F 201 27.73 8.35 32.99
N THR F 202 26.61 8.80 33.56
CA THR F 202 26.60 10.04 34.34
C THR F 202 27.24 9.86 35.71
N ILE F 203 26.79 8.88 36.49
CA ILE F 203 27.28 8.79 37.86
C ILE F 203 28.53 7.92 37.94
N GLY F 204 28.78 7.07 36.95
CA GLY F 204 29.97 6.24 36.99
C GLY F 204 31.26 7.00 36.72
N THR F 205 31.17 8.12 36.00
CA THR F 205 32.34 8.88 35.59
C THR F 205 32.71 10.00 36.54
N ASN F 206 32.05 10.11 37.69
CA ASN F 206 32.43 11.12 38.66
C ASN F 206 33.83 10.84 39.18
N ALA F 207 34.54 11.92 39.52
CA ALA F 207 35.95 11.78 39.90
C ALA F 207 36.10 11.01 41.21
N SER F 208 35.57 11.56 42.30
CA SER F 208 35.80 10.96 43.60
C SER F 208 34.59 10.96 44.54
N GLN F 209 33.43 11.43 44.10
CA GLN F 209 32.28 11.54 45.00
C GLN F 209 31.04 10.97 44.33
N GLY F 210 30.28 10.20 45.10
CA GLY F 210 28.96 9.76 44.67
C GLY F 210 28.93 8.96 43.39
N ARG F 211 29.86 8.02 43.23
CA ARG F 211 29.96 7.24 42.01
C ARG F 211 29.65 5.78 42.31
N LEU F 212 28.96 5.12 41.38
CA LEU F 212 28.68 3.70 41.45
C LEU F 212 29.65 2.98 40.52
N HIS F 213 30.50 2.13 41.08
CA HIS F 213 31.48 1.41 40.30
C HIS F 213 31.36 -0.09 40.55
N GLN F 214 32.24 -0.86 39.91
CA GLN F 214 32.15 -2.31 39.93
C GLN F 214 32.57 -2.92 41.25
N GLY F 215 33.12 -2.13 42.17
CA GLY F 215 33.50 -2.63 43.47
C GLY F 215 32.50 -2.41 44.59
N ASP F 216 31.28 -1.96 44.27
CA ASP F 216 30.30 -1.62 45.28
C ASP F 216 29.43 -2.82 45.65
N ILE F 217 28.73 -2.69 46.77
CA ILE F 217 27.73 -3.66 47.21
C ILE F 217 26.40 -2.93 47.35
N TYR F 218 25.39 -3.41 46.64
CA TYR F 218 24.14 -2.67 46.45
C TYR F 218 23.06 -3.19 47.39
N MET F 219 22.21 -2.27 47.86
CA MET F 219 21.06 -2.57 48.72
C MET F 219 19.93 -1.59 48.47
N PRO F 220 18.77 -2.06 48.01
CA PRO F 220 17.61 -1.18 47.90
C PRO F 220 16.99 -0.90 49.26
N ILE F 221 16.54 0.34 49.45
CA ILE F 221 15.72 0.70 50.60
C ILE F 221 14.51 1.47 50.09
N THR F 222 14.35 1.48 48.76
CA THR F 222 13.14 1.98 48.12
C THR F 222 12.25 0.80 47.77
N PRO F 223 10.92 0.95 47.92
CA PRO F 223 10.01 -0.21 47.83
C PRO F 223 10.14 -1.07 46.58
N MET F 224 10.76 -0.60 45.51
CA MET F 224 11.12 -1.38 44.32
C MET F 224 9.92 -1.70 43.44
N PHE F 225 8.69 -1.40 43.89
CA PHE F 225 7.52 -1.48 43.04
C PHE F 225 7.06 -0.11 42.57
N HIS F 226 7.91 0.91 42.70
CA HIS F 226 7.48 2.29 42.46
C HIS F 226 8.07 2.89 41.20
N VAL F 227 9.40 2.96 41.09
CA VAL F 227 10.03 3.60 39.95
C VAL F 227 11.11 2.70 39.35
N HIS F 228 10.89 1.39 39.40
CA HIS F 228 11.91 0.38 39.08
C HIS F 228 13.04 0.40 40.09
N ALA F 229 12.76 0.82 41.32
CA ALA F 229 13.79 1.10 42.31
C ALA F 229 14.87 2.01 41.73
N TRP F 230 14.43 3.09 41.09
CA TRP F 230 15.29 4.08 40.43
C TRP F 230 16.17 3.45 39.35
N GLY F 231 15.79 2.28 38.84
CA GLY F 231 16.59 1.57 37.87
C GLY F 231 17.84 0.94 38.42
N LEU F 232 18.05 1.01 39.73
CA LEU F 232 19.29 0.50 40.31
C LEU F 232 19.47 -1.00 40.15
N PRO F 233 18.45 -1.85 40.35
CA PRO F 233 18.67 -3.28 40.12
C PRO F 233 19.12 -3.61 38.70
N TYR F 234 18.66 -2.87 37.70
CA TYR F 234 19.15 -3.07 36.34
C TYR F 234 20.61 -2.65 36.22
N MET F 235 21.00 -1.56 36.87
CA MET F 235 22.38 -1.11 36.83
C MET F 235 23.30 -2.08 37.56
N ALA F 236 22.93 -2.46 38.78
CA ALA F 236 23.80 -3.29 39.59
C ALA F 236 24.07 -4.63 38.92
N THR F 237 23.02 -5.25 38.38
CA THR F 237 23.20 -6.50 37.65
C THR F 237 24.17 -6.33 36.49
N MET F 238 24.15 -5.16 35.85
CA MET F 238 25.05 -4.95 34.73
C MET F 238 26.50 -4.79 35.20
N LEU F 239 26.70 -4.29 36.41
CA LEU F 239 28.05 -4.20 36.93
C LEU F 239 28.52 -5.50 37.56
N GLY F 240 27.64 -6.47 37.74
CA GLY F 240 28.01 -7.72 38.38
C GLY F 240 28.44 -7.57 39.82
N VAL F 241 27.78 -6.68 40.55
CA VAL F 241 28.15 -6.41 41.93
C VAL F 241 27.29 -7.26 42.85
N LYS F 242 27.75 -7.39 44.09
CA LYS F 242 26.97 -8.09 45.11
C LYS F 242 25.71 -7.31 45.43
N GLN F 243 24.59 -8.01 45.55
CA GLN F 243 23.29 -7.41 45.80
C GLN F 243 22.69 -8.02 47.06
N VAL F 244 22.20 -7.17 47.95
CA VAL F 244 21.61 -7.59 49.21
C VAL F 244 20.19 -7.06 49.27
N TYR F 245 19.25 -7.92 49.62
CA TYR F 245 17.83 -7.56 49.68
C TYR F 245 17.32 -7.76 51.09
N PRO F 246 16.85 -6.71 51.76
CA PRO F 246 16.47 -6.87 53.18
C PRO F 246 15.07 -7.43 53.38
N GLY F 247 14.11 -7.06 52.53
CA GLY F 247 12.74 -7.45 52.76
C GLY F 247 11.88 -6.38 53.41
N LYS F 248 11.69 -6.48 54.72
CA LYS F 248 10.66 -5.70 55.42
C LYS F 248 11.11 -4.29 55.80
N TYR F 249 12.38 -3.94 55.58
CA TYR F 249 12.90 -2.60 55.89
C TYR F 249 12.82 -2.27 57.38
N VAL F 250 13.11 -3.25 58.23
CA VAL F 250 13.20 -2.97 59.66
C VAL F 250 14.53 -2.26 59.95
N PRO F 251 14.53 -1.15 60.70
CA PRO F 251 15.80 -0.43 60.92
C PRO F 251 16.88 -1.28 61.56
N ASP F 252 16.61 -2.18 62.48
CA ASP F 252 17.67 -2.92 63.11
C ASP F 252 18.08 -4.14 62.35
N VAL F 253 17.47 -4.37 61.22
CA VAL F 253 17.76 -5.50 60.42
C VAL F 253 18.53 -4.86 59.33
N LEU F 254 18.11 -3.67 58.90
CA LEU F 254 18.86 -2.93 57.89
C LEU F 254 20.25 -2.56 58.39
N LEU F 255 20.35 -2.08 59.64
CA LEU F 255 21.66 -1.72 60.18
C LEU F 255 22.54 -2.95 60.32
N ASN F 256 21.97 -4.07 60.77
CA ASN F 256 22.76 -5.30 60.89
C ASN F 256 23.26 -5.75 59.52
N LEU F 257 22.42 -5.63 58.49
CA LEU F 257 22.82 -6.05 57.15
C LEU F 257 23.90 -5.15 56.58
N ILE F 258 23.81 -3.84 56.82
CA ILE F 258 24.87 -2.94 56.36
C ILE F 258 26.17 -3.27 57.09
N GLU F 259 26.09 -3.55 58.39
CA GLU F 259 27.28 -3.89 59.15
C GLU F 259 27.92 -5.18 58.67
N GLN F 260 27.11 -6.20 58.39
CA GLN F 260 27.61 -7.55 58.13
C GLN F 260 27.95 -7.80 56.67
N GLU F 261 27.09 -7.37 55.74
CA GLU F 261 27.34 -7.56 54.32
C GLU F 261 28.22 -6.46 53.72
N LYS F 262 28.57 -5.44 54.51
CA LYS F 262 29.45 -4.35 54.06
C LYS F 262 28.85 -3.61 52.87
N VAL F 263 27.64 -3.09 53.05
CA VAL F 263 26.95 -2.39 51.97
C VAL F 263 27.58 -1.03 51.76
N THR F 264 27.76 -0.63 50.50
CA THR F 264 28.38 0.63 50.18
C THR F 264 27.53 1.56 49.32
N PHE F 265 26.45 1.07 48.72
CA PHE F 265 25.57 1.89 47.90
C PHE F 265 24.12 1.56 48.20
N SER F 266 23.29 2.60 48.32
CA SER F 266 21.89 2.41 48.66
C SER F 266 21.09 3.61 48.15
N HIS F 267 19.78 3.45 48.16
CA HIS F 267 18.85 4.55 47.91
C HIS F 267 17.68 4.40 48.87
N CYS F 268 17.28 5.49 49.51
CA CYS F 268 16.18 5.45 50.45
C CYS F 268 15.44 6.78 50.42
N VAL F 269 14.60 7.01 51.41
CA VAL F 269 13.79 8.21 51.53
C VAL F 269 14.15 8.87 52.85
N PRO F 270 13.86 10.17 53.01
CA PRO F 270 14.28 10.87 54.24
C PRO F 270 13.79 10.24 55.53
N THR F 271 12.58 9.67 55.54
CA THR F 271 12.04 9.09 56.77
C THR F 271 12.86 7.87 57.21
N ILE F 272 13.16 6.98 56.28
CA ILE F 272 13.93 5.79 56.62
C ILE F 272 15.34 6.16 57.03
N LEU F 273 15.94 7.14 56.36
CA LEU F 273 17.29 7.58 56.73
C LEU F 273 17.29 8.18 58.12
N HIS F 274 16.27 8.98 58.45
CA HIS F 274 16.18 9.53 59.79
C HIS F 274 16.03 8.43 60.84
N LEU F 275 15.21 7.42 60.53
CA LEU F 275 15.07 6.28 61.45
C LEU F 275 16.40 5.56 61.65
N LEU F 276 17.14 5.34 60.56
CA LEU F 276 18.42 4.64 60.67
C LEU F 276 19.43 5.45 61.48
N LEU F 277 19.48 6.76 61.26
CA LEU F 277 20.44 7.59 61.97
C LEU F 277 20.09 7.73 63.45
N SER F 278 18.79 7.77 63.77
CA SER F 278 18.38 7.95 65.15
C SER F 278 18.35 6.66 65.95
N SER F 279 18.44 5.50 65.31
CA SER F 279 18.38 4.24 66.03
C SER F 279 19.59 4.08 66.93
N PRO F 280 19.42 3.62 68.17
CA PRO F 280 20.56 3.52 69.10
C PRO F 280 21.65 2.58 68.63
N LYS F 281 21.30 1.48 67.97
CA LYS F 281 22.29 0.53 67.49
C LYS F 281 23.28 1.15 66.51
N SER F 282 22.87 2.18 65.78
CA SER F 282 23.74 2.86 64.83
C SER F 282 24.68 3.85 65.51
N LYS F 283 24.56 4.06 66.82
CA LYS F 283 25.42 5.02 67.50
C LYS F 283 26.89 4.61 67.49
N ALA F 284 27.18 3.32 67.37
CA ALA F 284 28.55 2.81 67.38
C ALA F 284 28.80 1.88 66.20
N MET F 285 28.42 2.32 65.00
CA MET F 285 28.60 1.55 63.79
C MET F 285 29.22 2.42 62.71
N ASP F 286 30.24 1.88 62.04
CA ASP F 286 30.96 2.64 61.02
C ASP F 286 30.08 2.90 59.80
N PHE F 287 30.09 4.15 59.33
CA PHE F 287 29.25 4.58 58.23
C PHE F 287 30.03 5.17 57.06
N SER F 288 31.36 5.27 57.18
CA SER F 288 32.13 6.04 56.21
C SER F 288 32.55 5.20 55.00
N GLY F 289 31.61 4.45 54.46
CA GLY F 289 31.80 3.76 53.20
C GLY F 289 30.52 3.70 52.41
N TRP F 290 29.50 4.42 52.90
CA TRP F 290 28.13 4.27 52.43
C TRP F 290 27.73 5.49 51.62
N LYS F 291 27.00 5.27 50.54
CA LYS F 291 26.66 6.31 49.56
C LYS F 291 25.17 6.39 49.30
N VAL F 292 24.36 6.53 50.34
CA VAL F 292 22.92 6.57 50.17
C VAL F 292 22.50 7.71 49.26
N VAL F 293 21.53 7.43 48.38
CA VAL F 293 20.95 8.42 47.48
C VAL F 293 19.52 8.68 47.94
N ILE F 294 19.20 9.94 48.20
CA ILE F 294 17.88 10.32 48.69
C ILE F 294 17.06 10.79 47.50
N GLY F 295 15.94 10.12 47.25
CA GLY F 295 15.17 10.42 46.07
C GLY F 295 13.67 10.53 46.29
N GLY F 296 13.21 10.24 47.50
CA GLY F 296 11.80 10.30 47.77
C GLY F 296 11.20 11.67 47.56
N ALA F 297 11.53 12.62 48.43
CA ALA F 297 11.09 13.99 48.26
C ALA F 297 11.84 14.90 49.22
N ALA F 298 12.43 15.96 48.68
CA ALA F 298 12.89 17.11 49.45
C ALA F 298 13.77 16.70 50.64
N LEU F 299 14.96 16.20 50.31
CA LEU F 299 15.95 15.95 51.35
C LEU F 299 16.20 17.21 52.16
N PRO F 300 15.83 17.25 53.42
CA PRO F 300 16.00 18.48 54.21
C PRO F 300 17.45 18.73 54.58
N LYS F 301 17.77 20.00 54.82
CA LYS F 301 19.14 20.38 55.11
C LYS F 301 19.61 19.82 56.46
N ALA F 302 18.73 19.78 57.45
CA ALA F 302 19.11 19.31 58.77
C ALA F 302 19.45 17.82 58.74
N LEU F 303 18.63 17.02 58.05
CA LEU F 303 18.92 15.60 57.91
C LEU F 303 20.22 15.38 57.15
N CYS F 304 20.44 16.15 56.08
CA CYS F 304 21.67 16.01 55.31
C CYS F 304 22.89 16.36 56.15
N LYS F 305 22.80 17.42 56.95
CA LYS F 305 23.91 17.81 57.82
C LYS F 305 24.19 16.73 58.86
N SER F 306 23.15 16.19 59.48
CA SER F 306 23.34 15.17 60.50
C SER F 306 23.94 13.90 59.89
N ALA F 307 23.53 13.54 58.68
CA ALA F 307 24.15 12.42 57.99
C ALA F 307 25.60 12.72 57.62
N LEU F 308 25.90 13.97 57.26
CA LEU F 308 27.27 14.33 56.88
C LEU F 308 28.21 14.28 58.07
N GLU F 309 27.70 14.59 59.27
CA GLU F 309 28.55 14.46 60.46
C GLU F 309 28.91 13.02 60.75
N ARG F 310 28.21 12.06 60.16
CA ARG F 310 28.52 10.63 60.30
C ARG F 310 29.40 10.11 59.16
N ASP F 311 29.89 11.00 58.29
CA ASP F 311 30.75 10.64 57.17
C ASP F 311 30.02 9.74 56.17
N ILE F 312 28.80 10.13 55.84
CA ILE F 312 28.00 9.44 54.85
C ILE F 312 27.93 10.30 53.60
N ASP F 313 28.25 9.71 52.46
CA ASP F 313 28.19 10.40 51.17
C ASP F 313 26.73 10.43 50.73
N VAL F 314 25.97 11.36 51.31
CA VAL F 314 24.54 11.48 51.06
C VAL F 314 24.34 12.54 49.99
N PHE F 315 23.52 12.23 48.99
CA PHE F 315 23.20 13.17 47.94
C PHE F 315 21.81 12.86 47.39
N ALA F 316 21.21 13.85 46.75
CA ALA F 316 19.83 13.77 46.33
C ALA F 316 19.70 13.56 44.83
N GLY F 317 18.54 13.06 44.43
CA GLY F 317 18.22 12.88 43.02
C GLY F 317 16.75 13.15 42.78
N TYR F 318 16.43 13.42 41.52
CA TYR F 318 15.08 13.81 41.14
C TYR F 318 14.52 12.82 40.12
N GLY F 319 13.26 12.42 40.32
CA GLY F 319 12.55 11.53 39.44
C GLY F 319 11.11 11.43 39.89
N MET F 320 10.15 11.32 38.97
CA MET F 320 8.76 11.49 39.33
C MET F 320 7.82 10.54 38.58
N SER F 321 8.23 9.30 38.39
CA SER F 321 7.37 8.16 38.03
C SER F 321 6.90 8.16 36.58
N GLU F 322 7.12 9.22 35.82
CA GLU F 322 6.83 9.23 34.39
C GLU F 322 8.08 9.52 33.59
N THR F 323 9.25 9.53 34.22
CA THR F 323 10.45 10.08 33.60
C THR F 323 11.63 9.13 33.73
N GLY F 324 11.39 7.84 33.97
CA GLY F 324 12.46 6.87 33.91
C GLY F 324 12.82 6.09 35.16
N PRO F 325 12.90 6.74 36.34
CA PRO F 325 12.56 8.11 36.73
C PRO F 325 13.67 9.15 36.68
N ILE F 326 14.94 8.78 36.63
CA ILE F 326 16.01 9.72 36.97
C ILE F 326 16.12 10.80 35.92
N LEU F 327 16.14 12.05 36.37
CA LEU F 327 16.30 13.24 35.55
C LEU F 327 17.50 14.09 35.96
N SER F 328 17.80 14.15 37.26
CA SER F 328 18.90 14.98 37.74
C SER F 328 19.46 14.41 39.03
N ILE F 329 20.76 14.55 39.22
CA ILE F 329 21.46 14.12 40.43
C ILE F 329 22.49 15.17 40.79
N VAL F 330 22.66 15.44 42.08
CA VAL F 330 23.67 16.39 42.51
C VAL F 330 25.05 15.76 42.40
N GLN F 331 25.97 16.46 41.74
CA GLN F 331 27.36 16.06 41.63
C GLN F 331 28.24 17.22 42.09
N LEU F 332 29.20 16.94 42.95
CA LEU F 332 30.04 17.96 43.53
C LEU F 332 31.41 17.99 42.84
N THR F 333 31.80 19.18 42.39
CA THR F 333 33.09 19.39 41.75
C THR F 333 34.21 19.33 42.79
N PRO F 334 35.45 19.12 42.35
CA PRO F 334 36.55 18.96 43.33
C PRO F 334 36.72 20.16 44.26
N GLU F 335 36.39 21.36 43.83
CA GLU F 335 36.51 22.51 44.73
C GLU F 335 35.29 22.67 45.63
N GLN F 336 34.20 21.96 45.36
CA GLN F 336 33.05 21.96 46.25
C GLN F 336 33.18 20.93 47.36
N LEU F 337 34.14 20.01 47.28
CA LEU F 337 34.38 19.06 48.36
C LEU F 337 35.17 19.65 49.51
N GLU F 338 35.79 20.81 49.31
CA GLU F 338 36.57 21.44 50.37
C GLU F 338 35.73 22.33 51.28
N LEU F 339 34.47 22.56 50.93
CA LEU F 339 33.60 23.37 51.78
C LEU F 339 33.24 22.61 53.04
N ASP F 340 32.94 23.35 54.10
CA ASP F 340 32.53 22.74 55.36
C ASP F 340 31.10 22.26 55.26
N VAL F 341 30.62 21.64 56.34
CA VAL F 341 29.34 20.94 56.34
C VAL F 341 28.16 21.88 56.03
N ASP F 342 28.25 23.14 56.44
CA ASP F 342 27.14 24.06 56.19
C ASP F 342 26.92 24.28 54.71
N GLN F 343 27.98 24.54 53.95
CA GLN F 343 27.87 24.64 52.50
C GLN F 343 27.69 23.28 51.83
N GLN F 344 28.17 22.21 52.48
CA GLN F 344 27.98 20.87 51.93
C GLN F 344 26.49 20.51 51.88
N ALA F 345 25.79 20.72 52.98
CA ALA F 345 24.36 20.44 53.05
C ALA F 345 23.54 21.36 52.16
N GLU F 346 24.05 22.55 51.84
CA GLU F 346 23.34 23.42 50.90
C GLU F 346 23.28 22.80 49.51
N TYR F 347 24.43 22.34 49.01
CA TYR F 347 24.52 21.74 47.67
C TYR F 347 23.92 20.34 47.61
N ARG F 348 24.15 19.51 48.62
CA ARG F 348 23.71 18.13 48.54
C ARG F 348 22.19 18.00 48.62
N SER F 349 21.51 19.04 49.11
CA SER F 349 20.06 19.00 49.24
C SER F 349 19.32 19.51 48.02
N LYS F 350 20.03 20.01 47.01
CA LYS F 350 19.38 20.56 45.83
C LYS F 350 18.84 19.46 44.94
N THR F 351 18.05 19.86 43.95
CA THR F 351 17.55 18.90 42.97
C THR F 351 18.69 18.35 42.10
N GLY F 352 19.59 19.21 41.65
CA GLY F 352 20.81 18.79 41.00
C GLY F 352 20.81 19.10 39.52
N LYS F 353 21.99 18.95 38.93
CA LYS F 353 22.17 19.10 37.49
C LYS F 353 21.54 17.94 36.76
N LYS F 354 21.00 18.22 35.56
CA LYS F 354 20.37 17.18 34.76
C LYS F 354 21.40 16.19 34.26
N VAL F 355 20.98 14.93 34.14
CA VAL F 355 21.84 13.83 33.72
C VAL F 355 22.01 13.86 32.21
N ALA F 356 22.89 13.00 31.69
CA ALA F 356 23.15 12.96 30.26
C ALA F 356 21.88 12.71 29.47
N LEU F 357 21.75 13.43 28.35
CA LEU F 357 20.65 13.28 27.39
C LEU F 357 19.33 13.81 27.93
N VAL F 358 19.36 14.88 28.72
CA VAL F 358 18.17 15.49 29.30
C VAL F 358 18.23 16.99 29.02
N GLU F 359 17.09 17.59 28.68
CA GLU F 359 17.06 19.00 28.30
C GLU F 359 16.65 19.92 29.45
N ALA F 360 15.50 19.66 30.08
CA ALA F 360 15.13 20.28 31.36
C ALA F 360 15.08 21.81 31.27
N TYR F 361 14.08 22.32 30.55
CA TYR F 361 13.83 23.75 30.47
C TYR F 361 12.85 24.19 31.56
N ILE F 362 12.85 25.50 31.83
CA ILE F 362 11.91 26.12 32.76
C ILE F 362 10.99 27.01 31.94
N VAL F 363 9.69 26.97 32.13
CA VAL F 363 8.76 27.70 31.28
C VAL F 363 7.59 28.29 32.04
N ASP F 364 6.76 29.11 31.40
CA ASP F 364 5.52 29.62 31.99
C ASP F 364 4.34 29.02 31.20
N GLU F 365 3.09 29.27 31.52
CA GLU F 365 1.95 28.76 30.75
C GLU F 365 2.07 29.07 29.27
N ASP F 366 2.76 30.15 28.93
CA ASP F 366 2.94 30.54 27.54
C ASP F 366 4.12 29.82 26.88
N MET F 367 4.78 28.90 27.59
CA MET F 367 5.96 28.21 27.10
C MET F 367 7.08 29.19 26.73
N ASN F 368 7.31 30.17 27.61
CA ASN F 368 8.18 31.29 27.28
C ASN F 368 9.65 31.04 27.60
N LYS F 369 9.99 29.94 28.27
CA LYS F 369 11.38 29.57 28.53
C LYS F 369 12.12 30.67 29.30
N LEU F 370 11.72 30.80 30.56
CA LEU F 370 12.27 31.82 31.43
C LEU F 370 13.77 31.66 31.58
N PRO F 371 14.52 32.74 31.82
CA PRO F 371 15.97 32.64 31.92
C PRO F 371 16.40 31.93 33.21
N HIS F 372 17.65 31.47 33.20
CA HIS F 372 18.24 30.77 34.34
C HIS F 372 19.05 31.73 35.20
N ASP F 373 18.35 32.73 35.73
CA ASP F 373 18.99 33.74 36.57
C ASP F 373 19.30 33.22 37.97
N GLY F 374 18.41 32.41 38.54
CA GLY F 374 18.64 31.89 39.87
C GLY F 374 17.47 32.08 40.81
N GLU F 375 16.57 33.01 40.47
CA GLU F 375 15.40 33.26 41.30
C GLU F 375 14.08 33.19 40.52
N THR F 376 14.11 33.27 39.20
CA THR F 376 12.89 33.20 38.42
C THR F 376 12.41 31.75 38.33
N ALA F 377 11.26 31.48 38.92
CA ALA F 377 10.75 30.12 39.00
C ALA F 377 9.73 29.85 37.90
N GLY F 378 9.56 28.56 37.59
CA GLY F 378 8.62 28.14 36.57
C GLY F 378 8.54 26.64 36.57
N GLU F 379 7.63 26.12 35.75
CA GLU F 379 7.46 24.68 35.63
C GLU F 379 8.61 24.07 34.84
N ILE F 380 9.00 22.87 35.23
CA ILE F 380 10.06 22.11 34.57
C ILE F 380 9.43 21.28 33.46
N VAL F 381 9.97 21.41 32.25
CA VAL F 381 9.55 20.60 31.11
C VAL F 381 10.79 19.94 30.53
N VAL F 382 10.71 18.63 30.28
CA VAL F 382 11.90 17.85 29.98
C VAL F 382 11.71 17.06 28.69
N ARG F 383 12.85 16.66 28.12
CA ARG F 383 12.90 15.75 26.98
C ARG F 383 14.05 14.78 27.25
N ALA F 384 13.73 13.51 27.37
CA ALA F 384 14.69 12.46 27.70
C ALA F 384 14.39 11.24 26.86
N PRO F 385 15.38 10.34 26.70
CA PRO F 385 15.13 9.12 25.93
C PRO F 385 14.23 8.12 26.62
N TRP F 386 13.84 8.34 27.87
CA TRP F 386 13.12 7.34 28.64
C TRP F 386 11.87 7.90 29.30
N LEU F 387 11.07 8.66 28.56
CA LEU F 387 9.83 9.24 29.06
C LEU F 387 8.65 8.44 28.52
N THR F 388 7.64 8.26 29.36
CA THR F 388 6.44 7.56 28.91
C THR F 388 5.72 8.41 27.86
N PRO F 389 5.38 7.84 26.70
CA PRO F 389 4.74 8.66 25.66
C PRO F 389 3.38 9.22 26.07
N ASN F 390 2.65 8.50 26.90
CA ASN F 390 1.30 8.89 27.29
C ASN F 390 0.90 8.08 28.51
N TYR F 391 -0.33 8.27 28.95
CA TYR F 391 -0.93 7.40 29.95
C TYR F 391 -1.68 6.27 29.27
N TYR F 392 -1.64 5.09 29.88
CA TYR F 392 -2.27 3.93 29.29
C TYR F 392 -3.80 4.09 29.28
N LYS F 393 -4.40 3.91 28.11
CA LYS F 393 -5.84 4.02 27.92
C LYS F 393 -6.39 5.38 28.34
N ASP F 394 -5.63 6.45 28.07
CA ASP F 394 -6.05 7.79 28.41
C ASP F 394 -5.71 8.72 27.26
N ASN F 395 -6.60 9.67 26.98
CA ASN F 395 -6.43 10.59 25.86
C ASN F 395 -6.25 12.03 26.31
N LYS F 396 -7.16 12.58 27.10
CA LYS F 396 -7.08 14.00 27.44
C LYS F 396 -6.01 14.27 28.48
N ASN F 397 -5.80 13.33 29.41
CA ASN F 397 -4.70 13.48 30.35
C ASN F 397 -3.36 13.36 29.64
N SER F 398 -3.28 12.48 28.63
CA SER F 398 -2.07 12.37 27.83
C SER F 398 -1.77 13.66 27.09
N LYS F 399 -2.74 14.39 26.59
CA LYS F 399 -2.46 15.62 25.93
C LYS F 399 -2.04 16.69 26.87
N ALA F 400 -2.49 16.72 28.10
CA ALA F 400 -1.95 17.69 29.05
C ALA F 400 -0.56 17.29 29.52
N LEU F 401 -0.25 16.00 29.49
CA LEU F 401 1.10 15.56 29.88
C LEU F 401 2.15 16.08 28.91
N TRP F 402 1.88 16.02 27.62
CA TRP F 402 2.85 16.40 26.59
C TRP F 402 2.46 17.69 25.89
N ARG F 403 1.89 18.64 26.62
CA ARG F 403 1.49 19.92 26.04
C ARG F 403 2.71 20.73 25.63
N GLY F 404 2.65 21.32 24.45
CA GLY F 404 3.71 22.17 23.98
C GLY F 404 4.95 21.46 23.47
N GLY F 405 4.88 20.15 23.29
CA GLY F 405 6.02 19.39 22.82
C GLY F 405 7.00 18.96 23.88
N TYR F 406 6.65 19.11 25.16
CA TYR F 406 7.52 18.73 26.26
C TYR F 406 6.69 18.01 27.32
N LEU F 407 7.36 17.20 28.12
CA LEU F 407 6.69 16.52 29.23
C LEU F 407 6.63 17.46 30.43
N HIS F 408 5.43 17.62 30.99
CA HIS F 408 5.20 18.53 32.10
C HIS F 408 5.31 17.76 33.40
N THR F 409 6.32 18.08 34.20
CA THR F 409 6.52 17.38 35.46
C THR F 409 5.57 17.84 36.54
N GLY F 410 5.09 19.07 36.49
CA GLY F 410 4.24 19.58 37.54
C GLY F 410 4.98 20.16 38.73
N ASP F 411 6.29 20.36 38.63
CA ASP F 411 7.08 20.95 39.70
C ASP F 411 7.58 22.33 39.28
N VAL F 412 7.55 23.26 40.24
CA VAL F 412 7.97 24.63 40.03
C VAL F 412 9.32 24.82 40.70
N ALA F 413 10.31 25.26 39.91
CA ALA F 413 11.70 25.35 40.32
C ALA F 413 12.36 26.52 39.62
N HIS F 414 13.50 26.95 40.15
CA HIS F 414 14.37 27.90 39.48
C HIS F 414 15.73 27.27 39.28
N ILE F 415 16.38 27.59 38.16
CA ILE F 415 17.64 26.97 37.76
C ILE F 415 18.74 28.01 37.82
N ASP F 416 19.83 27.67 38.48
CA ASP F 416 20.98 28.55 38.61
C ASP F 416 21.69 28.70 37.27
N ASP F 417 22.64 29.62 37.18
CA ASP F 417 23.47 29.76 35.96
C ASP F 417 24.37 28.57 35.71
N GLU F 418 25.05 28.05 36.72
CA GLU F 418 25.85 26.85 36.63
C GLU F 418 25.08 25.59 36.26
N GLY F 419 23.80 25.55 36.55
CA GLY F 419 23.00 24.40 36.19
C GLY F 419 22.21 23.82 37.31
N PHE F 420 22.48 24.23 38.54
CA PHE F 420 21.78 23.61 39.66
C PHE F 420 20.30 23.96 39.62
N ILE F 421 19.47 22.96 39.90
CA ILE F 421 18.02 23.13 39.96
C ILE F 421 17.61 23.06 41.42
N LYS F 422 16.69 23.95 41.81
CA LYS F 422 16.13 23.93 43.16
C LYS F 422 14.60 23.97 43.03
N ILE F 423 13.96 22.86 43.36
CA ILE F 423 12.51 22.77 43.25
C ILE F 423 11.86 23.50 44.41
N THR F 424 10.96 24.42 44.09
CA THR F 424 10.29 25.24 45.10
C THR F 424 8.97 24.64 45.54
N ASP F 425 8.13 24.21 44.59
CA ASP F 425 6.81 23.73 44.96
C ASP F 425 6.22 22.92 43.82
N ARG F 426 4.91 22.67 43.92
CA ARG F 426 4.17 22.05 42.82
C ARG F 426 3.37 23.10 42.08
N VAL F 427 3.01 22.78 40.83
CA VAL F 427 2.23 23.72 40.02
C VAL F 427 0.86 23.94 40.63
N LYS F 428 0.21 22.86 41.07
CA LYS F 428 -1.13 22.98 41.64
C LYS F 428 -1.09 23.63 43.02
N ASP F 429 0.03 23.49 43.74
CA ASP F 429 0.15 24.10 45.06
C ASP F 429 0.58 25.57 44.98
N MET F 430 0.80 26.10 43.79
CA MET F 430 1.02 27.53 43.60
C MET F 430 -0.28 28.28 43.85
N ILE F 431 -0.22 29.30 44.70
CA ILE F 431 -1.39 30.13 44.99
C ILE F 431 -1.19 31.49 44.34
N LYS F 432 -2.24 31.99 43.69
CA LYS F 432 -2.13 33.14 42.79
C LYS F 432 -2.65 34.40 43.48
N ILE F 433 -1.76 35.03 44.25
CA ILE F 433 -2.04 36.35 44.79
C ILE F 433 -1.77 37.39 43.71
N SER F 434 -2.76 38.24 43.44
CA SER F 434 -2.63 39.29 42.43
C SER F 434 -2.11 38.74 41.11
N GLY F 435 -0.87 39.04 40.77
CA GLY F 435 -0.28 38.57 39.53
C GLY F 435 0.95 37.71 39.71
N GLU F 436 1.29 37.38 40.95
CA GLU F 436 2.49 36.60 41.24
C GLU F 436 2.12 35.23 41.80
N TRP F 437 3.13 34.37 41.88
CA TRP F 437 3.00 32.99 42.37
C TRP F 437 4.03 32.78 43.47
N VAL F 438 3.59 32.82 44.72
CA VAL F 438 4.47 32.49 45.84
C VAL F 438 4.26 31.03 46.22
N SER F 439 5.29 30.40 46.76
CA SER F 439 5.22 28.99 47.11
C SER F 439 4.71 28.82 48.54
N SER F 440 3.98 27.73 48.76
CA SER F 440 3.49 27.41 50.10
C SER F 440 4.49 26.62 50.93
N LEU F 441 5.49 26.00 50.30
CA LEU F 441 6.47 25.22 51.06
C LEU F 441 7.30 26.11 51.97
N GLU F 442 7.70 27.28 51.49
CA GLU F 442 8.45 28.21 52.34
C GLU F 442 7.60 28.70 53.50
N LEU F 443 6.33 28.98 53.25
CA LEU F 443 5.44 29.39 54.33
C LEU F 443 5.28 28.29 55.37
N GLU F 444 5.12 27.05 54.91
CA GLU F 444 5.02 25.92 55.84
C GLU F 444 6.31 25.75 56.63
N ASP F 445 7.46 25.93 55.98
CA ASP F 445 8.74 25.83 56.69
C ASP F 445 8.88 26.93 57.73
N ILE F 446 8.44 28.15 57.41
CA ILE F 446 8.52 29.26 58.36
C ILE F 446 7.61 28.99 59.55
N LEU F 447 6.38 28.53 59.30
CA LEU F 447 5.44 28.28 60.39
C LEU F 447 5.90 27.10 61.24
N HIS F 448 6.55 26.11 60.62
CA HIS F 448 7.04 24.95 61.36
C HIS F 448 8.19 25.31 62.28
N GLN F 449 8.84 26.46 62.05
CA GLN F 449 9.92 26.90 62.93
C GLN F 449 9.42 27.31 64.31
N HIS F 450 8.12 27.44 64.50
CA HIS F 450 7.57 27.75 65.81
C HIS F 450 7.84 26.61 66.78
N GLN F 451 8.07 26.96 68.04
CA GLN F 451 8.42 25.96 69.05
C GLN F 451 7.23 25.09 69.45
N SER F 452 6.00 25.57 69.29
CA SER F 452 4.81 24.85 69.72
C SER F 452 4.00 24.29 68.56
N VAL F 453 4.55 24.25 67.36
CA VAL F 453 3.84 23.83 66.16
C VAL F 453 4.35 22.47 65.72
N SER F 454 3.43 21.53 65.46
CA SER F 454 3.78 20.18 65.04
C SER F 454 3.84 20.03 63.52
N GLU F 455 2.75 20.34 62.82
CA GLU F 455 2.73 20.26 61.37
C GLU F 455 1.88 21.39 60.81
N VAL F 456 2.19 21.80 59.58
CA VAL F 456 1.59 22.94 58.93
C VAL F 456 1.22 22.57 57.50
N ALA F 457 0.05 23.03 57.05
CA ALA F 457 -0.35 22.92 55.66
C ALA F 457 -0.92 24.26 55.20
N VAL F 458 -0.42 24.76 54.07
CA VAL F 458 -0.83 26.05 53.53
C VAL F 458 -1.59 25.82 52.24
N ILE F 459 -2.78 26.42 52.15
CA ILE F 459 -3.66 26.26 50.99
C ILE F 459 -4.12 27.64 50.53
N GLY F 460 -4.84 27.65 49.42
CA GLY F 460 -5.35 28.88 48.83
C GLY F 460 -6.86 28.99 48.91
N MET F 461 -7.34 30.21 49.09
CA MET F 461 -8.76 30.52 49.12
C MET F 461 -9.07 31.69 48.21
N PRO F 462 -10.23 31.68 47.56
CA PRO F 462 -10.54 32.76 46.61
C PRO F 462 -10.75 34.10 47.30
N HIS F 463 -10.44 35.16 46.57
CA HIS F 463 -10.70 36.54 47.00
C HIS F 463 -10.71 37.38 45.73
N ASN F 464 -11.72 38.24 45.60
CA ASN F 464 -12.01 38.90 44.32
C ASN F 464 -10.84 39.74 43.84
N LYS F 465 -10.28 40.57 44.72
CA LYS F 465 -9.30 41.55 44.27
C LYS F 465 -7.87 41.01 44.28
N TRP F 466 -7.61 39.96 45.07
CA TRP F 466 -6.25 39.46 45.24
C TRP F 466 -6.12 37.98 44.89
N GLY F 467 -7.02 37.46 44.07
CA GLY F 467 -6.87 36.09 43.60
C GLY F 467 -6.94 35.07 44.73
N GLU F 468 -6.11 34.04 44.66
CA GLU F 468 -6.05 33.02 45.69
C GLU F 468 -5.05 33.45 46.76
N VAL F 469 -5.54 33.58 48.00
CA VAL F 469 -4.74 34.09 49.11
C VAL F 469 -4.50 32.94 50.08
N PRO F 470 -3.58 33.10 51.01
CA PRO F 470 -3.15 31.97 51.83
C PRO F 470 -4.08 31.65 52.98
N LEU F 471 -3.98 30.40 53.44
CA LEU F 471 -4.60 29.92 54.66
C LEU F 471 -3.72 28.84 55.26
N ALA F 472 -3.55 28.88 56.58
CA ALA F 472 -2.63 27.98 57.27
C ALA F 472 -3.40 27.11 58.27
N LEU F 473 -3.21 25.80 58.18
CA LEU F 473 -3.73 24.85 59.16
C LEU F 473 -2.56 24.26 59.91
N VAL F 474 -2.58 24.39 61.23
CA VAL F 474 -1.47 23.97 62.08
C VAL F 474 -1.98 22.97 63.11
N THR F 475 -1.10 22.07 63.53
CA THR F 475 -1.37 21.15 64.62
C THR F 475 -0.44 21.47 65.78
N LEU F 476 -1.00 21.57 66.98
CA LEU F 476 -0.23 21.97 68.15
C LEU F 476 0.38 20.75 68.83
N LYS F 477 1.48 20.99 69.53
CA LYS F 477 2.21 19.94 70.23
C LYS F 477 1.50 19.60 71.55
N GLU F 478 2.15 18.81 72.38
CA GLU F 478 1.55 18.39 73.64
C GLU F 478 1.46 19.57 74.61
N ASP F 479 0.25 19.78 75.15
CA ASP F 479 0.01 20.79 76.19
C ASP F 479 0.48 22.17 75.74
N ALA F 480 0.26 22.48 74.46
CA ALA F 480 0.62 23.77 73.89
C ALA F 480 -0.65 24.43 73.36
N GLN F 481 -0.84 25.70 73.70
CA GLN F 481 -2.00 26.47 73.25
C GLN F 481 -1.53 27.87 72.90
N VAL F 482 -1.29 28.10 71.61
CA VAL F 482 -0.91 29.40 71.08
C VAL F 482 -2.03 29.88 70.16
N THR F 483 -2.46 31.12 70.36
CA THR F 483 -3.55 31.65 69.56
C THR F 483 -3.09 31.90 68.12
N GLU F 484 -4.06 32.04 67.23
CA GLU F 484 -3.75 32.35 65.84
C GLU F 484 -3.05 33.69 65.70
N LYS F 485 -3.32 34.63 66.62
CA LYS F 485 -2.66 35.92 66.58
C LYS F 485 -1.15 35.79 66.78
N GLU F 486 -0.72 34.91 67.69
CA GLU F 486 0.69 34.71 67.93
C GLU F 486 1.40 34.16 66.69
N LEU F 487 0.77 33.19 66.01
CA LEU F 487 1.37 32.64 64.80
C LEU F 487 1.39 33.69 63.68
N LEU F 488 0.32 34.48 63.55
CA LEU F 488 0.32 35.56 62.57
C LEU F 488 1.48 36.53 62.83
N GLY F 489 1.67 36.93 64.09
CA GLY F 489 2.77 37.84 64.40
C GLY F 489 4.13 37.21 64.16
N PHE F 490 4.28 35.93 64.50
CA PHE F 490 5.56 35.24 64.28
C PHE F 490 5.90 35.19 62.81
N ALA F 491 4.91 34.93 61.95
CA ALA F 491 5.17 34.94 60.51
C ALA F 491 5.43 36.37 60.02
N LYS F 492 4.74 37.35 60.59
CA LYS F 492 4.95 38.74 60.18
C LYS F 492 6.33 39.25 60.57
N ASP F 493 6.94 38.64 61.59
CA ASP F 493 8.23 39.13 62.08
C ASP F 493 9.34 38.96 61.04
N PHE F 494 9.20 37.98 60.15
CA PHE F 494 10.24 37.74 59.15
C PHE F 494 10.19 38.80 58.06
N ILE F 495 11.24 38.84 57.23
CA ILE F 495 11.41 39.89 56.23
C ILE F 495 11.85 39.29 54.89
N ASN F 496 12.17 40.18 53.94
CA ASN F 496 12.75 39.81 52.65
C ASN F 496 11.83 38.96 51.79
N LYS F 497 10.67 39.49 51.44
CA LYS F 497 9.80 38.87 50.45
C LYS F 497 8.97 39.96 49.77
N GLY F 498 8.48 39.64 48.58
CA GLY F 498 7.72 40.59 47.79
C GLY F 498 6.30 40.76 48.31
N ILE F 499 5.42 41.15 47.39
CA ILE F 499 3.98 41.30 47.65
C ILE F 499 3.78 42.41 48.68
N LEU F 500 2.54 42.60 49.13
CA LEU F 500 2.21 43.67 50.07
C LEU F 500 3.05 43.55 51.33
N ALA F 501 3.89 44.56 51.56
CA ALA F 501 4.84 44.53 52.67
C ALA F 501 5.69 43.28 52.57
N ARG F 502 5.31 42.22 53.28
CA ARG F 502 5.88 40.90 53.11
C ARG F 502 4.77 39.87 52.94
N GLU F 503 3.70 40.26 52.24
CA GLU F 503 2.50 39.43 52.09
C GLU F 503 1.96 39.00 53.45
N ALA F 504 1.85 39.95 54.37
CA ALA F 504 1.33 39.64 55.70
C ALA F 504 0.09 40.50 55.95
N LEU F 505 -1.03 40.07 55.37
CA LEU F 505 -2.35 40.45 55.86
C LEU F 505 -3.37 39.34 55.71
N LEU F 506 -2.98 38.18 55.18
CA LEU F 506 -3.93 37.15 54.78
C LEU F 506 -3.45 35.76 55.13
N LEU F 507 -2.54 35.65 56.12
CA LEU F 507 -2.02 34.33 56.49
C LEU F 507 -3.15 33.43 56.97
N LYS F 508 -4.04 33.96 57.81
CA LYS F 508 -5.26 33.27 58.23
C LYS F 508 -4.97 31.89 58.78
N VAL F 509 -4.06 31.85 59.75
CA VAL F 509 -3.66 30.59 60.37
C VAL F 509 -4.82 30.07 61.22
N LYS F 510 -5.05 28.76 61.14
CA LYS F 510 -6.11 28.11 61.90
C LYS F 510 -5.55 26.87 62.58
N ILE F 511 -6.07 26.58 63.76
CA ILE F 511 -5.61 25.45 64.58
C ILE F 511 -6.58 24.30 64.40
N VAL F 512 -6.07 23.17 63.91
CA VAL F 512 -6.87 21.97 63.71
C VAL F 512 -6.16 20.81 64.41
N ASP F 513 -6.94 19.92 65.01
CA ASP F 513 -6.38 18.81 65.77
C ASP F 513 -5.54 17.90 64.89
N GLU F 514 -6.03 17.60 63.67
CA GLU F 514 -5.35 16.68 62.77
C GLU F 514 -5.47 17.18 61.35
N ILE F 515 -4.58 16.67 60.49
CA ILE F 515 -4.53 17.03 59.08
C ILE F 515 -4.62 15.74 58.26
N ALA F 516 -5.49 15.74 57.25
CA ALA F 516 -5.70 14.56 56.44
C ALA F 516 -4.43 14.21 55.66
N LYS F 517 -4.21 12.90 55.48
CA LYS F 517 -3.03 12.39 54.80
C LYS F 517 -3.44 11.26 53.85
N THR F 518 -2.67 11.10 52.78
CA THR F 518 -2.91 10.02 51.83
C THR F 518 -2.57 8.68 52.47
N SER F 519 -2.90 7.60 51.76
CA SER F 519 -2.52 6.27 52.21
C SER F 519 -1.02 6.04 52.15
N VAL F 520 -0.27 6.91 51.47
CA VAL F 520 1.18 6.79 51.37
C VAL F 520 1.83 7.64 52.46
N GLY F 521 1.17 8.72 52.85
CA GLY F 521 1.67 9.56 53.92
C GLY F 521 1.98 10.98 53.51
N LYS F 522 1.26 11.49 52.51
CA LYS F 522 1.42 12.86 52.05
C LYS F 522 0.16 13.65 52.38
N VAL F 523 0.33 14.96 52.58
CA VAL F 523 -0.77 15.81 53.00
C VAL F 523 -1.84 15.86 51.91
N ASP F 524 -3.11 15.86 52.36
CA ASP F 524 -4.26 15.87 51.45
C ASP F 524 -4.67 17.32 51.18
N LYS F 525 -3.84 18.01 50.40
CA LYS F 525 -4.10 19.43 50.15
C LYS F 525 -5.41 19.63 49.40
N LYS F 526 -5.72 18.67 48.54
CA LYS F 526 -6.95 18.71 47.72
C LYS F 526 -8.20 18.39 48.50
N GLU F 527 -8.17 17.41 49.38
CA GLU F 527 -9.33 17.18 50.21
C GLU F 527 -9.53 18.34 51.19
N LEU F 528 -8.47 19.05 51.56
CA LEU F 528 -8.63 20.22 52.39
C LEU F 528 -9.19 21.35 51.57
N ARG F 529 -8.88 21.35 50.27
CA ARG F 529 -9.35 22.41 49.38
C ARG F 529 -10.82 22.18 49.35
N LYS F 530 -11.21 21.00 49.74
CA LYS F 530 -12.62 20.61 49.70
C LYS F 530 -13.29 20.82 51.05
N LEU F 531 -12.61 20.47 52.13
CA LEU F 531 -13.22 20.52 53.46
C LEU F 531 -13.40 21.96 53.94
N HIS F 532 -12.36 22.78 53.82
CA HIS F 532 -12.39 24.11 54.40
C HIS F 532 -12.92 25.18 53.46
N LEU F 533 -13.17 24.85 52.20
CA LEU F 533 -13.68 25.81 51.23
C LEU F 533 -14.18 25.11 49.97
#